data_9B6S
#
_entry.id   9B6S
#
_cell.length_a   1.00
_cell.length_b   1.00
_cell.length_c   1.00
_cell.angle_alpha   90.00
_cell.angle_beta   90.00
_cell.angle_gamma   90.00
#
_symmetry.space_group_name_H-M   'P 1'
#
loop_
_entity.id
_entity.type
_entity.pdbx_description
1 polymer 'Capsid protein VP1'
2 polymer 'Fab1-6 heavy chain'
3 polymer 'Fab1-6 light chain'
#
loop_
_entity_poly.entity_id
_entity_poly.type
_entity_poly.pdbx_seq_one_letter_code
_entity_poly.pdbx_strand_id
1 'polypeptide(L)'
;MASGGGAPVADNNEGADGVGSSSGNWHCDSQWLGDRVITTSTRTWALPTYNNHLYKQISNSTSGGSSNDNAYFGYSTPWG
YFDFNRFHCHFSPRDWQRLINNNWGFRPKRLNFKLFNIQVKEVTDNNGVKTIANNLTSTVQVFTDSDYQLPYVLGSAHEG
CLPPFPADVFMIPQYGYLTLNDGSQAVGRSSFYCLEYFPSQMLRTGNNFQFSYEFENVPFHSSYAHSQSLDRLMNPLIDQ
YLYYLSKTINGSGQNQQTLKFSVAGPSNMAVQGRNYIPGPSYRQQRVSTTVTQNNNSEFAWPGASSWALNGRNSLMNPGP
AMASHKEGEDRFFPLSGSLIFGKQGTGRDNVDADKVMITNEEEIKTTNPVATESYGQVATNHQSAQAQAQTGWVQNQGIL
PGMVWQDRDVYLQGPIWAKIPHTDGNFHPSPLMGGFGMKHPPPQILIKNTPVPADPPTAFNKDKLNSFITQYSTGQVSVE
IEWELQKENSKRWNPEIQYTSNYYKSNNVEFAVNTEGVYSEPRPIGTRYLTRNL
;
A,B,C,D,E,F,G
2 'polypeptide(L)'
;QVQLVESGAEVKQPGASVKVSCKASGYIFTSHNIHWVRKAPGQGLEWMGKINPSGGDANYAQKFQGRVVMTRDTSTNTVY
VQLRSLRFEDTAVYYCARVHDFWSGYHRALDIWGQGTMVIVSSAS
;
H,h
3 'polypeptide(L)'
;VLTQPPSASGTPGQTVTISCSGSSSNVGSHSVNWYQHLPGTAPKLLIYSNHRRPSGVPDRFSGSKSDTSASLAISGIQSE
DEADYYCATWDGRLNVLFGGGTKLTVL
;
L,l
#
# COMPACT_ATOMS: atom_id res chain seq x y z
N ASP A 17 -18.29 5.58 -0.55
CA ASP A 17 -18.63 4.99 0.73
C ASP A 17 -17.40 4.34 1.34
N GLY A 18 -16.70 3.57 0.50
CA GLY A 18 -15.44 2.96 0.84
C GLY A 18 -14.62 2.88 -0.42
N VAL A 19 -13.35 2.50 -0.26
CA VAL A 19 -12.52 2.34 -1.45
C VAL A 19 -13.01 1.17 -2.29
N GLY A 20 -13.28 0.04 -1.67
CA GLY A 20 -13.52 -1.17 -2.43
C GLY A 20 -14.98 -1.51 -2.58
N SER A 21 -15.86 -0.53 -2.49
CA SER A 21 -17.27 -0.77 -2.63
C SER A 21 -17.89 0.23 -3.60
N SER A 22 -18.39 -0.28 -4.72
CA SER A 22 -18.82 0.58 -5.82
C SER A 22 -19.88 1.56 -5.39
N SER A 23 -19.89 2.73 -6.01
CA SER A 23 -20.84 3.77 -5.66
C SER A 23 -22.04 3.83 -6.59
N GLY A 24 -22.16 2.96 -7.57
CA GLY A 24 -23.34 3.02 -8.41
C GLY A 24 -23.44 1.86 -9.36
N ASN A 25 -24.52 1.85 -10.13
CA ASN A 25 -24.72 0.85 -11.15
C ASN A 25 -24.93 1.53 -12.49
N TRP A 26 -24.45 0.87 -13.53
CA TRP A 26 -24.69 1.32 -14.88
C TRP A 26 -26.19 1.40 -15.11
N HIS A 27 -26.67 2.47 -15.72
CA HIS A 27 -28.06 2.48 -16.19
C HIS A 27 -28.07 3.02 -17.61
N CYS A 28 -28.42 2.17 -18.55
CA CYS A 28 -28.87 2.61 -19.86
C CYS A 28 -30.16 1.86 -20.12
N ASP A 29 -31.24 2.61 -20.26
CA ASP A 29 -32.51 1.99 -20.60
C ASP A 29 -33.38 3.07 -21.18
N SER A 30 -34.43 2.67 -21.85
CA SER A 30 -35.46 3.59 -22.28
C SER A 30 -36.79 2.94 -21.98
N GLN A 31 -37.57 3.60 -21.12
CA GLN A 31 -38.77 3.02 -20.57
C GLN A 31 -39.95 3.74 -21.22
N TRP A 32 -40.74 3.01 -21.99
CA TRP A 32 -41.79 3.61 -22.79
C TRP A 32 -43.15 3.40 -22.14
N LEU A 33 -43.72 4.47 -21.61
CA LEU A 33 -44.84 4.39 -20.68
C LEU A 33 -45.85 5.44 -21.11
N GLY A 34 -47.06 4.99 -21.42
CA GLY A 34 -48.13 5.94 -21.65
C GLY A 34 -47.75 6.98 -22.69
N ASP A 35 -47.84 8.23 -22.29
CA ASP A 35 -47.42 9.33 -23.13
C ASP A 35 -46.02 9.82 -22.79
N ARG A 36 -45.32 9.17 -21.87
CA ARG A 36 -44.04 9.72 -21.43
C ARG A 36 -42.95 8.71 -21.64
N VAL A 37 -41.74 9.21 -21.87
CA VAL A 37 -40.56 8.39 -22.09
C VAL A 37 -39.59 8.68 -20.97
N ILE A 38 -38.75 7.71 -20.63
CA ILE A 38 -37.61 7.97 -19.78
C ILE A 38 -36.38 7.41 -20.45
N THR A 39 -35.48 8.29 -20.86
CA THR A 39 -34.26 7.89 -21.52
C THR A 39 -33.07 8.21 -20.65
N THR A 40 -32.44 7.18 -20.11
CA THR A 40 -31.24 7.37 -19.33
C THR A 40 -30.04 6.91 -20.14
N SER A 41 -28.93 7.60 -19.96
CA SER A 41 -27.67 7.28 -20.61
C SER A 41 -26.62 7.04 -19.53
N THR A 42 -25.55 6.35 -19.89
CA THR A 42 -24.39 6.28 -19.03
C THR A 42 -23.15 6.10 -19.89
N ARG A 43 -22.07 6.77 -19.53
CA ARG A 43 -20.85 6.71 -20.31
C ARG A 43 -19.68 6.68 -19.34
N THR A 44 -18.48 6.85 -19.87
CA THR A 44 -17.27 6.92 -19.06
C THR A 44 -16.53 8.20 -19.41
N TRP A 45 -15.83 8.77 -18.44
CA TRP A 45 -15.21 10.06 -18.64
C TRP A 45 -13.79 10.03 -18.14
N ALA A 46 -12.96 10.91 -18.70
CA ALA A 46 -11.60 11.07 -18.26
C ALA A 46 -11.29 12.55 -18.26
N LEU A 47 -10.85 13.06 -17.12
CA LEU A 47 -10.63 14.49 -16.93
C LEU A 47 -9.16 14.76 -16.64
N PRO A 48 -8.40 15.31 -17.53
CA PRO A 48 -7.00 15.58 -17.22
C PRO A 48 -6.87 16.77 -16.31
N THR A 49 -5.64 17.22 -16.08
CA THR A 49 -5.40 18.45 -15.33
C THR A 49 -5.06 19.56 -16.29
N TYR A 50 -5.99 20.47 -16.52
CA TYR A 50 -5.73 21.51 -17.48
C TYR A 50 -4.96 22.67 -16.93
N ASN A 51 -4.14 23.26 -17.78
CA ASN A 51 -3.40 24.47 -17.47
C ASN A 51 -2.56 24.34 -16.23
N ASN A 52 -2.11 23.14 -15.91
CA ASN A 52 -1.20 22.93 -14.80
C ASN A 52 -1.72 23.60 -13.54
N HIS A 53 -3.05 23.62 -13.41
CA HIS A 53 -3.72 24.28 -12.30
C HIS A 53 -3.51 25.78 -12.29
N LEU A 54 -3.72 26.44 -13.42
CA LEU A 54 -3.64 27.89 -13.49
C LEU A 54 -4.84 28.45 -14.20
N TYR A 55 -5.34 29.58 -13.70
CA TYR A 55 -6.24 30.43 -14.46
C TYR A 55 -5.41 31.36 -15.32
N LYS A 56 -5.54 31.25 -16.62
CA LYS A 56 -4.70 32.01 -17.53
C LYS A 56 -5.58 32.87 -18.40
N GLN A 57 -4.97 33.80 -19.12
CA GLN A 57 -5.74 34.66 -19.99
C GLN A 57 -5.58 34.27 -21.45
N ILE A 58 -6.65 34.40 -22.23
CA ILE A 58 -6.54 34.22 -23.66
C ILE A 58 -7.08 35.45 -24.36
N SER A 59 -6.63 35.65 -25.59
CA SER A 59 -7.02 36.80 -26.38
C SER A 59 -6.69 36.51 -27.85
N ASN A 60 -7.06 37.46 -28.72
CA ASN A 60 -6.93 37.19 -30.14
C ASN A 60 -5.47 37.16 -30.56
N SER A 61 -4.61 37.80 -29.78
CA SER A 61 -3.21 37.95 -30.19
C SER A 61 -2.35 36.81 -29.67
N THR A 62 -2.92 35.97 -28.80
CA THR A 62 -2.27 34.69 -28.52
C THR A 62 -2.58 33.68 -29.61
N SER A 63 -3.80 33.69 -30.13
CA SER A 63 -4.15 32.79 -31.22
C SER A 63 -3.66 33.29 -32.56
N GLY A 64 -3.43 34.61 -32.68
CA GLY A 64 -2.87 35.18 -33.88
C GLY A 64 -3.86 35.89 -34.77
N GLY A 65 -5.13 35.97 -34.38
CA GLY A 65 -6.10 36.72 -35.15
C GLY A 65 -5.86 38.20 -35.06
N SER A 66 -5.70 38.84 -36.21
CA SER A 66 -5.63 40.29 -36.30
C SER A 66 -6.93 40.94 -36.76
N SER A 67 -8.00 40.17 -36.94
CA SER A 67 -9.17 40.69 -37.64
C SER A 67 -10.26 41.12 -36.66
N ASN A 68 -10.75 42.34 -36.87
CA ASN A 68 -11.66 42.96 -35.91
C ASN A 68 -12.97 42.21 -35.80
N ASP A 69 -13.23 41.28 -36.71
CA ASP A 69 -14.37 40.38 -36.53
C ASP A 69 -14.03 39.22 -35.60
N ASN A 70 -12.80 38.73 -35.63
CA ASN A 70 -12.45 37.51 -34.93
C ASN A 70 -11.86 37.75 -33.56
N ALA A 71 -11.70 39.01 -33.16
CA ALA A 71 -11.03 39.31 -31.91
C ALA A 71 -11.83 38.80 -30.73
N TYR A 72 -11.14 38.45 -29.64
CA TYR A 72 -11.83 37.92 -28.48
C TYR A 72 -10.99 38.14 -27.24
N PHE A 73 -11.64 38.15 -26.08
CA PHE A 73 -10.96 38.29 -24.81
C PHE A 73 -11.63 37.37 -23.81
N GLY A 74 -10.83 36.59 -23.08
CA GLY A 74 -11.41 35.65 -22.18
C GLY A 74 -10.33 35.02 -21.33
N TYR A 75 -10.77 34.39 -20.25
CA TYR A 75 -9.90 33.67 -19.36
C TYR A 75 -10.19 32.19 -19.55
N SER A 76 -9.22 31.34 -19.24
CA SER A 76 -9.39 29.91 -19.43
C SER A 76 -9.15 29.10 -18.17
N THR A 77 -10.22 28.79 -17.46
CA THR A 77 -10.15 28.03 -16.21
C THR A 77 -9.79 26.57 -16.43
N PRO A 78 -9.24 25.93 -15.39
CA PRO A 78 -8.85 24.51 -15.43
C PRO A 78 -10.02 23.54 -15.23
N TRP A 79 -11.20 24.06 -14.95
CA TRP A 79 -12.36 23.21 -14.74
C TRP A 79 -12.83 22.57 -16.04
N GLY A 80 -13.27 21.33 -15.95
CA GLY A 80 -13.96 20.68 -17.06
C GLY A 80 -15.47 20.66 -16.88
N TYR A 81 -16.25 20.48 -17.94
CA TYR A 81 -17.69 20.57 -17.77
C TYR A 81 -18.42 19.55 -18.63
N PHE A 82 -19.34 18.82 -18.02
CA PHE A 82 -20.10 17.79 -18.72
C PHE A 82 -21.06 18.44 -19.70
N ASP A 83 -20.97 18.05 -20.96
CA ASP A 83 -21.93 18.47 -21.97
C ASP A 83 -22.69 17.25 -22.44
N PHE A 84 -23.93 17.10 -21.98
CA PHE A 84 -24.84 16.09 -22.49
C PHE A 84 -25.86 16.65 -23.46
N ASN A 85 -25.69 17.90 -23.87
CA ASN A 85 -26.66 18.64 -24.67
C ASN A 85 -27.24 17.88 -25.86
N ARG A 86 -26.42 17.30 -26.72
CA ARG A 86 -26.87 16.81 -28.02
C ARG A 86 -27.89 15.70 -27.85
N PHE A 87 -28.87 15.64 -28.75
CA PHE A 87 -29.94 14.64 -28.63
C PHE A 87 -29.41 13.23 -28.57
N HIS A 88 -28.46 12.89 -29.44
CA HIS A 88 -28.05 11.49 -29.49
C HIS A 88 -27.46 11.02 -28.18
N CYS A 89 -27.04 11.94 -27.32
CA CYS A 89 -26.58 11.51 -26.01
C CYS A 89 -27.66 10.74 -25.27
N HIS A 90 -28.91 11.18 -25.39
CA HIS A 90 -30.01 10.55 -24.68
C HIS A 90 -30.80 9.53 -25.47
N PHE A 91 -30.63 9.45 -26.79
CA PHE A 91 -31.50 8.68 -27.64
C PHE A 91 -30.72 7.72 -28.52
N SER A 92 -30.85 6.45 -28.25
CA SER A 92 -30.47 5.49 -29.27
C SER A 92 -31.34 5.70 -30.49
N PRO A 93 -30.89 5.32 -31.67
CA PRO A 93 -31.71 5.58 -32.85
C PRO A 93 -33.07 4.94 -32.77
N ARG A 94 -33.13 3.65 -32.43
CA ARG A 94 -34.41 2.97 -32.49
C ARG A 94 -35.40 3.62 -31.56
N ASP A 95 -34.92 4.17 -30.44
CA ASP A 95 -35.77 5.08 -29.69
C ASP A 95 -36.14 6.27 -30.54
N TRP A 96 -35.15 6.91 -31.15
CA TRP A 96 -35.43 8.11 -31.92
C TRP A 96 -36.37 7.80 -33.06
N GLN A 97 -36.15 6.68 -33.75
CA GLN A 97 -37.10 6.32 -34.77
C GLN A 97 -38.49 6.14 -34.18
N ARG A 98 -38.59 5.35 -33.12
CA ARG A 98 -39.89 5.14 -32.49
C ARG A 98 -40.52 6.46 -32.10
N LEU A 99 -39.70 7.46 -31.86
CA LEU A 99 -40.23 8.74 -31.40
C LEU A 99 -40.96 9.47 -32.51
N ILE A 100 -40.32 9.60 -33.67
CA ILE A 100 -40.81 10.47 -34.73
C ILE A 100 -41.88 9.83 -35.60
N ASN A 101 -41.78 8.54 -35.93
CA ASN A 101 -42.84 7.92 -36.70
C ASN A 101 -44.19 8.05 -36.02
N ASN A 102 -44.24 7.87 -34.71
CA ASN A 102 -45.51 7.69 -34.04
C ASN A 102 -46.07 8.92 -33.32
N ASN A 103 -45.37 10.05 -33.27
CA ASN A 103 -45.72 11.07 -32.30
C ASN A 103 -45.57 12.48 -32.84
N TRP A 104 -46.61 13.29 -32.62
CA TRP A 104 -46.60 14.68 -33.06
C TRP A 104 -45.65 15.58 -32.28
N GLY A 105 -45.59 15.48 -30.96
CA GLY A 105 -44.74 16.41 -30.24
C GLY A 105 -44.28 15.86 -28.91
N PHE A 106 -43.17 16.40 -28.45
CA PHE A 106 -42.65 16.07 -27.12
C PHE A 106 -42.06 17.32 -26.49
N ARG A 107 -41.47 17.13 -25.32
CA ARG A 107 -40.79 18.14 -24.53
C ARG A 107 -40.26 17.50 -23.26
N PRO A 108 -39.12 17.95 -22.73
CA PRO A 108 -38.61 17.37 -21.49
C PRO A 108 -39.31 17.90 -20.25
N LYS A 109 -39.24 17.13 -19.18
CA LYS A 109 -39.84 17.55 -17.92
C LYS A 109 -38.81 17.59 -16.80
N ARG A 110 -38.34 16.42 -16.38
CA ARG A 110 -37.35 16.35 -15.30
C ARG A 110 -36.06 15.69 -15.73
N LEU A 111 -34.94 16.30 -15.36
CA LEU A 111 -33.61 15.78 -15.68
C LEU A 111 -32.89 15.40 -14.41
N ASN A 112 -32.27 14.24 -14.41
CA ASN A 112 -31.55 13.74 -13.25
C ASN A 112 -30.10 13.52 -13.64
N PHE A 113 -29.18 13.52 -12.68
CA PHE A 113 -27.77 13.36 -13.02
C PHE A 113 -26.88 12.78 -11.91
N LYS A 114 -26.36 11.59 -12.12
CA LYS A 114 -25.49 10.96 -11.13
C LYS A 114 -24.08 10.88 -11.69
N LEU A 115 -23.11 11.13 -10.82
CA LEU A 115 -21.70 11.07 -11.17
C LEU A 115 -21.01 10.19 -10.16
N PHE A 116 -20.54 9.02 -10.59
CA PHE A 116 -20.10 8.06 -9.61
C PHE A 116 -18.85 7.34 -10.07
N ASN A 117 -18.31 6.54 -9.17
CA ASN A 117 -17.09 5.77 -9.42
C ASN A 117 -15.92 6.65 -9.83
N ILE A 118 -15.61 7.65 -9.00
CA ILE A 118 -14.39 8.41 -9.22
C ILE A 118 -13.19 7.49 -9.11
N GLN A 119 -12.12 7.83 -9.81
CA GLN A 119 -10.79 7.28 -9.58
C GLN A 119 -9.79 8.37 -9.87
N VAL A 120 -8.76 8.50 -9.05
CA VAL A 120 -7.72 9.49 -9.31
C VAL A 120 -6.42 8.76 -9.53
N LYS A 121 -5.80 8.96 -10.68
CA LYS A 121 -4.65 8.18 -11.09
C LYS A 121 -3.42 9.04 -11.12
N GLU A 122 -2.53 8.87 -10.17
CA GLU A 122 -1.21 9.46 -10.21
C GLU A 122 -0.50 8.96 -11.45
N VAL A 123 0.24 9.83 -12.12
CA VAL A 123 0.98 9.43 -13.31
C VAL A 123 2.45 9.64 -13.06
N THR A 124 3.08 8.70 -12.38
CA THR A 124 4.49 8.82 -12.06
C THR A 124 5.28 8.93 -13.34
N ASP A 125 6.24 9.83 -13.37
CA ASP A 125 7.03 10.04 -14.56
C ASP A 125 8.43 9.49 -14.44
N ASN A 126 8.81 8.71 -15.44
CA ASN A 126 10.12 8.09 -15.54
C ASN A 126 10.71 8.48 -16.89
N ASN A 127 12.01 8.33 -17.05
CA ASN A 127 12.63 8.70 -18.31
C ASN A 127 12.04 7.91 -19.48
N GLY A 128 11.85 6.61 -19.29
CA GLY A 128 11.29 5.80 -20.36
C GLY A 128 9.90 5.20 -20.20
N VAL A 129 9.38 5.11 -18.98
CA VAL A 129 8.08 4.47 -18.79
C VAL A 129 7.02 5.22 -17.98
N LYS A 130 5.79 5.32 -18.51
CA LYS A 130 4.70 5.95 -17.79
C LYS A 130 4.26 5.00 -16.70
N THR A 131 4.33 5.43 -15.44
CA THR A 131 3.95 4.58 -14.34
C THR A 131 2.65 5.09 -13.76
N ILE A 132 1.56 4.40 -14.04
CA ILE A 132 0.23 4.89 -13.69
C ILE A 132 -0.21 4.18 -12.43
N ALA A 133 -0.27 4.90 -11.33
CA ALA A 133 -0.64 4.32 -10.06
C ALA A 133 -1.95 4.93 -9.60
N ASN A 134 -2.46 4.42 -8.50
CA ASN A 134 -3.70 4.91 -7.93
C ASN A 134 -3.33 5.82 -6.78
N ASN A 135 -4.09 6.88 -6.61
CA ASN A 135 -3.94 7.73 -5.45
C ASN A 135 -5.21 7.59 -4.63
N LEU A 136 -5.13 6.85 -3.53
CA LEU A 136 -6.36 6.54 -2.83
C LEU A 136 -6.86 7.71 -2.01
N THR A 137 -5.99 8.63 -1.63
CA THR A 137 -6.36 9.80 -0.86
C THR A 137 -6.92 10.94 -1.69
N SER A 138 -6.48 11.11 -2.93
CA SER A 138 -6.71 12.37 -3.63
C SER A 138 -8.17 12.55 -3.98
N THR A 139 -8.54 13.80 -4.26
CA THR A 139 -9.94 14.20 -4.32
C THR A 139 -10.26 14.81 -5.67
N VAL A 140 -11.56 14.94 -5.94
CA VAL A 140 -12.09 15.59 -7.12
C VAL A 140 -13.21 16.52 -6.69
N GLN A 141 -13.25 17.71 -7.27
CA GLN A 141 -14.24 18.72 -6.92
C GLN A 141 -15.28 18.81 -8.01
N VAL A 142 -16.51 19.14 -7.64
CA VAL A 142 -17.56 19.39 -8.61
C VAL A 142 -18.60 20.30 -7.97
N PHE A 143 -19.28 21.09 -8.78
CA PHE A 143 -20.39 21.90 -8.30
C PHE A 143 -21.26 22.26 -9.47
N THR A 144 -22.45 22.75 -9.19
CA THR A 144 -23.33 23.25 -10.24
C THR A 144 -23.57 24.73 -10.02
N ASP A 145 -23.82 25.44 -11.08
CA ASP A 145 -24.31 26.80 -10.95
C ASP A 145 -25.82 26.67 -10.94
N SER A 146 -26.42 26.87 -9.78
CA SER A 146 -27.87 26.83 -9.73
C SER A 146 -28.48 28.19 -9.93
N ASP A 147 -27.72 29.26 -9.75
CA ASP A 147 -28.25 30.60 -9.93
C ASP A 147 -27.89 31.20 -11.27
N TYR A 148 -27.23 30.44 -12.13
CA TYR A 148 -26.86 30.92 -13.45
C TYR A 148 -25.93 32.12 -13.32
N GLN A 149 -25.02 32.02 -12.37
CA GLN A 149 -24.03 33.05 -12.12
C GLN A 149 -22.88 33.01 -13.11
N LEU A 150 -22.43 31.84 -13.51
CA LEU A 150 -21.33 31.76 -14.46
C LEU A 150 -21.80 31.89 -15.89
N PRO A 151 -20.91 32.26 -16.80
CA PRO A 151 -21.29 32.32 -18.21
C PRO A 151 -21.71 30.94 -18.68
N TYR A 152 -22.76 30.90 -19.48
CA TYR A 152 -23.36 29.64 -19.86
C TYR A 152 -22.88 29.32 -21.25
N VAL A 153 -21.99 28.32 -21.35
CA VAL A 153 -21.32 28.01 -22.60
C VAL A 153 -21.92 26.84 -23.34
N LEU A 154 -22.95 26.20 -22.79
CA LEU A 154 -23.54 25.06 -23.48
C LEU A 154 -24.36 25.46 -24.70
N GLY A 155 -24.53 26.75 -24.94
CA GLY A 155 -25.47 27.18 -25.94
C GLY A 155 -24.95 27.15 -27.37
N SER A 156 -23.64 27.28 -27.54
CA SER A 156 -23.08 27.30 -28.89
C SER A 156 -22.85 25.96 -29.59
N ALA A 157 -23.53 24.92 -29.13
CA ALA A 157 -23.42 23.58 -29.73
C ALA A 157 -21.99 23.10 -29.86
N HIS A 158 -21.21 23.29 -28.79
CA HIS A 158 -19.81 22.90 -28.75
C HIS A 158 -19.60 21.40 -28.67
N GLU A 159 -18.38 21.00 -29.02
CA GLU A 159 -17.91 19.62 -28.98
C GLU A 159 -17.63 19.19 -27.54
N GLY A 160 -17.44 17.90 -27.30
CA GLY A 160 -17.20 17.46 -25.94
C GLY A 160 -18.41 16.86 -25.30
N CYS A 161 -19.45 16.66 -26.11
CA CYS A 161 -20.69 16.04 -25.67
C CYS A 161 -20.46 14.56 -25.44
N LEU A 162 -21.32 13.93 -24.65
CA LEU A 162 -21.17 12.51 -24.35
C LEU A 162 -21.22 11.70 -25.64
N PRO A 163 -20.37 10.67 -25.74
CA PRO A 163 -20.30 9.90 -26.96
C PRO A 163 -21.63 9.26 -27.27
N PRO A 164 -22.00 9.28 -28.56
CA PRO A 164 -23.29 8.74 -29.00
C PRO A 164 -23.33 7.24 -28.84
N PHE A 165 -22.18 6.58 -28.87
CA PHE A 165 -22.18 5.13 -28.74
C PHE A 165 -21.79 4.75 -27.33
N PRO A 166 -22.61 3.97 -26.63
CA PRO A 166 -22.50 3.90 -25.18
C PRO A 166 -21.18 3.39 -24.65
N ALA A 167 -20.36 2.75 -25.48
CA ALA A 167 -19.08 2.26 -24.97
C ALA A 167 -18.03 3.36 -24.98
N ASP A 168 -18.09 4.25 -25.97
CA ASP A 168 -17.02 5.20 -26.20
C ASP A 168 -16.70 5.97 -24.93
N VAL A 169 -15.42 6.23 -24.70
CA VAL A 169 -14.95 6.86 -23.46
C VAL A 169 -14.39 8.23 -23.80
N PHE A 170 -15.13 9.28 -23.44
CA PHE A 170 -14.88 10.61 -23.94
C PHE A 170 -14.05 11.41 -22.94
N MET A 171 -13.17 12.24 -23.47
CA MET A 171 -12.44 13.22 -22.68
C MET A 171 -13.35 14.40 -22.41
N ILE A 172 -13.12 15.09 -21.30
CA ILE A 172 -14.02 16.17 -20.87
C ILE A 172 -13.50 17.53 -21.36
N PRO A 173 -14.36 18.42 -21.84
CA PRO A 173 -13.89 19.70 -22.36
C PRO A 173 -13.39 20.65 -21.27
N GLN A 174 -12.72 21.71 -21.72
CA GLN A 174 -12.19 22.72 -20.81
C GLN A 174 -13.10 23.93 -20.78
N TYR A 175 -13.16 24.62 -19.66
CA TYR A 175 -14.08 25.73 -19.51
C TYR A 175 -13.33 27.06 -19.59
N GLY A 176 -13.73 27.89 -20.55
CA GLY A 176 -13.21 29.24 -20.62
C GLY A 176 -14.29 30.11 -21.21
N TYR A 177 -14.23 31.40 -20.90
CA TYR A 177 -15.39 32.22 -21.17
C TYR A 177 -14.98 33.56 -21.73
N LEU A 178 -15.49 33.88 -22.90
CA LEU A 178 -15.15 35.12 -23.55
C LEU A 178 -15.96 36.23 -22.89
N THR A 179 -15.37 37.41 -22.82
CA THR A 179 -16.03 38.51 -22.15
C THR A 179 -15.79 39.80 -22.92
N LEU A 180 -16.20 40.95 -22.38
CA LEU A 180 -16.11 42.19 -23.15
C LEU A 180 -14.68 42.45 -23.60
N ASN A 181 -14.54 43.10 -24.75
CA ASN A 181 -13.22 43.40 -25.28
C ASN A 181 -13.28 44.67 -26.10
N ASP A 182 -12.16 45.39 -26.10
CA ASP A 182 -11.84 46.32 -27.19
C ASP A 182 -10.63 45.74 -27.90
N GLY A 183 -10.84 45.15 -29.07
CA GLY A 183 -9.78 44.36 -29.66
C GLY A 183 -9.23 43.40 -28.62
N SER A 184 -7.95 43.10 -28.75
CA SER A 184 -7.27 42.20 -27.84
C SER A 184 -7.19 42.71 -26.41
N GLN A 185 -7.62 43.94 -26.13
CA GLN A 185 -7.50 44.47 -24.78
C GLN A 185 -8.88 44.60 -24.13
N ALA A 186 -8.90 44.42 -22.81
CA ALA A 186 -10.14 44.37 -22.07
C ALA A 186 -10.62 45.76 -21.73
N VAL A 187 -11.81 45.83 -21.13
CA VAL A 187 -12.37 47.08 -20.65
C VAL A 187 -12.68 46.93 -19.18
N GLY A 188 -12.87 48.06 -18.52
CA GLY A 188 -13.19 48.01 -17.10
C GLY A 188 -14.45 47.24 -16.80
N ARG A 189 -15.45 47.33 -17.66
CA ARG A 189 -16.68 46.60 -17.43
C ARG A 189 -16.49 45.09 -17.54
N SER A 190 -15.32 44.63 -17.95
CA SER A 190 -15.05 43.20 -17.96
C SER A 190 -15.12 42.67 -16.54
N SER A 191 -15.35 41.37 -16.41
CA SER A 191 -15.30 40.76 -15.09
C SER A 191 -14.76 39.35 -15.19
N PHE A 192 -14.08 38.92 -14.12
CA PHE A 192 -13.30 37.72 -14.07
C PHE A 192 -13.85 36.78 -13.03
N TYR A 193 -14.32 35.61 -13.44
CA TYR A 193 -14.97 34.70 -12.51
C TYR A 193 -13.98 33.65 -12.06
N CYS A 194 -13.75 33.56 -10.76
CA CYS A 194 -12.86 32.56 -10.21
C CYS A 194 -13.69 31.45 -9.63
N LEU A 195 -13.75 30.32 -10.33
CA LEU A 195 -14.69 29.29 -9.96
C LEU A 195 -14.41 28.71 -8.59
N GLU A 196 -13.17 28.74 -8.13
CA GLU A 196 -12.86 28.22 -6.80
C GLU A 196 -13.65 28.91 -5.73
N TYR A 197 -14.31 30.01 -6.05
CA TYR A 197 -15.06 30.85 -5.14
C TYR A 197 -16.54 30.48 -5.09
N PHE A 198 -16.93 29.43 -5.75
CA PHE A 198 -18.23 28.82 -5.53
C PHE A 198 -18.12 27.64 -4.57
N PRO A 199 -19.06 27.46 -3.65
CA PRO A 199 -18.99 26.31 -2.76
C PRO A 199 -19.20 25.03 -3.53
N SER A 200 -18.30 24.09 -3.36
CA SER A 200 -18.25 22.95 -4.26
C SER A 200 -17.95 21.69 -3.49
N GLN A 201 -18.70 20.65 -3.78
CA GLN A 201 -18.51 19.37 -3.16
C GLN A 201 -17.17 18.80 -3.57
N MET A 202 -16.48 18.15 -2.66
CA MET A 202 -15.22 17.51 -2.96
C MET A 202 -15.35 16.01 -2.84
N LEU A 203 -15.38 15.34 -3.96
CA LEU A 203 -15.48 13.89 -4.03
C LEU A 203 -14.10 13.31 -3.81
N ARG A 204 -14.04 12.14 -3.22
CA ARG A 204 -12.82 11.36 -3.18
C ARG A 204 -13.17 9.97 -3.71
N THR A 205 -12.20 9.08 -3.79
CA THR A 205 -12.37 7.88 -4.61
C THR A 205 -13.55 7.02 -4.20
N GLY A 206 -14.14 7.24 -3.04
CA GLY A 206 -15.36 6.50 -2.78
C GLY A 206 -16.66 7.20 -3.10
N ASN A 207 -16.70 8.52 -3.01
CA ASN A 207 -17.94 9.27 -2.98
C ASN A 207 -18.61 9.34 -4.35
N ASN A 208 -19.88 9.72 -4.35
CA ASN A 208 -20.60 10.05 -5.56
C ASN A 208 -21.30 11.39 -5.39
N PHE A 209 -21.82 11.90 -6.50
CA PHE A 209 -22.49 13.19 -6.53
C PHE A 209 -23.71 13.07 -7.40
N GLN A 210 -24.86 13.53 -6.91
CA GLN A 210 -26.06 13.43 -7.71
C GLN A 210 -27.03 14.54 -7.35
N PHE A 211 -27.80 14.96 -8.33
CA PHE A 211 -28.80 15.98 -8.09
C PHE A 211 -29.90 15.80 -9.10
N SER A 212 -31.04 16.43 -8.83
CA SER A 212 -32.18 16.31 -9.72
C SER A 212 -32.64 17.69 -10.12
N TYR A 213 -33.15 17.77 -11.35
CA TYR A 213 -33.56 19.05 -11.94
C TYR A 213 -34.95 18.98 -12.59
N GLU A 214 -35.70 20.08 -12.52
CA GLU A 214 -37.06 20.18 -13.04
C GLU A 214 -37.07 21.23 -14.13
N PHE A 215 -37.28 20.80 -15.38
CA PHE A 215 -37.34 21.77 -16.48
C PHE A 215 -38.45 22.76 -16.24
N GLU A 216 -38.26 23.99 -16.71
CA GLU A 216 -39.39 24.89 -16.75
C GLU A 216 -40.29 24.50 -17.91
N ASN A 217 -41.53 24.97 -17.84
CA ASN A 217 -42.52 24.60 -18.83
C ASN A 217 -42.20 25.25 -20.17
N VAL A 218 -42.07 24.44 -21.21
CA VAL A 218 -41.73 24.96 -22.53
C VAL A 218 -42.73 24.40 -23.53
N PRO A 219 -43.11 25.21 -24.52
CA PRO A 219 -44.11 24.75 -25.49
C PRO A 219 -43.66 23.49 -26.18
N PHE A 220 -44.62 22.60 -26.42
CA PHE A 220 -44.32 21.35 -27.09
C PHE A 220 -43.57 21.60 -28.37
N HIS A 221 -42.54 20.81 -28.60
CA HIS A 221 -41.91 20.88 -29.89
C HIS A 221 -42.89 20.44 -30.94
N SER A 222 -42.75 20.97 -32.13
CA SER A 222 -43.62 20.63 -33.24
C SER A 222 -42.87 19.68 -34.14
N SER A 223 -43.25 18.42 -34.13
CA SER A 223 -42.73 17.47 -35.10
C SER A 223 -43.91 16.97 -35.92
N TYR A 224 -44.05 17.52 -37.12
CA TYR A 224 -45.07 17.10 -38.07
C TYR A 224 -44.99 17.98 -39.30
N ALA A 225 -45.70 17.63 -40.34
CA ALA A 225 -45.63 18.37 -41.59
C ALA A 225 -47.03 18.79 -42.02
N HIS A 226 -47.19 20.05 -42.34
CA HIS A 226 -48.51 20.49 -42.73
C HIS A 226 -48.94 19.81 -44.02
N SER A 227 -50.10 19.19 -43.97
CA SER A 227 -50.68 18.55 -45.12
C SER A 227 -51.40 19.55 -45.99
N GLN A 228 -51.31 20.82 -45.64
CA GLN A 228 -52.01 21.88 -46.34
C GLN A 228 -51.17 23.14 -46.24
N SER A 229 -51.15 23.94 -47.29
CA SER A 229 -50.22 25.04 -47.40
C SER A 229 -50.91 26.37 -47.19
N LEU A 230 -50.20 27.29 -46.54
CA LEU A 230 -50.81 28.53 -46.08
C LEU A 230 -51.47 29.29 -47.22
N ASP A 231 -51.02 29.06 -48.45
CA ASP A 231 -51.64 29.71 -49.60
C ASP A 231 -52.88 28.99 -50.08
N ARG A 232 -53.31 27.94 -49.40
CA ARG A 232 -54.46 27.17 -49.85
C ARG A 232 -55.33 26.74 -48.69
N TYR A 276 -54.29 34.86 -44.08
CA TYR A 276 -53.04 35.08 -43.37
C TYR A 276 -51.87 35.22 -44.31
N ILE A 277 -50.75 35.70 -43.78
CA ILE A 277 -49.55 35.88 -44.58
C ILE A 277 -48.46 35.02 -43.98
N PRO A 278 -47.59 34.46 -44.82
CA PRO A 278 -46.55 33.55 -44.33
C PRO A 278 -45.44 34.28 -43.61
N GLY A 279 -44.67 33.51 -42.85
CA GLY A 279 -43.82 34.03 -41.81
C GLY A 279 -42.62 34.82 -42.30
N PRO A 280 -41.84 35.31 -41.34
CA PRO A 280 -40.75 36.23 -41.67
C PRO A 280 -39.60 35.54 -42.38
N SER A 281 -38.93 36.29 -43.23
CA SER A 281 -37.79 35.77 -43.97
C SER A 281 -36.61 36.72 -43.83
N TYR A 282 -35.41 36.16 -43.95
CA TYR A 282 -34.19 36.92 -44.13
C TYR A 282 -33.39 36.18 -45.18
N ARG A 283 -33.14 36.79 -46.33
CA ARG A 283 -32.67 36.00 -47.46
C ARG A 283 -31.21 35.63 -47.32
N GLN A 284 -30.89 34.40 -47.74
CA GLN A 284 -29.55 33.85 -47.81
C GLN A 284 -29.14 33.71 -49.27
N GLN A 285 -27.84 33.78 -49.50
CA GLN A 285 -27.28 33.44 -50.80
C GLN A 285 -27.55 31.97 -51.12
N ARG A 286 -27.77 31.68 -52.39
CA ARG A 286 -28.13 30.33 -52.82
C ARG A 286 -26.99 29.65 -53.56
N VAL A 287 -26.53 28.53 -53.05
CA VAL A 287 -25.42 27.78 -53.63
C VAL A 287 -25.97 26.45 -54.13
N SER A 288 -25.29 25.87 -55.12
CA SER A 288 -25.67 24.57 -55.65
C SER A 288 -24.51 23.60 -55.49
N THR A 289 -24.82 22.39 -55.01
CA THR A 289 -23.78 21.40 -54.76
C THR A 289 -23.29 20.77 -56.05
N THR A 290 -24.05 20.91 -57.13
CA THR A 290 -23.51 20.57 -58.43
C THR A 290 -22.65 21.74 -58.86
N VAL A 291 -21.34 21.51 -58.89
CA VAL A 291 -20.35 22.54 -59.17
C VAL A 291 -20.49 23.43 -60.41
N THR A 292 -20.96 22.88 -61.53
CA THR A 292 -21.06 23.68 -62.73
C THR A 292 -22.02 24.86 -62.57
N GLN A 293 -23.12 24.63 -61.87
CA GLN A 293 -24.13 25.68 -61.68
C GLN A 293 -23.61 26.88 -60.90
N ASN A 294 -22.81 26.63 -59.86
CA ASN A 294 -22.29 27.73 -59.04
C ASN A 294 -21.36 28.65 -59.81
N ASN A 295 -21.42 29.94 -59.48
CA ASN A 295 -20.58 30.96 -60.09
C ASN A 295 -19.13 30.70 -59.72
N ASN A 296 -18.22 30.85 -60.67
CA ASN A 296 -16.80 30.62 -60.43
C ASN A 296 -16.11 31.85 -59.84
N SER A 297 -16.37 32.11 -58.57
CA SER A 297 -15.73 33.22 -57.89
C SER A 297 -15.73 32.97 -56.38
N GLU A 298 -14.86 33.66 -55.65
CA GLU A 298 -14.80 33.47 -54.22
C GLU A 298 -15.84 34.34 -53.53
N PHE A 299 -17.07 33.85 -53.52
CA PHE A 299 -18.19 34.58 -52.93
C PHE A 299 -18.55 34.05 -51.55
N ALA A 300 -17.71 33.20 -50.97
CA ALA A 300 -18.01 32.60 -49.68
C ALA A 300 -18.18 33.60 -48.54
N TRP A 301 -17.31 34.60 -48.45
CA TRP A 301 -17.45 35.58 -47.38
C TRP A 301 -18.16 36.85 -47.80
N PRO A 302 -17.90 37.30 -49.03
CA PRO A 302 -18.51 38.53 -49.54
C PRO A 302 -20.02 38.48 -49.67
N GLY A 303 -20.56 37.37 -50.15
CA GLY A 303 -21.99 37.23 -50.35
C GLY A 303 -22.81 36.68 -49.20
N ALA A 304 -22.16 36.28 -48.12
CA ALA A 304 -22.88 35.71 -47.00
C ALA A 304 -23.65 36.72 -46.16
N SER A 305 -24.90 36.38 -45.85
CA SER A 305 -25.74 37.22 -45.01
C SER A 305 -25.04 37.56 -43.72
N SER A 306 -25.00 38.85 -43.41
CA SER A 306 -24.17 39.36 -42.33
C SER A 306 -24.96 40.35 -41.50
N TRP A 307 -24.78 40.26 -40.18
CA TRP A 307 -25.35 41.21 -39.25
C TRP A 307 -24.27 41.67 -38.29
N ALA A 308 -24.31 42.94 -37.94
CA ALA A 308 -23.24 43.58 -37.21
C ALA A 308 -23.70 43.92 -35.80
N LEU A 309 -22.96 43.45 -34.80
CA LEU A 309 -23.13 43.90 -33.44
C LEU A 309 -21.87 44.64 -33.02
N ASN A 310 -21.98 45.96 -32.87
CA ASN A 310 -20.87 46.77 -32.36
C ASN A 310 -19.65 46.68 -33.26
N GLY A 311 -19.85 46.85 -34.56
CA GLY A 311 -18.75 46.90 -35.49
C GLY A 311 -18.18 45.57 -35.90
N ARG A 312 -18.40 44.53 -35.13
CA ARG A 312 -17.86 43.21 -35.41
C ARG A 312 -18.90 42.44 -36.20
N ASN A 313 -18.61 42.19 -37.47
CA ASN A 313 -19.54 41.54 -38.35
C ASN A 313 -19.75 40.10 -37.91
N SER A 314 -20.89 39.53 -38.25
CA SER A 314 -21.17 38.16 -37.90
C SER A 314 -21.94 37.50 -39.02
N LEU A 315 -21.48 36.34 -39.43
CA LEU A 315 -22.24 35.54 -40.37
C LEU A 315 -23.61 35.25 -39.78
N MET A 316 -24.66 35.41 -40.58
CA MET A 316 -25.98 35.01 -40.10
C MET A 316 -26.01 33.50 -40.16
N ASN A 317 -26.09 32.89 -38.99
CA ASN A 317 -26.11 31.45 -38.93
C ASN A 317 -26.92 30.92 -37.77
N PRO A 318 -27.73 29.89 -38.01
CA PRO A 318 -28.36 29.43 -39.24
C PRO A 318 -29.41 30.41 -39.75
N GLY A 319 -29.79 31.35 -38.90
CA GLY A 319 -30.78 32.33 -39.26
C GLY A 319 -32.18 31.81 -39.09
N PRO A 320 -33.16 32.71 -39.16
CA PRO A 320 -34.55 32.33 -38.88
C PRO A 320 -34.99 31.17 -39.75
N ALA A 321 -35.81 30.30 -39.17
CA ALA A 321 -36.24 29.10 -39.88
C ALA A 321 -36.92 29.48 -41.19
N MET A 322 -36.43 28.91 -42.28
CA MET A 322 -36.96 29.19 -43.60
C MET A 322 -36.78 27.94 -44.44
N ALA A 323 -37.64 27.78 -45.44
CA ALA A 323 -37.62 26.58 -46.27
C ALA A 323 -36.27 26.43 -46.96
N SER A 324 -35.64 25.28 -46.78
CA SER A 324 -34.29 25.10 -47.26
C SER A 324 -34.18 25.37 -48.75
N HIS A 325 -35.10 24.84 -49.54
CA HIS A 325 -35.05 24.97 -50.99
C HIS A 325 -36.46 24.81 -51.54
N LYS A 326 -36.65 25.31 -52.75
CA LYS A 326 -37.96 25.22 -53.39
C LYS A 326 -38.31 23.77 -53.66
N GLU A 327 -39.59 23.53 -53.95
CA GLU A 327 -40.05 22.18 -54.23
C GLU A 327 -39.26 21.54 -55.37
N GLY A 328 -38.72 20.37 -55.08
CA GLY A 328 -38.12 19.54 -56.10
C GLY A 328 -36.66 19.81 -56.36
N GLU A 329 -36.15 20.98 -55.99
CA GLU A 329 -34.75 21.29 -56.22
C GLU A 329 -34.02 21.03 -54.93
N ASP A 330 -33.36 19.87 -54.87
CA ASP A 330 -32.59 19.49 -53.71
C ASP A 330 -31.10 19.74 -53.91
N ARG A 331 -30.71 20.29 -55.05
CA ARG A 331 -29.30 20.61 -55.24
C ARG A 331 -28.93 21.99 -54.73
N PHE A 332 -29.89 22.86 -54.47
CA PHE A 332 -29.62 24.20 -53.99
C PHE A 332 -29.78 24.27 -52.49
N PHE A 333 -28.80 24.82 -51.80
CA PHE A 333 -28.94 25.00 -50.37
C PHE A 333 -28.40 26.36 -49.98
N PRO A 334 -29.05 27.03 -49.03
CA PRO A 334 -28.63 28.37 -48.64
C PRO A 334 -27.23 28.35 -48.07
N LEU A 335 -26.51 29.45 -48.30
CA LEU A 335 -25.09 29.48 -47.95
C LEU A 335 -24.87 29.26 -46.47
N SER A 336 -25.27 30.22 -45.65
CA SER A 336 -25.04 30.12 -44.22
C SER A 336 -26.28 29.65 -43.46
N GLY A 337 -27.36 29.38 -44.17
CA GLY A 337 -28.64 29.18 -43.53
C GLY A 337 -28.98 27.77 -43.14
N SER A 338 -28.02 26.89 -42.93
CA SER A 338 -28.34 25.50 -42.65
C SER A 338 -27.37 24.91 -41.64
N LEU A 339 -27.85 23.90 -40.92
CA LEU A 339 -27.00 23.11 -40.06
C LEU A 339 -26.23 22.10 -40.89
N ILE A 340 -24.92 22.07 -40.73
CA ILE A 340 -24.06 21.16 -41.46
C ILE A 340 -23.26 20.36 -40.45
N PHE A 341 -23.52 19.07 -40.38
CA PHE A 341 -22.75 18.17 -39.53
C PHE A 341 -21.75 17.43 -40.40
N GLY A 342 -20.57 17.19 -39.87
CA GLY A 342 -19.59 16.41 -40.58
C GLY A 342 -19.79 14.92 -40.39
N LYS A 343 -19.53 14.16 -41.45
CA LYS A 343 -19.60 12.72 -41.33
C LYS A 343 -18.50 12.21 -40.43
N GLN A 344 -18.64 10.96 -40.01
CA GLN A 344 -17.63 10.33 -39.18
C GLN A 344 -16.26 10.46 -39.82
N GLY A 345 -15.27 10.81 -39.00
CA GLY A 345 -13.92 10.92 -39.48
C GLY A 345 -13.62 12.15 -40.30
N THR A 346 -14.62 12.98 -40.57
CA THR A 346 -14.45 14.18 -41.38
C THR A 346 -13.27 15.00 -40.87
N GLY A 347 -12.50 15.54 -41.80
CA GLY A 347 -11.38 16.37 -41.42
C GLY A 347 -11.81 17.63 -40.69
N ARG A 348 -10.82 18.38 -40.22
CA ARG A 348 -11.13 19.59 -39.48
C ARG A 348 -11.12 20.82 -40.37
N ASP A 349 -10.60 20.71 -41.60
CA ASP A 349 -10.51 21.83 -42.52
C ASP A 349 -10.75 21.45 -43.96
N ASN A 350 -11.61 22.21 -44.62
CA ASN A 350 -11.73 22.25 -46.07
C ASN A 350 -12.09 20.89 -46.66
N VAL A 351 -12.90 20.13 -45.95
CA VAL A 351 -13.33 18.84 -46.48
C VAL A 351 -14.37 19.04 -47.56
N ASP A 352 -14.52 18.04 -48.41
CA ASP A 352 -15.35 18.17 -49.59
C ASP A 352 -16.81 17.92 -49.26
N ALA A 353 -17.62 17.75 -50.30
CA ALA A 353 -19.04 17.54 -50.10
C ALA A 353 -19.33 16.27 -49.30
N ASP A 354 -18.87 15.12 -49.80
CA ASP A 354 -19.35 13.85 -49.25
C ASP A 354 -18.98 13.69 -47.78
N LYS A 355 -18.09 14.54 -47.28
CA LYS A 355 -17.63 14.37 -45.90
C LYS A 355 -18.56 15.05 -44.91
N VAL A 356 -19.53 15.81 -45.39
CA VAL A 356 -20.45 16.52 -44.51
C VAL A 356 -21.88 16.09 -44.79
N MET A 357 -22.75 16.31 -43.81
CA MET A 357 -24.15 16.01 -43.93
C MET A 357 -24.92 17.30 -43.85
N ILE A 358 -25.48 17.74 -44.96
CA ILE A 358 -26.21 19.00 -45.00
C ILE A 358 -27.70 18.69 -44.87
N THR A 359 -28.33 19.32 -43.89
CA THR A 359 -29.75 19.10 -43.66
C THR A 359 -30.60 19.93 -44.61
N ASN A 360 -31.80 19.43 -44.89
CA ASN A 360 -32.77 20.14 -45.70
C ASN A 360 -34.09 20.18 -44.95
N GLU A 361 -34.63 21.38 -44.82
CA GLU A 361 -35.82 21.66 -44.02
C GLU A 361 -37.12 21.67 -44.80
N GLU A 362 -37.10 21.21 -46.06
CA GLU A 362 -38.21 21.50 -46.96
C GLU A 362 -39.57 21.20 -46.34
N GLU A 363 -39.60 20.38 -45.29
CA GLU A 363 -40.85 19.98 -44.68
C GLU A 363 -41.71 21.17 -44.28
N ILE A 364 -41.10 22.35 -44.08
CA ILE A 364 -41.88 23.50 -43.67
C ILE A 364 -42.27 24.41 -44.82
N LYS A 365 -41.92 24.06 -46.05
CA LYS A 365 -42.08 25.03 -47.14
C LYS A 365 -43.51 25.53 -47.26
N THR A 366 -44.48 24.82 -46.68
CA THR A 366 -45.86 25.26 -46.76
C THR A 366 -46.06 26.57 -46.02
N THR A 367 -45.71 26.61 -44.73
CA THR A 367 -45.86 27.83 -43.94
C THR A 367 -44.78 28.89 -44.17
N ASN A 368 -43.51 28.53 -44.08
CA ASN A 368 -42.43 29.51 -44.04
C ASN A 368 -41.89 29.79 -45.43
N PRO A 369 -41.43 31.00 -45.71
CA PRO A 369 -40.98 31.33 -47.06
C PRO A 369 -39.68 30.63 -47.42
N VAL A 370 -39.36 30.63 -48.70
CA VAL A 370 -38.19 29.94 -49.18
C VAL A 370 -36.94 30.73 -48.84
N ALA A 371 -35.92 30.04 -48.34
CA ALA A 371 -34.82 30.71 -47.67
C ALA A 371 -33.95 31.49 -48.65
N THR A 372 -34.00 31.13 -49.93
CA THR A 372 -33.19 31.81 -50.92
C THR A 372 -33.95 32.86 -51.71
N GLU A 373 -35.23 33.07 -51.43
CA GLU A 373 -36.13 33.81 -52.29
C GLU A 373 -36.82 34.95 -51.56
N SER A 374 -37.14 36.00 -52.32
CA SER A 374 -37.68 37.23 -51.75
C SER A 374 -39.02 36.99 -51.07
N TYR A 375 -39.31 37.79 -50.06
CA TYR A 375 -40.58 37.64 -49.39
C TYR A 375 -41.73 38.05 -50.29
N GLY A 376 -41.65 39.21 -50.93
CA GLY A 376 -42.72 39.65 -51.80
C GLY A 376 -42.39 40.99 -52.43
N GLN A 377 -43.40 41.59 -53.05
CA GLN A 377 -43.28 42.85 -53.76
C GLN A 377 -44.14 43.92 -53.10
N VAL A 378 -43.58 45.11 -52.96
CA VAL A 378 -44.33 46.16 -52.32
C VAL A 378 -44.32 47.45 -53.11
N GLY A 392 -40.50 46.71 -56.77
CA GLY A 392 -39.41 46.70 -55.80
C GLY A 392 -39.49 45.54 -54.83
N TRP A 393 -38.50 44.65 -54.89
CA TRP A 393 -38.56 43.39 -54.16
C TRP A 393 -38.35 43.59 -52.67
N VAL A 394 -38.77 42.63 -51.87
CA VAL A 394 -38.60 42.66 -50.42
C VAL A 394 -37.60 41.60 -50.03
N GLN A 395 -36.42 42.02 -49.59
CA GLN A 395 -35.39 41.07 -49.20
C GLN A 395 -35.58 40.55 -47.78
N ASN A 396 -35.79 41.45 -46.82
CA ASN A 396 -35.99 41.07 -45.43
C ASN A 396 -37.36 41.56 -44.99
N GLN A 397 -37.94 40.87 -44.01
CA GLN A 397 -39.28 41.19 -43.54
C GLN A 397 -39.34 40.95 -42.04
N GLY A 398 -39.85 41.92 -41.32
CA GLY A 398 -40.05 41.74 -39.92
C GLY A 398 -41.30 40.95 -39.65
N ILE A 399 -41.83 41.14 -38.45
CA ILE A 399 -43.09 40.51 -38.10
C ILE A 399 -44.25 41.41 -38.51
N LEU A 400 -45.09 40.92 -39.43
CA LEU A 400 -46.33 41.65 -39.61
C LEU A 400 -47.42 41.07 -38.73
N PRO A 401 -48.46 41.85 -38.39
CA PRO A 401 -49.61 41.27 -37.72
C PRO A 401 -50.29 40.25 -38.61
N GLY A 402 -50.66 39.13 -38.02
CA GLY A 402 -51.27 38.07 -38.78
C GLY A 402 -50.30 37.03 -39.30
N MET A 403 -49.00 37.21 -39.10
CA MET A 403 -48.04 36.22 -39.54
C MET A 403 -48.13 34.95 -38.73
N VAL A 404 -47.82 33.85 -39.38
CA VAL A 404 -47.66 32.55 -38.74
C VAL A 404 -46.38 31.96 -39.29
N TRP A 405 -45.76 31.09 -38.51
CA TRP A 405 -44.55 30.43 -38.96
C TRP A 405 -44.38 29.17 -38.13
N GLN A 406 -43.51 28.29 -38.61
CA GLN A 406 -43.07 27.19 -37.75
C GLN A 406 -41.57 27.25 -37.59
N ASP A 407 -41.09 26.62 -36.54
CA ASP A 407 -39.74 26.84 -36.06
C ASP A 407 -38.74 25.98 -36.82
N ARG A 408 -37.47 26.15 -36.49
CA ARG A 408 -36.44 25.32 -37.05
C ARG A 408 -36.44 23.95 -36.38
N ASP A 409 -36.12 22.94 -37.18
CA ASP A 409 -36.26 21.56 -36.78
C ASP A 409 -35.18 21.16 -35.79
N VAL A 410 -35.44 20.05 -35.09
CA VAL A 410 -34.53 19.47 -34.12
C VAL A 410 -34.06 18.14 -34.68
N TYR A 411 -32.90 17.69 -34.23
CA TYR A 411 -32.27 16.51 -34.83
C TYR A 411 -31.83 15.49 -33.81
N LEU A 412 -31.18 14.46 -34.33
CA LEU A 412 -30.50 13.51 -33.46
C LEU A 412 -29.14 14.05 -33.04
N GLN A 413 -28.46 14.72 -33.95
CA GLN A 413 -27.24 15.44 -33.62
C GLN A 413 -27.50 16.79 -32.96
N GLY A 414 -28.36 17.60 -33.54
CA GLY A 414 -28.47 18.99 -33.15
C GLY A 414 -28.80 19.16 -31.69
N PRO A 415 -28.52 20.34 -31.17
CA PRO A 415 -28.60 20.56 -29.73
C PRO A 415 -30.02 20.44 -29.22
N ILE A 416 -30.15 20.32 -27.90
CA ILE A 416 -31.46 20.37 -27.28
C ILE A 416 -31.78 21.79 -26.85
N TRP A 417 -31.14 22.27 -25.80
CA TRP A 417 -31.59 23.49 -25.18
C TRP A 417 -30.49 24.54 -25.19
N ALA A 418 -30.90 25.79 -25.08
CA ALA A 418 -29.98 26.90 -24.93
C ALA A 418 -30.62 27.98 -24.10
N LYS A 419 -29.82 28.62 -23.25
CA LYS A 419 -30.28 29.64 -22.35
C LYS A 419 -30.73 30.84 -23.15
N ILE A 420 -31.62 31.63 -22.59
CA ILE A 420 -32.02 32.90 -23.23
C ILE A 420 -31.20 34.03 -22.64
N PRO A 421 -30.45 34.77 -23.43
CA PRO A 421 -29.74 35.93 -22.92
C PRO A 421 -30.66 36.81 -22.08
N HIS A 422 -30.19 37.16 -20.91
CA HIS A 422 -31.05 37.81 -19.93
C HIS A 422 -31.22 39.26 -20.37
N THR A 423 -32.44 39.64 -20.69
CA THR A 423 -32.68 40.92 -21.34
C THR A 423 -34.02 41.49 -20.91
N ASP A 424 -34.21 42.77 -21.23
CA ASP A 424 -35.54 43.35 -21.13
C ASP A 424 -36.56 42.62 -21.98
N GLY A 425 -36.27 42.42 -23.26
CA GLY A 425 -37.27 41.84 -24.14
C GLY A 425 -36.67 41.04 -25.27
N ASN A 426 -37.50 40.15 -25.81
CA ASN A 426 -37.15 39.24 -26.89
C ASN A 426 -38.43 38.74 -27.51
N PHE A 427 -38.34 38.21 -28.73
CA PHE A 427 -39.53 37.78 -29.43
C PHE A 427 -39.41 36.33 -29.87
N HIS A 428 -40.40 35.52 -29.48
CA HIS A 428 -40.51 34.10 -29.83
C HIS A 428 -39.15 33.46 -29.62
N PRO A 429 -38.65 33.48 -28.41
CA PRO A 429 -37.22 33.27 -28.19
C PRO A 429 -36.70 31.94 -28.64
N SER A 430 -37.58 31.01 -28.99
CA SER A 430 -37.19 29.63 -29.23
C SER A 430 -35.95 29.57 -30.12
N PRO A 431 -34.93 28.82 -29.71
CA PRO A 431 -33.58 29.08 -30.21
C PRO A 431 -33.47 28.87 -31.70
N LEU A 432 -32.45 29.49 -32.27
CA LEU A 432 -32.33 29.52 -33.72
C LEU A 432 -31.68 28.29 -34.31
N MET A 433 -30.94 27.50 -33.53
CA MET A 433 -30.52 26.21 -34.05
C MET A 433 -31.42 25.07 -33.62
N GLY A 434 -32.50 25.35 -32.92
CA GLY A 434 -33.49 24.31 -32.69
C GLY A 434 -33.47 23.83 -31.25
N GLY A 435 -34.58 23.23 -30.85
CA GLY A 435 -34.73 22.80 -29.50
C GLY A 435 -35.52 23.77 -28.66
N PHE A 436 -35.35 23.65 -27.36
CA PHE A 436 -36.19 24.32 -26.39
C PHE A 436 -35.43 25.46 -25.76
N GLY A 437 -35.88 26.70 -26.01
CA GLY A 437 -35.25 27.84 -25.39
C GLY A 437 -35.78 28.08 -23.99
N MET A 438 -34.90 28.49 -23.08
CA MET A 438 -35.22 28.43 -21.67
C MET A 438 -34.64 29.63 -20.95
N LYS A 439 -35.25 30.02 -19.83
CA LYS A 439 -34.64 31.05 -18.99
C LYS A 439 -33.85 30.47 -17.84
N HIS A 440 -33.98 29.18 -17.57
CA HIS A 440 -33.22 28.53 -16.52
C HIS A 440 -32.86 27.12 -16.98
N PRO A 441 -32.08 26.98 -18.02
CA PRO A 441 -31.82 25.66 -18.58
C PRO A 441 -31.01 24.85 -17.61
N PRO A 442 -30.81 23.56 -17.87
CA PRO A 442 -30.16 22.71 -16.88
C PRO A 442 -28.75 23.19 -16.61
N PRO A 443 -28.38 23.30 -15.34
CA PRO A 443 -27.14 23.96 -14.98
C PRO A 443 -25.93 23.26 -15.52
N GLN A 444 -24.88 24.04 -15.73
CA GLN A 444 -23.58 23.48 -16.02
C GLN A 444 -23.11 22.67 -14.83
N ILE A 445 -22.22 21.72 -15.08
CA ILE A 445 -21.64 20.91 -14.00
C ILE A 445 -20.13 20.97 -14.16
N LEU A 446 -19.47 21.63 -13.22
CA LEU A 446 -18.07 21.98 -13.36
C LEU A 446 -17.25 21.06 -12.48
N ILE A 447 -16.09 20.64 -12.97
CA ILE A 447 -15.33 19.62 -12.26
C ILE A 447 -13.85 19.83 -12.53
N LYS A 448 -13.02 19.55 -11.53
CA LYS A 448 -11.58 19.57 -11.68
C LYS A 448 -10.96 18.62 -10.67
N ASN A 449 -9.70 18.32 -10.89
CA ASN A 449 -8.91 17.58 -9.93
C ASN A 449 -8.36 18.55 -8.90
N THR A 450 -8.42 18.16 -7.65
CA THR A 450 -7.81 18.99 -6.62
C THR A 450 -6.30 18.96 -6.79
N PRO A 451 -5.63 20.09 -6.86
CA PRO A 451 -4.19 20.09 -7.05
C PRO A 451 -3.49 19.46 -5.86
N VAL A 452 -2.58 18.54 -6.13
CA VAL A 452 -1.77 17.89 -5.12
C VAL A 452 -0.32 18.33 -5.35
N PRO A 453 0.30 19.03 -4.41
CA PRO A 453 1.63 19.59 -4.67
C PRO A 453 2.74 18.58 -4.54
N ALA A 454 3.75 18.75 -5.38
CA ALA A 454 5.01 18.06 -5.23
C ALA A 454 5.78 18.68 -4.07
N ASP A 455 6.81 17.97 -3.62
CA ASP A 455 7.48 18.26 -2.36
C ASP A 455 7.85 19.73 -2.23
N PRO A 456 7.40 20.41 -1.19
CA PRO A 456 7.83 21.76 -0.95
C PRO A 456 9.22 21.79 -0.34
N PRO A 457 9.93 22.89 -0.47
CA PRO A 457 11.29 22.96 0.07
C PRO A 457 11.27 22.98 1.59
N THR A 458 12.42 22.70 2.19
CA THR A 458 12.45 22.59 3.64
C THR A 458 12.54 23.97 4.29
N ALA A 459 12.78 25.00 3.51
CA ALA A 459 12.76 26.35 4.06
C ALA A 459 11.68 27.17 3.38
N PHE A 460 10.91 27.88 4.21
CA PHE A 460 9.75 28.61 3.74
C PHE A 460 10.09 29.56 2.60
N ASN A 461 9.18 29.65 1.64
CA ASN A 461 9.23 30.67 0.60
C ASN A 461 7.83 31.19 0.40
N LYS A 462 7.70 32.49 0.16
CA LYS A 462 6.37 33.08 0.16
C LYS A 462 5.67 32.90 -1.18
N ASP A 463 6.35 32.35 -2.17
CA ASP A 463 5.78 32.18 -3.49
C ASP A 463 4.77 31.04 -3.48
N LYS A 464 3.90 30.99 -4.48
CA LYS A 464 2.93 29.91 -4.53
C LYS A 464 3.55 28.68 -5.21
N LEU A 465 3.22 27.51 -4.70
CA LEU A 465 3.82 26.31 -5.23
C LEU A 465 3.41 26.12 -6.68
N ASN A 466 4.40 26.04 -7.55
CA ASN A 466 4.20 25.91 -8.98
C ASN A 466 4.27 24.47 -9.48
N SER A 467 4.74 23.54 -8.65
CA SER A 467 5.07 22.20 -9.10
C SER A 467 4.15 21.20 -8.43
N PHE A 468 3.46 20.40 -9.23
CA PHE A 468 2.43 19.51 -8.74
C PHE A 468 2.63 18.11 -9.31
N ILE A 469 2.14 17.12 -8.58
CA ILE A 469 2.15 15.76 -9.07
C ILE A 469 1.17 15.64 -10.23
N THR A 470 1.60 15.03 -11.32
CA THR A 470 0.73 14.89 -12.47
C THR A 470 -0.51 14.09 -12.10
N GLN A 471 -1.67 14.51 -12.59
CA GLN A 471 -2.87 13.73 -12.32
C GLN A 471 -3.84 13.79 -13.49
N TYR A 472 -4.68 12.78 -13.55
CA TYR A 472 -5.88 12.77 -14.38
C TYR A 472 -6.86 11.85 -13.67
N SER A 473 -8.14 12.09 -13.83
CA SER A 473 -9.11 11.30 -13.09
C SER A 473 -10.29 10.90 -13.95
N THR A 474 -10.84 9.74 -13.64
CA THR A 474 -11.80 9.04 -14.48
C THR A 474 -12.99 8.60 -13.65
N GLY A 475 -14.04 8.11 -14.32
CA GLY A 475 -15.28 7.88 -13.63
C GLY A 475 -16.41 7.27 -14.42
N GLN A 476 -17.66 7.52 -14.03
CA GLN A 476 -18.84 7.12 -14.78
C GLN A 476 -19.87 8.22 -14.61
N VAL A 477 -20.71 8.45 -15.62
CA VAL A 477 -21.72 9.51 -15.59
C VAL A 477 -23.06 8.96 -16.04
N SER A 478 -24.14 9.36 -15.38
CA SER A 478 -25.47 8.96 -15.82
C SER A 478 -26.43 10.13 -15.75
N VAL A 479 -27.26 10.28 -16.78
CA VAL A 479 -28.23 11.37 -16.84
C VAL A 479 -29.56 10.84 -17.36
N GLU A 480 -30.61 11.03 -16.58
CA GLU A 480 -31.94 10.51 -16.88
C GLU A 480 -32.89 11.67 -17.11
N ILE A 481 -33.73 11.57 -18.12
CA ILE A 481 -34.60 12.66 -18.54
C ILE A 481 -35.98 12.13 -18.86
N GLU A 482 -37.01 12.84 -18.41
CA GLU A 482 -38.39 12.47 -18.73
C GLU A 482 -38.91 13.36 -19.83
N TRP A 483 -39.47 12.74 -20.86
CA TRP A 483 -39.98 13.44 -22.02
C TRP A 483 -41.50 13.26 -22.04
N GLU A 484 -42.22 14.18 -22.66
CA GLU A 484 -43.68 14.13 -22.58
C GLU A 484 -44.30 14.20 -23.97
N LEU A 485 -44.89 13.09 -24.39
CA LEU A 485 -45.25 12.90 -25.78
C LEU A 485 -46.67 13.35 -26.03
N GLN A 486 -46.91 13.86 -27.23
CA GLN A 486 -48.24 14.22 -27.69
C GLN A 486 -48.65 13.23 -28.76
N LYS A 487 -49.56 12.33 -28.44
CA LYS A 487 -49.86 11.21 -29.32
C LYS A 487 -50.79 11.64 -30.47
N GLU A 488 -50.67 10.92 -31.58
CA GLU A 488 -51.28 11.30 -32.85
C GLU A 488 -52.72 10.83 -32.96
N ASN A 489 -53.64 11.76 -33.20
CA ASN A 489 -55.07 11.47 -33.31
C ASN A 489 -55.62 11.41 -34.73
N SER A 490 -54.82 11.67 -35.76
CA SER A 490 -55.35 12.08 -37.06
C SER A 490 -56.29 11.06 -37.68
N LYS A 491 -57.25 11.58 -38.45
CA LYS A 491 -58.24 10.80 -39.17
C LYS A 491 -57.88 10.57 -40.64
N ARG A 492 -56.69 10.97 -41.07
CA ARG A 492 -56.28 10.82 -42.45
C ARG A 492 -56.53 9.41 -42.98
N TRP A 493 -56.99 9.33 -44.22
CA TRP A 493 -57.34 8.03 -44.78
C TRP A 493 -56.12 7.28 -45.34
N ASN A 494 -55.24 7.95 -46.07
CA ASN A 494 -54.15 7.22 -46.69
C ASN A 494 -52.93 7.22 -45.77
N PRO A 495 -52.07 6.20 -45.89
CA PRO A 495 -50.96 6.07 -44.95
C PRO A 495 -49.97 7.21 -45.03
N GLU A 496 -49.27 7.44 -43.93
CA GLU A 496 -48.32 8.53 -43.77
C GLU A 496 -47.00 8.18 -44.44
N ILE A 497 -45.98 9.00 -44.20
CA ILE A 497 -44.60 8.70 -44.58
C ILE A 497 -43.78 8.50 -43.32
N GLN A 498 -43.29 7.28 -43.12
CA GLN A 498 -42.55 6.94 -41.92
C GLN A 498 -41.08 6.91 -42.26
N TYR A 499 -40.23 7.26 -41.28
CA TYR A 499 -38.82 6.98 -41.43
C TYR A 499 -38.66 5.50 -41.68
N THR A 500 -37.73 5.11 -42.54
CA THR A 500 -37.48 3.69 -42.68
C THR A 500 -36.06 3.45 -43.16
N SER A 501 -35.56 2.27 -42.81
CA SER A 501 -34.30 1.73 -43.30
C SER A 501 -34.44 1.25 -44.74
N ASN A 502 -33.30 1.00 -45.37
CA ASN A 502 -33.26 0.40 -46.69
C ASN A 502 -32.87 -1.06 -46.57
N TYR A 503 -33.59 -1.94 -47.27
CA TYR A 503 -33.29 -3.36 -47.16
C TYR A 503 -32.10 -3.76 -48.03
N TYR A 504 -31.66 -2.87 -48.92
CA TYR A 504 -30.68 -3.27 -49.92
C TYR A 504 -29.40 -3.72 -49.24
N LYS A 505 -28.69 -4.63 -49.88
CA LYS A 505 -27.51 -5.19 -49.24
C LYS A 505 -26.37 -4.19 -49.31
N SER A 506 -25.70 -4.01 -48.17
CA SER A 506 -24.59 -3.07 -48.09
C SER A 506 -23.62 -3.56 -47.02
N ASN A 507 -22.37 -3.12 -47.17
CA ASN A 507 -21.28 -3.69 -46.39
C ASN A 507 -21.45 -3.43 -44.90
N ASN A 508 -22.42 -2.62 -44.51
CA ASN A 508 -22.54 -2.20 -43.13
C ASN A 508 -23.99 -1.88 -42.82
N VAL A 509 -24.30 -1.77 -41.53
CA VAL A 509 -25.60 -1.25 -41.18
C VAL A 509 -25.47 0.20 -40.74
N GLU A 510 -26.45 1.02 -41.11
CA GLU A 510 -26.43 2.39 -40.66
C GLU A 510 -26.59 2.46 -39.15
N PHE A 511 -25.82 3.36 -38.54
CA PHE A 511 -25.73 3.50 -37.10
C PHE A 511 -25.23 2.21 -36.45
N ALA A 512 -24.41 1.46 -37.17
CA ALA A 512 -23.75 0.31 -36.57
C ALA A 512 -22.27 0.38 -36.89
N VAL A 513 -21.47 -0.34 -36.09
CA VAL A 513 -20.03 -0.12 -36.08
C VAL A 513 -19.40 -0.70 -37.33
N ASN A 514 -18.26 -0.17 -37.71
CA ASN A 514 -17.52 -0.71 -38.85
C ASN A 514 -16.54 -1.75 -38.34
N THR A 515 -15.62 -2.16 -39.21
CA THR A 515 -14.76 -3.29 -38.87
C THR A 515 -13.63 -2.89 -37.93
N GLU A 516 -13.36 -1.61 -37.78
CA GLU A 516 -12.34 -1.20 -36.82
C GLU A 516 -12.93 -0.81 -35.48
N GLY A 517 -14.24 -0.79 -35.35
CA GLY A 517 -14.84 -0.38 -34.09
C GLY A 517 -15.38 1.03 -34.08
N VAL A 518 -15.47 1.67 -35.24
CA VAL A 518 -15.84 3.07 -35.33
C VAL A 518 -17.33 3.19 -35.59
N TYR A 519 -18.00 4.00 -34.79
CA TYR A 519 -19.43 4.19 -34.89
C TYR A 519 -19.72 5.26 -35.92
N SER A 520 -20.63 4.97 -36.84
CA SER A 520 -20.86 5.89 -37.93
C SER A 520 -22.33 6.19 -38.09
N GLU A 521 -22.70 7.45 -37.85
CA GLU A 521 -24.04 7.93 -38.16
C GLU A 521 -24.06 8.44 -39.59
N PRO A 522 -24.73 7.76 -40.50
CA PRO A 522 -24.66 8.16 -41.90
C PRO A 522 -25.43 9.42 -42.25
N ARG A 523 -26.57 9.68 -41.61
CA ARG A 523 -27.48 10.70 -42.09
C ARG A 523 -28.08 11.44 -40.92
N PRO A 524 -28.33 12.75 -41.07
CA PRO A 524 -29.04 13.48 -40.03
C PRO A 524 -30.52 13.18 -40.11
N ILE A 525 -31.16 13.09 -38.95
CA ILE A 525 -32.54 12.63 -38.89
C ILE A 525 -33.43 13.77 -38.44
N GLY A 526 -34.23 14.29 -39.36
CA GLY A 526 -35.23 15.27 -39.01
C GLY A 526 -36.34 14.63 -38.25
N THR A 527 -37.08 15.44 -37.50
CA THR A 527 -38.19 14.90 -36.73
C THR A 527 -39.56 15.13 -37.36
N ARG A 528 -39.67 15.70 -38.54
CA ARG A 528 -40.98 15.99 -39.13
C ARG A 528 -41.35 14.94 -40.16
N TYR A 529 -42.31 14.09 -39.81
CA TYR A 529 -42.76 13.00 -40.67
C TYR A 529 -44.28 12.93 -40.76
N LEU A 530 -44.96 12.78 -39.63
CA LEU A 530 -46.42 12.80 -39.60
C LEU A 530 -46.98 14.16 -40.03
N THR A 531 -48.28 14.20 -40.29
CA THR A 531 -48.92 15.38 -40.84
C THR A 531 -50.05 15.89 -39.96
N ARG A 532 -50.38 17.18 -40.13
CA ARG A 532 -51.51 17.85 -39.50
C ARG A 532 -52.08 18.90 -40.44
N ASN A 533 -53.41 18.96 -40.49
CA ASN A 533 -54.07 19.99 -41.28
C ASN A 533 -53.70 21.38 -40.77
N LEU A 534 -53.38 22.26 -41.70
CA LEU A 534 -52.95 23.59 -41.33
C LEU A 534 -54.06 24.36 -40.64
N ASP B 17 -13.67 8.82 9.73
CA ASP B 17 -14.65 7.97 9.06
C ASP B 17 -13.95 6.89 8.26
N GLY B 18 -13.07 7.28 7.33
CA GLY B 18 -12.36 6.34 6.49
C GLY B 18 -11.43 7.03 5.51
N VAL B 19 -10.64 6.22 4.81
CA VAL B 19 -9.62 6.72 3.89
C VAL B 19 -10.26 7.23 2.60
N GLY B 20 -11.26 6.54 2.10
CA GLY B 20 -11.74 6.84 0.76
C GLY B 20 -12.78 7.93 0.72
N SER B 21 -13.52 8.09 1.80
CA SER B 21 -14.59 9.07 1.81
C SER B 21 -14.07 10.39 2.34
N SER B 22 -14.36 11.46 1.62
CA SER B 22 -13.78 12.77 1.94
C SER B 22 -14.12 13.18 3.35
N SER B 23 -13.25 14.00 3.94
CA SER B 23 -13.45 14.51 5.28
C SER B 23 -14.06 15.91 5.33
N GLY B 24 -14.43 16.49 4.20
CA GLY B 24 -15.01 17.82 4.21
C GLY B 24 -15.42 18.26 2.82
N ASN B 25 -15.93 19.49 2.72
CA ASN B 25 -16.33 20.05 1.45
C ASN B 25 -15.75 21.45 1.28
N TRP B 26 -15.73 21.91 0.04
CA TRP B 26 -15.06 23.16 -0.29
C TRP B 26 -16.04 24.31 -0.25
N HIS B 27 -15.92 25.18 0.75
CA HIS B 27 -16.78 26.35 0.86
C HIS B 27 -15.93 27.59 0.69
N CYS B 28 -16.18 28.35 -0.36
CA CYS B 28 -15.71 29.73 -0.46
C CYS B 28 -16.89 30.54 -0.93
N ASP B 29 -17.38 31.43 -0.09
CA ASP B 29 -18.62 32.13 -0.40
C ASP B 29 -18.66 33.35 0.49
N SER B 30 -19.54 34.28 0.16
CA SER B 30 -19.89 35.33 1.09
C SER B 30 -21.36 35.62 0.97
N GLN B 31 -22.02 35.76 2.11
CA GLN B 31 -23.46 35.77 2.19
C GLN B 31 -23.88 36.98 3.00
N TRP B 32 -24.54 37.93 2.37
CA TRP B 32 -24.78 39.23 2.97
C TRP B 32 -26.20 39.28 3.52
N LEU B 33 -26.35 39.17 4.82
CA LEU B 33 -27.65 39.14 5.46
C LEU B 33 -27.78 40.40 6.30
N GLY B 34 -28.62 41.33 5.85
CA GLY B 34 -28.90 42.52 6.63
C GLY B 34 -27.66 43.30 7.01
N ASP B 35 -27.50 43.46 8.32
CA ASP B 35 -26.40 44.21 8.92
C ASP B 35 -25.19 43.34 9.24
N ARG B 36 -25.18 42.09 8.83
CA ARG B 36 -24.02 41.24 9.13
C ARG B 36 -23.65 40.42 7.91
N VAL B 37 -22.46 39.82 7.96
CA VAL B 37 -21.84 39.19 6.81
C VAL B 37 -21.19 37.89 7.27
N ILE B 38 -21.14 36.91 6.38
CA ILE B 38 -20.42 35.68 6.61
C ILE B 38 -19.50 35.46 5.43
N THR B 39 -18.20 35.49 5.67
CA THR B 39 -17.21 35.38 4.62
C THR B 39 -16.33 34.18 4.88
N THR B 40 -16.47 33.16 4.05
CA THR B 40 -15.76 31.91 4.23
C THR B 40 -14.71 31.79 3.15
N SER B 41 -13.64 31.07 3.44
CA SER B 41 -12.53 30.95 2.51
C SER B 41 -11.86 29.63 2.69
N THR B 42 -11.45 29.00 1.59
CA THR B 42 -10.85 27.69 1.67
C THR B 42 -9.68 27.56 0.71
N ARG B 43 -8.52 27.18 1.23
CA ARG B 43 -7.32 27.10 0.43
C ARG B 43 -6.63 25.77 0.67
N THR B 44 -5.65 25.49 -0.17
CA THR B 44 -4.81 24.30 -0.05
C THR B 44 -3.46 24.70 0.54
N TRP B 45 -2.88 23.82 1.34
CA TRP B 45 -1.67 24.12 2.08
C TRP B 45 -0.75 22.92 2.03
N ALA B 46 0.50 23.14 1.70
CA ALA B 46 1.49 22.09 1.82
C ALA B 46 2.43 22.47 2.94
N LEU B 47 2.68 21.53 3.83
CA LEU B 47 3.55 21.75 4.98
C LEU B 47 4.75 20.84 4.88
N PRO B 48 5.92 21.35 4.61
CA PRO B 48 7.09 20.48 4.58
C PRO B 48 7.52 20.14 5.97
N THR B 49 8.64 19.44 6.13
CA THR B 49 9.15 19.08 7.44
C THR B 49 10.33 19.97 7.77
N TYR B 50 10.12 20.97 8.62
CA TYR B 50 11.16 21.91 8.95
C TYR B 50 12.14 21.46 10.01
N ASN B 51 13.38 21.94 9.87
CA ASN B 51 14.42 21.70 10.85
C ASN B 51 14.58 20.23 11.20
N ASN B 52 14.35 19.36 10.23
CA ASN B 52 14.63 17.95 10.39
C ASN B 52 14.09 17.43 11.71
N HIS B 53 12.97 18.00 12.15
CA HIS B 53 12.41 17.71 13.46
C HIS B 53 13.37 18.05 14.60
N LEU B 54 13.96 19.24 14.57
CA LEU B 54 14.91 19.63 15.61
C LEU B 54 14.82 21.09 16.08
N TYR B 55 14.39 21.31 17.31
CA TYR B 55 14.33 22.67 17.83
C TYR B 55 15.76 23.16 17.93
N LYS B 56 16.03 24.39 17.53
CA LYS B 56 17.38 24.91 17.65
C LYS B 56 17.46 26.40 17.98
N GLN B 57 18.56 26.79 18.62
CA GLN B 57 18.78 28.16 19.02
C GLN B 57 19.29 29.00 17.87
N ILE B 58 18.75 30.21 17.73
CA ILE B 58 19.14 31.13 16.69
C ILE B 58 19.61 32.42 17.32
N SER B 59 20.75 32.91 16.85
CA SER B 59 21.11 34.29 17.12
C SER B 59 22.08 34.72 16.03
N ASN B 60 22.01 35.99 15.67
CA ASN B 60 23.04 36.54 14.80
C ASN B 60 24.11 37.15 15.69
N SER B 61 25.25 36.50 15.74
CA SER B 61 26.53 37.15 15.96
C SER B 61 27.33 36.94 14.69
N THR B 62 27.37 37.98 13.86
CA THR B 62 28.27 37.99 12.71
C THR B 62 29.57 38.71 13.00
N SER B 63 29.63 39.41 14.13
CA SER B 63 30.81 40.12 14.61
C SER B 63 30.78 40.03 16.13
N GLY B 64 31.96 40.11 16.73
CA GLY B 64 32.03 40.13 18.19
C GLY B 64 31.19 41.25 18.78
N GLY B 65 31.15 42.39 18.10
CA GLY B 65 30.16 43.40 18.44
C GLY B 65 28.82 43.14 17.79
N SER B 66 28.83 42.46 16.64
CA SER B 66 27.64 42.19 15.81
C SER B 66 27.02 43.54 15.45
N SER B 67 25.69 43.67 15.47
CA SER B 67 25.02 44.92 15.19
C SER B 67 24.40 45.41 16.49
N ASN B 68 24.53 46.71 16.76
CA ASN B 68 23.95 47.26 17.98
C ASN B 68 22.50 46.82 18.14
N ASP B 69 21.63 47.27 17.26
CA ASP B 69 20.20 47.13 17.42
C ASP B 69 19.63 45.94 16.67
N ASN B 70 20.41 45.31 15.82
CA ASN B 70 19.93 44.17 15.06
C ASN B 70 20.27 42.83 15.67
N ALA B 71 20.87 42.82 16.85
CA ALA B 71 21.15 41.57 17.52
C ALA B 71 19.90 40.99 18.14
N TYR B 72 19.79 39.68 18.13
CA TYR B 72 18.59 39.03 18.63
C TYR B 72 18.91 37.60 19.01
N PHE B 73 18.07 37.04 19.87
CA PHE B 73 18.23 35.67 20.33
C PHE B 73 16.87 35.03 20.45
N GLY B 74 16.80 33.73 20.22
CA GLY B 74 15.53 33.05 20.23
C GLY B 74 15.70 31.63 19.78
N TYR B 75 14.58 30.99 19.48
CA TYR B 75 14.61 29.64 18.97
C TYR B 75 13.86 29.57 17.67
N SER B 76 13.93 28.42 17.01
CA SER B 76 13.23 28.19 15.76
C SER B 76 12.66 26.78 15.70
N THR B 77 11.43 26.62 16.20
CA THR B 77 10.76 25.33 16.22
C THR B 77 10.30 24.85 14.86
N PRO B 78 10.02 23.55 14.72
CA PRO B 78 9.57 22.91 13.49
C PRO B 78 8.10 23.18 13.14
N TRP B 79 7.28 23.46 14.14
CA TRP B 79 5.87 23.70 13.92
C TRP B 79 5.62 24.82 12.92
N GLY B 80 4.66 24.61 12.06
CA GLY B 80 4.19 25.69 11.23
C GLY B 80 2.90 26.29 11.75
N TYR B 81 2.55 27.51 11.37
CA TYR B 81 1.32 28.08 11.88
C TYR B 81 0.52 28.67 10.74
N PHE B 82 -0.75 28.94 11.01
CA PHE B 82 -1.66 29.47 10.01
C PHE B 82 -1.87 30.97 10.21
N ASP B 83 -1.48 31.76 9.22
CA ASP B 83 -1.75 33.19 9.23
C ASP B 83 -2.87 33.48 8.25
N PHE B 84 -4.06 33.74 8.76
CA PHE B 84 -5.11 34.36 8.00
C PHE B 84 -5.31 35.82 8.34
N ASN B 85 -4.40 36.40 9.12
CA ASN B 85 -4.58 37.68 9.81
C ASN B 85 -4.83 38.85 8.85
N ARG B 86 -4.79 38.63 7.55
CA ARG B 86 -4.89 39.72 6.59
C ARG B 86 -6.30 39.78 6.02
N PHE B 87 -6.73 40.98 5.66
CA PHE B 87 -8.09 41.15 5.13
C PHE B 87 -8.30 40.42 3.82
N HIS B 88 -7.28 40.33 2.98
CA HIS B 88 -7.60 39.82 1.65
C HIS B 88 -7.64 38.30 1.63
N CYS B 89 -7.48 37.65 2.77
CA CYS B 89 -7.74 36.22 2.82
C CYS B 89 -9.23 35.95 2.93
N HIS B 90 -9.99 36.90 3.47
CA HIS B 90 -11.42 36.72 3.64
C HIS B 90 -12.30 37.41 2.60
N PHE B 91 -11.78 38.33 1.80
CA PHE B 91 -12.62 39.17 0.96
C PHE B 91 -12.23 39.09 -0.50
N SER B 92 -13.18 38.88 -1.32
CA SER B 92 -13.01 39.03 -2.75
C SER B 92 -13.12 40.49 -3.11
N PRO B 93 -12.24 41.00 -3.96
CA PRO B 93 -12.15 42.45 -4.16
C PRO B 93 -13.49 43.10 -4.41
N ARG B 94 -14.45 42.37 -4.98
CA ARG B 94 -15.82 42.87 -5.05
C ARG B 94 -16.39 43.06 -3.66
N ASP B 95 -16.45 41.97 -2.88
CA ASP B 95 -17.04 42.06 -1.53
C ASP B 95 -16.39 43.15 -0.72
N TRP B 96 -15.14 43.47 -1.00
CA TRP B 96 -14.57 44.64 -0.36
C TRP B 96 -15.19 45.90 -0.93
N GLN B 97 -15.21 46.03 -2.25
CA GLN B 97 -15.85 47.18 -2.86
C GLN B 97 -17.28 47.33 -2.38
N ARG B 98 -18.00 46.22 -2.22
CA ARG B 98 -19.34 46.33 -1.67
C ARG B 98 -19.30 46.81 -0.25
N LEU B 99 -18.23 46.50 0.47
CA LEU B 99 -18.18 46.78 1.89
C LEU B 99 -17.88 48.25 2.17
N ILE B 100 -16.85 48.78 1.52
CA ILE B 100 -16.45 50.15 1.81
C ILE B 100 -17.46 51.17 1.33
N ASN B 101 -18.11 50.94 0.20
CA ASN B 101 -18.95 51.99 -0.36
C ASN B 101 -20.21 52.23 0.46
N ASN B 102 -20.85 51.17 0.94
CA ASN B 102 -22.18 51.29 1.51
C ASN B 102 -22.21 51.34 3.03
N ASN B 103 -21.07 51.39 3.72
CA ASN B 103 -21.06 51.19 5.17
C ASN B 103 -20.13 52.18 5.88
N TRP B 104 -20.57 52.58 7.07
CA TRP B 104 -19.75 53.41 7.95
C TRP B 104 -18.78 52.62 8.80
N GLY B 105 -19.19 51.50 9.37
CA GLY B 105 -18.31 50.78 10.26
C GLY B 105 -18.69 49.32 10.29
N PHE B 106 -17.71 48.51 10.67
CA PHE B 106 -17.90 47.08 10.77
C PHE B 106 -16.98 46.52 11.84
N ARG B 107 -17.08 45.22 12.06
CA ARG B 107 -16.24 44.55 13.04
C ARG B 107 -16.49 43.06 13.07
N PRO B 108 -15.47 42.23 13.26
CA PRO B 108 -15.69 40.79 13.36
C PRO B 108 -16.54 40.43 14.56
N LYS B 109 -17.22 39.30 14.44
CA LYS B 109 -17.97 38.74 15.55
C LYS B 109 -17.49 37.34 15.90
N ARG B 110 -17.63 36.39 14.99
CA ARG B 110 -17.20 35.02 15.25
C ARG B 110 -16.33 34.47 14.13
N LEU B 111 -15.48 33.51 14.46
CA LEU B 111 -14.62 32.86 13.47
C LEU B 111 -14.74 31.35 13.53
N ASN B 112 -14.91 30.71 12.38
CA ASN B 112 -15.02 29.26 12.34
C ASN B 112 -13.86 28.69 11.52
N PHE B 113 -13.13 27.74 12.08
CA PHE B 113 -11.99 27.18 11.38
C PHE B 113 -12.09 25.67 11.22
N LYS B 114 -12.06 25.23 9.96
CA LYS B 114 -12.17 23.81 9.63
C LYS B 114 -10.99 23.43 8.77
N LEU B 115 -10.37 22.31 9.12
CA LEU B 115 -9.14 21.85 8.50
C LEU B 115 -9.29 20.39 8.14
N PHE B 116 -9.28 20.07 6.85
CA PHE B 116 -9.75 18.77 6.42
C PHE B 116 -8.94 18.26 5.24
N ASN B 117 -9.26 17.04 4.84
CA ASN B 117 -8.61 16.35 3.74
C ASN B 117 -7.10 16.38 3.87
N ILE B 118 -6.58 15.90 4.99
CA ILE B 118 -5.15 15.78 5.15
C ILE B 118 -4.67 14.73 4.15
N GLN B 119 -3.56 15.00 3.47
CA GLN B 119 -2.96 14.04 2.55
C GLN B 119 -1.47 13.99 2.83
N VAL B 120 -0.98 12.85 3.26
CA VAL B 120 0.43 12.71 3.63
C VAL B 120 1.18 12.05 2.51
N LYS B 121 2.44 12.45 2.31
CA LYS B 121 3.24 11.95 1.21
C LYS B 121 4.55 11.42 1.75
N GLU B 122 5.23 10.60 0.95
CA GLU B 122 6.49 10.01 1.36
C GLU B 122 7.43 10.11 0.19
N VAL B 123 8.47 10.93 0.33
CA VAL B 123 9.42 11.13 -0.75
C VAL B 123 10.56 10.14 -0.75
N THR B 124 10.46 9.15 -1.61
CA THR B 124 11.48 8.12 -1.72
C THR B 124 12.16 8.26 -3.06
N ASP B 125 13.48 8.26 -3.07
CA ASP B 125 14.22 8.36 -4.32
C ASP B 125 14.97 7.08 -4.59
N ASN B 126 14.71 6.47 -5.74
CA ASN B 126 15.40 5.24 -6.12
C ASN B 126 15.96 5.31 -7.54
N ASN B 127 17.22 4.89 -7.69
CA ASN B 127 17.89 4.84 -8.98
C ASN B 127 17.93 6.17 -9.76
N GLY B 128 18.13 7.26 -9.04
CA GLY B 128 18.22 8.58 -9.64
C GLY B 128 16.93 9.33 -9.89
N VAL B 129 15.80 8.68 -9.65
CA VAL B 129 14.52 9.34 -9.82
C VAL B 129 13.78 9.30 -8.51
N LYS B 130 13.34 10.45 -8.02
CA LYS B 130 12.63 10.47 -6.75
C LYS B 130 11.16 10.39 -7.02
N THR B 131 10.48 9.47 -6.35
CA THR B 131 9.06 9.28 -6.57
C THR B 131 8.24 9.44 -5.30
N ILE B 132 7.30 10.38 -5.33
CA ILE B 132 6.40 10.62 -4.22
C ILE B 132 5.42 9.47 -4.12
N ALA B 133 4.96 9.14 -2.92
CA ALA B 133 4.01 8.06 -2.74
C ALA B 133 3.23 8.24 -1.46
N ASN B 134 1.91 8.04 -1.53
CA ASN B 134 1.07 8.21 -0.36
C ASN B 134 1.54 7.31 0.76
N ASN B 135 1.75 7.92 1.91
CA ASN B 135 1.94 7.18 3.15
C ASN B 135 0.62 7.30 3.87
N LEU B 136 -0.15 6.22 3.93
CA LEU B 136 -1.50 6.35 4.44
C LEU B 136 -1.49 6.66 5.93
N THR B 137 -0.71 5.90 6.69
CA THR B 137 -0.93 5.84 8.13
C THR B 137 -0.34 7.02 8.86
N SER B 138 0.65 7.68 8.28
CA SER B 138 1.38 8.72 9.01
C SER B 138 0.46 9.88 9.34
N THR B 139 0.76 10.57 10.43
CA THR B 139 -0.18 11.46 11.08
C THR B 139 0.36 12.87 11.14
N VAL B 140 -0.54 13.82 11.36
CA VAL B 140 -0.21 15.24 11.45
C VAL B 140 -0.78 15.78 12.73
N GLN B 141 0.04 16.53 13.47
CA GLN B 141 -0.34 17.05 14.78
C GLN B 141 -0.80 18.47 14.60
N VAL B 142 -1.81 18.89 15.36
CA VAL B 142 -2.25 20.28 15.32
C VAL B 142 -2.87 20.66 16.64
N PHE B 143 -2.77 21.93 17.00
CA PHE B 143 -3.47 22.40 18.19
C PHE B 143 -3.66 23.90 18.09
N THR B 144 -4.54 24.41 18.92
CA THR B 144 -4.78 25.84 19.01
C THR B 144 -4.45 26.28 20.42
N ASP B 145 -3.52 27.20 20.58
CA ASP B 145 -3.27 27.69 21.91
C ASP B 145 -4.45 28.58 22.22
N SER B 146 -5.30 28.12 23.12
CA SER B 146 -6.43 28.93 23.53
C SER B 146 -6.20 29.65 24.84
N ASP B 147 -5.07 29.40 25.49
CA ASP B 147 -4.70 30.15 26.68
C ASP B 147 -3.63 31.20 26.40
N TYR B 148 -3.27 31.39 25.13
CA TYR B 148 -2.23 32.35 24.73
C TYR B 148 -0.98 32.17 25.56
N GLN B 149 -0.54 30.92 25.67
CA GLN B 149 0.65 30.59 26.41
C GLN B 149 1.92 30.69 25.59
N LEU B 150 1.86 30.43 24.30
CA LEU B 150 2.97 30.59 23.37
C LEU B 150 3.17 32.05 23.00
N PRO B 151 4.34 32.41 22.50
CA PRO B 151 4.53 33.75 21.97
C PRO B 151 3.61 34.01 20.78
N TYR B 152 3.02 35.17 20.74
CA TYR B 152 2.05 35.49 19.71
C TYR B 152 2.80 36.21 18.58
N VAL B 153 3.01 35.51 17.47
CA VAL B 153 3.78 36.06 16.36
C VAL B 153 2.94 36.54 15.21
N LEU B 154 1.62 36.40 15.28
CA LEU B 154 0.80 36.86 14.18
C LEU B 154 0.68 38.38 14.13
N GLY B 155 1.17 39.09 15.12
CA GLY B 155 0.89 40.51 15.20
C GLY B 155 1.87 41.37 14.45
N SER B 156 2.92 40.78 13.91
CA SER B 156 4.02 41.54 13.34
C SER B 156 3.90 41.72 11.84
N ALA B 157 2.78 41.33 11.25
CA ALA B 157 2.54 41.51 9.83
C ALA B 157 3.50 40.70 8.98
N HIS B 158 3.73 39.45 9.35
CA HIS B 158 4.64 38.63 8.55
C HIS B 158 3.95 38.06 7.33
N GLU B 159 4.76 37.78 6.31
CA GLU B 159 4.27 37.10 5.13
C GLU B 159 3.97 35.65 5.48
N GLY B 160 3.47 34.89 4.53
CA GLY B 160 2.98 33.56 4.80
C GLY B 160 1.49 33.47 4.94
N CYS B 161 0.76 34.49 4.52
CA CYS B 161 -0.68 34.54 4.67
C CYS B 161 -1.33 33.52 3.78
N LEU B 162 -2.58 33.19 4.09
CA LEU B 162 -3.39 32.51 3.10
C LEU B 162 -3.36 33.32 1.82
N PRO B 163 -3.39 32.71 0.65
CA PRO B 163 -3.18 33.46 -0.57
C PRO B 163 -4.46 34.20 -0.95
N PRO B 164 -4.34 35.31 -1.67
CA PRO B 164 -5.52 36.11 -1.98
C PRO B 164 -6.41 35.45 -2.99
N PHE B 165 -5.92 34.53 -3.69
CA PHE B 165 -6.66 33.98 -4.81
C PHE B 165 -6.91 32.51 -4.58
N PRO B 166 -8.16 32.12 -4.43
CA PRO B 166 -8.47 30.74 -4.02
C PRO B 166 -7.72 29.66 -4.76
N ALA B 167 -7.34 29.88 -6.01
CA ALA B 167 -6.76 28.79 -6.78
C ALA B 167 -5.28 28.63 -6.50
N ASP B 168 -4.76 29.37 -5.51
CA ASP B 168 -3.33 29.30 -5.24
C ASP B 168 -3.02 28.35 -4.09
N VAL B 169 -2.40 27.23 -4.41
CA VAL B 169 -1.87 26.32 -3.40
C VAL B 169 -0.70 27.02 -2.74
N PHE B 170 -0.70 27.09 -1.41
CA PHE B 170 0.30 27.88 -0.70
C PHE B 170 1.05 26.98 0.26
N MET B 171 2.15 27.51 0.78
CA MET B 171 3.04 26.79 1.68
C MET B 171 3.00 27.43 3.06
N ILE B 172 3.20 26.63 4.10
CA ILE B 172 2.94 27.08 5.47
C ILE B 172 4.22 27.59 6.12
N PRO B 173 4.16 28.74 6.78
CA PRO B 173 5.38 29.32 7.36
C PRO B 173 5.82 28.58 8.60
N GLN B 174 7.06 28.86 8.99
CA GLN B 174 7.67 28.22 10.15
C GLN B 174 7.45 29.06 11.38
N TYR B 175 7.29 28.42 12.53
CA TYR B 175 7.10 29.16 13.77
C TYR B 175 8.36 29.17 14.59
N GLY B 176 8.89 30.35 14.86
CA GLY B 176 9.98 30.48 15.80
C GLY B 176 9.80 31.80 16.51
N TYR B 177 10.44 31.93 17.65
CA TYR B 177 10.12 33.06 18.49
C TYR B 177 11.37 33.56 19.17
N LEU B 178 11.28 34.75 19.73
CA LEU B 178 12.43 35.44 20.24
C LEU B 178 12.28 35.63 21.74
N THR B 179 13.40 35.92 22.40
CA THR B 179 13.34 36.13 23.84
C THR B 179 14.40 37.11 24.31
N LEU B 180 14.55 37.25 25.62
CA LEU B 180 15.43 38.29 26.13
C LEU B 180 16.88 37.93 25.87
N ASN B 181 17.70 38.95 25.69
CA ASN B 181 19.09 38.78 25.35
C ASN B 181 19.86 40.04 25.72
N ASP B 182 21.15 39.87 25.91
CA ASP B 182 22.09 40.99 26.02
C ASP B 182 23.24 40.69 25.08
N GLY B 183 23.43 41.53 24.07
CA GLY B 183 24.21 41.09 22.94
C GLY B 183 23.48 39.92 22.32
N SER B 184 24.23 38.96 21.80
CA SER B 184 23.66 37.74 21.26
C SER B 184 23.52 36.64 22.29
N GLN B 185 23.75 36.93 23.56
CA GLN B 185 23.71 35.94 24.62
C GLN B 185 22.45 36.12 25.47
N ALA B 186 21.79 35.02 25.78
CA ALA B 186 20.56 35.08 26.55
C ALA B 186 20.84 35.41 28.00
N VAL B 187 19.76 35.54 28.77
CA VAL B 187 19.83 35.81 30.19
C VAL B 187 18.75 34.98 30.86
N GLY B 188 18.97 34.64 32.13
CA GLY B 188 18.14 33.66 32.80
C GLY B 188 16.66 33.93 32.70
N ARG B 189 16.27 35.18 32.53
CA ARG B 189 14.85 35.48 32.44
C ARG B 189 14.31 35.21 31.05
N SER B 190 15.15 34.75 30.12
CA SER B 190 14.65 34.12 28.91
C SER B 190 13.93 32.83 29.28
N SER B 191 13.12 32.33 28.36
CA SER B 191 12.49 31.03 28.54
C SER B 191 12.35 30.32 27.21
N PHE B 192 12.42 29.00 27.26
CA PHE B 192 12.36 28.13 26.11
C PHE B 192 11.05 27.36 26.11
N TYR B 193 10.15 27.72 25.20
CA TYR B 193 8.84 27.07 25.13
C TYR B 193 8.93 25.90 24.18
N CYS B 194 8.75 24.70 24.69
CA CYS B 194 8.58 23.55 23.84
C CYS B 194 7.14 23.55 23.38
N LEU B 195 6.91 23.41 22.08
CA LEU B 195 5.54 23.29 21.61
C LEU B 195 5.02 21.87 21.70
N GLU B 196 5.92 20.88 21.74
CA GLU B 196 5.51 19.52 21.99
C GLU B 196 4.80 19.40 23.32
N TYR B 197 4.91 20.40 24.17
CA TYR B 197 4.47 20.30 25.54
C TYR B 197 2.97 20.55 25.69
N PHE B 198 2.36 20.98 24.72
CA PHE B 198 0.93 21.18 24.77
C PHE B 198 0.19 19.95 24.24
N PRO B 199 -1.03 19.69 24.68
CA PRO B 199 -1.82 18.64 24.04
C PRO B 199 -2.29 19.04 22.66
N SER B 200 -2.11 18.16 21.69
CA SER B 200 -2.43 18.45 20.32
C SER B 200 -3.01 17.24 19.63
N GLN B 201 -4.13 17.44 18.96
CA GLN B 201 -4.79 16.38 18.23
C GLN B 201 -3.92 15.90 17.08
N MET B 202 -3.91 14.60 16.87
CA MET B 202 -3.20 13.99 15.74
C MET B 202 -4.23 13.61 14.69
N LEU B 203 -3.86 13.70 13.42
CA LEU B 203 -4.78 13.52 12.31
C LEU B 203 -4.13 12.58 11.30
N ARG B 204 -4.90 11.63 10.80
CA ARG B 204 -4.50 10.85 9.65
C ARG B 204 -5.30 11.26 8.44
N THR B 205 -5.09 10.57 7.32
CA THR B 205 -5.71 10.95 6.08
C THR B 205 -7.22 10.97 6.14
N GLY B 206 -7.82 10.42 7.17
CA GLY B 206 -9.26 10.47 7.25
C GLY B 206 -9.86 11.56 8.10
N ASN B 207 -9.11 12.11 9.06
CA ASN B 207 -9.66 13.02 10.05
C ASN B 207 -9.78 14.46 9.55
N ASN B 208 -10.65 15.22 10.20
CA ASN B 208 -10.60 16.66 10.11
C ASN B 208 -10.52 17.28 11.50
N PHE B 209 -10.48 18.60 11.52
CA PHE B 209 -10.30 19.39 12.73
C PHE B 209 -11.11 20.66 12.60
N GLN B 210 -11.77 21.07 13.67
CA GLN B 210 -12.61 22.26 13.57
C GLN B 210 -12.73 22.89 14.93
N PHE B 211 -12.83 24.21 14.97
CA PHE B 211 -13.08 24.91 16.22
C PHE B 211 -13.66 26.26 15.91
N SER B 212 -14.27 26.89 16.92
CA SER B 212 -14.88 28.19 16.73
C SER B 212 -14.43 29.12 17.83
N TYR B 213 -14.53 30.41 17.59
CA TYR B 213 -14.11 31.37 18.59
C TYR B 213 -14.95 32.67 18.56
N GLU B 214 -15.23 33.27 19.72
CA GLU B 214 -16.02 34.51 19.81
C GLU B 214 -15.13 35.74 20.07
N PHE B 215 -15.15 36.73 19.18
CA PHE B 215 -14.31 37.90 19.30
C PHE B 215 -14.74 38.79 20.45
N GLU B 216 -13.78 39.27 21.23
CA GLU B 216 -14.19 40.15 22.29
C GLU B 216 -14.64 41.48 21.72
N ASN B 217 -15.57 42.11 22.43
CA ASN B 217 -16.17 43.33 21.94
C ASN B 217 -15.11 44.36 21.63
N VAL B 218 -15.07 44.82 20.39
CA VAL B 218 -14.15 45.87 19.99
C VAL B 218 -14.97 46.99 19.36
N PRO B 219 -14.57 48.23 19.57
CA PRO B 219 -15.21 49.32 18.85
C PRO B 219 -15.13 49.09 17.36
N PHE B 220 -16.17 49.53 16.67
CA PHE B 220 -16.20 49.41 15.22
C PHE B 220 -14.94 50.02 14.64
N HIS B 221 -14.48 49.48 13.54
CA HIS B 221 -13.61 50.31 12.73
C HIS B 221 -14.47 51.38 12.09
N SER B 222 -14.04 52.62 12.20
CA SER B 222 -14.80 53.72 11.62
C SER B 222 -14.30 53.91 10.20
N SER B 223 -15.09 53.51 9.23
CA SER B 223 -14.72 53.71 7.85
C SER B 223 -15.55 54.88 7.39
N TYR B 224 -14.91 56.05 7.37
CA TYR B 224 -15.48 57.27 6.84
C TYR B 224 -14.47 58.37 6.98
N ALA B 225 -14.61 59.41 6.16
CA ALA B 225 -13.80 60.60 6.27
C ALA B 225 -14.66 61.73 6.77
N HIS B 226 -14.27 62.33 7.88
CA HIS B 226 -15.01 63.48 8.35
C HIS B 226 -15.10 64.49 7.23
N SER B 227 -16.31 64.97 6.97
CA SER B 227 -16.53 65.95 5.94
C SER B 227 -16.41 67.37 6.45
N GLN B 228 -16.17 67.55 7.73
CA GLN B 228 -16.23 68.85 8.36
C GLN B 228 -14.95 69.08 9.15
N SER B 229 -14.10 70.00 8.69
CA SER B 229 -12.75 70.12 9.23
C SER B 229 -12.78 70.62 10.67
N LEU B 230 -11.82 70.15 11.46
CA LEU B 230 -11.89 70.33 12.91
C LEU B 230 -11.88 71.80 13.31
N ASP B 231 -11.11 72.62 12.62
CA ASP B 231 -10.99 74.00 13.05
C ASP B 231 -12.15 74.86 12.57
N ARG B 232 -13.12 74.26 11.91
CA ARG B 232 -14.26 74.94 11.35
C ARG B 232 -15.56 74.25 11.78
N TYR B 276 -11.95 71.76 21.83
CA TYR B 276 -11.44 70.54 21.22
C TYR B 276 -10.34 70.83 20.23
N ILE B 277 -9.20 70.18 20.44
CA ILE B 277 -7.99 70.51 19.70
C ILE B 277 -7.45 69.22 19.08
N PRO B 278 -6.74 69.32 17.97
CA PRO B 278 -6.37 68.12 17.23
C PRO B 278 -5.48 67.21 18.05
N GLY B 279 -5.44 65.95 17.62
CA GLY B 279 -4.84 64.90 18.41
C GLY B 279 -3.33 64.95 18.44
N PRO B 280 -2.72 63.89 18.97
CA PRO B 280 -1.29 63.89 19.23
C PRO B 280 -0.48 63.61 17.98
N SER B 281 0.76 64.09 18.00
CA SER B 281 1.61 64.07 16.82
C SER B 281 3.05 63.82 17.22
N TYR B 282 3.72 62.99 16.43
CA TYR B 282 5.13 62.67 16.62
C TYR B 282 5.80 62.81 15.26
N ARG B 283 6.65 63.81 15.11
CA ARG B 283 7.06 64.23 13.77
C ARG B 283 7.91 63.16 13.10
N GLN B 284 7.89 63.16 11.77
CA GLN B 284 8.71 62.33 10.91
C GLN B 284 9.53 63.24 10.00
N GLN B 285 10.53 62.67 9.34
CA GLN B 285 11.15 63.38 8.23
C GLN B 285 10.25 63.27 7.01
N ARG B 286 10.45 64.15 6.04
CA ARG B 286 9.62 64.21 4.85
C ARG B 286 10.42 63.89 3.61
N VAL B 287 9.95 62.92 2.83
CA VAL B 287 10.63 62.48 1.62
C VAL B 287 9.76 62.82 0.42
N SER B 288 10.36 63.42 -0.60
CA SER B 288 9.66 63.78 -1.80
C SER B 288 9.91 62.74 -2.88
N THR B 289 8.85 62.08 -3.34
CA THR B 289 9.03 60.97 -4.28
C THR B 289 9.89 61.39 -5.46
N THR B 290 9.75 62.64 -5.90
CA THR B 290 10.60 63.16 -6.95
C THR B 290 11.96 63.42 -6.33
N VAL B 291 12.99 62.75 -6.86
CA VAL B 291 14.21 62.57 -6.08
C VAL B 291 14.94 63.88 -5.87
N THR B 292 15.02 64.74 -6.89
CA THR B 292 15.75 66.01 -6.83
C THR B 292 15.35 66.90 -5.67
N GLN B 293 14.10 66.80 -5.28
CA GLN B 293 13.61 67.59 -4.14
C GLN B 293 14.33 67.17 -2.87
N ASN B 294 14.55 65.88 -2.70
CA ASN B 294 15.25 65.35 -1.53
C ASN B 294 16.71 65.78 -1.51
N ASN B 295 17.25 65.97 -0.32
CA ASN B 295 18.64 66.37 -0.15
C ASN B 295 19.57 65.26 -0.65
N ASN B 296 20.70 65.64 -1.24
CA ASN B 296 21.66 64.67 -1.76
C ASN B 296 22.56 64.15 -0.65
N SER B 297 22.00 63.30 0.20
CA SER B 297 22.75 62.73 1.31
C SER B 297 22.11 61.43 1.77
N GLU B 298 22.86 60.60 2.49
CA GLU B 298 22.33 59.35 2.98
C GLU B 298 21.57 59.58 4.27
N PHE B 299 20.36 60.09 4.15
CA PHE B 299 19.52 60.42 5.30
C PHE B 299 18.48 59.38 5.64
N ALA B 300 18.54 58.21 5.00
CA ALA B 300 17.54 57.19 5.27
C ALA B 300 17.53 56.71 6.71
N TRP B 301 18.71 56.45 7.28
CA TRP B 301 18.74 55.99 8.67
C TRP B 301 19.05 57.06 9.70
N PRO B 302 19.91 58.02 9.34
CA PRO B 302 20.26 59.10 10.25
C PRO B 302 19.05 59.96 10.58
N GLY B 303 18.21 60.20 9.58
CA GLY B 303 17.02 61.00 9.77
C GLY B 303 15.82 60.17 10.18
N ALA B 304 16.06 59.13 10.97
CA ALA B 304 14.97 58.28 11.42
C ALA B 304 14.15 58.94 12.52
N SER B 305 12.93 58.47 12.67
CA SER B 305 12.19 58.75 13.89
C SER B 305 12.14 57.48 14.72
N SER B 306 12.90 57.46 15.80
CA SER B 306 13.20 56.18 16.42
C SER B 306 13.06 56.27 17.92
N TRP B 307 12.16 55.49 18.46
CA TRP B 307 12.10 55.30 19.89
C TRP B 307 13.09 54.25 20.32
N ALA B 308 13.76 54.52 21.42
CA ALA B 308 14.82 53.65 21.91
C ALA B 308 14.37 52.97 23.19
N LEU B 309 14.76 51.72 23.36
CA LEU B 309 14.42 50.92 24.52
C LEU B 309 15.59 50.02 24.84
N ASN B 310 15.95 49.93 26.12
CA ASN B 310 17.05 49.11 26.59
C ASN B 310 18.29 49.30 25.72
N GLY B 311 18.60 50.54 25.41
CA GLY B 311 19.76 50.83 24.59
C GLY B 311 19.60 50.51 23.13
N ARG B 312 18.54 49.82 22.75
CA ARG B 312 18.34 49.36 21.38
C ARG B 312 17.32 50.24 20.68
N ASN B 313 17.65 50.66 19.46
CA ASN B 313 16.80 51.57 18.71
C ASN B 313 15.76 50.83 17.88
N SER B 314 14.59 51.43 17.72
CA SER B 314 13.56 50.92 16.84
C SER B 314 12.97 52.07 16.05
N LEU B 315 13.05 51.99 14.73
CA LEU B 315 12.43 53.00 13.90
C LEU B 315 10.94 53.05 14.17
N MET B 316 10.35 54.24 14.14
CA MET B 316 8.94 54.38 14.48
C MET B 316 8.14 54.15 13.21
N ASN B 317 7.64 52.93 13.10
CA ASN B 317 6.88 52.51 11.94
C ASN B 317 5.55 51.92 12.33
N PRO B 318 4.45 52.48 11.85
CA PRO B 318 4.13 53.75 11.22
C PRO B 318 4.06 54.93 12.18
N GLY B 319 3.94 54.70 13.49
CA GLY B 319 3.83 55.78 14.42
C GLY B 319 2.39 56.18 14.63
N PRO B 320 2.15 57.14 15.50
CA PRO B 320 0.77 57.58 15.74
C PRO B 320 0.11 58.03 14.45
N ALA B 321 -1.18 57.77 14.34
CA ALA B 321 -1.90 58.00 13.08
C ALA B 321 -1.87 59.47 12.71
N MET B 322 -1.38 59.76 11.51
CA MET B 322 -1.26 61.15 11.09
C MET B 322 -1.43 61.23 9.59
N ALA B 323 -1.99 62.35 9.12
CA ALA B 323 -2.16 62.55 7.69
C ALA B 323 -0.80 62.62 7.03
N SER B 324 -0.67 61.90 5.92
CA SER B 324 0.62 61.76 5.26
C SER B 324 1.18 63.11 4.84
N HIS B 325 0.34 64.01 4.37
CA HIS B 325 0.84 65.21 3.72
C HIS B 325 -0.22 66.29 3.77
N LYS B 326 0.23 67.54 3.61
CA LYS B 326 -0.68 68.68 3.61
C LYS B 326 -1.55 68.67 2.37
N GLU B 327 -2.63 69.45 2.43
CA GLU B 327 -3.55 69.55 1.31
C GLU B 327 -2.84 69.93 0.02
N GLY B 328 -3.02 69.11 -1.01
CA GLY B 328 -2.50 69.45 -2.31
C GLY B 328 -1.11 68.95 -2.61
N GLU B 329 -0.32 68.61 -1.58
CA GLU B 329 1.01 68.08 -1.78
C GLU B 329 0.91 66.57 -1.59
N ASP B 330 0.88 65.83 -2.69
CA ASP B 330 0.76 64.39 -2.59
C ASP B 330 2.07 63.66 -2.81
N ARG B 331 3.14 64.37 -3.14
CA ARG B 331 4.38 63.69 -3.48
C ARG B 331 5.30 63.55 -2.30
N PHE B 332 4.87 64.01 -1.13
CA PHE B 332 5.66 63.93 0.09
C PHE B 332 5.07 62.83 0.95
N PHE B 333 5.86 61.82 1.27
CA PHE B 333 5.42 60.88 2.27
C PHE B 333 6.34 60.98 3.46
N PRO B 334 5.85 60.65 4.65
CA PRO B 334 6.74 60.57 5.80
C PRO B 334 7.59 59.32 5.69
N LEU B 335 8.82 59.40 6.21
CA LEU B 335 9.79 58.35 5.96
C LEU B 335 9.29 57.00 6.43
N SER B 336 9.12 56.83 7.73
CA SER B 336 8.56 55.60 8.27
C SER B 336 7.05 55.71 8.48
N GLY B 337 6.45 56.81 8.06
CA GLY B 337 5.06 57.05 8.40
C GLY B 337 4.05 56.09 7.83
N SER B 338 4.26 55.56 6.64
CA SER B 338 3.22 54.82 5.95
C SER B 338 3.55 53.35 5.87
N LEU B 339 2.51 52.53 5.84
CA LEU B 339 2.64 51.18 5.32
C LEU B 339 3.02 51.27 3.86
N ILE B 340 3.95 50.41 3.43
CA ILE B 340 4.37 50.38 2.04
C ILE B 340 4.29 48.96 1.55
N PHE B 341 3.33 48.68 0.66
CA PHE B 341 3.11 47.34 0.12
C PHE B 341 3.81 47.19 -1.22
N GLY B 342 4.37 46.02 -1.44
CA GLY B 342 5.04 45.70 -2.70
C GLY B 342 4.07 45.13 -3.72
N LYS B 343 4.28 45.48 -4.98
CA LYS B 343 3.47 44.89 -6.03
C LYS B 343 3.87 43.45 -6.26
N GLN B 344 3.02 42.72 -6.99
CA GLN B 344 3.32 41.33 -7.29
C GLN B 344 4.64 41.22 -8.02
N GLY B 345 5.52 40.36 -7.53
CA GLY B 345 6.82 40.17 -8.15
C GLY B 345 7.90 41.15 -7.76
N THR B 346 7.63 41.99 -6.78
CA THR B 346 8.61 42.96 -6.32
C THR B 346 9.76 42.21 -5.67
N GLY B 347 10.98 42.66 -5.92
CA GLY B 347 12.16 42.02 -5.37
C GLY B 347 12.33 42.18 -3.86
N ARG B 348 13.05 41.24 -3.26
CA ARG B 348 13.28 41.28 -1.82
C ARG B 348 14.07 42.50 -1.37
N ASP B 349 15.09 42.89 -2.13
CA ASP B 349 15.90 44.04 -1.74
C ASP B 349 16.15 45.12 -2.78
N ASN B 350 16.25 46.35 -2.30
CA ASN B 350 16.51 47.51 -3.14
C ASN B 350 15.69 47.57 -4.42
N VAL B 351 14.38 47.63 -4.27
CA VAL B 351 13.49 47.71 -5.41
C VAL B 351 13.07 49.15 -5.66
N ASP B 352 12.89 49.50 -6.92
CA ASP B 352 12.71 50.87 -7.32
C ASP B 352 11.46 51.45 -6.66
N ALA B 353 11.40 52.78 -6.63
CA ALA B 353 10.31 53.47 -5.94
C ALA B 353 8.94 53.03 -6.44
N ASP B 354 8.83 52.66 -7.70
CA ASP B 354 7.55 52.35 -8.31
C ASP B 354 7.22 50.86 -8.31
N LYS B 355 8.04 50.07 -7.64
CA LYS B 355 7.70 48.67 -7.42
C LYS B 355 6.81 48.51 -6.20
N VAL B 356 6.46 49.59 -5.55
CA VAL B 356 5.79 49.51 -4.26
C VAL B 356 4.67 50.53 -4.20
N MET B 357 3.64 50.17 -3.44
CA MET B 357 2.46 50.99 -3.26
C MET B 357 2.60 51.68 -1.92
N ILE B 358 2.16 52.91 -1.81
CA ILE B 358 2.36 53.71 -0.61
C ILE B 358 0.99 54.14 -0.10
N THR B 359 0.62 53.64 1.06
CA THR B 359 -0.63 54.05 1.68
C THR B 359 -0.54 55.50 2.13
N ASN B 360 -1.67 56.17 2.09
CA ASN B 360 -1.74 57.58 2.45
C ASN B 360 -3.03 57.85 3.22
N GLU B 361 -2.89 58.60 4.31
CA GLU B 361 -4.01 58.91 5.18
C GLU B 361 -4.51 60.35 5.02
N GLU B 362 -4.94 60.71 3.82
CA GLU B 362 -5.46 62.05 3.58
C GLU B 362 -6.74 62.34 4.37
N GLU B 363 -7.56 61.32 4.52
CA GLU B 363 -8.86 61.42 5.21
C GLU B 363 -8.77 61.86 6.66
N ILE B 364 -7.73 61.42 7.37
CA ILE B 364 -7.55 61.77 8.78
C ILE B 364 -6.94 63.15 9.04
N LYS B 365 -6.59 63.87 7.98
CA LYS B 365 -5.96 65.18 8.12
C LYS B 365 -6.84 66.21 8.85
N THR B 366 -8.16 66.14 8.72
CA THR B 366 -9.01 67.11 9.37
C THR B 366 -8.84 67.10 10.88
N THR B 367 -8.79 65.91 11.49
CA THR B 367 -8.61 65.86 12.94
C THR B 367 -7.17 65.61 13.38
N ASN B 368 -6.51 64.64 12.76
CA ASN B 368 -5.14 64.30 13.10
C ASN B 368 -4.14 65.22 12.39
N PRO B 369 -3.10 65.64 13.11
CA PRO B 369 -2.06 66.54 12.58
C PRO B 369 -1.21 65.87 11.51
N VAL B 370 -0.74 66.66 10.55
CA VAL B 370 0.09 66.15 9.45
C VAL B 370 1.39 65.60 10.00
N ALA B 371 1.86 64.49 9.44
CA ALA B 371 3.08 63.82 9.91
C ALA B 371 4.42 64.50 9.61
N THR B 372 4.46 65.51 8.76
CA THR B 372 5.73 66.16 8.49
C THR B 372 5.82 67.60 8.96
N GLU B 373 4.77 68.15 9.58
CA GLU B 373 4.77 69.50 10.12
C GLU B 373 4.67 69.43 11.64
N SER B 374 5.20 70.44 12.31
CA SER B 374 5.21 70.44 13.77
C SER B 374 3.81 70.64 14.31
N TYR B 375 3.63 70.28 15.57
CA TYR B 375 2.30 70.35 16.14
C TYR B 375 1.86 71.80 16.39
N GLY B 376 2.68 72.58 17.08
CA GLY B 376 2.29 73.94 17.35
C GLY B 376 3.43 74.76 17.93
N GLN B 377 3.08 75.91 18.49
CA GLN B 377 4.03 76.88 18.99
C GLN B 377 3.63 77.35 20.38
N VAL B 378 4.57 77.31 21.32
CA VAL B 378 4.31 77.75 22.68
C VAL B 378 5.22 78.90 23.07
N GLY B 392 9.03 78.99 20.61
CA GLY B 392 9.66 77.90 19.88
C GLY B 392 8.67 76.87 19.37
N TRP B 393 9.13 76.01 18.47
CA TRP B 393 8.28 74.95 17.92
C TRP B 393 8.10 73.83 18.93
N VAL B 394 7.06 73.03 18.72
CA VAL B 394 6.83 71.82 19.51
C VAL B 394 6.80 70.66 18.56
N GLN B 395 7.81 69.81 18.60
CA GLN B 395 7.89 68.71 17.64
C GLN B 395 7.01 67.54 18.06
N ASN B 396 7.14 67.08 19.29
CA ASN B 396 6.40 65.91 19.75
C ASN B 396 5.51 66.29 20.92
N GLN B 397 4.21 66.13 20.75
CA GLN B 397 3.22 66.50 21.76
C GLN B 397 2.55 65.26 22.30
N GLY B 398 2.29 65.26 23.58
CA GLY B 398 1.58 64.17 24.19
C GLY B 398 0.09 64.36 24.09
N ILE B 399 -0.60 63.87 25.11
CA ILE B 399 -2.06 63.94 25.19
C ILE B 399 -2.50 65.03 26.17
N LEU B 400 -3.05 66.01 25.68
CA LEU B 400 -3.71 67.05 26.46
C LEU B 400 -5.18 66.69 26.65
N PRO B 401 -5.87 67.26 27.62
CA PRO B 401 -7.31 67.03 27.70
C PRO B 401 -8.02 67.71 26.54
N GLY B 402 -9.02 67.03 26.00
CA GLY B 402 -9.81 67.61 24.93
C GLY B 402 -9.27 67.38 23.54
N MET B 403 -8.39 66.40 23.35
CA MET B 403 -8.00 66.00 22.02
C MET B 403 -9.05 65.11 21.40
N VAL B 404 -9.14 65.15 20.08
CA VAL B 404 -9.81 64.10 19.32
C VAL B 404 -8.84 63.69 18.23
N TRP B 405 -8.97 62.45 17.77
CA TRP B 405 -8.08 61.98 16.73
C TRP B 405 -8.74 60.82 16.00
N GLN B 406 -8.22 60.48 14.84
CA GLN B 406 -8.74 59.37 14.08
C GLN B 406 -7.68 58.28 13.99
N ASP B 407 -8.15 57.06 13.73
CA ASP B 407 -7.30 55.89 13.67
C ASP B 407 -6.54 55.85 12.35
N ARG B 408 -5.65 54.87 12.22
CA ARG B 408 -5.02 54.59 10.93
C ARG B 408 -5.88 53.63 10.13
N ASP B 409 -6.05 53.95 8.86
CA ASP B 409 -6.92 53.21 7.96
C ASP B 409 -6.45 51.76 7.83
N VAL B 410 -7.40 50.86 7.65
CA VAL B 410 -7.11 49.45 7.38
C VAL B 410 -7.31 49.18 5.91
N TYR B 411 -6.43 48.38 5.33
CA TYR B 411 -6.36 48.19 3.89
C TYR B 411 -6.63 46.74 3.54
N LEU B 412 -6.96 46.52 2.26
CA LEU B 412 -7.29 45.17 1.83
C LEU B 412 -6.14 44.23 2.10
N GLN B 413 -4.92 44.64 1.81
CA GLN B 413 -3.79 43.77 2.06
C GLN B 413 -3.38 43.74 3.52
N GLY B 414 -3.85 44.69 4.34
CA GLY B 414 -3.31 44.88 5.66
C GLY B 414 -3.92 44.00 6.72
N PRO B 415 -3.30 43.97 7.88
CA PRO B 415 -3.67 42.99 8.90
C PRO B 415 -5.04 43.26 9.50
N ILE B 416 -5.57 42.27 10.22
CA ILE B 416 -6.86 42.44 10.87
C ILE B 416 -6.69 42.64 12.37
N TRP B 417 -6.38 41.58 13.09
CA TRP B 417 -6.15 41.74 14.52
C TRP B 417 -4.68 41.67 14.80
N ALA B 418 -4.26 42.42 15.81
CA ALA B 418 -2.94 42.30 16.35
C ALA B 418 -3.07 42.34 17.87
N LYS B 419 -2.47 41.36 18.52
CA LYS B 419 -2.70 41.12 19.94
C LYS B 419 -2.15 42.22 20.80
N ILE B 420 -2.96 42.71 21.73
CA ILE B 420 -2.48 43.67 22.73
C ILE B 420 -1.50 42.97 23.65
N PRO B 421 -0.38 43.58 23.99
CA PRO B 421 0.51 43.01 24.98
C PRO B 421 -0.16 43.02 26.34
N HIS B 422 0.43 42.31 27.28
CA HIS B 422 -0.14 42.21 28.62
C HIS B 422 0.72 43.03 29.58
N THR B 423 0.18 44.15 30.05
CA THR B 423 0.93 45.05 30.92
C THR B 423 0.06 45.47 32.10
N ASP B 424 0.57 46.41 32.88
CA ASP B 424 -0.25 46.99 33.93
C ASP B 424 -1.05 48.18 33.41
N GLY B 425 -0.68 48.70 32.24
CA GLY B 425 -1.39 49.83 31.70
C GLY B 425 -1.15 49.96 30.22
N ASN B 426 -2.09 50.64 29.56
CA ASN B 426 -1.96 50.97 28.15
C ASN B 426 -2.94 52.08 27.85
N PHE B 427 -2.72 52.77 26.74
CA PHE B 427 -3.60 53.87 26.37
C PHE B 427 -3.99 53.74 24.92
N HIS B 428 -5.28 53.65 24.70
CA HIS B 428 -5.89 53.58 23.38
C HIS B 428 -5.21 52.45 22.61
N PRO B 429 -5.52 51.23 22.93
CA PRO B 429 -4.77 50.09 22.42
C PRO B 429 -4.84 49.85 20.93
N SER B 430 -5.72 50.52 20.21
CA SER B 430 -5.85 50.28 18.78
C SER B 430 -4.48 50.34 18.12
N PRO B 431 -4.04 49.27 17.47
CA PRO B 431 -2.62 49.13 17.14
C PRO B 431 -2.20 50.02 15.98
N LEU B 432 -0.95 50.47 16.03
CA LEU B 432 -0.53 51.55 15.15
C LEU B 432 -0.57 51.18 13.67
N MET B 433 -0.57 49.90 13.33
CA MET B 433 -0.71 49.55 11.92
C MET B 433 -2.16 49.46 11.48
N GLY B 434 -3.10 49.50 12.40
CA GLY B 434 -4.49 49.33 12.05
C GLY B 434 -5.02 47.98 12.49
N GLY B 435 -6.33 47.87 12.45
CA GLY B 435 -7.00 46.69 12.93
C GLY B 435 -7.59 46.82 14.30
N PHE B 436 -7.85 45.68 14.92
CA PHE B 436 -8.64 45.63 16.13
C PHE B 436 -7.77 45.12 17.27
N GLY B 437 -7.40 46.01 18.18
CA GLY B 437 -6.59 45.59 19.31
C GLY B 437 -7.41 44.74 20.26
N MET B 438 -6.90 43.55 20.56
CA MET B 438 -7.68 42.57 21.30
C MET B 438 -6.80 41.91 22.34
N LYS B 439 -7.19 41.96 23.61
CA LYS B 439 -6.41 41.23 24.61
C LYS B 439 -6.40 39.75 24.33
N HIS B 440 -7.44 39.24 23.70
CA HIS B 440 -7.57 37.82 23.40
C HIS B 440 -7.98 37.66 21.94
N PRO B 441 -7.01 37.72 21.03
CA PRO B 441 -7.33 37.58 19.62
C PRO B 441 -7.50 36.12 19.27
N PRO B 442 -7.81 35.79 18.03
CA PRO B 442 -7.89 34.42 17.63
C PRO B 442 -6.59 33.69 17.91
N PRO B 443 -6.68 32.48 18.40
CA PRO B 443 -5.49 31.74 18.78
C PRO B 443 -4.61 31.43 17.58
N GLN B 444 -3.37 31.07 17.89
CA GLN B 444 -2.52 30.45 16.89
C GLN B 444 -2.93 29.02 16.66
N ILE B 445 -2.60 28.50 15.50
CA ILE B 445 -2.89 27.11 15.17
C ILE B 445 -1.63 26.48 14.66
N LEU B 446 -1.06 25.59 15.44
CA LEU B 446 0.29 25.10 15.22
C LEU B 446 0.22 23.70 14.65
N ILE B 447 1.17 23.36 13.78
CA ILE B 447 1.03 22.12 13.02
C ILE B 447 2.41 21.60 12.67
N LYS B 448 2.57 20.29 12.69
CA LYS B 448 3.80 19.66 12.24
C LYS B 448 3.48 18.22 11.90
N ASN B 449 4.39 17.60 11.16
CA ASN B 449 4.23 16.20 10.82
C ASN B 449 4.78 15.32 11.93
N THR B 450 4.03 14.32 12.33
CA THR B 450 4.55 13.36 13.28
C THR B 450 5.82 12.75 12.72
N PRO B 451 6.97 12.93 13.37
CA PRO B 451 8.23 12.43 12.79
C PRO B 451 8.24 10.92 12.76
N VAL B 452 8.59 10.37 11.61
CA VAL B 452 8.57 8.94 11.33
C VAL B 452 10.01 8.50 11.09
N PRO B 453 10.62 7.75 11.99
CA PRO B 453 12.05 7.53 11.89
C PRO B 453 12.40 6.45 10.89
N ALA B 454 13.54 6.64 10.23
CA ALA B 454 14.13 5.64 9.36
C ALA B 454 14.63 4.47 10.19
N ASP B 455 14.90 3.37 9.49
CA ASP B 455 15.16 2.10 10.17
C ASP B 455 16.27 2.21 11.21
N PRO B 456 15.97 2.02 12.48
CA PRO B 456 16.98 2.12 13.52
C PRO B 456 17.79 0.85 13.60
N PRO B 457 19.04 0.92 14.03
CA PRO B 457 19.89 -0.28 14.02
C PRO B 457 19.32 -1.34 14.94
N THR B 458 19.75 -2.58 14.72
CA THR B 458 19.33 -3.65 15.61
C THR B 458 20.10 -3.60 16.93
N ALA B 459 21.29 -3.02 16.90
CA ALA B 459 22.11 -2.83 18.09
C ALA B 459 21.63 -1.61 18.86
N PHE B 460 21.26 -1.81 20.11
CA PHE B 460 20.66 -0.73 20.88
C PHE B 460 21.61 0.45 20.99
N ASN B 461 21.09 1.68 20.85
CA ASN B 461 21.90 2.87 20.96
C ASN B 461 21.30 3.86 21.95
N LYS B 462 22.13 4.39 22.84
CA LYS B 462 21.71 5.35 23.85
C LYS B 462 21.20 6.66 23.28
N ASP B 463 21.85 7.14 22.23
CA ASP B 463 21.52 8.40 21.59
C ASP B 463 20.18 8.38 20.87
N LYS B 464 19.58 9.56 20.71
CA LYS B 464 18.30 9.71 20.03
C LYS B 464 18.46 9.48 18.53
N LEU B 465 17.35 9.16 17.85
CA LEU B 465 17.40 8.88 16.43
C LEU B 465 17.55 10.16 15.63
N ASN B 466 18.62 10.22 14.84
CA ASN B 466 18.96 11.41 14.08
C ASN B 466 18.53 11.33 12.62
N SER B 467 17.95 10.21 12.19
CA SER B 467 17.62 10.01 10.78
C SER B 467 16.15 9.67 10.64
N PHE B 468 15.43 10.48 9.88
CA PHE B 468 13.99 10.31 9.69
C PHE B 468 13.68 10.20 8.21
N ILE B 469 12.53 9.59 7.91
CA ILE B 469 12.04 9.57 6.54
C ILE B 469 11.70 10.99 6.12
N THR B 470 11.97 11.33 4.86
CA THR B 470 11.50 12.60 4.36
C THR B 470 10.01 12.52 4.15
N GLN B 471 9.30 13.58 4.47
CA GLN B 471 7.86 13.52 4.40
C GLN B 471 7.31 14.94 4.36
N TYR B 472 6.11 15.08 3.83
CA TYR B 472 5.37 16.32 3.95
C TYR B 472 3.92 15.99 3.72
N SER B 473 3.02 16.87 4.17
CA SER B 473 1.62 16.53 4.13
C SER B 473 0.78 17.74 3.78
N THR B 474 -0.23 17.50 2.96
CA THR B 474 -0.99 18.58 2.33
C THR B 474 -2.47 18.35 2.52
N GLY B 475 -3.25 19.36 2.17
CA GLY B 475 -4.69 19.31 2.37
C GLY B 475 -5.37 20.66 2.29
N GLN B 476 -6.53 20.80 2.92
CA GLN B 476 -7.37 21.97 2.69
C GLN B 476 -7.50 22.72 4.01
N VAL B 477 -7.96 23.97 3.95
CA VAL B 477 -8.24 24.78 5.12
C VAL B 477 -9.43 25.67 4.84
N SER B 478 -10.39 25.76 5.75
CA SER B 478 -11.48 26.71 5.57
C SER B 478 -11.60 27.58 6.81
N VAL B 479 -12.04 28.81 6.60
CA VAL B 479 -12.27 29.75 7.68
C VAL B 479 -13.46 30.63 7.33
N GLU B 480 -14.32 30.87 8.30
CA GLU B 480 -15.57 31.60 8.10
C GLU B 480 -15.72 32.60 9.22
N ILE B 481 -15.74 33.88 8.90
CA ILE B 481 -15.72 34.93 9.91
C ILE B 481 -16.93 35.82 9.75
N GLU B 482 -17.67 36.00 10.83
CA GLU B 482 -18.90 36.77 10.80
C GLU B 482 -18.65 38.21 11.18
N TRP B 483 -18.93 39.12 10.25
CA TRP B 483 -18.65 40.53 10.40
C TRP B 483 -19.97 41.26 10.59
N GLU B 484 -20.04 42.20 11.52
CA GLU B 484 -21.26 42.96 11.75
C GLU B 484 -21.10 44.37 11.23
N LEU B 485 -22.13 44.89 10.58
CA LEU B 485 -22.01 46.11 9.78
C LEU B 485 -22.88 47.22 10.35
N GLN B 486 -22.56 48.44 9.96
CA GLN B 486 -23.24 49.64 10.46
C GLN B 486 -23.66 50.48 9.27
N LYS B 487 -24.97 50.60 9.06
CA LYS B 487 -25.45 51.16 7.81
C LYS B 487 -25.25 52.67 7.75
N GLU B 488 -25.24 53.19 6.52
CA GLU B 488 -25.12 54.61 6.29
C GLU B 488 -26.47 55.31 6.41
N ASN B 489 -26.58 56.23 7.35
CA ASN B 489 -27.80 56.98 7.58
C ASN B 489 -27.79 58.37 6.97
N SER B 490 -26.69 58.76 6.33
CA SER B 490 -26.39 60.17 6.08
C SER B 490 -27.52 60.92 5.39
N LYS B 491 -27.67 62.18 5.78
CA LYS B 491 -28.64 63.11 5.21
C LYS B 491 -28.07 63.94 4.07
N ARG B 492 -26.83 63.67 3.67
CA ARG B 492 -26.18 64.38 2.58
C ARG B 492 -27.04 64.37 1.31
N TRP B 493 -27.15 65.55 0.68
CA TRP B 493 -27.95 65.70 -0.54
C TRP B 493 -27.17 65.31 -1.78
N ASN B 494 -25.90 65.69 -1.85
CA ASN B 494 -25.07 65.45 -3.01
C ASN B 494 -24.35 64.11 -2.91
N PRO B 495 -23.90 63.55 -4.03
CA PRO B 495 -23.49 62.15 -4.04
C PRO B 495 -22.22 61.90 -3.24
N GLU B 496 -22.12 60.67 -2.76
CA GLU B 496 -20.99 60.21 -1.95
C GLU B 496 -19.77 60.01 -2.85
N ILE B 497 -18.66 59.62 -2.26
CA ILE B 497 -17.51 59.12 -2.99
C ILE B 497 -17.48 57.61 -2.84
N GLN B 498 -17.52 56.92 -3.97
CA GLN B 498 -17.52 55.46 -3.99
C GLN B 498 -16.24 55.05 -4.66
N TYR B 499 -15.78 53.84 -4.40
CA TYR B 499 -14.60 53.36 -5.09
C TYR B 499 -14.97 52.46 -6.24
N THR B 500 -14.66 52.89 -7.47
CA THR B 500 -15.04 52.17 -8.66
C THR B 500 -13.84 52.03 -9.57
N SER B 501 -13.80 50.92 -10.30
CA SER B 501 -12.80 50.73 -11.33
C SER B 501 -13.02 51.71 -12.46
N ASN B 502 -11.98 51.88 -13.29
CA ASN B 502 -12.04 52.78 -14.42
C ASN B 502 -12.46 52.02 -15.67
N TYR B 503 -13.27 52.66 -16.50
CA TYR B 503 -13.70 52.00 -17.73
C TYR B 503 -12.57 51.92 -18.73
N TYR B 504 -11.52 52.71 -18.56
CA TYR B 504 -10.54 52.85 -19.61
C TYR B 504 -9.86 51.51 -19.92
N LYS B 505 -9.91 51.13 -21.19
CA LYS B 505 -9.43 49.83 -21.61
C LYS B 505 -7.96 49.63 -21.28
N SER B 506 -7.59 48.41 -20.97
CA SER B 506 -6.24 48.11 -20.54
C SER B 506 -5.93 46.65 -20.85
N ASN B 507 -4.64 46.33 -20.87
CA ASN B 507 -4.24 45.00 -21.29
C ASN B 507 -4.77 43.92 -20.37
N ASN B 508 -4.96 44.22 -19.10
CA ASN B 508 -5.41 43.20 -18.17
C ASN B 508 -6.33 43.80 -17.13
N VAL B 509 -7.46 43.13 -16.92
CA VAL B 509 -8.40 43.57 -15.91
C VAL B 509 -7.71 43.63 -14.57
N GLU B 510 -7.91 44.72 -13.84
CA GLU B 510 -7.36 44.83 -12.51
C GLU B 510 -7.91 43.72 -11.61
N PHE B 511 -7.05 43.24 -10.72
CA PHE B 511 -7.42 42.21 -9.75
C PHE B 511 -7.82 40.91 -10.42
N ALA B 512 -7.07 40.50 -11.44
CA ALA B 512 -7.27 39.19 -12.01
C ALA B 512 -6.00 38.74 -12.71
N VAL B 513 -5.93 37.44 -12.95
CA VAL B 513 -4.72 36.79 -13.41
C VAL B 513 -4.32 37.27 -14.80
N ASN B 514 -3.03 37.47 -15.00
CA ASN B 514 -2.50 37.77 -16.32
C ASN B 514 -2.22 36.47 -17.06
N THR B 515 -1.52 36.55 -18.19
CA THR B 515 -1.51 35.41 -19.08
C THR B 515 -0.66 34.25 -18.57
N GLU B 516 0.07 34.44 -17.49
CA GLU B 516 0.80 33.33 -16.89
C GLU B 516 0.11 32.75 -15.67
N GLY B 517 -1.06 33.22 -15.30
CA GLY B 517 -1.65 32.77 -14.06
C GLY B 517 -1.13 33.46 -12.82
N VAL B 518 -0.89 34.77 -12.87
CA VAL B 518 -0.34 35.51 -11.74
C VAL B 518 -1.36 36.51 -11.25
N TYR B 519 -1.93 36.28 -10.08
CA TYR B 519 -2.97 37.16 -9.58
C TYR B 519 -2.34 38.34 -8.87
N SER B 520 -2.53 39.53 -9.42
CA SER B 520 -1.78 40.69 -8.98
C SER B 520 -2.72 41.84 -8.68
N GLU B 521 -2.58 42.39 -7.48
CA GLU B 521 -3.42 43.48 -7.01
C GLU B 521 -2.78 44.81 -7.36
N PRO B 522 -3.40 45.62 -8.20
CA PRO B 522 -2.70 46.82 -8.70
C PRO B 522 -2.58 47.93 -7.67
N ARG B 523 -3.44 48.00 -6.69
CA ARG B 523 -3.44 49.13 -5.77
C ARG B 523 -3.86 48.69 -4.38
N PRO B 524 -3.39 49.38 -3.34
CA PRO B 524 -4.01 49.22 -2.04
C PRO B 524 -5.41 49.77 -2.11
N ILE B 525 -6.24 49.41 -1.13
CA ILE B 525 -7.57 49.95 -1.07
C ILE B 525 -7.87 50.31 0.38
N GLY B 526 -8.08 51.59 0.62
CA GLY B 526 -8.44 52.04 1.94
C GLY B 526 -9.92 51.91 2.16
N THR B 527 -10.32 52.03 3.42
CA THR B 527 -11.73 51.85 3.74
C THR B 527 -12.47 53.16 3.97
N ARG B 528 -11.83 54.32 3.86
CA ARG B 528 -12.51 55.60 4.14
C ARG B 528 -13.03 56.38 2.93
N TYR B 529 -14.32 56.19 2.62
CA TYR B 529 -14.96 56.80 1.48
C TYR B 529 -16.18 57.62 1.88
N LEU B 530 -17.18 56.99 2.50
CA LEU B 530 -18.33 57.77 2.91
C LEU B 530 -17.92 58.83 3.92
N THR B 531 -18.77 59.84 4.07
CA THR B 531 -18.42 60.95 4.94
C THR B 531 -19.48 61.16 5.99
N ARG B 532 -19.10 61.92 7.02
CA ARG B 532 -19.97 62.27 8.13
C ARG B 532 -19.73 63.72 8.49
N ASN B 533 -20.60 64.25 9.34
CA ASN B 533 -20.33 65.54 9.92
C ASN B 533 -19.50 65.35 11.19
N LEU B 534 -18.56 66.25 11.41
CA LEU B 534 -17.73 66.14 12.59
C LEU B 534 -18.54 66.45 13.83
N ASP C 17 -9.39 1.35 15.09
CA ASP C 17 -10.59 1.12 14.31
C ASP C 17 -10.21 0.70 12.89
N GLY C 18 -9.55 1.62 12.17
CA GLY C 18 -9.25 1.42 10.77
C GLY C 18 -7.97 2.11 10.37
N VAL C 19 -7.60 1.97 9.10
CA VAL C 19 -6.31 2.46 8.65
C VAL C 19 -6.23 3.97 8.75
N GLY C 20 -7.22 4.68 8.24
CA GLY C 20 -7.06 6.10 8.07
C GLY C 20 -7.47 6.91 9.28
N SER C 21 -8.06 6.27 10.27
CA SER C 21 -8.58 7.03 11.41
C SER C 21 -7.63 6.89 12.59
N SER C 22 -7.05 8.01 13.01
CA SER C 22 -6.07 8.02 14.08
C SER C 22 -6.60 7.39 15.35
N SER C 23 -5.78 6.54 15.97
CA SER C 23 -6.20 5.76 17.12
C SER C 23 -6.19 6.52 18.43
N GLY C 24 -5.21 7.38 18.65
CA GLY C 24 -5.12 8.10 19.90
C GLY C 24 -4.27 9.33 19.72
N ASN C 25 -4.46 10.29 20.62
CA ASN C 25 -4.03 11.65 20.40
C ASN C 25 -2.92 12.04 21.35
N TRP C 26 -2.07 12.95 20.90
CA TRP C 26 -0.91 13.40 21.68
C TRP C 26 -1.28 14.18 22.95
N HIS C 27 -0.96 13.60 24.11
CA HIS C 27 -1.25 14.25 25.38
C HIS C 27 0.03 14.52 26.17
N CYS C 28 0.33 15.78 26.42
CA CYS C 28 1.52 16.14 27.17
C CYS C 28 1.15 17.42 27.88
N ASP C 29 1.04 17.35 29.19
CA ASP C 29 0.56 18.47 29.97
C ASP C 29 0.95 18.23 31.42
N SER C 30 0.88 19.27 32.23
CA SER C 30 0.91 19.14 33.67
C SER C 30 -0.29 19.89 34.21
N GLN C 31 -1.02 19.26 35.10
CA GLN C 31 -2.24 19.84 35.64
C GLN C 31 -2.10 19.94 37.15
N TRP C 32 -1.97 21.16 37.65
CA TRP C 32 -1.70 21.40 39.05
C TRP C 32 -3.00 21.65 39.80
N LEU C 33 -3.40 20.69 40.63
CA LEU C 33 -4.72 20.71 41.26
C LEU C 33 -4.55 20.55 42.75
N GLY C 34 -4.83 21.63 43.49
CA GLY C 34 -4.86 21.50 44.93
C GLY C 34 -3.59 20.89 45.49
N ASP C 35 -3.76 19.76 46.17
CA ASP C 35 -2.68 19.03 46.79
C ASP C 35 -2.05 17.97 45.88
N ARG C 36 -2.68 17.68 44.76
CA ARG C 36 -2.23 16.61 43.88
C ARG C 36 -1.92 17.14 42.49
N VAL C 37 -1.08 16.42 41.77
CA VAL C 37 -0.58 16.84 40.46
C VAL C 37 -0.90 15.74 39.48
N ILE C 38 -0.94 16.07 38.20
CA ILE C 38 -0.99 15.08 37.14
C ILE C 38 -0.01 15.48 36.06
N THR C 39 0.97 14.63 35.81
CA THR C 39 1.92 14.85 34.75
C THR C 39 1.74 13.78 33.69
N THR C 40 1.26 14.18 32.53
CA THR C 40 1.19 13.31 31.37
C THR C 40 2.36 13.61 30.46
N SER C 41 2.84 12.60 29.76
CA SER C 41 3.95 12.75 28.86
C SER C 41 3.80 11.79 27.69
N THR C 42 4.25 12.21 26.52
CA THR C 42 4.18 11.40 25.32
C THR C 42 5.55 11.39 24.66
N ARG C 43 5.81 10.38 23.84
CA ARG C 43 7.03 10.28 23.06
C ARG C 43 6.74 9.48 21.81
N THR C 44 7.65 9.55 20.87
CA THR C 44 7.59 8.77 19.66
C THR C 44 8.68 7.73 19.72
N TRP C 45 8.53 6.61 19.03
CA TRP C 45 9.37 5.45 19.27
C TRP C 45 9.49 4.62 18.00
N ALA C 46 10.64 4.00 17.83
CA ALA C 46 10.83 3.02 16.77
C ALA C 46 11.35 1.75 17.40
N LEU C 47 10.88 0.61 16.92
CA LEU C 47 11.28 -0.66 17.49
C LEU C 47 11.96 -1.52 16.44
N PRO C 48 13.23 -1.75 16.53
CA PRO C 48 13.91 -2.59 15.56
C PRO C 48 13.55 -4.04 15.74
N THR C 49 14.32 -4.91 15.10
CA THR C 49 14.16 -6.34 15.31
C THR C 49 15.40 -6.86 16.02
N TYR C 50 15.27 -7.13 17.30
CA TYR C 50 16.40 -7.56 18.09
C TYR C 50 16.72 -9.03 17.97
N ASN C 51 18.01 -9.35 18.01
CA ASN C 51 18.48 -10.72 18.01
C ASN C 51 17.90 -11.53 16.88
N ASN C 52 17.57 -10.88 15.78
CA ASN C 52 17.11 -11.56 14.58
C ASN C 52 16.02 -12.58 14.90
N HIS C 53 15.09 -12.18 15.75
CA HIS C 53 13.97 -13.03 16.12
C HIS C 53 14.42 -14.32 16.80
N LEU C 54 15.37 -14.23 17.72
CA LEU C 54 15.88 -15.42 18.38
C LEU C 54 16.17 -15.16 19.85
N TYR C 55 15.59 -15.96 20.72
CA TYR C 55 16.10 -16.09 22.08
C TYR C 55 17.52 -16.62 21.97
N LYS C 56 18.44 -16.00 22.67
CA LYS C 56 19.82 -16.45 22.66
C LYS C 56 20.35 -16.56 24.07
N GLN C 57 21.52 -17.16 24.18
CA GLN C 57 22.16 -17.33 25.48
C GLN C 57 23.44 -16.53 25.51
N ILE C 58 23.75 -15.95 26.66
CA ILE C 58 24.93 -15.10 26.77
C ILE C 58 25.62 -15.37 28.09
N SER C 59 26.94 -15.38 28.05
CA SER C 59 27.74 -15.55 29.25
C SER C 59 28.71 -14.39 29.29
N ASN C 60 29.66 -14.47 30.22
CA ASN C 60 30.78 -13.55 30.15
C ASN C 60 31.67 -13.87 28.97
N SER C 61 31.69 -15.14 28.54
CA SER C 61 32.62 -15.56 27.50
C SER C 61 32.21 -14.98 26.15
N THR C 62 30.95 -15.17 25.78
CA THR C 62 30.42 -14.50 24.60
C THR C 62 30.68 -13.00 24.64
N SER C 63 30.69 -12.42 25.84
CA SER C 63 31.14 -11.05 25.98
C SER C 63 32.66 -10.97 26.04
N GLY C 64 33.30 -11.94 26.68
CA GLY C 64 34.74 -12.05 26.67
C GLY C 64 35.46 -11.72 27.96
N GLY C 65 34.77 -11.15 28.95
CA GLY C 65 35.40 -10.90 30.24
C GLY C 65 35.64 -12.17 31.02
N SER C 66 36.89 -12.36 31.47
CA SER C 66 37.31 -13.60 32.10
C SER C 66 37.31 -13.56 33.64
N SER C 67 36.96 -12.44 34.24
CA SER C 67 36.98 -12.33 35.69
C SER C 67 35.89 -13.20 36.32
N ASN C 68 36.04 -13.52 37.60
CA ASN C 68 34.95 -14.20 38.29
C ASN C 68 33.89 -13.21 38.73
N ASP C 69 34.31 -12.03 39.19
CA ASP C 69 33.36 -11.00 39.59
C ASP C 69 32.33 -10.75 38.51
N ASN C 70 32.77 -10.62 37.27
CA ASN C 70 31.91 -10.23 36.17
C ASN C 70 31.30 -11.42 35.46
N ALA C 71 31.47 -12.63 35.98
CA ALA C 71 30.84 -13.80 35.41
C ALA C 71 29.32 -13.70 35.52
N TYR C 72 28.63 -14.14 34.47
CA TYR C 72 27.18 -14.15 34.46
C TYR C 72 26.67 -15.12 33.43
N PHE C 73 25.38 -15.42 33.51
CA PHE C 73 24.74 -16.32 32.58
C PHE C 73 23.33 -15.81 32.35
N GLY C 74 22.75 -16.10 31.20
CA GLY C 74 21.40 -15.62 30.97
C GLY C 74 21.10 -15.44 29.51
N TYR C 75 19.87 -15.03 29.23
CA TYR C 75 19.35 -15.02 27.88
C TYR C 75 19.01 -13.58 27.48
N SER C 76 18.92 -13.35 26.18
CA SER C 76 18.68 -12.03 25.64
C SER C 76 17.69 -12.13 24.49
N THR C 77 16.54 -11.51 24.63
CA THR C 77 15.35 -11.86 23.88
C THR C 77 14.94 -10.79 22.89
N PRO C 78 14.19 -11.17 21.85
CA PRO C 78 13.72 -10.17 20.89
C PRO C 78 12.90 -9.06 21.49
N TRP C 79 12.04 -9.37 22.44
CA TRP C 79 11.09 -8.44 22.98
C TRP C 79 11.76 -7.15 23.44
N GLY C 80 11.13 -6.03 23.12
CA GLY C 80 11.60 -4.76 23.64
C GLY C 80 10.90 -4.41 24.93
N TYR C 81 11.28 -3.34 25.63
CA TYR C 81 10.50 -2.95 26.79
C TYR C 81 10.62 -1.46 27.01
N PHE C 82 9.56 -0.86 27.53
CA PHE C 82 9.53 0.57 27.80
C PHE C 82 10.09 0.88 29.18
N ASP C 83 10.85 1.96 29.28
CA ASP C 83 11.31 2.43 30.58
C ASP C 83 11.01 3.92 30.70
N PHE C 84 10.05 4.25 31.55
CA PHE C 84 9.83 5.61 32.03
C PHE C 84 10.33 5.83 33.44
N ASN C 85 11.11 4.91 33.99
CA ASN C 85 11.40 4.90 35.42
C ASN C 85 12.07 6.17 35.91
N ARG C 86 12.44 7.10 35.03
CA ARG C 86 13.27 8.21 35.46
C ARG C 86 12.44 9.47 35.58
N PHE C 87 12.72 10.27 36.62
CA PHE C 87 11.94 11.48 36.86
C PHE C 87 11.88 12.38 35.64
N HIS C 88 13.02 12.58 34.97
CA HIS C 88 13.04 13.58 33.93
C HIS C 88 12.06 13.27 32.81
N CYS C 89 11.55 12.04 32.76
CA CYS C 89 10.56 11.71 31.76
C CYS C 89 9.24 12.39 32.02
N HIS C 90 8.71 12.26 33.23
CA HIS C 90 7.41 12.85 33.55
C HIS C 90 7.46 14.34 33.86
N PHE C 91 8.43 14.80 34.63
CA PHE C 91 8.49 16.19 35.05
C PHE C 91 9.37 16.99 34.12
N SER C 92 8.89 18.15 33.76
CA SER C 92 9.61 19.15 32.99
C SER C 92 10.31 20.14 33.91
N PRO C 93 11.55 20.49 33.60
CA PRO C 93 12.37 21.21 34.59
C PRO C 93 11.70 22.42 35.21
N ARG C 94 10.67 22.97 34.57
CA ARG C 94 9.81 23.89 35.30
C ARG C 94 9.22 23.22 36.52
N ASP C 95 8.35 22.23 36.30
CA ASP C 95 7.68 21.59 37.43
C ASP C 95 8.66 21.19 38.51
N TRP C 96 9.70 20.46 38.15
CA TRP C 96 10.60 19.93 39.16
C TRP C 96 11.21 21.06 39.98
N GLN C 97 11.07 22.30 39.50
CA GLN C 97 11.23 23.45 40.38
C GLN C 97 9.99 23.68 41.21
N ARG C 98 8.88 24.02 40.54
CA ARG C 98 7.61 24.27 41.25
C ARG C 98 7.26 23.12 42.17
N LEU C 99 7.69 21.92 41.78
CA LEU C 99 7.49 20.72 42.59
C LEU C 99 8.30 20.70 43.89
N ILE C 100 9.55 21.17 43.85
CA ILE C 100 10.41 21.14 45.04
C ILE C 100 10.32 22.35 45.96
N ASN C 101 10.39 23.56 45.42
CA ASN C 101 10.31 24.77 46.23
C ASN C 101 9.13 24.76 47.18
N ASN C 102 7.96 24.40 46.70
CA ASN C 102 6.71 24.72 47.38
C ASN C 102 6.21 23.61 48.29
N ASN C 103 6.97 22.52 48.48
CA ASN C 103 6.37 21.30 49.02
C ASN C 103 7.28 20.55 49.97
N TRP C 104 6.67 20.00 51.03
CA TRP C 104 7.38 19.19 52.01
C TRP C 104 7.37 17.71 51.70
N GLY C 105 6.87 17.31 50.55
CA GLY C 105 7.14 15.96 50.11
C GLY C 105 6.00 15.46 49.26
N PHE C 106 6.20 14.26 48.73
CA PHE C 106 5.26 13.75 47.74
C PHE C 106 5.39 12.23 47.66
N ARG C 107 4.64 11.67 46.74
CA ARG C 107 4.64 10.26 46.39
C ARG C 107 3.65 10.07 45.25
N PRO C 108 3.78 9.02 44.46
CA PRO C 108 2.84 8.78 43.38
C PRO C 108 1.57 8.11 43.87
N LYS C 109 0.50 8.25 43.09
CA LYS C 109 -0.73 7.50 43.34
C LYS C 109 -1.08 6.60 42.17
N ARG C 110 -1.46 7.20 41.05
CA ARG C 110 -1.89 6.41 39.90
C ARG C 110 -1.16 6.72 38.62
N LEU C 111 -0.68 5.68 37.95
CA LEU C 111 0.03 5.81 36.69
C LEU C 111 -0.84 5.24 35.61
N ASN C 112 -1.03 5.98 34.54
CA ASN C 112 -1.82 5.49 33.43
C ASN C 112 -0.96 5.48 32.18
N PHE C 113 -0.92 4.36 31.48
CA PHE C 113 -0.09 4.25 30.29
C PHE C 113 -0.85 3.78 29.06
N LYS C 114 -0.63 4.47 27.94
CA LYS C 114 -1.29 4.16 26.68
C LYS C 114 -0.24 3.96 25.60
N LEU C 115 -0.66 3.47 24.44
CA LEU C 115 0.22 3.22 23.32
C LEU C 115 -0.63 3.10 22.09
N PHE C 116 -0.41 3.98 21.11
CA PHE C 116 -1.32 4.06 19.97
C PHE C 116 -0.55 4.39 18.70
N ASN C 117 -1.30 4.45 17.60
CA ASN C 117 -0.80 4.80 16.28
C ASN C 117 0.36 3.92 15.85
N ILE C 118 0.16 2.61 15.90
CA ILE C 118 1.19 1.70 15.41
C ILE C 118 1.36 1.89 13.91
N GLN C 119 2.60 1.77 13.44
CA GLN C 119 2.90 1.77 12.01
C GLN C 119 3.98 0.73 11.79
N VAL C 120 3.93 0.03 10.67
CA VAL C 120 4.91 -1.00 10.40
C VAL C 120 5.58 -0.78 9.06
N LYS C 121 6.89 -0.62 9.07
CA LYS C 121 7.64 -0.39 7.85
C LYS C 121 8.52 -1.58 7.55
N GLU C 122 8.52 -2.03 6.31
CA GLU C 122 9.34 -3.18 5.91
C GLU C 122 10.50 -2.75 5.04
N VAL C 123 11.68 -2.61 5.65
CA VAL C 123 12.87 -2.19 4.92
C VAL C 123 13.21 -3.21 3.83
N THR C 124 13.54 -2.72 2.65
CA THR C 124 13.92 -3.55 1.52
C THR C 124 15.33 -3.19 1.12
N ASP C 125 16.22 -4.17 0.99
CA ASP C 125 17.59 -3.84 0.62
C ASP C 125 17.98 -4.35 -0.77
N ASN C 126 18.26 -3.41 -1.66
CA ASN C 126 18.69 -3.71 -3.02
C ASN C 126 20.20 -3.78 -3.09
N ASN C 127 20.73 -3.90 -4.31
CA ASN C 127 22.18 -3.95 -4.48
C ASN C 127 22.84 -2.74 -3.82
N GLY C 128 22.30 -1.55 -4.06
CA GLY C 128 22.83 -0.36 -3.44
C GLY C 128 21.83 0.51 -2.69
N VAL C 129 20.56 0.09 -2.66
CA VAL C 129 19.50 0.88 -2.01
C VAL C 129 18.55 0.05 -1.14
N LYS C 130 17.92 0.72 -0.18
CA LYS C 130 16.95 0.09 0.72
C LYS C 130 15.75 1.02 0.89
N THR C 131 14.64 0.69 0.24
CA THR C 131 13.45 1.52 0.25
C THR C 131 12.40 1.05 1.26
N ILE C 132 11.90 1.98 2.05
CA ILE C 132 10.91 1.68 3.09
C ILE C 132 9.46 1.80 2.63
N ALA C 133 8.68 0.74 2.82
CA ALA C 133 7.28 0.73 2.41
C ALA C 133 6.44 0.12 3.52
N ASN C 134 5.22 0.60 3.69
CA ASN C 134 4.34 0.09 4.72
C ASN C 134 3.81 -1.30 4.45
N ASN C 135 3.71 -2.10 5.50
CA ASN C 135 3.15 -3.43 5.40
C ASN C 135 1.98 -3.25 6.34
N LEU C 136 0.83 -2.94 5.77
CA LEU C 136 -0.34 -2.58 6.56
C LEU C 136 -0.77 -3.73 7.45
N THR C 137 -0.88 -4.92 6.89
CA THR C 137 -1.38 -6.09 7.58
C THR C 137 -0.49 -6.56 8.72
N SER C 138 0.79 -6.21 8.72
CA SER C 138 1.71 -6.67 9.74
C SER C 138 1.31 -6.17 11.12
N THR C 139 1.75 -6.89 12.14
CA THR C 139 1.23 -6.73 13.49
C THR C 139 2.36 -6.49 14.47
N VAL C 140 1.99 -6.09 15.68
CA VAL C 140 2.91 -5.83 16.77
C VAL C 140 2.32 -6.42 18.04
N GLN C 141 3.11 -7.20 18.78
CA GLN C 141 2.65 -7.84 19.99
C GLN C 141 3.07 -7.01 21.19
N VAL C 142 2.21 -6.96 22.19
CA VAL C 142 2.51 -6.22 23.41
C VAL C 142 1.80 -6.90 24.58
N PHE C 143 2.44 -6.90 25.74
CA PHE C 143 1.77 -7.32 26.96
C PHE C 143 2.50 -6.71 28.14
N THR C 144 1.85 -6.78 29.29
CA THR C 144 2.38 -6.26 30.55
C THR C 144 2.36 -7.37 31.58
N ASP C 145 3.40 -7.47 32.38
CA ASP C 145 3.43 -8.49 33.40
C ASP C 145 2.80 -7.89 34.64
N SER C 146 1.55 -8.26 34.90
CA SER C 146 0.85 -7.79 36.06
C SER C 146 0.93 -8.74 37.24
N ASP C 147 1.34 -9.97 37.02
CA ASP C 147 1.56 -10.91 38.09
C ASP C 147 3.02 -11.03 38.48
N TYR C 148 3.89 -10.26 37.84
CA TYR C 148 5.29 -10.20 38.23
C TYR C 148 5.94 -11.55 38.12
N GLN C 149 5.67 -12.22 37.01
CA GLN C 149 6.16 -13.55 36.74
C GLN C 149 7.57 -13.58 36.17
N LEU C 150 7.90 -12.69 35.26
CA LEU C 150 9.20 -12.53 34.62
C LEU C 150 10.19 -11.89 35.58
N PRO C 151 11.47 -11.90 35.25
CA PRO C 151 12.42 -11.11 36.02
C PRO C 151 12.14 -9.64 35.77
N TYR C 152 12.59 -8.79 36.67
CA TYR C 152 12.24 -7.38 36.64
C TYR C 152 13.52 -6.59 36.48
N VAL C 153 13.72 -6.00 35.31
CA VAL C 153 14.96 -5.31 34.99
C VAL C 153 14.94 -3.85 35.38
N LEU C 154 13.77 -3.28 35.61
CA LEU C 154 13.68 -1.84 35.84
C LEU C 154 14.38 -1.39 37.11
N GLY C 155 14.84 -2.32 37.95
CA GLY C 155 15.43 -1.94 39.20
C GLY C 155 16.93 -1.81 39.16
N SER C 156 17.53 -1.92 37.98
CA SER C 156 18.98 -1.76 37.88
C SER C 156 19.39 -0.40 37.38
N ALA C 157 18.46 0.51 37.15
CA ALA C 157 18.79 1.85 36.67
C ALA C 157 19.50 1.81 35.32
N HIS C 158 18.93 1.08 34.38
CA HIS C 158 19.45 0.93 33.04
C HIS C 158 19.22 2.16 32.19
N GLU C 159 19.93 2.22 31.07
CA GLU C 159 19.72 3.23 30.05
C GLU C 159 18.40 2.96 29.34
N GLY C 160 18.05 3.80 28.39
CA GLY C 160 16.88 3.58 27.58
C GLY C 160 15.61 4.20 28.10
N CYS C 161 15.70 5.23 28.91
CA CYS C 161 14.53 5.96 29.35
C CYS C 161 13.85 6.61 28.16
N LEU C 162 12.57 6.91 28.32
CA LEU C 162 11.96 7.89 27.46
C LEU C 162 12.84 9.13 27.51
N PRO C 163 13.02 9.85 26.41
CA PRO C 163 13.90 10.98 26.45
C PRO C 163 13.26 12.11 27.24
N PRO C 164 14.05 13.03 27.78
CA PRO C 164 13.48 14.14 28.54
C PRO C 164 12.80 15.18 27.69
N PHE C 165 13.18 15.33 26.47
CA PHE C 165 12.71 16.44 25.68
C PHE C 165 11.75 15.96 24.64
N PRO C 166 10.47 16.34 24.71
CA PRO C 166 9.42 15.55 24.05
C PRO C 166 9.63 15.35 22.56
N ALA C 167 10.25 16.30 21.86
CA ALA C 167 10.38 16.15 20.43
C ALA C 167 11.40 15.09 20.06
N ASP C 168 12.10 14.52 21.03
CA ASP C 168 13.04 13.46 20.73
C ASP C 168 12.28 12.19 20.36
N VAL C 169 12.94 11.28 19.65
CA VAL C 169 12.33 10.04 19.21
C VAL C 169 13.21 8.88 19.62
N PHE C 170 12.77 8.11 20.60
CA PHE C 170 13.68 7.24 21.32
C PHE C 170 13.52 5.81 20.87
N MET C 171 14.64 5.10 20.85
CA MET C 171 14.69 3.72 20.44
C MET C 171 14.44 2.85 21.65
N ILE C 172 13.63 1.80 21.49
CA ILE C 172 13.25 0.96 22.62
C ILE C 172 14.37 -0.03 22.94
N PRO C 173 14.68 -0.24 24.22
CA PRO C 173 15.75 -1.17 24.58
C PRO C 173 15.32 -2.63 24.53
N GLN C 174 16.31 -3.49 24.34
CA GLN C 174 16.09 -4.93 24.26
C GLN C 174 15.79 -5.49 25.63
N TYR C 175 15.24 -6.70 25.68
CA TYR C 175 14.97 -7.31 26.97
C TYR C 175 15.76 -8.59 27.17
N GLY C 176 16.63 -8.59 28.16
CA GLY C 176 17.40 -9.77 28.51
C GLY C 176 17.62 -9.80 30.01
N TYR C 177 18.00 -10.96 30.51
CA TYR C 177 17.95 -11.14 31.96
C TYR C 177 18.99 -12.13 32.41
N LEU C 178 19.55 -11.89 33.59
CA LEU C 178 20.55 -12.77 34.14
C LEU C 178 19.91 -13.80 35.05
N THR C 179 20.46 -14.99 35.05
CA THR C 179 19.97 -16.05 35.89
C THR C 179 21.16 -16.63 36.66
N LEU C 180 20.97 -17.71 37.41
CA LEU C 180 22.04 -18.18 38.27
C LEU C 180 23.15 -18.80 37.45
N ASN C 181 24.37 -18.75 37.98
CA ASN C 181 25.56 -19.06 37.23
C ASN C 181 26.65 -19.60 38.13
N ASP C 182 27.47 -20.49 37.57
CA ASP C 182 28.74 -20.89 38.15
C ASP C 182 29.78 -20.76 37.06
N GLY C 183 30.70 -19.82 37.23
CA GLY C 183 31.45 -19.38 36.08
C GLY C 183 30.47 -18.91 35.03
N SER C 184 30.72 -19.28 33.78
CA SER C 184 29.80 -19.02 32.69
C SER C 184 28.75 -20.11 32.53
N GLN C 185 28.88 -21.20 33.25
CA GLN C 185 27.93 -22.30 33.20
C GLN C 185 26.79 -22.07 34.18
N ALA C 186 25.62 -22.59 33.83
CA ALA C 186 24.45 -22.47 34.66
C ALA C 186 24.52 -23.41 35.84
N VAL C 187 23.41 -23.52 36.56
CA VAL C 187 23.14 -24.66 37.42
C VAL C 187 21.72 -25.08 37.12
N GLY C 188 21.38 -26.31 37.46
CA GLY C 188 20.07 -26.82 37.12
C GLY C 188 18.94 -25.94 37.61
N ARG C 189 19.15 -25.21 38.69
CA ARG C 189 18.17 -24.26 39.17
C ARG C 189 18.05 -23.03 38.29
N SER C 190 19.11 -22.66 37.58
CA SER C 190 19.03 -21.52 36.67
C SER C 190 17.93 -21.75 35.67
N SER C 191 16.97 -20.83 35.65
CA SER C 191 15.77 -21.00 34.85
C SER C 191 15.71 -20.00 33.72
N PHE C 192 14.96 -20.36 32.70
CA PHE C 192 14.88 -19.69 31.40
C PHE C 192 13.42 -19.41 31.08
N TYR C 193 13.07 -18.13 30.97
CA TYR C 193 11.68 -17.76 30.66
C TYR C 193 11.58 -17.50 29.17
N CYS C 194 10.53 -18.04 28.55
CA CYS C 194 10.21 -17.77 27.15
C CYS C 194 8.99 -16.88 27.07
N LEU C 195 9.20 -15.62 26.72
CA LEU C 195 8.12 -14.67 26.82
C LEU C 195 6.91 -15.04 25.97
N GLU C 196 7.10 -15.77 24.89
CA GLU C 196 5.96 -16.06 24.03
C GLU C 196 4.90 -16.87 24.74
N TYR C 197 5.22 -17.41 25.89
CA TYR C 197 4.34 -18.29 26.62
C TYR C 197 3.40 -17.52 27.52
N PHE C 198 3.49 -16.11 27.54
CA PHE C 198 2.67 -15.07 28.16
C PHE C 198 1.65 -14.52 27.17
N PRO C 199 0.41 -14.39 27.58
CA PRO C 199 -0.62 -13.91 26.68
C PRO C 199 -0.43 -12.43 26.41
N SER C 200 -0.51 -12.06 25.15
CA SER C 200 -0.22 -10.70 24.76
C SER C 200 -1.25 -10.25 23.74
N GLN C 201 -1.26 -8.96 23.46
CA GLN C 201 -2.20 -8.39 22.53
C GLN C 201 -1.50 -8.16 21.20
N MET C 202 -2.23 -8.32 20.10
CA MET C 202 -1.67 -8.13 18.77
C MET C 202 -2.32 -6.93 18.11
N LEU C 203 -1.49 -6.01 17.64
CA LEU C 203 -1.92 -4.69 17.20
C LEU C 203 -1.54 -4.50 15.74
N ARG C 204 -2.53 -4.40 14.87
CA ARG C 204 -2.22 -3.97 13.53
C ARG C 204 -2.19 -2.45 13.50
N THR C 205 -2.15 -1.87 12.31
CA THR C 205 -1.94 -0.44 12.23
C THR C 205 -3.09 0.36 12.79
N GLY C 206 -4.20 -0.28 13.16
CA GLY C 206 -5.28 0.51 13.71
C GLY C 206 -5.52 0.42 15.18
N ASN C 207 -5.01 -0.59 15.84
CA ASN C 207 -5.33 -0.85 17.23
C ASN C 207 -4.44 -0.07 18.20
N ASN C 208 -4.94 0.12 19.41
CA ASN C 208 -4.19 0.75 20.49
C ASN C 208 -4.17 -0.14 21.73
N PHE C 209 -3.34 0.21 22.68
CA PHE C 209 -3.17 -0.56 23.91
C PHE C 209 -3.01 0.37 25.08
N GLN C 210 -3.81 0.18 26.13
CA GLN C 210 -3.78 1.07 27.28
C GLN C 210 -4.14 0.31 28.54
N PHE C 211 -3.49 0.63 29.65
CA PHE C 211 -3.96 0.12 30.93
C PHE C 211 -3.79 1.18 31.99
N SER C 212 -4.22 0.86 33.21
CA SER C 212 -4.02 1.72 34.36
C SER C 212 -3.36 0.95 35.49
N TYR C 213 -2.83 1.68 36.47
CA TYR C 213 -2.12 1.09 37.59
C TYR C 213 -2.51 1.86 38.84
N GLU C 214 -2.19 1.31 40.01
CA GLU C 214 -2.41 1.97 41.29
C GLU C 214 -1.19 1.78 42.18
N PHE C 215 -0.49 2.86 42.50
CA PHE C 215 0.70 2.72 43.32
C PHE C 215 0.33 2.30 44.73
N GLU C 216 0.92 1.20 45.17
CA GLU C 216 0.64 0.77 46.52
C GLU C 216 1.16 1.79 47.52
N ASN C 217 0.40 1.98 48.59
CA ASN C 217 0.66 3.07 49.50
C ASN C 217 2.07 2.97 50.06
N VAL C 218 2.86 4.02 49.89
CA VAL C 218 4.22 4.07 50.40
C VAL C 218 4.36 5.35 51.21
N PRO C 219 5.41 5.46 52.02
CA PRO C 219 5.68 6.74 52.67
C PRO C 219 5.87 7.82 51.63
N PHE C 220 5.43 9.02 51.97
CA PHE C 220 5.78 10.18 51.16
C PHE C 220 7.29 10.26 51.02
N HIS C 221 7.77 10.76 49.90
CA HIS C 221 9.17 11.12 49.87
C HIS C 221 9.37 12.37 50.70
N SER C 222 10.46 12.42 51.44
CA SER C 222 10.73 13.55 52.33
C SER C 222 11.59 14.56 51.57
N SER C 223 11.01 15.71 51.24
CA SER C 223 11.77 16.77 50.61
C SER C 223 11.91 17.91 51.62
N TYR C 224 13.06 17.96 52.28
CA TYR C 224 13.40 19.00 53.22
C TYR C 224 14.75 18.74 53.86
N ALA C 225 15.39 19.77 54.39
CA ALA C 225 16.67 19.67 55.04
C ALA C 225 16.55 20.18 56.47
N HIS C 226 16.79 19.29 57.42
CA HIS C 226 16.61 19.64 58.81
C HIS C 226 17.45 20.84 59.18
N SER C 227 16.80 21.86 59.70
CA SER C 227 17.48 23.06 60.14
C SER C 227 18.29 22.83 61.40
N GLN C 228 17.93 21.84 62.19
CA GLN C 228 18.44 21.68 63.54
C GLN C 228 19.13 20.34 63.65
N SER C 229 20.42 20.35 63.95
CA SER C 229 21.20 19.12 63.98
C SER C 229 20.81 18.24 65.16
N LEU C 230 20.97 16.92 64.95
CA LEU C 230 20.50 15.93 65.92
C LEU C 230 21.09 16.14 67.30
N ASP C 231 22.35 16.54 67.37
CA ASP C 231 22.98 16.67 68.68
C ASP C 231 22.60 17.96 69.38
N ARG C 232 21.74 18.75 68.77
CA ARG C 232 21.25 19.98 69.36
C ARG C 232 19.74 19.92 69.57
N TYR C 276 18.48 11.06 71.34
CA TYR C 276 18.66 10.10 70.26
C TYR C 276 20.04 10.15 69.68
N ILE C 277 20.23 9.46 68.57
CA ILE C 277 21.57 9.22 68.04
C ILE C 277 21.50 9.19 66.52
N PRO C 278 22.63 9.42 65.84
CA PRO C 278 22.64 9.36 64.38
C PRO C 278 22.52 7.94 63.86
N GLY C 279 22.25 7.85 62.56
CA GLY C 279 21.94 6.57 61.94
C GLY C 279 23.16 5.80 61.47
N PRO C 280 22.92 4.66 60.82
CA PRO C 280 24.01 3.73 60.52
C PRO C 280 24.99 4.28 59.50
N SER C 281 26.17 3.65 59.46
CA SER C 281 27.31 4.18 58.73
C SER C 281 28.18 3.05 58.21
N TYR C 282 28.67 3.21 56.98
CA TYR C 282 29.62 2.27 56.37
C TYR C 282 30.65 3.06 55.57
N ARG C 283 31.91 3.05 55.98
CA ARG C 283 32.81 4.12 55.55
C ARG C 283 33.10 4.01 54.06
N GLN C 284 33.58 5.10 53.47
CA GLN C 284 33.93 5.21 52.06
C GLN C 284 35.21 6.01 51.89
N GLN C 285 36.12 5.47 51.08
CA GLN C 285 37.40 6.13 50.84
C GLN C 285 37.22 7.47 50.16
N ARG C 286 37.81 8.51 50.75
CA ARG C 286 37.56 9.91 50.39
C ARG C 286 38.44 10.35 49.23
N VAL C 287 37.82 10.73 48.12
CA VAL C 287 38.55 11.08 46.91
C VAL C 287 38.33 12.55 46.62
N SER C 288 39.41 13.24 46.26
CA SER C 288 39.44 14.69 46.20
C SER C 288 39.49 15.18 44.77
N THR C 289 38.62 16.13 44.44
CA THR C 289 38.62 16.70 43.10
C THR C 289 39.81 17.61 42.88
N THR C 290 40.64 17.79 43.90
CA THR C 290 41.95 18.36 43.66
C THR C 290 42.95 17.22 43.55
N VAL C 291 43.44 16.98 42.33
CA VAL C 291 44.06 15.70 42.06
C VAL C 291 45.52 15.70 42.46
N THR C 292 45.96 16.76 43.12
CA THR C 292 47.33 16.78 43.63
C THR C 292 47.25 16.24 45.06
N GLN C 293 46.14 16.54 45.74
CA GLN C 293 45.91 16.09 47.10
C GLN C 293 45.82 14.56 47.19
N ASN C 294 45.17 13.95 46.21
CA ASN C 294 45.00 12.51 46.20
C ASN C 294 46.33 11.78 46.10
N ASN C 295 46.44 10.66 46.79
CA ASN C 295 47.66 9.87 46.80
C ASN C 295 47.93 9.37 45.38
N ASN C 296 49.19 9.37 44.98
CA ASN C 296 49.56 8.91 43.64
C ASN C 296 49.72 7.39 43.61
N SER C 297 48.60 6.69 43.65
CA SER C 297 48.61 5.24 43.63
C SER C 297 47.33 4.73 43.00
N GLU C 298 47.34 3.51 42.49
CA GLU C 298 46.15 2.96 41.86
C GLU C 298 45.22 2.35 42.89
N PHE C 299 44.51 3.23 43.59
CA PHE C 299 43.58 2.82 44.64
C PHE C 299 42.13 2.81 44.19
N ALA C 300 41.91 2.97 42.89
CA ALA C 300 40.54 3.04 42.39
C ALA C 300 39.72 1.79 42.67
N TRP C 301 40.31 0.61 42.50
CA TRP C 301 39.56 -0.61 42.78
C TRP C 301 39.79 -1.15 44.18
N PRO C 302 41.07 -1.20 44.61
CA PRO C 302 41.44 -1.72 45.92
C PRO C 302 40.87 -0.92 47.08
N GLY C 303 40.84 0.40 46.95
CA GLY C 303 40.31 1.26 47.98
C GLY C 303 38.83 1.14 48.32
N ALA C 304 38.00 0.96 47.31
CA ALA C 304 36.55 0.89 47.51
C ALA C 304 36.04 -0.24 48.38
N SER C 305 35.08 0.11 49.24
CA SER C 305 34.44 -0.85 50.12
C SER C 305 33.56 -1.72 49.23
N SER C 306 33.44 -3.00 49.54
CA SER C 306 32.64 -3.85 48.67
C SER C 306 31.95 -5.03 49.34
N TRP C 307 30.62 -4.98 49.36
CA TRP C 307 29.83 -6.07 49.90
C TRP C 307 29.98 -7.27 48.99
N ALA C 308 30.17 -8.43 49.60
CA ALA C 308 30.61 -9.64 48.93
C ALA C 308 29.53 -10.70 49.00
N LEU C 309 29.35 -11.44 47.91
CA LEU C 309 28.34 -12.49 47.83
C LEU C 309 28.86 -13.65 47.00
N ASN C 310 28.73 -14.86 47.53
CA ASN C 310 28.95 -16.09 46.77
C ASN C 310 30.36 -16.14 46.19
N GLY C 311 31.27 -15.41 46.81
CA GLY C 311 32.62 -15.37 46.31
C GLY C 311 32.86 -14.40 45.19
N ARG C 312 32.03 -13.37 45.05
CA ARG C 312 32.24 -12.35 44.05
C ARG C 312 32.02 -10.99 44.67
N ASN C 313 33.07 -10.16 44.65
CA ASN C 313 33.05 -8.85 45.29
C ASN C 313 32.36 -7.83 44.41
N SER C 314 31.28 -7.26 44.91
CA SER C 314 30.53 -6.25 44.21
C SER C 314 30.70 -4.90 44.91
N LEU C 315 31.05 -3.89 44.13
CA LEU C 315 31.29 -2.56 44.69
C LEU C 315 30.05 -2.04 45.40
N MET C 316 30.26 -1.22 46.44
CA MET C 316 29.14 -0.73 47.25
C MET C 316 28.64 0.54 46.58
N ASN C 317 27.53 0.39 45.89
CA ASN C 317 27.01 1.44 45.07
C ASN C 317 25.57 1.77 45.41
N PRO C 318 25.32 2.99 45.87
CA PRO C 318 26.21 3.89 46.59
C PRO C 318 26.39 3.44 48.02
N GLY C 319 25.44 2.67 48.53
CA GLY C 319 25.46 2.27 49.92
C GLY C 319 24.45 3.07 50.71
N PRO C 320 24.23 2.70 51.97
CA PRO C 320 23.21 3.40 52.77
C PRO C 320 23.49 4.89 52.80
N ALA C 321 22.41 5.68 52.85
CA ALA C 321 22.56 7.12 52.71
C ALA C 321 23.47 7.70 53.77
N MET C 322 24.50 8.40 53.34
CA MET C 322 25.34 9.12 54.29
C MET C 322 25.78 10.43 53.65
N ALA C 323 26.17 11.37 54.51
CA ALA C 323 26.59 12.67 54.03
C ALA C 323 27.83 12.54 53.17
N SER C 324 28.01 13.46 52.25
CA SER C 324 29.13 13.38 51.33
C SER C 324 30.43 13.71 52.02
N HIS C 325 30.44 14.77 52.80
CA HIS C 325 31.68 15.36 53.29
C HIS C 325 31.38 16.24 54.49
N LYS C 326 32.41 16.50 55.28
CA LYS C 326 32.26 17.40 56.41
C LYS C 326 31.87 18.79 55.95
N GLU C 327 31.01 19.44 56.75
CA GLU C 327 30.48 20.74 56.41
C GLU C 327 31.58 21.72 56.05
N GLY C 328 31.47 22.31 54.86
CA GLY C 328 32.44 23.28 54.43
C GLY C 328 33.51 22.77 53.50
N GLU C 329 33.74 21.47 53.44
CA GLU C 329 34.70 20.88 52.51
C GLU C 329 33.89 20.28 51.36
N ASP C 330 33.89 20.96 50.22
CA ASP C 330 33.03 20.52 49.13
C ASP C 330 33.77 19.72 48.08
N ARG C 331 35.09 19.60 48.19
CA ARG C 331 35.87 18.99 47.13
C ARG C 331 36.16 17.52 47.37
N PHE C 332 35.67 16.93 48.44
CA PHE C 332 35.86 15.50 48.70
C PHE C 332 34.53 14.81 48.46
N PHE C 333 34.59 13.54 48.09
CA PHE C 333 33.37 12.78 47.84
C PHE C 333 33.62 11.31 48.08
N PRO C 334 32.57 10.57 48.43
CA PRO C 334 32.77 9.14 48.64
C PRO C 334 33.17 8.52 47.31
N LEU C 335 34.13 7.60 47.32
CA LEU C 335 34.58 7.03 46.07
C LEU C 335 33.48 6.30 45.34
N SER C 336 32.69 5.53 46.07
CA SER C 336 31.59 4.80 45.45
C SER C 336 30.25 5.23 46.01
N GLY C 337 30.29 6.10 47.02
CA GLY C 337 29.09 6.57 47.70
C GLY C 337 28.02 7.33 46.96
N SER C 338 28.41 8.23 46.07
CA SER C 338 27.44 9.06 45.37
C SER C 338 27.33 8.82 43.88
N LEU C 339 26.11 8.91 43.38
CA LEU C 339 25.84 8.73 41.96
C LEU C 339 26.55 9.82 41.19
N ILE C 340 27.15 9.47 40.06
CA ILE C 340 27.87 10.42 39.25
C ILE C 340 27.29 10.42 37.85
N PHE C 341 26.33 11.30 37.60
CA PHE C 341 25.67 11.35 36.31
C PHE C 341 26.62 11.86 35.25
N GLY C 342 26.52 11.30 34.06
CA GLY C 342 27.23 11.81 32.93
C GLY C 342 26.61 13.07 32.37
N LYS C 343 27.45 14.07 32.12
CA LYS C 343 27.01 15.27 31.43
C LYS C 343 26.66 14.94 29.99
N GLN C 344 25.90 15.83 29.36
CA GLN C 344 25.56 15.61 27.97
C GLN C 344 26.78 15.77 27.09
N GLY C 345 26.92 14.89 26.11
CA GLY C 345 28.10 14.87 25.28
C GLY C 345 29.21 13.99 25.79
N THR C 346 29.09 13.46 27.00
CA THR C 346 30.12 12.62 27.58
C THR C 346 30.18 11.27 26.87
N GLY C 347 31.40 10.80 26.61
CA GLY C 347 31.57 9.51 26.00
C GLY C 347 31.30 8.37 26.97
N ARG C 348 31.62 7.16 26.54
CA ARG C 348 31.38 6.01 27.40
C ARG C 348 32.54 5.76 28.36
N ASP C 349 33.78 5.83 27.89
CA ASP C 349 34.89 5.21 28.61
C ASP C 349 35.97 6.19 29.02
N ASN C 350 36.59 5.91 30.16
CA ASN C 350 37.82 6.56 30.60
C ASN C 350 37.71 8.07 30.55
N VAL C 351 36.51 8.59 30.77
CA VAL C 351 36.32 10.03 30.73
C VAL C 351 37.06 10.68 31.90
N ASP C 352 37.33 11.97 31.75
CA ASP C 352 37.94 12.70 32.84
C ASP C 352 36.90 13.60 33.52
N ALA C 353 37.37 14.35 34.51
CA ALA C 353 36.52 14.75 35.63
C ALA C 353 35.32 15.58 35.20
N ASP C 354 35.53 16.61 34.38
CA ASP C 354 34.47 17.61 34.20
C ASP C 354 33.31 17.10 33.36
N LYS C 355 33.42 15.91 32.79
CA LYS C 355 32.35 15.42 31.92
C LYS C 355 31.30 14.66 32.72
N VAL C 356 31.41 14.66 34.05
CA VAL C 356 30.45 13.99 34.89
C VAL C 356 30.05 14.88 36.06
N MET C 357 28.75 15.14 36.17
CA MET C 357 28.15 15.82 37.30
C MET C 357 28.25 14.86 38.48
N ILE C 358 28.42 15.40 39.67
CA ILE C 358 28.52 14.57 40.87
C ILE C 358 27.55 15.11 41.92
N THR C 359 26.56 14.31 42.28
CA THR C 359 25.62 14.66 43.32
C THR C 359 26.32 14.75 44.68
N ASN C 360 25.66 15.41 45.63
CA ASN C 360 26.11 15.40 47.03
C ASN C 360 24.91 15.41 47.96
N GLU C 361 25.09 14.76 49.11
CA GLU C 361 24.03 14.49 50.07
C GLU C 361 23.97 15.52 51.19
N GLU C 362 24.65 16.65 51.01
CA GLU C 362 24.89 17.59 52.10
C GLU C 362 23.68 17.83 52.97
N GLU C 363 22.47 17.80 52.40
CA GLU C 363 21.30 18.22 53.18
C GLU C 363 21.07 17.32 54.38
N ILE C 364 21.56 16.08 54.34
CA ILE C 364 21.35 15.18 55.47
C ILE C 364 22.51 15.16 56.45
N LYS C 365 23.49 16.04 56.30
CA LYS C 365 24.64 15.99 57.19
C LYS C 365 24.25 16.16 58.64
N THR C 366 23.01 16.57 58.93
CA THR C 366 22.59 16.62 60.32
C THR C 366 22.41 15.23 60.90
N THR C 367 21.54 14.42 60.30
CA THR C 367 21.30 13.10 60.83
C THR C 367 22.28 12.02 60.39
N ASN C 368 22.54 11.87 59.11
CA ASN C 368 23.33 10.71 58.73
C ASN C 368 24.79 11.05 58.83
N PRO C 369 25.63 10.14 59.32
CA PRO C 369 27.04 10.48 59.54
C PRO C 369 27.81 10.54 58.23
N VAL C 370 28.92 11.28 58.24
CA VAL C 370 29.70 11.49 57.04
C VAL C 370 30.22 10.16 56.51
N ALA C 371 30.17 9.99 55.19
CA ALA C 371 30.56 8.69 54.63
C ALA C 371 32.06 8.54 54.55
N THR C 372 32.80 9.61 54.77
CA THR C 372 34.24 9.53 54.91
C THR C 372 34.71 9.53 56.35
N GLU C 373 33.81 9.48 57.33
CA GLU C 373 34.17 9.50 58.74
C GLU C 373 33.74 8.24 59.46
N SER C 374 34.38 7.98 60.59
CA SER C 374 33.97 6.89 61.46
C SER C 374 32.82 7.30 62.36
N TYR C 375 31.94 6.34 62.65
CA TYR C 375 30.74 6.65 63.39
C TYR C 375 31.04 7.06 64.84
N GLY C 376 32.27 6.84 65.30
CA GLY C 376 32.59 7.18 66.68
C GLY C 376 33.72 6.33 67.20
N GLN C 377 33.74 6.15 68.52
CA GLN C 377 34.74 5.32 69.18
C GLN C 377 34.06 4.46 70.23
N VAL C 378 34.69 3.35 70.58
CA VAL C 378 34.22 2.53 71.69
C VAL C 378 35.34 2.15 72.66
N GLY C 392 39.11 2.87 70.49
CA GLY C 392 39.19 2.35 69.14
C GLY C 392 38.01 2.74 68.27
N TRP C 393 38.31 3.02 67.00
CA TRP C 393 37.30 3.53 66.06
C TRP C 393 36.35 2.43 65.61
N VAL C 394 35.19 2.83 65.10
CA VAL C 394 34.20 1.91 64.57
C VAL C 394 33.96 2.26 63.10
N GLN C 395 34.39 1.38 62.20
CA GLN C 395 34.30 1.70 60.80
C GLN C 395 32.92 1.43 60.23
N ASN C 396 32.26 0.36 60.63
CA ASN C 396 30.88 0.12 60.23
C ASN C 396 30.00 -0.03 61.45
N GLN C 397 28.74 0.36 61.33
CA GLN C 397 27.78 0.27 62.43
C GLN C 397 26.42 -0.13 61.90
N GLY C 398 25.84 -1.16 62.48
CA GLY C 398 24.49 -1.52 62.14
C GLY C 398 23.49 -0.74 62.96
N ILE C 399 22.21 -1.09 62.79
CA ILE C 399 21.14 -0.37 63.44
C ILE C 399 21.14 -0.61 64.94
N LEU C 400 21.21 0.44 65.70
CA LEU C 400 20.84 0.35 67.10
C LEU C 400 19.38 0.73 67.27
N PRO C 401 18.73 0.36 68.36
CA PRO C 401 17.44 0.97 68.66
C PRO C 401 17.62 2.47 68.87
N GLY C 402 16.55 3.21 68.67
CA GLY C 402 16.59 4.64 68.87
C GLY C 402 17.44 5.42 67.90
N MET C 403 17.84 4.83 66.77
CA MET C 403 18.48 5.59 65.71
C MET C 403 17.47 6.39 64.92
N VAL C 404 17.96 7.38 64.18
CA VAL C 404 17.17 8.10 63.19
C VAL C 404 18.07 8.36 61.98
N TRP C 405 17.45 8.40 60.81
CA TRP C 405 18.19 8.65 59.58
C TRP C 405 17.22 9.15 58.53
N GLN C 406 17.76 9.68 57.44
CA GLN C 406 16.98 10.03 56.26
C GLN C 406 17.58 9.41 55.01
N ASP C 407 16.72 8.97 54.10
CA ASP C 407 17.11 8.25 52.90
C ASP C 407 17.74 9.18 51.88
N ARG C 408 18.23 8.58 50.79
CA ARG C 408 18.95 9.32 49.77
C ARG C 408 17.98 10.13 48.95
N ASP C 409 18.49 11.16 48.29
CA ASP C 409 17.68 12.19 47.69
C ASP C 409 17.42 11.87 46.22
N VAL C 410 16.16 11.95 45.82
CA VAL C 410 15.78 11.72 44.43
C VAL C 410 16.15 12.93 43.58
N TYR C 411 16.68 12.68 42.39
CA TYR C 411 17.16 13.71 41.50
C TYR C 411 16.32 13.74 40.23
N LEU C 412 16.38 14.87 39.52
CA LEU C 412 15.65 15.00 38.27
C LEU C 412 16.01 13.90 37.29
N GLN C 413 17.26 13.48 37.27
CA GLN C 413 17.60 12.42 36.35
C GLN C 413 17.49 11.04 36.95
N GLY C 414 17.19 10.94 38.23
CA GLY C 414 17.30 9.69 38.94
C GLY C 414 16.10 8.79 38.73
N PRO C 415 16.17 7.60 39.28
CA PRO C 415 15.07 6.66 39.16
C PRO C 415 13.87 7.07 40.00
N ILE C 416 12.75 6.41 39.74
CA ILE C 416 11.52 6.66 40.48
C ILE C 416 11.20 5.46 41.36
N TRP C 417 11.05 4.27 40.79
CA TRP C 417 10.83 3.11 41.62
C TRP C 417 11.82 2.00 41.34
N ALA C 418 11.84 1.06 42.27
CA ALA C 418 12.52 -0.22 42.11
C ALA C 418 11.69 -1.27 42.82
N LYS C 419 11.98 -2.53 42.57
CA LYS C 419 11.15 -3.58 43.14
C LYS C 419 11.83 -4.25 44.32
N ILE C 420 11.19 -4.15 45.47
CA ILE C 420 11.66 -4.88 46.65
C ILE C 420 11.73 -6.36 46.31
N PRO C 421 12.89 -6.99 46.36
CA PRO C 421 12.98 -8.40 46.00
C PRO C 421 12.06 -9.23 46.84
N HIS C 422 11.71 -10.41 46.36
CA HIS C 422 10.76 -11.25 47.06
C HIS C 422 11.54 -12.14 48.01
N THR C 423 11.38 -11.90 49.30
CA THR C 423 12.15 -12.61 50.32
C THR C 423 11.23 -13.02 51.46
N ASP C 424 11.82 -13.70 52.46
CA ASP C 424 11.10 -13.90 53.71
C ASP C 424 11.29 -12.72 54.64
N GLY C 425 12.30 -11.89 54.39
CA GLY C 425 12.54 -10.76 55.27
C GLY C 425 13.56 -9.81 54.73
N ASN C 426 13.43 -8.55 55.17
CA ASN C 426 14.23 -7.41 54.73
C ASN C 426 14.06 -6.29 55.74
N PHE C 427 14.92 -5.27 55.65
CA PHE C 427 14.80 -4.13 56.56
C PHE C 427 14.84 -2.82 55.80
N HIS C 428 13.83 -1.98 56.03
CA HIS C 428 13.63 -0.63 55.48
C HIS C 428 13.82 -0.68 53.98
N PRO C 429 12.86 -1.23 53.28
CA PRO C 429 13.07 -1.66 51.90
C PRO C 429 13.29 -0.56 50.90
N SER C 430 13.07 0.69 51.28
CA SER C 430 13.17 1.79 50.34
C SER C 430 14.56 1.81 49.72
N PRO C 431 14.67 1.81 48.39
CA PRO C 431 15.94 1.51 47.74
C PRO C 431 17.01 2.55 48.04
N LEU C 432 18.24 2.20 47.70
CA LEU C 432 19.38 3.05 47.95
C LEU C 432 19.53 4.20 46.98
N MET C 433 19.45 3.96 45.67
CA MET C 433 19.62 5.03 44.70
C MET C 433 18.54 6.10 44.78
N GLY C 434 17.55 5.90 45.62
CA GLY C 434 16.47 6.85 45.74
C GLY C 434 15.21 6.36 45.04
N GLY C 435 14.10 6.94 45.43
CA GLY C 435 12.84 6.51 44.90
C GLY C 435 12.02 5.73 45.88
N PHE C 436 10.98 5.09 45.36
CA PHE C 436 9.94 4.47 46.16
C PHE C 436 10.00 2.95 45.97
N GLY C 437 10.45 2.24 46.99
CA GLY C 437 10.54 0.79 46.89
C GLY C 437 9.18 0.16 47.06
N MET C 438 8.92 -0.88 46.27
CA MET C 438 7.57 -1.40 46.17
C MET C 438 7.61 -2.90 46.04
N LYS C 439 6.59 -3.57 46.59
CA LYS C 439 6.50 -5.01 46.41
C LYS C 439 5.58 -5.38 45.26
N HIS C 440 4.92 -4.38 44.66
CA HIS C 440 4.19 -4.54 43.41
C HIS C 440 4.37 -3.28 42.58
N PRO C 441 5.60 -2.97 42.18
CA PRO C 441 5.83 -1.73 41.46
C PRO C 441 5.25 -1.83 40.07
N PRO C 442 5.26 -0.76 39.28
CA PRO C 442 4.51 -0.78 38.04
C PRO C 442 5.04 -1.84 37.09
N PRO C 443 4.15 -2.57 36.45
CA PRO C 443 4.57 -3.67 35.58
C PRO C 443 5.44 -3.19 34.44
N GLN C 444 6.28 -4.09 33.97
CA GLN C 444 7.01 -3.86 32.73
C GLN C 444 6.07 -4.00 31.56
N ILE C 445 6.46 -3.43 30.44
CA ILE C 445 5.69 -3.55 29.21
C ILE C 445 6.63 -4.04 28.12
N LEU C 446 6.38 -5.23 27.62
CA LEU C 446 7.24 -5.84 26.63
C LEU C 446 6.58 -5.72 25.28
N ILE C 447 7.38 -5.64 24.22
CA ILE C 447 6.83 -5.44 22.89
C ILE C 447 7.77 -6.06 21.86
N LYS C 448 7.20 -6.55 20.77
CA LYS C 448 7.99 -7.07 19.67
C LYS C 448 7.15 -7.05 18.41
N ASN C 449 7.80 -7.26 17.27
CA ASN C 449 7.10 -7.40 16.02
C ASN C 449 6.86 -8.87 15.71
N THR C 450 5.62 -9.23 15.49
CA THR C 450 5.34 -10.59 15.07
C THR C 450 5.98 -10.82 13.71
N PRO C 451 6.93 -11.75 13.60
CA PRO C 451 7.76 -11.85 12.40
C PRO C 451 6.94 -12.34 11.21
N VAL C 452 7.09 -11.65 10.09
CA VAL C 452 6.51 -12.08 8.82
C VAL C 452 7.52 -13.01 8.16
N PRO C 453 7.19 -14.28 7.94
CA PRO C 453 8.15 -15.16 7.29
C PRO C 453 8.27 -14.87 5.81
N ALA C 454 9.50 -14.92 5.33
CA ALA C 454 9.75 -14.82 3.91
C ALA C 454 9.28 -16.07 3.21
N ASP C 455 9.15 -15.97 1.89
CA ASP C 455 8.56 -17.05 1.10
C ASP C 455 9.21 -18.40 1.36
N PRO C 456 8.45 -19.41 1.73
CA PRO C 456 8.98 -20.75 1.90
C PRO C 456 9.24 -21.41 0.56
N PRO C 457 10.04 -22.46 0.53
CA PRO C 457 10.22 -23.23 -0.70
C PRO C 457 9.08 -24.22 -0.90
N THR C 458 8.78 -24.50 -2.16
CA THR C 458 7.51 -25.14 -2.48
C THR C 458 7.39 -26.55 -1.90
N ALA C 459 8.46 -27.10 -1.32
CA ALA C 459 8.40 -28.44 -0.78
C ALA C 459 8.84 -28.47 0.67
N PHE C 460 8.05 -29.15 1.49
CA PHE C 460 8.15 -29.04 2.94
C PHE C 460 9.57 -29.29 3.42
N ASN C 461 9.96 -28.60 4.49
CA ASN C 461 11.17 -28.91 5.23
C ASN C 461 10.92 -28.70 6.71
N LYS C 462 11.20 -29.72 7.52
CA LYS C 462 10.78 -29.72 8.91
C LYS C 462 11.36 -28.56 9.70
N ASP C 463 12.34 -27.88 9.13
CA ASP C 463 13.11 -26.87 9.86
C ASP C 463 12.22 -25.70 10.25
N LYS C 464 12.71 -24.91 11.20
CA LYS C 464 12.09 -23.62 11.45
C LYS C 464 12.60 -22.62 10.41
N LEU C 465 11.75 -21.66 10.03
CA LEU C 465 12.14 -20.75 8.99
C LEU C 465 13.21 -19.79 9.47
N ASN C 466 14.32 -19.73 8.75
CA ASN C 466 15.44 -18.89 9.14
C ASN C 466 15.50 -17.56 8.40
N SER C 467 14.58 -17.29 7.48
CA SER C 467 14.62 -16.07 6.67
C SER C 467 13.34 -15.27 6.87
N PHE C 468 13.49 -14.01 7.28
CA PHE C 468 12.36 -13.15 7.55
C PHE C 468 12.49 -11.84 6.80
N ILE C 469 11.40 -11.07 6.80
CA ILE C 469 11.35 -9.77 6.16
C ILE C 469 11.83 -8.73 7.15
N THR C 470 12.69 -7.83 6.71
CA THR C 470 13.33 -6.92 7.65
C THR C 470 12.39 -5.77 7.97
N GLN C 471 12.01 -5.64 9.23
CA GLN C 471 11.02 -4.65 9.61
C GLN C 471 11.47 -3.87 10.81
N TYR C 472 10.74 -2.80 11.06
CA TYR C 472 10.74 -2.09 12.32
C TYR C 472 9.38 -1.43 12.41
N SER C 473 8.95 -1.08 13.59
CA SER C 473 7.63 -0.50 13.75
C SER C 473 7.68 0.69 14.67
N THR C 474 6.95 1.73 14.32
CA THR C 474 7.00 3.00 15.01
C THR C 474 5.60 3.50 15.31
N GLY C 475 5.50 4.57 16.10
CA GLY C 475 4.23 4.91 16.71
C GLY C 475 4.30 6.04 17.72
N GLN C 476 3.43 6.05 18.72
CA GLN C 476 3.52 7.02 19.81
C GLN C 476 3.48 6.23 21.12
N VAL C 477 3.85 6.86 22.22
CA VAL C 477 3.75 6.28 23.56
C VAL C 477 3.42 7.40 24.54
N SER C 478 2.47 7.19 25.43
CA SER C 478 2.12 8.23 26.38
C SER C 478 1.74 7.66 27.74
N VAL C 479 2.14 8.36 28.78
CA VAL C 479 2.06 7.89 30.15
C VAL C 479 1.63 9.03 31.05
N GLU C 480 0.68 8.77 31.93
CA GLU C 480 0.10 9.78 32.81
C GLU C 480 0.15 9.33 34.25
N ILE C 481 0.93 10.02 35.08
CA ILE C 481 1.09 9.65 36.48
C ILE C 481 0.49 10.76 37.34
N GLU C 482 -0.06 10.37 38.49
CA GLU C 482 -0.66 11.32 39.41
C GLU C 482 0.12 11.37 40.72
N TRP C 483 0.80 12.48 40.94
CA TRP C 483 1.65 12.65 42.10
C TRP C 483 0.83 13.34 43.18
N GLU C 484 1.10 13.03 44.43
CA GLU C 484 0.40 13.64 45.54
C GLU C 484 1.39 14.41 46.40
N LEU C 485 0.97 15.53 46.96
CA LEU C 485 1.89 16.47 47.60
C LEU C 485 1.55 16.68 49.07
N GLN C 486 2.48 17.28 49.79
CA GLN C 486 2.30 17.61 51.21
C GLN C 486 2.76 19.04 51.41
N LYS C 487 1.86 19.91 51.85
CA LYS C 487 2.11 21.34 51.88
C LYS C 487 3.14 21.72 52.93
N GLU C 488 3.71 22.91 52.78
CA GLU C 488 4.66 23.45 53.74
C GLU C 488 3.96 24.29 54.81
N ASN C 489 4.05 23.85 56.06
CA ASN C 489 3.29 24.41 57.15
C ASN C 489 4.10 25.36 58.06
N SER C 490 5.37 25.63 57.74
CA SER C 490 6.31 26.21 58.69
C SER C 490 6.00 27.65 59.06
N LYS C 491 6.23 27.97 60.34
CA LYS C 491 6.14 29.31 60.91
C LYS C 491 7.48 30.04 60.96
N ARG C 492 8.52 29.49 60.33
CA ARG C 492 9.81 30.18 60.23
C ARG C 492 9.67 31.61 59.77
N TRP C 493 10.43 32.51 60.40
CA TRP C 493 10.29 33.94 60.11
C TRP C 493 11.10 34.38 58.89
N ASN C 494 12.35 33.94 58.77
CA ASN C 494 13.18 34.46 57.69
C ASN C 494 13.11 33.55 56.45
N PRO C 495 13.46 34.07 55.28
CA PRO C 495 13.17 33.35 54.03
C PRO C 495 14.01 32.10 53.83
N GLU C 496 13.57 31.29 52.87
CA GLU C 496 14.15 29.98 52.62
C GLU C 496 15.26 30.05 51.59
N ILE C 497 15.84 28.89 51.30
CA ILE C 497 16.59 28.68 50.07
C ILE C 497 15.62 28.12 49.05
N GLN C 498 15.68 28.64 47.83
CA GLN C 498 14.83 28.20 46.74
C GLN C 498 15.73 27.90 45.56
N TYR C 499 15.35 26.91 44.76
CA TYR C 499 16.15 26.62 43.58
C TYR C 499 15.71 27.47 42.42
N THR C 500 16.67 27.97 41.66
CA THR C 500 16.40 28.98 40.66
C THR C 500 17.48 28.97 39.58
N SER C 501 17.15 29.60 38.46
CA SER C 501 18.13 29.84 37.43
C SER C 501 19.02 31.00 37.84
N ASN C 502 20.17 31.10 37.19
CA ASN C 502 21.12 32.16 37.48
C ASN C 502 20.99 33.22 36.39
N TYR C 503 20.48 34.39 36.77
CA TYR C 503 20.15 35.43 35.80
C TYR C 503 21.31 35.74 34.86
N TYR C 504 22.54 35.65 35.36
CA TYR C 504 23.70 36.12 34.63
C TYR C 504 23.74 35.49 33.25
N LYS C 505 24.20 36.27 32.27
CA LYS C 505 24.14 35.88 30.88
C LYS C 505 24.98 34.65 30.61
N SER C 506 24.69 33.98 29.50
CA SER C 506 25.48 32.83 29.07
C SER C 506 25.22 32.59 27.59
N ASN C 507 26.12 31.84 26.95
CA ASN C 507 26.00 31.59 25.53
C ASN C 507 24.81 30.69 25.21
N ASN C 508 24.20 30.11 26.23
CA ASN C 508 23.11 29.18 26.05
C ASN C 508 22.16 29.29 27.24
N VAL C 509 20.92 28.89 27.02
CA VAL C 509 19.96 28.82 28.11
C VAL C 509 20.10 27.47 28.79
N GLU C 510 20.29 27.48 30.11
CA GLU C 510 20.39 26.21 30.80
C GLU C 510 19.11 25.44 30.61
N PHE C 511 19.23 24.12 30.50
CA PHE C 511 18.08 23.23 30.34
C PHE C 511 17.35 23.44 29.04
N ALA C 512 18.04 23.95 28.02
CA ALA C 512 17.40 24.17 26.73
C ALA C 512 18.37 23.90 25.60
N VAL C 513 17.81 23.70 24.41
CA VAL C 513 18.56 23.36 23.22
C VAL C 513 19.49 24.44 22.72
N ASN C 514 20.70 24.04 22.34
CA ASN C 514 21.71 24.93 21.81
C ASN C 514 21.57 25.06 20.31
N THR C 515 22.50 25.77 19.68
CA THR C 515 22.48 25.99 18.24
C THR C 515 22.55 24.68 17.46
N GLU C 516 23.34 23.74 17.96
CA GLU C 516 23.51 22.42 17.35
C GLU C 516 22.19 21.66 17.29
N GLY C 517 21.35 21.81 18.33
CA GLY C 517 20.08 21.11 18.39
C GLY C 517 20.02 20.01 19.40
N VAL C 518 21.07 19.84 20.19
CA VAL C 518 21.07 18.80 21.22
C VAL C 518 20.75 19.36 22.59
N TYR C 519 19.72 18.79 23.21
CA TYR C 519 19.23 19.19 24.52
C TYR C 519 20.18 18.76 25.62
N SER C 520 20.60 19.70 26.48
CA SER C 520 21.52 19.34 27.54
C SER C 520 20.95 19.72 28.89
N GLU C 521 21.29 18.94 29.92
CA GLU C 521 20.97 19.32 31.29
C GLU C 521 22.24 19.71 32.01
N PRO C 522 22.39 20.96 32.43
CA PRO C 522 23.64 21.35 33.07
C PRO C 522 23.89 20.72 34.44
N ARG C 523 22.87 20.61 35.28
CA ARG C 523 23.08 20.31 36.68
C ARG C 523 22.01 19.34 37.18
N PRO C 524 22.36 18.49 38.13
CA PRO C 524 21.32 17.72 38.82
C PRO C 524 20.45 18.65 39.65
N ILE C 525 19.32 18.13 40.11
CA ILE C 525 18.47 18.87 41.01
C ILE C 525 18.03 17.95 42.13
N GLY C 526 18.36 18.31 43.36
CA GLY C 526 17.87 17.59 44.50
C GLY C 526 16.47 18.00 44.84
N THR C 527 15.83 17.24 45.73
CA THR C 527 14.49 17.60 46.15
C THR C 527 14.45 18.28 47.52
N ARG C 528 15.58 18.52 48.15
CA ARG C 528 15.58 19.01 49.53
C ARG C 528 15.94 20.50 49.58
N TYR C 529 14.94 21.33 49.85
CA TYR C 529 15.16 22.76 49.94
C TYR C 529 14.54 23.40 51.17
N LEU C 530 13.23 23.30 51.32
CA LEU C 530 12.58 23.82 52.50
C LEU C 530 13.11 23.11 53.74
N THR C 531 12.92 23.73 54.90
CA THR C 531 13.41 23.15 56.13
C THR C 531 12.28 22.84 57.08
N ARG C 532 12.49 21.81 57.89
CA ARG C 532 11.62 21.45 58.99
C ARG C 532 12.41 21.42 60.28
N ASN C 533 11.74 21.75 61.37
CA ASN C 533 12.29 21.42 62.67
C ASN C 533 12.52 19.92 62.76
N LEU C 534 13.64 19.55 63.37
CA LEU C 534 13.96 18.14 63.54
C LEU C 534 13.01 17.53 64.55
N ASP D 17 -13.42 -7.47 9.09
CA ASP D 17 -13.62 -6.24 9.83
C ASP D 17 -12.87 -5.07 9.22
N GLY D 18 -11.68 -5.34 8.69
CA GLY D 18 -10.91 -4.35 7.99
C GLY D 18 -9.47 -4.82 7.91
N VAL D 19 -8.71 -4.16 7.04
CA VAL D 19 -7.30 -4.50 6.94
C VAL D 19 -6.54 -4.01 8.15
N GLY D 20 -6.90 -2.84 8.66
CA GLY D 20 -6.10 -2.25 9.72
C GLY D 20 -6.33 -2.88 11.07
N SER D 21 -7.41 -3.63 11.23
CA SER D 21 -7.79 -4.14 12.53
C SER D 21 -7.30 -5.55 12.73
N SER D 22 -6.64 -5.78 13.86
CA SER D 22 -6.14 -7.11 14.18
C SER D 22 -7.30 -8.05 14.47
N SER D 23 -7.25 -9.22 13.85
CA SER D 23 -8.36 -10.14 13.87
C SER D 23 -8.39 -11.04 15.10
N GLY D 24 -7.34 -11.07 15.91
CA GLY D 24 -7.31 -11.95 17.05
C GLY D 24 -6.32 -11.46 18.09
N ASN D 25 -6.11 -12.27 19.10
CA ASN D 25 -5.16 -11.96 20.15
C ASN D 25 -4.32 -13.17 20.48
N TRP D 26 -3.02 -12.97 20.47
CA TRP D 26 -2.10 -14.01 20.85
C TRP D 26 -2.44 -14.54 22.22
N HIS D 27 -2.68 -15.84 22.31
CA HIS D 27 -2.92 -16.51 23.58
C HIS D 27 -1.92 -17.64 23.68
N CYS D 28 -1.09 -17.63 24.71
CA CYS D 28 -0.36 -18.82 25.13
C CYS D 28 -0.43 -18.84 26.64
N ASP D 29 -0.93 -19.92 27.20
CA ASP D 29 -1.28 -19.88 28.61
C ASP D 29 -1.35 -21.30 29.11
N SER D 30 -1.25 -21.45 30.42
CA SER D 30 -1.58 -22.70 31.07
C SER D 30 -2.34 -22.35 32.31
N GLN D 31 -3.53 -22.91 32.46
CA GLN D 31 -4.39 -22.56 33.57
C GLN D 31 -4.77 -23.85 34.28
N TRP D 32 -4.58 -23.88 35.58
CA TRP D 32 -4.70 -25.11 36.35
C TRP D 32 -5.87 -25.00 37.31
N LEU D 33 -6.95 -25.68 37.00
CA LEU D 33 -8.19 -25.59 37.76
C LEU D 33 -8.54 -26.97 38.25
N GLY D 34 -8.41 -27.20 39.55
CA GLY D 34 -8.94 -28.40 40.14
C GLY D 34 -8.46 -29.67 39.45
N ASP D 35 -9.41 -30.43 38.94
CA ASP D 35 -9.09 -31.66 38.24
C ASP D 35 -8.81 -31.45 36.76
N ARG D 36 -8.91 -30.22 36.27
CA ARG D 36 -8.80 -30.00 34.83
C ARG D 36 -7.67 -29.02 34.56
N VAL D 37 -7.22 -29.02 33.30
CA VAL D 37 -6.13 -28.18 32.85
C VAL D 37 -6.62 -27.47 31.61
N ILE D 38 -5.95 -26.39 31.22
CA ILE D 38 -6.23 -25.73 29.95
C ILE D 38 -4.92 -25.34 29.31
N THR D 39 -4.76 -25.67 28.04
CA THR D 39 -3.53 -25.41 27.32
C THR D 39 -3.85 -24.79 25.98
N THR D 40 -3.41 -23.54 25.81
CA THR D 40 -3.55 -22.86 24.55
C THR D 40 -2.18 -22.39 24.10
N SER D 41 -1.76 -22.83 22.92
CA SER D 41 -0.50 -22.38 22.35
C SER D 41 -0.74 -21.84 20.95
N THR D 42 -0.43 -20.57 20.77
CA THR D 42 -0.56 -19.90 19.48
C THR D 42 0.79 -19.79 18.83
N ARG D 43 0.86 -20.20 17.57
CA ARG D 43 2.11 -20.23 16.84
C ARG D 43 1.89 -19.58 15.49
N THR D 44 2.98 -19.36 14.77
CA THR D 44 2.93 -18.71 13.47
C THR D 44 3.20 -19.70 12.34
N TRP D 45 2.46 -19.59 11.26
CA TRP D 45 2.48 -20.56 10.18
C TRP D 45 2.86 -19.88 8.90
N ALA D 46 3.34 -20.66 7.94
CA ALA D 46 3.62 -20.18 6.59
C ALA D 46 3.23 -21.24 5.58
N LEU D 47 2.42 -20.86 4.60
CA LEU D 47 1.91 -21.81 3.63
C LEU D 47 2.37 -21.49 2.21
N PRO D 48 3.14 -22.34 1.59
CA PRO D 48 3.54 -22.08 0.21
C PRO D 48 2.49 -22.54 -0.77
N THR D 49 2.83 -22.57 -2.05
CA THR D 49 1.93 -23.04 -3.09
C THR D 49 2.41 -24.38 -3.63
N TYR D 50 1.72 -25.45 -3.27
CA TYR D 50 2.18 -26.78 -3.61
C TYR D 50 1.70 -27.14 -5.01
N ASN D 51 2.57 -27.78 -5.78
CA ASN D 51 2.21 -28.37 -7.05
C ASN D 51 1.64 -27.38 -8.03
N ASN D 52 1.87 -26.09 -7.83
CA ASN D 52 1.36 -25.08 -8.73
C ASN D 52 -0.13 -25.27 -9.00
N HIS D 53 -0.88 -25.59 -7.95
CA HIS D 53 -2.33 -25.79 -8.04
C HIS D 53 -2.68 -26.90 -9.03
N LEU D 54 -2.05 -28.05 -8.86
CA LEU D 54 -2.38 -29.21 -9.65
C LEU D 54 -2.44 -30.43 -8.77
N TYR D 55 -3.60 -31.07 -8.73
CA TYR D 55 -3.67 -32.45 -8.29
C TYR D 55 -2.85 -33.28 -9.26
N LYS D 56 -1.92 -34.07 -8.73
CA LYS D 56 -1.07 -34.90 -9.57
C LYS D 56 -1.00 -36.31 -9.03
N GLN D 57 -1.13 -37.28 -9.91
CA GLN D 57 -0.81 -38.65 -9.54
C GLN D 57 0.65 -38.74 -9.17
N ILE D 58 0.93 -39.50 -8.12
CA ILE D 58 2.27 -39.97 -7.83
C ILE D 58 2.22 -41.48 -7.86
N SER D 59 3.37 -42.09 -8.08
CA SER D 59 3.49 -43.53 -8.04
C SER D 59 4.94 -43.87 -7.78
N ASN D 60 5.18 -45.05 -7.25
CA ASN D 60 6.53 -45.42 -6.86
C ASN D 60 7.12 -46.32 -7.93
N SER D 61 7.98 -45.73 -8.77
CA SER D 61 8.58 -46.46 -9.88
C SER D 61 9.74 -47.33 -9.40
N THR D 62 10.70 -46.72 -8.70
CA THR D 62 11.91 -47.37 -8.14
C THR D 62 12.45 -48.37 -9.16
N SER D 63 12.78 -49.59 -8.77
CA SER D 63 13.46 -50.55 -9.61
C SER D 63 12.51 -51.28 -10.56
N GLY D 64 13.04 -52.32 -11.19
CA GLY D 64 12.34 -53.13 -12.16
C GLY D 64 11.57 -54.27 -11.53
N GLY D 65 11.15 -54.10 -10.28
CA GLY D 65 10.57 -55.16 -9.52
C GLY D 65 11.48 -55.78 -8.49
N SER D 66 12.58 -55.11 -8.14
CA SER D 66 13.43 -55.59 -7.05
C SER D 66 12.77 -55.34 -5.69
N SER D 67 12.36 -54.09 -5.42
CA SER D 67 11.68 -53.74 -4.18
C SER D 67 10.18 -53.71 -4.43
N ASN D 68 9.45 -54.63 -3.81
CA ASN D 68 8.01 -54.71 -4.00
C ASN D 68 7.26 -54.12 -2.85
N ASP D 69 7.84 -54.23 -1.66
CA ASP D 69 7.19 -53.71 -0.47
C ASP D 69 7.01 -52.20 -0.56
N ASN D 70 8.00 -51.50 -1.09
CA ASN D 70 7.89 -50.05 -1.19
C ASN D 70 7.01 -49.48 -2.26
N ALA D 71 6.02 -50.25 -2.70
CA ALA D 71 5.14 -49.72 -3.73
C ALA D 71 4.04 -48.86 -3.12
N TYR D 72 3.72 -47.76 -3.79
CA TYR D 72 2.56 -46.97 -3.39
C TYR D 72 2.00 -46.23 -4.59
N PHE D 73 0.68 -46.06 -4.58
CA PHE D 73 -0.02 -45.31 -5.61
C PHE D 73 -0.95 -44.34 -4.93
N GLY D 74 -0.81 -43.06 -5.26
CA GLY D 74 -1.62 -42.07 -4.58
C GLY D 74 -1.55 -40.74 -5.30
N TYR D 75 -2.20 -39.77 -4.70
CA TYR D 75 -2.31 -38.46 -5.29
C TYR D 75 -1.68 -37.41 -4.40
N SER D 76 -1.12 -36.39 -5.02
CA SER D 76 -0.59 -35.23 -4.31
C SER D 76 -1.49 -34.06 -4.62
N THR D 77 -1.63 -33.16 -3.67
CA THR D 77 -2.61 -32.09 -3.75
C THR D 77 -1.99 -30.76 -3.39
N PRO D 78 -2.66 -29.66 -3.70
CA PRO D 78 -2.19 -28.37 -3.21
C PRO D 78 -2.39 -28.15 -1.73
N TRP D 79 -3.41 -28.76 -1.14
CA TRP D 79 -3.82 -28.39 0.20
C TRP D 79 -2.76 -28.71 1.24
N GLY D 80 -2.47 -27.74 2.08
CA GLY D 80 -1.66 -28.00 3.26
C GLY D 80 -2.55 -28.26 4.45
N TYR D 81 -2.08 -29.01 5.44
CA TYR D 81 -2.96 -29.38 6.53
C TYR D 81 -2.24 -29.08 7.83
N PHE D 82 -2.97 -28.58 8.81
CA PHE D 82 -2.40 -28.27 10.10
C PHE D 82 -2.28 -29.54 10.93
N ASP D 83 -1.06 -29.88 11.32
CA ASP D 83 -0.83 -31.05 12.14
C ASP D 83 -0.30 -30.60 13.49
N PHE D 84 -1.18 -30.58 14.48
CA PHE D 84 -0.85 -30.32 15.87
C PHE D 84 -0.80 -31.61 16.68
N ASN D 85 -0.88 -32.75 16.02
CA ASN D 85 -1.20 -34.04 16.63
C ASN D 85 -0.17 -34.51 17.65
N ARG D 86 0.92 -33.78 17.87
CA ARG D 86 1.94 -34.20 18.81
C ARG D 86 1.78 -33.46 20.12
N PHE D 87 2.11 -34.11 21.23
CA PHE D 87 1.95 -33.47 22.53
C PHE D 87 2.70 -32.16 22.63
N HIS D 88 4.02 -32.18 22.42
CA HIS D 88 4.82 -31.07 22.88
C HIS D 88 4.38 -29.74 22.31
N CYS D 89 3.52 -29.77 21.29
CA CYS D 89 2.77 -28.58 20.92
C CYS D 89 2.07 -27.98 22.13
N HIS D 90 1.24 -28.75 22.81
CA HIS D 90 0.30 -28.23 23.79
C HIS D 90 0.85 -28.04 25.20
N PHE D 91 1.88 -28.75 25.60
CA PHE D 91 2.38 -28.68 26.95
C PHE D 91 3.78 -28.09 26.98
N SER D 92 4.05 -27.28 27.96
CA SER D 92 5.38 -26.73 28.16
C SER D 92 6.16 -27.61 29.12
N PRO D 93 7.44 -27.84 28.83
CA PRO D 93 8.22 -28.77 29.65
C PRO D 93 8.11 -28.55 31.15
N ARG D 94 7.80 -27.35 31.59
CA ARG D 94 7.46 -27.19 33.01
C ARG D 94 6.15 -27.88 33.33
N ASP D 95 5.11 -27.60 32.55
CA ASP D 95 3.80 -28.19 32.82
C ASP D 95 3.84 -29.69 32.71
N TRP D 96 4.53 -30.22 31.71
CA TRP D 96 4.61 -31.66 31.61
C TRP D 96 5.18 -32.27 32.88
N GLN D 97 6.12 -31.58 33.53
CA GLN D 97 6.54 -31.99 34.86
C GLN D 97 5.39 -31.86 35.84
N ARG D 98 4.73 -30.70 35.83
CA ARG D 98 3.60 -30.47 36.72
C ARG D 98 2.54 -31.53 36.48
N LEU D 99 2.24 -31.76 35.21
CA LEU D 99 1.21 -32.73 34.83
C LEU D 99 1.52 -34.18 35.15
N ILE D 100 2.77 -34.61 35.00
CA ILE D 100 3.13 -36.00 35.28
C ILE D 100 3.37 -36.36 36.73
N ASN D 101 4.10 -35.51 37.48
CA ASN D 101 4.35 -35.81 38.88
C ASN D 101 3.07 -36.04 39.66
N ASN D 102 2.08 -35.18 39.52
CA ASN D 102 1.01 -35.16 40.50
C ASN D 102 -0.26 -35.91 40.11
N ASN D 103 -0.36 -36.49 38.92
CA ASN D 103 -1.67 -36.93 38.45
C ASN D 103 -1.65 -38.31 37.83
N TRP D 104 -2.30 -39.26 38.49
CA TRP D 104 -2.35 -40.62 37.97
C TRP D 104 -2.75 -40.68 36.52
N GLY D 105 -3.83 -40.03 36.13
CA GLY D 105 -4.29 -40.17 34.77
C GLY D 105 -4.90 -38.89 34.26
N PHE D 106 -5.00 -38.81 32.94
CA PHE D 106 -5.48 -37.61 32.27
C PHE D 106 -6.03 -38.00 30.92
N ARG D 107 -6.74 -37.06 30.30
CA ARG D 107 -7.34 -37.24 28.99
C ARG D 107 -7.96 -35.93 28.54
N PRO D 108 -7.95 -35.65 27.25
CA PRO D 108 -8.53 -34.40 26.77
C PRO D 108 -10.04 -34.46 26.71
N LYS D 109 -10.65 -33.28 26.86
CA LYS D 109 -12.10 -33.13 26.74
C LYS D 109 -12.49 -32.29 25.53
N ARG D 110 -12.18 -31.01 25.53
CA ARG D 110 -12.66 -30.11 24.48
C ARG D 110 -11.52 -29.58 23.65
N LEU D 111 -11.66 -29.69 22.34
CA LEU D 111 -10.74 -29.11 21.38
C LEU D 111 -11.38 -27.85 20.84
N ASN D 112 -10.54 -26.87 20.52
CA ASN D 112 -11.01 -25.59 20.01
C ASN D 112 -9.92 -25.02 19.15
N PHE D 113 -10.29 -24.30 18.10
CA PHE D 113 -9.34 -23.89 17.09
C PHE D 113 -9.69 -22.50 16.60
N LYS D 114 -8.72 -21.60 16.55
CA LYS D 114 -8.95 -20.28 15.99
C LYS D 114 -7.79 -19.88 15.11
N LEU D 115 -8.09 -19.61 13.85
CA LEU D 115 -7.09 -19.36 12.82
C LEU D 115 -7.28 -17.96 12.31
N PHE D 116 -6.32 -17.08 12.59
CA PHE D 116 -6.56 -15.67 12.37
C PHE D 116 -5.31 -14.98 11.86
N ASN D 117 -5.47 -13.70 11.58
CA ASN D 117 -4.42 -12.84 11.03
C ASN D 117 -3.85 -13.41 9.75
N ILE D 118 -4.72 -13.89 8.87
CA ILE D 118 -4.28 -14.45 7.60
C ILE D 118 -3.75 -13.34 6.71
N GLN D 119 -2.51 -13.48 6.27
CA GLN D 119 -1.90 -12.50 5.37
C GLN D 119 -1.49 -13.21 4.10
N VAL D 120 -1.89 -12.69 2.95
CA VAL D 120 -1.48 -13.34 1.73
C VAL D 120 -0.40 -12.50 1.05
N LYS D 121 0.85 -12.89 1.23
CA LYS D 121 1.95 -12.18 0.62
C LYS D 121 2.01 -12.53 -0.84
N GLU D 122 2.55 -11.62 -1.65
CA GLU D 122 2.65 -11.85 -3.09
C GLU D 122 4.08 -11.70 -3.58
N VAL D 123 4.91 -12.72 -3.34
CA VAL D 123 6.30 -12.65 -3.77
C VAL D 123 6.35 -12.49 -5.27
N THR D 124 7.19 -11.59 -5.76
CA THR D 124 7.32 -11.34 -7.19
C THR D 124 8.79 -11.17 -7.59
N ASP D 125 9.01 -10.67 -8.80
CA ASP D 125 10.34 -10.41 -9.32
C ASP D 125 10.40 -8.98 -9.85
N ASN D 126 11.48 -8.27 -9.56
CA ASN D 126 11.62 -6.88 -10.01
C ASN D 126 12.95 -6.66 -10.70
N ASN D 127 13.08 -7.16 -11.92
CA ASN D 127 14.31 -7.01 -12.71
C ASN D 127 15.61 -7.40 -11.99
N GLY D 128 15.62 -8.60 -11.43
CA GLY D 128 16.77 -9.11 -10.71
C GLY D 128 16.68 -9.13 -9.20
N VAL D 129 15.64 -8.54 -8.61
CA VAL D 129 15.50 -8.57 -7.17
C VAL D 129 14.13 -9.13 -6.77
N LYS D 130 14.12 -10.16 -5.93
CA LYS D 130 12.85 -10.73 -5.49
C LYS D 130 12.12 -9.73 -4.62
N THR D 131 10.79 -9.67 -4.76
CA THR D 131 9.99 -8.73 -4.00
C THR D 131 8.77 -9.37 -3.33
N ILE D 132 8.76 -9.33 -2.01
CA ILE D 132 7.69 -9.90 -1.21
C ILE D 132 6.76 -8.76 -0.89
N ALA D 133 5.80 -8.52 -1.78
CA ALA D 133 4.88 -7.42 -1.62
C ALA D 133 3.56 -7.95 -1.10
N ASN D 134 2.67 -7.04 -0.76
CA ASN D 134 1.39 -7.41 -0.19
C ASN D 134 0.42 -7.64 -1.32
N ASN D 135 -0.37 -8.69 -1.20
CA ASN D 135 -1.60 -8.79 -1.94
C ASN D 135 -2.70 -8.79 -0.90
N LEU D 136 -3.52 -7.75 -0.90
CA LEU D 136 -4.61 -7.68 0.05
C LEU D 136 -5.80 -8.54 -0.35
N THR D 137 -6.22 -8.45 -1.60
CA THR D 137 -7.49 -9.02 -2.02
C THR D 137 -7.41 -10.49 -2.38
N SER D 138 -6.24 -11.11 -2.32
CA SER D 138 -6.21 -12.55 -2.51
C SER D 138 -6.79 -13.24 -1.28
N THR D 139 -7.23 -14.48 -1.47
CA THR D 139 -8.05 -15.18 -0.50
C THR D 139 -7.36 -16.45 -0.04
N VAL D 140 -7.82 -16.99 1.08
CA VAL D 140 -7.31 -18.25 1.60
C VAL D 140 -8.47 -19.18 1.89
N GLN D 141 -8.53 -20.28 1.15
CA GLN D 141 -9.52 -21.32 1.41
C GLN D 141 -9.11 -22.06 2.66
N VAL D 142 -10.09 -22.53 3.41
CA VAL D 142 -9.86 -23.41 4.55
C VAL D 142 -11.13 -24.19 4.77
N PHE D 143 -11.01 -25.43 5.23
CA PHE D 143 -12.20 -26.10 5.72
C PHE D 143 -11.81 -27.28 6.59
N THR D 144 -12.74 -27.71 7.41
CA THR D 144 -12.57 -28.84 8.27
C THR D 144 -13.35 -30.01 7.71
N ASP D 145 -12.86 -31.21 7.88
CA ASP D 145 -13.67 -32.36 7.55
C ASP D 145 -14.21 -32.87 8.88
N SER D 146 -15.48 -32.58 9.13
CA SER D 146 -16.14 -33.08 10.32
C SER D 146 -16.81 -34.42 10.06
N ASP D 147 -16.96 -34.81 8.80
CA ASP D 147 -17.56 -36.07 8.45
C ASP D 147 -16.54 -37.14 8.08
N TYR D 148 -15.25 -36.86 8.19
CA TYR D 148 -14.21 -37.87 8.02
C TYR D 148 -14.30 -38.57 6.68
N GLN D 149 -14.77 -37.86 5.66
CA GLN D 149 -14.90 -38.44 4.35
C GLN D 149 -13.57 -38.69 3.67
N LEU D 150 -12.55 -37.96 4.05
CA LEU D 150 -11.25 -38.01 3.43
C LEU D 150 -10.35 -39.02 4.12
N PRO D 151 -9.30 -39.46 3.45
CA PRO D 151 -8.23 -40.16 4.16
C PRO D 151 -7.77 -39.34 5.35
N TYR D 152 -7.33 -40.02 6.39
CA TYR D 152 -6.92 -39.36 7.62
C TYR D 152 -5.43 -39.61 7.79
N VAL D 153 -4.62 -38.59 7.55
CA VAL D 153 -3.18 -38.75 7.55
C VAL D 153 -2.53 -38.30 8.85
N LEU D 154 -3.31 -37.81 9.80
CA LEU D 154 -2.73 -37.50 11.09
C LEU D 154 -2.37 -38.75 11.87
N GLY D 155 -2.72 -39.92 11.35
CA GLY D 155 -2.60 -41.18 12.06
C GLY D 155 -1.21 -41.79 12.10
N SER D 156 -0.33 -41.39 11.18
CA SER D 156 1.01 -41.96 11.13
C SER D 156 2.15 -41.18 11.77
N ALA D 157 1.83 -40.27 12.68
CA ALA D 157 2.84 -39.49 13.39
C ALA D 157 3.82 -38.76 12.46
N HIS D 158 3.29 -38.16 11.40
CA HIS D 158 4.08 -37.44 10.42
C HIS D 158 4.65 -36.11 10.90
N GLU D 159 5.69 -35.66 10.21
CA GLU D 159 6.40 -34.40 10.48
C GLU D 159 5.59 -33.19 10.03
N GLY D 160 6.02 -32.00 10.42
CA GLY D 160 5.27 -30.80 10.06
C GLY D 160 4.38 -30.33 11.20
N CYS D 161 4.59 -30.92 12.36
CA CYS D 161 3.85 -30.59 13.58
C CYS D 161 4.26 -29.21 14.09
N LEU D 162 3.41 -28.59 14.90
CA LEU D 162 3.69 -27.27 15.42
C LEU D 162 5.00 -27.27 16.21
N PRO D 163 5.79 -26.22 16.05
CA PRO D 163 7.10 -26.16 16.71
C PRO D 163 6.98 -26.23 18.21
N PRO D 164 7.88 -26.97 18.86
CA PRO D 164 7.85 -27.15 20.30
C PRO D 164 8.05 -25.82 21.01
N PHE D 165 8.98 -25.01 20.52
CA PHE D 165 9.25 -23.71 21.13
C PHE D 165 8.29 -22.72 20.52
N PRO D 166 7.63 -21.91 21.36
CA PRO D 166 6.65 -20.99 20.79
C PRO D 166 7.16 -20.04 19.74
N ALA D 167 8.42 -19.62 19.84
CA ALA D 167 8.87 -18.49 19.05
C ALA D 167 9.38 -18.89 17.69
N ASP D 168 9.24 -20.15 17.31
CA ASP D 168 9.75 -20.56 16.03
C ASP D 168 8.63 -20.71 15.00
N VAL D 169 8.67 -19.89 13.97
CA VAL D 169 7.72 -19.95 12.87
C VAL D 169 7.87 -21.29 12.17
N PHE D 170 6.75 -21.96 11.88
CA PHE D 170 6.82 -23.24 11.21
C PHE D 170 6.21 -23.13 9.83
N MET D 171 6.09 -24.26 9.15
CA MET D 171 5.64 -24.30 7.77
C MET D 171 4.67 -25.45 7.55
N ILE D 172 3.56 -25.19 6.86
CA ILE D 172 2.46 -26.16 6.80
C ILE D 172 2.80 -27.31 5.86
N PRO D 173 2.63 -28.54 6.30
CA PRO D 173 2.98 -29.68 5.45
C PRO D 173 1.94 -29.96 4.39
N GLN D 174 2.40 -30.60 3.32
CA GLN D 174 1.56 -30.87 2.17
C GLN D 174 0.64 -32.04 2.49
N TYR D 175 -0.43 -32.17 1.72
CA TYR D 175 -1.37 -33.26 1.92
C TYR D 175 -1.42 -34.13 0.69
N GLY D 176 -1.50 -35.44 0.88
CA GLY D 176 -1.62 -36.40 -0.20
C GLY D 176 -2.01 -37.74 0.37
N TYR D 177 -2.60 -38.58 -0.46
CA TYR D 177 -3.14 -39.82 0.08
C TYR D 177 -2.85 -40.97 -0.87
N LEU D 178 -3.13 -42.18 -0.40
CA LEU D 178 -2.81 -43.39 -1.14
C LEU D 178 -4.04 -44.27 -1.30
N THR D 179 -3.99 -45.18 -2.27
CA THR D 179 -5.10 -46.09 -2.45
C THR D 179 -4.71 -47.47 -2.93
N LEU D 180 -5.69 -48.27 -3.31
CA LEU D 180 -5.43 -49.66 -3.68
C LEU D 180 -4.59 -49.71 -4.94
N ASN D 181 -3.69 -50.67 -4.99
CA ASN D 181 -2.78 -50.83 -6.11
C ASN D 181 -2.39 -52.29 -6.24
N ASP D 182 -2.23 -52.73 -7.49
CA ASP D 182 -1.49 -53.94 -7.81
C ASP D 182 -0.18 -53.51 -8.48
N GLY D 183 0.92 -53.63 -7.77
CA GLY D 183 2.12 -52.97 -8.26
C GLY D 183 1.88 -51.48 -8.31
N SER D 184 2.64 -50.77 -9.13
CA SER D 184 2.48 -49.34 -9.22
C SER D 184 1.24 -48.92 -9.99
N GLN D 185 0.52 -49.86 -10.59
CA GLN D 185 -0.71 -49.50 -11.27
C GLN D 185 -1.84 -49.35 -10.27
N ALA D 186 -2.85 -48.58 -10.66
CA ALA D 186 -4.04 -48.40 -9.84
C ALA D 186 -5.04 -49.48 -10.20
N VAL D 187 -6.17 -49.49 -9.50
CA VAL D 187 -7.17 -50.53 -9.66
C VAL D 187 -8.56 -49.89 -9.68
N GLY D 188 -9.50 -50.59 -10.32
CA GLY D 188 -10.82 -50.05 -10.51
C GLY D 188 -11.56 -49.75 -9.23
N ARG D 189 -11.13 -50.34 -8.12
CA ARG D 189 -11.77 -50.06 -6.86
C ARG D 189 -11.14 -48.87 -6.16
N SER D 190 -10.21 -48.18 -6.83
CA SER D 190 -9.55 -47.01 -6.25
C SER D 190 -10.51 -45.85 -6.09
N SER D 191 -10.13 -44.90 -5.26
CA SER D 191 -10.90 -43.69 -5.02
C SER D 191 -10.02 -42.46 -5.21
N PHE D 192 -10.44 -41.58 -6.10
CA PHE D 192 -9.82 -40.28 -6.25
C PHE D 192 -10.69 -39.20 -5.64
N TYR D 193 -10.27 -38.69 -4.49
CA TYR D 193 -10.94 -37.57 -3.85
C TYR D 193 -10.46 -36.30 -4.52
N CYS D 194 -11.30 -35.29 -4.52
CA CYS D 194 -10.88 -33.94 -4.82
C CYS D 194 -11.27 -33.06 -3.66
N LEU D 195 -10.31 -32.35 -3.08
CA LEU D 195 -10.62 -31.58 -1.90
C LEU D 195 -11.36 -30.29 -2.21
N GLU D 196 -11.24 -29.76 -3.43
CA GLU D 196 -12.04 -28.62 -3.83
C GLU D 196 -13.52 -28.88 -3.62
N TYR D 197 -13.92 -30.14 -3.62
CA TYR D 197 -15.29 -30.55 -3.77
C TYR D 197 -16.06 -30.53 -2.46
N PHE D 198 -15.47 -30.10 -1.47
CA PHE D 198 -16.03 -29.80 -0.17
C PHE D 198 -16.39 -28.33 -0.07
N PRO D 199 -17.43 -27.98 0.67
CA PRO D 199 -17.68 -26.57 0.94
C PRO D 199 -16.60 -26.02 1.83
N SER D 200 -16.00 -24.91 1.42
CA SER D 200 -14.84 -24.39 2.10
C SER D 200 -15.01 -22.90 2.30
N GLN D 201 -14.49 -22.41 3.40
CA GLN D 201 -14.62 -21.00 3.74
C GLN D 201 -13.41 -20.23 3.25
N MET D 202 -13.65 -19.22 2.45
CA MET D 202 -12.57 -18.40 1.90
C MET D 202 -12.33 -17.23 2.82
N LEU D 203 -11.20 -17.25 3.50
CA LEU D 203 -10.77 -16.20 4.40
C LEU D 203 -9.89 -15.21 3.67
N ARG D 204 -10.38 -14.00 3.50
CA ARG D 204 -9.57 -12.92 2.95
C ARG D 204 -8.79 -12.29 4.09
N THR D 205 -7.90 -11.34 3.79
CA THR D 205 -6.87 -10.90 4.73
C THR D 205 -7.42 -10.41 6.05
N GLY D 206 -8.69 -10.07 6.14
CA GLY D 206 -9.16 -9.67 7.46
C GLY D 206 -9.86 -10.73 8.27
N ASN D 207 -10.48 -11.73 7.65
CA ASN D 207 -11.33 -12.62 8.40
C ASN D 207 -10.53 -13.58 9.25
N ASN D 208 -11.20 -14.22 10.20
CA ASN D 208 -10.64 -15.32 10.95
C ASN D 208 -11.55 -16.52 10.85
N PHE D 209 -11.25 -17.55 11.62
CA PHE D 209 -11.88 -18.85 11.50
C PHE D 209 -11.93 -19.50 12.87
N GLN D 210 -12.93 -20.34 13.10
CA GLN D 210 -12.92 -21.15 14.31
C GLN D 210 -13.88 -22.32 14.18
N PHE D 211 -13.67 -23.33 15.00
CA PHE D 211 -14.67 -24.36 15.21
C PHE D 211 -14.41 -25.02 16.55
N SER D 212 -15.40 -25.75 17.06
CA SER D 212 -15.25 -26.43 18.34
C SER D 212 -15.52 -27.92 18.24
N TYR D 213 -14.73 -28.72 18.94
CA TYR D 213 -14.87 -30.18 18.90
C TYR D 213 -14.93 -30.85 20.28
N GLU D 214 -15.87 -31.77 20.46
CA GLU D 214 -16.02 -32.51 21.71
C GLU D 214 -15.42 -33.92 21.59
N PHE D 215 -14.33 -34.18 22.29
CA PHE D 215 -13.66 -35.48 22.21
C PHE D 215 -14.59 -36.59 22.67
N GLU D 216 -14.70 -37.63 21.86
CA GLU D 216 -15.57 -38.69 22.31
C GLU D 216 -14.97 -39.38 23.52
N ASN D 217 -15.81 -40.06 24.27
CA ASN D 217 -15.47 -40.44 25.63
C ASN D 217 -14.40 -41.50 25.61
N VAL D 218 -13.25 -41.20 26.21
CA VAL D 218 -12.09 -42.09 26.12
C VAL D 218 -11.68 -42.48 27.54
N PRO D 219 -11.06 -43.64 27.69
CA PRO D 219 -10.56 -44.02 29.00
C PRO D 219 -9.34 -43.19 29.36
N PHE D 220 -9.22 -42.91 30.65
CA PHE D 220 -8.09 -42.13 31.14
C PHE D 220 -6.78 -42.74 30.69
N HIS D 221 -5.80 -41.89 30.43
CA HIS D 221 -4.47 -42.45 30.31
C HIS D 221 -4.02 -42.92 31.67
N SER D 222 -3.04 -43.81 31.69
CA SER D 222 -2.49 -44.29 32.95
C SER D 222 -1.05 -43.80 33.06
N SER D 223 -0.83 -42.81 33.90
CA SER D 223 0.52 -42.39 34.17
C SER D 223 0.83 -42.92 35.56
N TYR D 224 1.55 -44.02 35.58
CA TYR D 224 1.98 -44.67 36.81
C TYR D 224 2.71 -45.97 36.54
N ALA D 225 3.48 -46.44 37.51
CA ALA D 225 4.09 -47.75 37.43
C ALA D 225 3.60 -48.59 38.60
N HIS D 226 3.22 -49.83 38.32
CA HIS D 226 2.73 -50.69 39.38
C HIS D 226 3.78 -50.87 40.45
N SER D 227 3.40 -50.58 41.68
CA SER D 227 4.24 -50.87 42.83
C SER D 227 4.32 -52.37 43.11
N GLN D 228 3.54 -53.18 42.39
CA GLN D 228 3.44 -54.61 42.61
C GLN D 228 3.56 -55.32 41.27
N SER D 229 3.96 -56.59 41.30
CA SER D 229 4.17 -57.33 40.07
C SER D 229 3.24 -58.53 40.00
N LEU D 230 2.95 -58.96 38.78
CA LEU D 230 1.82 -59.86 38.59
C LEU D 230 2.17 -61.28 38.98
N ASP D 231 3.43 -61.65 38.88
CA ASP D 231 3.82 -62.92 39.47
C ASP D 231 3.50 -62.98 40.96
N ARG D 232 3.58 -61.85 41.65
CA ARG D 232 3.40 -61.81 43.10
C ARG D 232 2.10 -61.12 43.51
N TYR D 276 -4.54 -64.52 36.94
CA TYR D 276 -4.37 -63.44 35.97
C TYR D 276 -2.98 -63.41 35.40
N ILE D 277 -2.89 -63.57 34.09
CA ILE D 277 -1.64 -63.96 33.45
C ILE D 277 -1.18 -62.80 32.57
N PRO D 278 0.13 -62.59 32.48
CA PRO D 278 0.63 -61.40 31.79
C PRO D 278 0.18 -61.34 30.34
N GLY D 279 0.23 -60.14 29.78
CA GLY D 279 -0.43 -59.86 28.54
C GLY D 279 0.21 -60.49 27.32
N PRO D 280 -0.25 -60.09 26.15
CA PRO D 280 0.26 -60.65 24.89
C PRO D 280 1.73 -60.36 24.66
N SER D 281 2.34 -61.16 23.79
CA SER D 281 3.72 -60.97 23.39
C SER D 281 3.91 -61.40 21.94
N TYR D 282 4.71 -60.64 21.22
CA TYR D 282 5.15 -61.00 19.88
C TYR D 282 6.61 -60.59 19.81
N ARG D 283 7.54 -61.53 19.69
CA ARG D 283 8.92 -61.21 20.07
C ARG D 283 9.68 -60.47 18.96
N GLN D 284 10.36 -59.41 19.36
CA GLN D 284 11.36 -58.69 18.57
C GLN D 284 12.74 -59.28 18.85
N GLN D 285 13.58 -59.29 17.83
CA GLN D 285 14.98 -59.66 18.01
C GLN D 285 15.64 -58.67 18.97
N ARG D 286 16.66 -59.11 19.70
CA ARG D 286 17.24 -58.26 20.75
C ARG D 286 18.56 -57.65 20.32
N VAL D 287 18.61 -56.32 20.30
CA VAL D 287 19.78 -55.57 19.86
C VAL D 287 20.47 -54.98 21.08
N SER D 288 21.80 -54.87 21.01
CA SER D 288 22.58 -54.34 22.12
C SER D 288 23.18 -52.99 21.75
N THR D 289 23.12 -52.02 22.67
CA THR D 289 23.63 -50.69 22.36
C THR D 289 25.15 -50.66 22.28
N THR D 290 25.81 -51.62 22.91
CA THR D 290 27.22 -51.84 22.65
C THR D 290 27.32 -52.59 21.34
N VAL D 291 28.09 -52.07 20.39
CA VAL D 291 28.22 -52.69 19.08
C VAL D 291 28.94 -54.04 19.05
N THR D 292 29.93 -54.24 19.92
CA THR D 292 30.70 -55.48 19.91
C THR D 292 29.85 -56.71 20.21
N GLN D 293 28.91 -56.58 21.13
CA GLN D 293 28.07 -57.70 21.52
C GLN D 293 27.21 -58.22 20.36
N ASN D 294 26.73 -57.31 19.52
CA ASN D 294 25.88 -57.69 18.39
C ASN D 294 26.58 -58.60 17.39
N ASN D 295 25.80 -59.45 16.74
CA ASN D 295 26.32 -60.39 15.76
C ASN D 295 26.96 -59.65 14.61
N ASN D 296 28.07 -60.17 14.11
CA ASN D 296 28.79 -59.52 13.01
C ASN D 296 28.22 -59.85 11.64
N SER D 297 27.02 -59.35 11.38
CA SER D 297 26.36 -59.55 10.09
C SER D 297 25.28 -58.49 9.92
N GLU D 298 24.83 -58.25 8.70
CA GLU D 298 23.77 -57.28 8.53
C GLU D 298 22.46 -58.04 8.55
N PHE D 299 21.80 -57.99 9.71
CA PHE D 299 20.54 -58.68 9.92
C PHE D 299 19.35 -57.77 10.12
N ALA D 300 19.46 -56.49 9.79
CA ALA D 300 18.33 -55.61 10.07
C ALA D 300 17.06 -55.99 9.34
N TRP D 301 17.12 -56.24 8.04
CA TRP D 301 15.90 -56.64 7.37
C TRP D 301 15.44 -58.04 7.78
N PRO D 302 16.39 -58.98 7.82
CA PRO D 302 16.12 -60.38 8.18
C PRO D 302 15.64 -60.53 9.62
N GLY D 303 16.24 -59.78 10.53
CA GLY D 303 15.87 -59.84 11.92
C GLY D 303 14.45 -59.38 12.15
N ALA D 304 14.06 -58.34 11.42
CA ALA D 304 12.74 -57.73 11.52
C ALA D 304 11.55 -58.65 11.69
N SER D 305 10.69 -58.25 12.62
CA SER D 305 9.46 -58.94 12.96
C SER D 305 8.31 -58.38 12.13
N SER D 306 7.80 -59.17 11.20
CA SER D 306 6.98 -58.60 10.14
C SER D 306 5.59 -59.20 10.17
N TRP D 307 4.67 -58.53 9.49
CA TRP D 307 3.35 -59.07 9.29
C TRP D 307 2.93 -58.83 7.84
N ALA D 308 2.70 -59.92 7.13
CA ALA D 308 2.32 -59.85 5.73
C ALA D 308 0.86 -59.43 5.64
N LEU D 309 0.60 -58.42 4.84
CA LEU D 309 -0.75 -58.06 4.42
C LEU D 309 -0.72 -57.86 2.92
N ASN D 310 -1.45 -58.70 2.19
CA ASN D 310 -1.50 -58.62 0.74
C ASN D 310 -0.11 -58.80 0.13
N GLY D 311 0.62 -59.77 0.65
CA GLY D 311 1.87 -60.12 0.03
C GLY D 311 2.93 -59.06 0.07
N ARG D 312 2.89 -58.16 1.04
CA ARG D 312 3.96 -57.20 1.28
C ARG D 312 4.34 -57.22 2.75
N ASN D 313 5.57 -57.58 3.03
CA ASN D 313 6.01 -57.76 4.40
C ASN D 313 6.32 -56.40 5.01
N SER D 314 5.57 -56.03 6.04
CA SER D 314 5.77 -54.77 6.72
C SER D 314 6.29 -55.03 8.13
N LEU D 315 7.31 -54.27 8.52
CA LEU D 315 7.92 -54.46 9.81
C LEU D 315 6.99 -54.03 10.93
N MET D 316 6.77 -54.93 11.88
CA MET D 316 5.84 -54.65 12.98
C MET D 316 6.49 -53.53 13.75
N ASN D 317 5.79 -52.40 13.77
CA ASN D 317 6.35 -51.25 14.42
C ASN D 317 5.19 -50.48 14.99
N PRO D 318 5.33 -49.94 16.19
CA PRO D 318 6.38 -50.21 17.15
C PRO D 318 6.19 -51.59 17.74
N GLY D 319 4.96 -52.11 17.70
CA GLY D 319 4.68 -53.44 18.21
C GLY D 319 3.88 -53.40 19.50
N PRO D 320 3.18 -54.49 19.79
CA PRO D 320 2.35 -54.52 21.00
C PRO D 320 3.16 -54.21 22.25
N ALA D 321 2.54 -53.53 23.20
CA ALA D 321 3.27 -52.97 24.32
C ALA D 321 3.92 -54.05 25.15
N MET D 322 5.24 -53.95 25.31
CA MET D 322 6.00 -54.89 26.12
C MET D 322 7.18 -54.16 26.71
N ALA D 323 7.80 -54.75 27.72
CA ALA D 323 8.98 -54.14 28.29
C ALA D 323 10.12 -54.20 27.28
N SER D 324 10.83 -53.09 27.15
CA SER D 324 11.92 -52.98 26.20
C SER D 324 13.06 -53.90 26.58
N HIS D 325 13.31 -54.05 27.86
CA HIS D 325 14.39 -54.90 28.31
C HIS D 325 14.15 -55.42 29.71
N LYS D 326 14.81 -56.53 30.04
CA LYS D 326 14.70 -57.12 31.38
C LYS D 326 15.40 -56.25 32.40
N GLU D 327 14.98 -56.34 33.66
CA GLU D 327 15.58 -55.55 34.70
C GLU D 327 17.06 -55.89 34.79
N GLY D 328 17.88 -54.85 34.93
CA GLY D 328 19.33 -55.02 35.03
C GLY D 328 20.04 -55.15 33.71
N GLU D 329 19.30 -55.02 32.60
CA GLU D 329 19.89 -55.10 31.28
C GLU D 329 19.42 -53.90 30.48
N ASP D 330 19.89 -52.73 30.88
CA ASP D 330 19.51 -51.47 30.24
C ASP D 330 19.92 -51.32 28.77
N ARG D 331 21.12 -51.76 28.43
CA ARG D 331 21.61 -51.61 27.07
C ARG D 331 20.82 -52.34 25.98
N PHE D 332 20.41 -53.58 26.23
CA PHE D 332 19.66 -54.32 25.22
C PHE D 332 18.32 -53.65 24.95
N PHE D 333 17.95 -53.57 23.68
CA PHE D 333 16.67 -52.97 23.30
C PHE D 333 16.06 -53.71 22.13
N PRO D 334 14.72 -53.69 22.03
CA PRO D 334 14.06 -54.38 20.91
C PRO D 334 14.40 -53.68 19.61
N LEU D 335 14.55 -54.45 18.55
CA LEU D 335 14.89 -53.92 17.25
C LEU D 335 13.89 -52.89 16.74
N SER D 336 12.62 -53.19 16.84
CA SER D 336 11.58 -52.28 16.36
C SER D 336 10.47 -52.01 17.37
N GLY D 337 10.51 -52.70 18.50
CA GLY D 337 9.47 -52.53 19.50
C GLY D 337 9.38 -51.13 20.07
N SER D 338 10.53 -50.54 20.38
CA SER D 338 10.57 -49.20 20.95
C SER D 338 10.38 -48.10 19.91
N LEU D 339 9.84 -46.96 20.35
CA LEU D 339 9.68 -45.81 19.49
C LEU D 339 11.03 -45.09 19.48
N ILE D 340 11.34 -44.39 18.40
CA ILE D 340 12.63 -43.71 18.38
C ILE D 340 12.38 -42.26 17.99
N PHE D 341 13.16 -41.36 18.54
CA PHE D 341 13.13 -39.95 18.19
C PHE D 341 14.51 -39.54 17.71
N GLY D 342 14.58 -38.40 17.05
CA GLY D 342 15.85 -37.79 16.79
C GLY D 342 16.19 -36.76 17.84
N LYS D 343 17.48 -36.47 17.99
CA LYS D 343 17.85 -35.29 18.74
C LYS D 343 17.75 -34.05 17.85
N GLN D 344 18.22 -32.93 18.38
CA GLN D 344 18.16 -31.68 17.64
C GLN D 344 19.12 -31.71 16.46
N GLY D 345 18.59 -31.43 15.27
CA GLY D 345 19.40 -31.44 14.07
C GLY D 345 20.09 -32.74 13.78
N THR D 346 19.42 -33.87 13.99
CA THR D 346 20.05 -35.15 13.74
C THR D 346 19.86 -35.55 12.28
N GLY D 347 20.93 -36.09 11.70
CA GLY D 347 20.91 -36.39 10.28
C GLY D 347 19.79 -37.35 9.91
N ARG D 348 19.43 -37.35 8.64
CA ARG D 348 18.22 -38.03 8.22
C ARG D 348 18.50 -39.44 7.74
N ASP D 349 19.77 -39.81 7.57
CA ASP D 349 20.13 -41.17 7.19
C ASP D 349 21.37 -41.68 7.93
N ASN D 350 21.22 -42.85 8.55
CA ASN D 350 22.34 -43.70 8.96
C ASN D 350 23.20 -43.05 10.04
N VAL D 351 22.60 -42.15 10.82
CA VAL D 351 23.34 -41.46 11.87
C VAL D 351 23.67 -42.44 12.99
N ASP D 352 24.64 -42.06 13.81
CA ASP D 352 25.13 -42.91 14.87
C ASP D 352 24.13 -42.97 16.02
N ALA D 353 24.31 -43.98 16.88
CA ALA D 353 23.37 -44.25 17.95
C ALA D 353 23.13 -43.03 18.84
N ASP D 354 24.21 -42.44 19.35
CA ASP D 354 24.05 -41.30 20.25
C ASP D 354 23.43 -40.09 19.55
N LYS D 355 23.20 -40.16 18.25
CA LYS D 355 22.48 -39.08 17.58
C LYS D 355 20.97 -39.25 17.70
N VAL D 356 20.49 -40.39 18.18
CA VAL D 356 19.07 -40.57 18.33
C VAL D 356 18.75 -40.95 19.77
N MET D 357 17.51 -40.70 20.15
CA MET D 357 16.98 -41.02 21.47
C MET D 357 16.17 -42.29 21.35
N ILE D 358 16.41 -43.23 22.24
CA ILE D 358 15.74 -44.53 22.20
C ILE D 358 14.99 -44.70 23.51
N THR D 359 13.68 -44.71 23.43
CA THR D 359 12.86 -44.72 24.63
C THR D 359 12.63 -46.13 25.14
N ASN D 360 13.05 -46.36 26.38
CA ASN D 360 12.90 -47.65 27.03
C ASN D 360 11.60 -47.71 27.80
N GLU D 361 10.82 -48.75 27.52
CA GLU D 361 9.45 -48.87 28.02
C GLU D 361 9.40 -49.43 29.42
N GLU D 362 10.57 -49.63 30.04
CA GLU D 362 10.72 -50.59 31.14
C GLU D 362 9.64 -50.46 32.19
N GLU D 363 9.04 -49.28 32.33
CA GLU D 363 8.12 -49.01 33.44
C GLU D 363 7.03 -50.07 33.52
N ILE D 364 6.62 -50.62 32.39
CA ILE D 364 5.46 -51.51 32.35
C ILE D 364 5.81 -52.97 32.53
N LYS D 365 7.06 -53.28 32.88
CA LYS D 365 7.51 -54.67 32.76
C LYS D 365 6.68 -55.62 33.60
N THR D 366 6.31 -55.25 34.83
CA THR D 366 5.70 -56.19 35.78
C THR D 366 4.60 -57.00 35.12
N THR D 367 3.52 -56.34 34.71
CA THR D 367 2.42 -57.00 34.05
C THR D 367 2.71 -57.48 32.64
N ASN D 368 3.60 -56.80 31.90
CA ASN D 368 3.73 -57.15 30.49
C ASN D 368 4.87 -58.12 30.27
N PRO D 369 4.74 -59.08 29.36
CA PRO D 369 5.89 -59.93 29.05
C PRO D 369 6.98 -59.13 28.38
N VAL D 370 8.23 -59.51 28.67
CA VAL D 370 9.39 -58.87 28.05
C VAL D 370 9.28 -59.00 26.54
N ALA D 371 9.83 -58.02 25.82
CA ALA D 371 9.66 -58.03 24.37
C ALA D 371 10.73 -58.85 23.68
N THR D 372 11.79 -59.23 24.38
CA THR D 372 12.84 -60.05 23.79
C THR D 372 12.77 -61.53 24.16
N GLU D 373 11.82 -61.94 24.98
CA GLU D 373 11.75 -63.31 25.47
C GLU D 373 10.48 -63.98 24.99
N SER D 374 10.55 -65.29 24.86
CA SER D 374 9.39 -66.07 24.47
C SER D 374 8.36 -66.05 25.59
N TYR D 375 7.13 -66.37 25.22
CA TYR D 375 6.03 -66.21 26.16
C TYR D 375 6.09 -67.29 27.24
N GLY D 376 6.25 -68.54 26.84
CA GLY D 376 6.17 -69.64 27.78
C GLY D 376 6.44 -70.95 27.09
N GLN D 377 5.97 -72.03 27.72
CA GLN D 377 6.26 -73.39 27.27
C GLN D 377 4.96 -74.20 27.16
N VAL D 378 5.01 -75.22 26.33
CA VAL D 378 3.90 -76.16 26.20
C VAL D 378 4.40 -77.60 26.08
N GLY D 392 8.25 -77.08 23.98
CA GLY D 392 8.25 -76.10 22.91
C GLY D 392 8.05 -74.70 23.44
N TRP D 393 8.66 -73.73 22.78
CA TRP D 393 8.54 -72.33 23.17
C TRP D 393 7.33 -71.66 22.53
N VAL D 394 6.74 -70.70 23.22
CA VAL D 394 5.68 -69.88 22.66
C VAL D 394 6.27 -68.54 22.26
N GLN D 395 6.32 -68.29 20.95
CA GLN D 395 6.87 -67.06 20.42
C GLN D 395 5.86 -65.92 20.44
N ASN D 396 4.62 -66.21 20.07
CA ASN D 396 3.59 -65.19 20.06
C ASN D 396 2.27 -65.69 20.63
N GLN D 397 1.78 -64.98 21.64
CA GLN D 397 0.54 -65.36 22.30
C GLN D 397 -0.48 -64.26 22.11
N GLY D 398 -1.74 -64.63 21.89
CA GLY D 398 -2.76 -63.62 21.68
C GLY D 398 -3.51 -63.28 22.95
N ILE D 399 -4.78 -63.63 23.01
CA ILE D 399 -5.58 -63.31 24.20
C ILE D 399 -6.23 -64.54 24.83
N LEU D 400 -6.08 -64.66 26.15
CA LEU D 400 -6.65 -65.77 26.87
C LEU D 400 -7.47 -65.24 28.04
N PRO D 401 -8.61 -65.89 28.33
CA PRO D 401 -9.48 -65.52 29.44
C PRO D 401 -8.65 -65.40 30.71
N GLY D 402 -8.55 -64.20 31.23
CA GLY D 402 -7.72 -63.94 32.38
C GLY D 402 -6.41 -63.25 32.09
N MET D 403 -6.23 -62.70 30.89
CA MET D 403 -5.11 -61.82 30.64
C MET D 403 -5.39 -60.40 31.12
N VAL D 404 -4.33 -59.73 31.56
CA VAL D 404 -4.34 -58.30 31.82
C VAL D 404 -3.04 -57.74 31.27
N TRP D 405 -3.08 -56.49 30.83
CA TRP D 405 -1.88 -55.88 30.29
C TRP D 405 -2.01 -54.37 30.34
N GLN D 406 -0.88 -53.71 30.12
CA GLN D 406 -0.71 -52.27 30.18
C GLN D 406 -0.47 -51.74 28.78
N ASP D 407 -0.73 -50.45 28.60
CA ASP D 407 -0.69 -49.85 27.28
C ASP D 407 0.72 -49.47 26.93
N ARG D 408 0.93 -49.00 25.70
CA ARG D 408 2.21 -48.42 25.38
C ARG D 408 2.23 -46.96 25.83
N ASP D 409 3.35 -46.57 26.41
CA ASP D 409 3.45 -45.28 27.02
C ASP D 409 3.36 -44.18 25.96
N VAL D 410 3.11 -42.96 26.43
CA VAL D 410 3.00 -41.78 25.61
C VAL D 410 4.19 -40.90 25.89
N TYR D 411 4.56 -40.05 24.93
CA TYR D 411 5.73 -39.22 25.16
C TYR D 411 5.44 -37.77 24.85
N LEU D 412 6.17 -36.89 25.53
CA LEU D 412 6.12 -35.47 25.23
C LEU D 412 6.24 -35.25 23.74
N GLN D 413 7.12 -36.00 23.10
CA GLN D 413 7.27 -35.94 21.67
C GLN D 413 6.34 -36.87 20.92
N GLY D 414 5.61 -37.74 21.61
CA GLY D 414 4.86 -38.79 20.95
C GLY D 414 3.41 -38.41 20.73
N PRO D 415 2.75 -39.10 19.83
CA PRO D 415 1.45 -38.63 19.33
C PRO D 415 0.38 -38.60 20.40
N ILE D 416 -0.71 -37.92 20.09
CA ILE D 416 -1.89 -37.86 20.96
C ILE D 416 -2.86 -38.98 20.62
N TRP D 417 -3.38 -38.97 19.41
CA TRP D 417 -4.47 -39.86 19.07
C TRP D 417 -4.17 -40.66 17.81
N ALA D 418 -5.22 -41.36 17.36
CA ALA D 418 -5.23 -42.04 16.08
C ALA D 418 -6.68 -42.26 15.71
N LYS D 419 -6.95 -42.51 14.44
CA LYS D 419 -8.31 -42.80 14.04
C LYS D 419 -8.53 -44.30 14.00
N ILE D 420 -9.46 -44.78 14.80
CA ILE D 420 -9.79 -46.20 14.77
C ILE D 420 -10.43 -46.52 13.43
N PRO D 421 -9.80 -47.30 12.56
CA PRO D 421 -10.31 -47.47 11.21
C PRO D 421 -11.69 -48.08 11.25
N HIS D 422 -12.39 -47.97 10.13
CA HIS D 422 -13.79 -48.33 10.06
C HIS D 422 -13.84 -49.81 9.71
N THR D 423 -14.30 -50.63 10.66
CA THR D 423 -14.19 -52.07 10.50
C THR D 423 -15.40 -52.74 11.14
N ASP D 424 -15.63 -54.00 10.77
CA ASP D 424 -16.65 -54.80 11.44
C ASP D 424 -16.16 -55.30 12.79
N GLY D 425 -14.90 -55.07 13.10
CA GLY D 425 -14.37 -55.52 14.38
C GLY D 425 -13.06 -54.83 14.71
N ASN D 426 -12.77 -54.79 16.00
CA ASN D 426 -11.47 -54.36 16.49
C ASN D 426 -11.32 -54.88 17.91
N PHE D 427 -10.09 -54.90 18.42
CA PHE D 427 -9.86 -55.37 19.77
C PHE D 427 -8.95 -54.43 20.52
N HIS D 428 -9.44 -53.88 21.61
CA HIS D 428 -8.69 -52.96 22.45
C HIS D 428 -8.10 -51.88 21.55
N PRO D 429 -8.93 -51.01 21.01
CA PRO D 429 -8.53 -50.17 19.88
C PRO D 429 -7.37 -49.26 20.16
N SER D 430 -6.97 -49.14 21.42
CA SER D 430 -5.97 -48.17 21.82
C SER D 430 -4.77 -48.27 20.88
N PRO D 431 -4.37 -47.17 20.23
CA PRO D 431 -3.40 -47.27 19.14
C PRO D 431 -2.04 -47.65 19.66
N LEU D 432 -1.27 -48.31 18.78
CA LEU D 432 -0.02 -48.89 19.22
C LEU D 432 1.00 -47.86 19.66
N MET D 433 1.20 -46.77 18.91
CA MET D 433 2.27 -45.87 19.28
C MET D 433 2.04 -45.17 20.61
N GLY D 434 0.87 -45.30 21.19
CA GLY D 434 0.53 -44.61 22.42
C GLY D 434 -0.49 -43.54 22.20
N GLY D 435 -1.03 -43.03 23.30
CA GLY D 435 -2.11 -42.09 23.22
C GLY D 435 -3.47 -42.73 23.28
N PHE D 436 -4.40 -42.12 22.58
CA PHE D 436 -5.82 -42.42 22.70
C PHE D 436 -6.37 -42.86 21.36
N GLY D 437 -7.27 -43.83 21.37
CA GLY D 437 -7.99 -44.17 20.16
C GLY D 437 -9.34 -43.48 20.11
N MET D 438 -9.82 -43.22 18.90
CA MET D 438 -11.12 -42.59 18.71
C MET D 438 -11.71 -43.07 17.40
N LYS D 439 -13.03 -43.11 17.31
CA LYS D 439 -13.67 -43.35 16.02
C LYS D 439 -13.80 -42.07 15.21
N HIS D 440 -14.01 -40.94 15.88
CA HIS D 440 -14.24 -39.67 15.20
C HIS D 440 -13.26 -38.63 15.73
N PRO D 441 -11.97 -38.78 15.47
CA PRO D 441 -10.98 -37.93 16.11
C PRO D 441 -11.14 -36.49 15.69
N PRO D 442 -10.38 -35.56 16.27
CA PRO D 442 -10.54 -34.15 15.96
C PRO D 442 -10.23 -33.88 14.50
N PRO D 443 -11.10 -33.14 13.83
CA PRO D 443 -11.12 -33.17 12.39
C PRO D 443 -9.85 -32.62 11.80
N GLN D 444 -9.67 -32.93 10.52
CA GLN D 444 -8.59 -32.34 9.76
C GLN D 444 -8.90 -30.91 9.42
N ILE D 445 -7.86 -30.13 9.13
CA ILE D 445 -8.01 -28.75 8.72
C ILE D 445 -7.13 -28.55 7.50
N LEU D 446 -7.75 -28.21 6.38
CA LEU D 446 -7.04 -28.09 5.13
C LEU D 446 -7.05 -26.63 4.70
N ILE D 447 -5.89 -26.10 4.35
CA ILE D 447 -5.80 -24.69 3.97
C ILE D 447 -4.89 -24.56 2.76
N LYS D 448 -5.45 -24.06 1.67
CA LYS D 448 -4.66 -23.77 0.49
C LYS D 448 -4.88 -22.33 0.10
N ASN D 449 -3.94 -21.80 -0.66
CA ASN D 449 -4.13 -20.51 -1.27
C ASN D 449 -5.16 -20.65 -2.38
N THR D 450 -5.71 -19.54 -2.82
CA THR D 450 -6.60 -19.56 -3.95
C THR D 450 -5.85 -19.14 -5.18
N PRO D 451 -5.90 -19.90 -6.27
CA PRO D 451 -5.07 -19.58 -7.44
C PRO D 451 -5.42 -18.19 -7.97
N VAL D 452 -4.39 -17.45 -8.38
CA VAL D 452 -4.58 -16.17 -9.03
C VAL D 452 -3.93 -16.24 -10.40
N PRO D 453 -4.67 -16.28 -11.49
CA PRO D 453 -4.06 -16.44 -12.80
C PRO D 453 -3.37 -15.19 -13.31
N ALA D 454 -2.22 -15.38 -13.94
CA ALA D 454 -1.54 -14.32 -14.66
C ALA D 454 -2.34 -13.95 -15.88
N ASP D 455 -2.04 -12.77 -16.42
CA ASP D 455 -2.94 -12.18 -17.41
C ASP D 455 -3.16 -13.13 -18.58
N PRO D 456 -4.37 -13.63 -18.77
CA PRO D 456 -4.64 -14.56 -19.84
C PRO D 456 -4.73 -13.82 -21.16
N PRO D 457 -4.66 -14.52 -22.28
CA PRO D 457 -4.55 -13.83 -23.57
C PRO D 457 -5.83 -13.11 -23.95
N THR D 458 -5.82 -12.47 -25.11
CA THR D 458 -7.03 -11.83 -25.61
C THR D 458 -7.92 -12.82 -26.36
N ALA D 459 -7.34 -13.72 -27.12
CA ALA D 459 -8.11 -14.61 -27.97
C ALA D 459 -8.41 -15.90 -27.23
N PHE D 460 -9.68 -16.11 -26.91
CA PHE D 460 -10.08 -17.14 -25.96
C PHE D 460 -9.47 -18.49 -26.30
N ASN D 461 -8.90 -19.13 -25.28
CA ASN D 461 -8.18 -20.37 -25.42
C ASN D 461 -8.67 -21.35 -24.38
N LYS D 462 -9.31 -22.44 -24.82
CA LYS D 462 -10.07 -23.26 -23.91
C LYS D 462 -9.19 -23.98 -22.90
N ASP D 463 -7.91 -24.17 -23.19
CA ASP D 463 -7.01 -24.79 -22.23
C ASP D 463 -7.07 -24.04 -20.91
N LYS D 464 -6.88 -24.77 -19.82
CA LYS D 464 -6.95 -24.14 -18.51
C LYS D 464 -5.72 -23.28 -18.27
N LEU D 465 -5.82 -22.37 -17.31
CA LEU D 465 -4.72 -21.45 -17.10
C LEU D 465 -3.61 -22.09 -16.30
N ASN D 466 -2.46 -22.21 -16.91
CA ASN D 466 -1.31 -22.88 -16.34
C ASN D 466 -0.31 -21.93 -15.73
N SER D 467 -0.56 -20.63 -15.79
CA SER D 467 0.40 -19.61 -15.37
C SER D 467 -0.21 -18.75 -14.28
N PHE D 468 0.34 -18.84 -13.07
CA PHE D 468 -0.25 -18.19 -11.90
C PHE D 468 0.77 -17.29 -11.23
N ILE D 469 0.27 -16.29 -10.51
CA ILE D 469 1.13 -15.46 -9.68
C ILE D 469 1.66 -16.31 -8.54
N THR D 470 2.89 -16.06 -8.13
CA THR D 470 3.44 -16.74 -6.97
C THR D 470 2.99 -16.03 -5.70
N GLN D 471 2.46 -16.79 -4.74
CA GLN D 471 2.01 -16.21 -3.49
C GLN D 471 2.41 -17.13 -2.36
N TYR D 472 2.26 -16.64 -1.15
CA TYR D 472 2.29 -17.50 0.01
C TYR D 472 1.61 -16.75 1.13
N SER D 473 1.25 -17.47 2.18
CA SER D 473 0.45 -16.88 3.25
C SER D 473 1.11 -17.07 4.60
N THR D 474 0.72 -16.25 5.55
CA THR D 474 1.26 -16.26 6.90
C THR D 474 0.28 -15.63 7.86
N GLY D 475 0.48 -15.85 9.15
CA GLY D 475 -0.61 -15.64 10.10
C GLY D 475 -0.40 -16.12 11.51
N GLN D 476 -1.47 -16.52 12.17
CA GLN D 476 -1.37 -17.19 13.46
C GLN D 476 -2.13 -18.50 13.37
N VAL D 477 -1.93 -19.39 14.33
CA VAL D 477 -2.77 -20.57 14.54
C VAL D 477 -2.85 -20.81 16.04
N SER D 478 -4.04 -21.10 16.55
CA SER D 478 -4.20 -21.30 17.97
C SER D 478 -5.07 -22.49 18.25
N VAL D 479 -4.76 -23.20 19.32
CA VAL D 479 -5.48 -24.41 19.67
C VAL D 479 -5.63 -24.48 21.19
N GLU D 480 -6.83 -24.78 21.64
CA GLU D 480 -7.17 -24.75 23.06
C GLU D 480 -7.78 -26.07 23.45
N ILE D 481 -7.10 -26.83 24.30
CA ILE D 481 -7.47 -28.20 24.58
C ILE D 481 -7.68 -28.36 26.08
N GLU D 482 -8.89 -28.74 26.46
CA GLU D 482 -9.23 -28.87 27.87
C GLU D 482 -8.88 -30.27 28.34
N TRP D 483 -7.96 -30.35 29.30
CA TRP D 483 -7.44 -31.62 29.76
C TRP D 483 -8.04 -31.90 31.12
N GLU D 484 -8.23 -33.17 31.44
CA GLU D 484 -8.83 -33.58 32.70
C GLU D 484 -7.81 -34.42 33.47
N LEU D 485 -7.87 -34.38 34.79
CA LEU D 485 -6.88 -35.08 35.58
C LEU D 485 -7.53 -36.00 36.60
N GLN D 486 -6.76 -36.98 37.07
CA GLN D 486 -7.25 -37.98 38.01
C GLN D 486 -6.32 -37.91 39.23
N LYS D 487 -6.84 -37.38 40.33
CA LYS D 487 -5.95 -36.90 41.37
C LYS D 487 -5.23 -38.04 42.07
N GLU D 488 -4.17 -37.69 42.80
CA GLU D 488 -3.39 -38.67 43.55
C GLU D 488 -4.00 -38.93 44.92
N ASN D 489 -4.37 -40.18 45.16
CA ASN D 489 -4.94 -40.60 46.44
C ASN D 489 -3.96 -41.34 47.35
N SER D 490 -2.75 -41.63 46.88
CA SER D 490 -1.96 -42.72 47.45
C SER D 490 -1.71 -42.54 48.95
N LYS D 491 -1.65 -43.68 49.64
CA LYS D 491 -1.28 -43.75 51.05
C LYS D 491 0.18 -44.10 51.25
N ARG D 492 0.95 -44.23 50.16
CA ARG D 492 2.29 -44.78 50.22
C ARG D 492 3.14 -44.02 51.23
N TRP D 493 3.68 -44.72 52.22
CA TRP D 493 4.36 -44.02 53.30
C TRP D 493 5.72 -43.48 52.84
N ASN D 494 6.42 -44.22 52.01
CA ASN D 494 7.68 -43.76 51.47
C ASN D 494 7.47 -42.93 50.20
N PRO D 495 8.38 -41.99 49.92
CA PRO D 495 8.11 -41.00 48.88
C PRO D 495 8.28 -41.56 47.49
N GLU D 496 7.57 -40.95 46.53
CA GLU D 496 7.41 -41.50 45.19
C GLU D 496 8.71 -41.34 44.40
N ILE D 497 8.68 -41.74 43.13
CA ILE D 497 9.72 -41.41 42.16
C ILE D 497 9.20 -40.30 41.28
N GLN D 498 9.76 -39.12 41.45
CA GLN D 498 9.34 -37.89 40.78
C GLN D 498 10.28 -37.67 39.61
N TYR D 499 9.79 -37.06 38.55
CA TYR D 499 10.72 -36.51 37.57
C TYR D 499 11.41 -35.32 38.19
N THR D 500 12.65 -35.06 37.80
CA THR D 500 13.31 -33.85 38.26
C THR D 500 14.46 -33.50 37.33
N SER D 501 14.84 -32.23 37.38
CA SER D 501 16.07 -31.79 36.78
C SER D 501 17.26 -32.27 37.61
N ASN D 502 18.43 -32.27 36.98
CA ASN D 502 19.67 -32.49 37.70
C ASN D 502 20.28 -31.14 38.02
N TYR D 503 20.91 -31.04 39.18
CA TYR D 503 21.48 -29.76 39.57
C TYR D 503 22.84 -29.51 38.96
N TYR D 504 23.55 -30.57 38.55
CA TYR D 504 24.96 -30.44 38.25
C TYR D 504 25.18 -29.49 37.07
N LYS D 505 26.12 -28.57 37.27
CA LYS D 505 26.27 -27.41 36.39
C LYS D 505 26.58 -27.84 34.96
N SER D 506 26.01 -27.12 34.00
CA SER D 506 26.15 -27.51 32.61
C SER D 506 26.14 -26.27 31.72
N ASN D 507 26.52 -26.47 30.46
CA ASN D 507 26.70 -25.34 29.56
C ASN D 507 25.36 -24.83 29.02
N ASN D 508 24.34 -25.65 29.05
CA ASN D 508 23.04 -25.22 28.55
C ASN D 508 21.93 -25.79 29.42
N VAL D 509 21.07 -24.90 29.91
CA VAL D 509 19.85 -25.34 30.55
C VAL D 509 19.11 -26.26 29.60
N GLU D 510 18.68 -27.41 30.10
CA GLU D 510 17.91 -28.35 29.28
C GLU D 510 16.57 -27.71 28.89
N PHE D 511 16.11 -28.03 27.68
CA PHE D 511 14.89 -27.50 27.07
C PHE D 511 14.92 -25.98 26.91
N ALA D 512 16.10 -25.45 26.62
CA ALA D 512 16.29 -24.03 26.43
C ALA D 512 17.18 -23.80 25.23
N VAL D 513 17.02 -22.66 24.59
CA VAL D 513 17.80 -22.32 23.41
C VAL D 513 19.29 -22.16 23.73
N ASN D 514 20.13 -22.59 22.79
CA ASN D 514 21.58 -22.47 22.92
C ASN D 514 22.05 -21.12 22.34
N THR D 515 23.35 -20.91 22.21
CA THR D 515 23.83 -19.63 21.71
C THR D 515 23.30 -19.33 20.30
N GLU D 516 23.26 -20.35 19.44
CA GLU D 516 22.73 -20.18 18.08
C GLU D 516 21.25 -19.78 18.08
N GLY D 517 20.49 -20.29 19.03
CA GLY D 517 19.07 -20.01 19.14
C GLY D 517 18.19 -21.20 18.82
N VAL D 518 18.81 -22.32 18.47
CA VAL D 518 18.06 -23.53 18.19
C VAL D 518 17.49 -24.02 19.51
N TYR D 519 16.25 -24.51 19.51
CA TYR D 519 15.67 -25.00 20.75
C TYR D 519 15.69 -26.51 20.72
N SER D 520 16.36 -27.12 21.69
CA SER D 520 16.50 -28.57 21.70
C SER D 520 16.01 -29.31 22.93
N GLU D 521 15.22 -30.36 22.72
CA GLU D 521 14.75 -31.20 23.80
C GLU D 521 15.83 -32.26 23.93
N PRO D 522 16.51 -32.30 25.08
CA PRO D 522 17.61 -33.26 25.24
C PRO D 522 17.15 -34.68 25.43
N ARG D 523 16.06 -34.89 26.14
CA ARG D 523 15.64 -36.22 26.51
C ARG D 523 14.15 -36.34 26.25
N PRO D 524 13.69 -37.50 25.81
CA PRO D 524 12.26 -37.76 25.80
C PRO D 524 11.81 -37.90 27.25
N ILE D 525 10.51 -37.76 27.46
CA ILE D 525 9.96 -37.80 28.80
C ILE D 525 8.74 -38.69 28.81
N GLY D 526 8.83 -39.80 29.51
CA GLY D 526 7.69 -40.68 29.64
C GLY D 526 6.84 -40.31 30.82
N THR D 527 5.58 -40.72 30.77
CA THR D 527 4.60 -40.23 31.72
C THR D 527 4.40 -41.14 32.92
N ARG D 528 5.06 -42.28 32.99
CA ARG D 528 4.88 -43.18 34.12
C ARG D 528 5.93 -42.89 35.19
N TYR D 529 5.47 -42.35 36.32
CA TYR D 529 6.28 -42.08 37.48
C TYR D 529 5.60 -42.61 38.75
N LEU D 530 4.38 -42.17 39.01
CA LEU D 530 3.64 -42.55 40.19
C LEU D 530 3.38 -44.05 40.25
N THR D 531 2.97 -44.52 41.42
CA THR D 531 2.75 -45.94 41.63
C THR D 531 1.37 -46.20 42.21
N ARG D 532 0.68 -47.16 41.61
CA ARG D 532 -0.58 -47.66 42.12
C ARG D 532 -0.50 -49.16 42.34
N ASN D 533 -1.41 -49.66 43.17
CA ASN D 533 -1.44 -51.08 43.47
C ASN D 533 -1.89 -51.87 42.24
N LEU D 534 -1.50 -53.13 42.21
CA LEU D 534 -1.88 -54.00 41.12
C LEU D 534 -3.16 -54.72 41.46
N ASP E 17 -18.81 -3.48 0.47
CA ASP E 17 -18.31 -3.49 1.82
C ASP E 17 -16.89 -2.91 1.91
N GLY E 18 -15.88 -3.79 1.96
CA GLY E 18 -14.52 -3.37 2.21
C GLY E 18 -13.54 -4.28 1.51
N VAL E 19 -12.27 -3.88 1.55
CA VAL E 19 -11.27 -4.59 0.79
C VAL E 19 -10.86 -5.86 1.50
N GLY E 20 -10.67 -5.78 2.81
CA GLY E 20 -10.07 -6.89 3.52
C GLY E 20 -11.09 -7.89 4.03
N SER E 21 -12.24 -7.96 3.40
CA SER E 21 -13.27 -8.91 3.78
C SER E 21 -13.78 -9.64 2.55
N SER E 22 -13.85 -10.96 2.63
CA SER E 22 -14.33 -11.73 1.49
C SER E 22 -15.79 -11.45 1.24
N SER E 23 -16.22 -11.68 0.00
CA SER E 23 -17.59 -11.45 -0.42
C SER E 23 -18.43 -12.70 -0.47
N GLY E 24 -17.89 -13.85 -0.13
CA GLY E 24 -18.63 -15.09 -0.28
C GLY E 24 -17.83 -16.25 0.25
N ASN E 25 -18.33 -17.44 0.00
CA ASN E 25 -17.70 -18.67 0.45
C ASN E 25 -17.77 -19.69 -0.68
N TRP E 26 -16.72 -20.50 -0.78
CA TRP E 26 -16.69 -21.56 -1.76
C TRP E 26 -17.80 -22.57 -1.48
N HIS E 27 -18.51 -22.99 -2.52
CA HIS E 27 -19.52 -24.03 -2.39
C HIS E 27 -19.37 -25.00 -3.54
N CYS E 28 -19.10 -26.26 -3.22
CA CYS E 28 -19.27 -27.36 -4.16
C CYS E 28 -19.75 -28.52 -3.30
N ASP E 29 -20.77 -29.22 -3.76
CA ASP E 29 -21.33 -30.29 -2.94
C ASP E 29 -22.29 -31.07 -3.81
N SER E 30 -23.03 -31.96 -3.17
CA SER E 30 -24.18 -32.60 -3.77
C SER E 30 -25.12 -32.98 -2.65
N GLN E 31 -26.42 -32.85 -2.87
CA GLN E 31 -27.39 -33.04 -1.80
C GLN E 31 -28.52 -33.89 -2.34
N TRP E 32 -28.70 -35.07 -1.78
CA TRP E 32 -29.65 -36.04 -2.30
C TRP E 32 -30.84 -36.11 -1.37
N LEU E 33 -31.95 -35.57 -1.82
CA LEU E 33 -33.13 -35.41 -0.98
C LEU E 33 -34.29 -36.04 -1.72
N GLY E 34 -34.79 -37.16 -1.21
CA GLY E 34 -36.07 -37.62 -1.70
C GLY E 34 -36.09 -37.75 -3.21
N ASP E 35 -36.99 -36.98 -3.82
CA ASP E 35 -37.11 -36.91 -5.26
C ASP E 35 -36.23 -35.85 -5.90
N ARG E 36 -35.52 -35.06 -5.11
CA ARG E 36 -34.93 -33.82 -5.63
C ARG E 36 -33.46 -33.77 -5.30
N VAL E 37 -32.70 -33.06 -6.12
CA VAL E 37 -31.24 -33.06 -6.06
C VAL E 37 -30.72 -31.64 -6.23
N ILE E 38 -29.88 -31.22 -5.30
CA ILE E 38 -29.32 -29.88 -5.30
C ILE E 38 -27.82 -29.99 -5.47
N THR E 39 -27.32 -29.57 -6.63
CA THR E 39 -25.92 -29.71 -6.98
C THR E 39 -25.31 -28.34 -7.17
N THR E 40 -24.24 -28.05 -6.44
CA THR E 40 -23.61 -26.75 -6.52
C THR E 40 -22.19 -26.86 -7.02
N SER E 41 -21.87 -26.09 -8.05
CA SER E 41 -20.54 -26.06 -8.62
C SER E 41 -19.92 -24.71 -8.31
N THR E 42 -18.61 -24.67 -8.22
CA THR E 42 -17.89 -23.42 -8.10
C THR E 42 -16.57 -23.52 -8.83
N ARG E 43 -16.18 -22.47 -9.54
CA ARG E 43 -14.92 -22.48 -10.26
C ARG E 43 -14.28 -21.13 -10.11
N THR E 44 -13.01 -21.03 -10.50
CA THR E 44 -12.25 -19.78 -10.38
C THR E 44 -11.99 -19.23 -11.77
N TRP E 45 -12.37 -17.99 -12.01
CA TRP E 45 -12.45 -17.48 -13.37
C TRP E 45 -11.45 -16.38 -13.57
N ALA E 46 -11.08 -16.13 -14.82
CA ALA E 46 -10.19 -15.05 -15.18
C ALA E 46 -10.67 -14.42 -16.46
N LEU E 47 -10.84 -13.11 -16.46
CA LEU E 47 -11.44 -12.44 -17.60
C LEU E 47 -10.47 -11.46 -18.23
N PRO E 48 -10.07 -11.63 -19.46
CA PRO E 48 -9.22 -10.64 -20.10
C PRO E 48 -10.04 -9.53 -20.70
N THR E 49 -9.41 -8.70 -21.52
CA THR E 49 -10.09 -7.61 -22.20
C THR E 49 -10.21 -7.91 -23.69
N TYR E 50 -11.42 -8.22 -24.13
CA TYR E 50 -11.62 -8.58 -25.52
C TYR E 50 -11.72 -7.39 -26.44
N ASN E 51 -11.33 -7.63 -27.69
CA ASN E 51 -11.47 -6.65 -28.76
C ASN E 51 -10.85 -5.32 -28.40
N ASN E 52 -9.98 -5.28 -27.42
CA ASN E 52 -9.49 -4.02 -26.88
C ASN E 52 -10.61 -3.03 -26.68
N HIS E 53 -11.67 -3.46 -25.99
CA HIS E 53 -12.80 -2.60 -25.65
C HIS E 53 -13.47 -2.02 -26.89
N LEU E 54 -13.87 -2.86 -27.82
CA LEU E 54 -14.48 -2.39 -29.04
C LEU E 54 -15.54 -3.37 -29.50
N TYR E 55 -16.59 -2.84 -30.11
CA TYR E 55 -17.54 -3.66 -30.81
C TYR E 55 -17.12 -3.70 -32.27
N LYS E 56 -16.61 -4.83 -32.71
CA LYS E 56 -16.09 -4.93 -34.05
C LYS E 56 -17.06 -5.75 -34.87
N GLN E 57 -17.33 -5.30 -36.09
CA GLN E 57 -17.96 -6.14 -37.07
C GLN E 57 -17.03 -7.29 -37.41
N ILE E 58 -17.60 -8.43 -37.77
CA ILE E 58 -16.85 -9.52 -38.36
C ILE E 58 -17.71 -10.14 -39.42
N SER E 59 -17.06 -10.63 -40.46
CA SER E 59 -17.75 -11.46 -41.43
C SER E 59 -16.72 -12.43 -41.97
N ASN E 60 -17.17 -13.31 -42.86
CA ASN E 60 -16.23 -14.22 -43.50
C ASN E 60 -15.18 -13.45 -44.25
N SER E 61 -15.47 -12.20 -44.59
CA SER E 61 -14.51 -11.37 -45.31
C SER E 61 -13.22 -11.17 -44.53
N THR E 62 -13.31 -10.62 -43.32
CA THR E 62 -12.10 -10.48 -42.50
C THR E 62 -11.53 -11.85 -42.18
N SER E 63 -12.37 -12.88 -42.24
CA SER E 63 -11.87 -14.24 -42.17
C SER E 63 -11.23 -14.64 -43.49
N GLY E 64 -11.88 -14.33 -44.60
CA GLY E 64 -11.36 -14.60 -45.92
C GLY E 64 -12.08 -15.71 -46.68
N GLY E 65 -12.90 -16.51 -46.01
CA GLY E 65 -13.50 -17.66 -46.65
C GLY E 65 -14.51 -17.28 -47.71
N SER E 66 -14.36 -17.87 -48.90
CA SER E 66 -15.24 -17.63 -50.03
C SER E 66 -16.40 -18.61 -50.15
N SER E 67 -16.39 -19.72 -49.41
CA SER E 67 -17.38 -20.76 -49.61
C SER E 67 -18.76 -20.29 -49.22
N ASN E 68 -19.75 -20.59 -50.07
CA ASN E 68 -21.05 -19.97 -49.90
C ASN E 68 -21.79 -20.50 -48.68
N ASP E 69 -21.88 -21.83 -48.56
CA ASP E 69 -22.58 -22.40 -47.42
C ASP E 69 -22.03 -21.90 -46.09
N ASN E 70 -20.77 -21.45 -46.08
CA ASN E 70 -20.11 -21.04 -44.84
C ASN E 70 -20.13 -19.54 -44.58
N ALA E 71 -20.82 -18.74 -45.40
CA ALA E 71 -20.77 -17.30 -45.22
C ALA E 71 -21.45 -16.89 -43.93
N TYR E 72 -21.01 -15.77 -43.36
CA TYR E 72 -21.61 -15.24 -42.15
C TYR E 72 -21.37 -13.75 -42.04
N PHE E 73 -22.10 -13.14 -41.13
CA PHE E 73 -21.99 -11.74 -40.77
C PHE E 73 -22.28 -11.66 -39.28
N GLY E 74 -21.70 -10.69 -38.60
CA GLY E 74 -22.00 -10.58 -37.19
C GLY E 74 -21.02 -9.68 -36.47
N TYR E 75 -21.29 -9.46 -35.20
CA TYR E 75 -20.49 -8.54 -34.40
C TYR E 75 -19.94 -9.26 -33.20
N SER E 76 -18.65 -9.05 -32.94
CA SER E 76 -17.99 -9.65 -31.80
C SER E 76 -17.90 -8.54 -30.79
N THR E 77 -18.09 -8.86 -29.52
CA THR E 77 -18.09 -7.84 -28.48
C THR E 77 -17.19 -8.19 -27.32
N PRO E 78 -16.86 -7.20 -26.50
CA PRO E 78 -15.99 -7.38 -25.36
C PRO E 78 -16.60 -8.16 -24.20
N TRP E 79 -17.91 -8.38 -24.18
CA TRP E 79 -18.45 -9.05 -23.03
C TRP E 79 -18.03 -10.51 -22.96
N GLY E 80 -17.90 -11.01 -21.74
CA GLY E 80 -17.72 -12.44 -21.56
C GLY E 80 -19.02 -13.06 -21.17
N TYR E 81 -19.19 -14.37 -21.33
CA TYR E 81 -20.43 -14.97 -20.87
C TYR E 81 -20.14 -16.33 -20.26
N PHE E 82 -20.81 -16.63 -19.16
CA PHE E 82 -20.67 -17.92 -18.50
C PHE E 82 -21.50 -18.95 -19.22
N ASP E 83 -20.85 -19.99 -19.73
CA ASP E 83 -21.59 -21.14 -20.23
C ASP E 83 -21.37 -22.25 -19.21
N PHE E 84 -22.37 -22.44 -18.36
CA PHE E 84 -22.38 -23.52 -17.41
C PHE E 84 -23.29 -24.63 -17.88
N ASN E 85 -23.74 -24.56 -19.13
CA ASN E 85 -24.73 -25.46 -19.70
C ASN E 85 -24.33 -26.93 -19.54
N ARG E 86 -23.18 -27.30 -20.06
CA ARG E 86 -22.83 -28.71 -20.20
C ARG E 86 -22.91 -29.41 -18.85
N PHE E 87 -23.52 -30.61 -18.84
CA PHE E 87 -23.73 -31.35 -17.60
C PHE E 87 -22.50 -31.39 -16.72
N HIS E 88 -21.34 -31.66 -17.30
CA HIS E 88 -20.22 -32.04 -16.43
C HIS E 88 -19.79 -30.92 -15.51
N CYS E 89 -20.35 -29.72 -15.70
CA CYS E 89 -20.10 -28.65 -14.75
C CYS E 89 -20.83 -28.92 -13.45
N HIS E 90 -22.01 -29.52 -13.53
CA HIS E 90 -22.88 -29.64 -12.38
C HIS E 90 -22.88 -31.00 -11.71
N PHE E 91 -22.18 -31.98 -12.22
CA PHE E 91 -22.16 -33.32 -11.64
C PHE E 91 -20.75 -33.85 -11.53
N SER E 92 -20.39 -34.27 -10.37
CA SER E 92 -19.24 -35.14 -10.30
C SER E 92 -19.60 -36.47 -10.94
N PRO E 93 -18.65 -37.16 -11.56
CA PRO E 93 -18.97 -38.45 -12.15
C PRO E 93 -19.70 -39.36 -11.18
N ARG E 94 -19.27 -39.40 -9.93
CA ARG E 94 -19.94 -40.22 -8.94
C ARG E 94 -21.43 -39.94 -8.93
N ASP E 95 -21.82 -38.69 -8.72
CA ASP E 95 -23.24 -38.35 -8.80
C ASP E 95 -23.87 -38.93 -10.04
N TRP E 96 -23.16 -38.87 -11.16
CA TRP E 96 -23.79 -39.33 -12.38
C TRP E 96 -24.09 -40.81 -12.32
N GLN E 97 -23.07 -41.61 -12.01
CA GLN E 97 -23.30 -43.02 -11.74
C GLN E 97 -24.46 -43.20 -10.78
N ARG E 98 -24.47 -42.42 -9.70
CA ARG E 98 -25.54 -42.51 -8.72
C ARG E 98 -26.87 -42.12 -9.33
N LEU E 99 -26.87 -41.12 -10.21
CA LEU E 99 -28.12 -40.56 -10.72
C LEU E 99 -28.81 -41.51 -11.68
N ILE E 100 -28.08 -42.01 -12.67
CA ILE E 100 -28.72 -42.76 -13.73
C ILE E 100 -29.02 -44.18 -13.35
N ASN E 101 -28.26 -44.78 -12.44
CA ASN E 101 -28.55 -46.13 -12.01
C ASN E 101 -29.88 -46.27 -11.29
N ASN E 102 -30.19 -45.36 -10.38
CA ASN E 102 -31.32 -45.51 -9.49
C ASN E 102 -32.60 -44.87 -10.01
N ASN E 103 -32.59 -44.22 -11.16
CA ASN E 103 -33.66 -43.29 -11.49
C ASN E 103 -34.03 -43.35 -12.95
N TRP E 104 -35.33 -43.35 -13.24
CA TRP E 104 -35.79 -43.34 -14.63
C TRP E 104 -35.67 -41.97 -15.29
N GLY E 105 -36.18 -40.91 -14.68
CA GLY E 105 -36.23 -39.66 -15.41
C GLY E 105 -36.08 -38.48 -14.49
N PHE E 106 -35.77 -37.34 -15.10
CA PHE E 106 -35.57 -36.14 -14.32
C PHE E 106 -35.77 -34.92 -15.19
N ARG E 107 -35.59 -33.75 -14.57
CA ARG E 107 -35.81 -32.44 -15.17
C ARG E 107 -35.46 -31.37 -14.16
N PRO E 108 -34.82 -30.29 -14.57
CA PRO E 108 -34.44 -29.26 -13.60
C PRO E 108 -35.64 -28.47 -13.11
N LYS E 109 -35.43 -27.76 -11.99
CA LYS E 109 -36.42 -26.86 -11.44
C LYS E 109 -35.86 -25.46 -11.25
N ARG E 110 -34.86 -25.29 -10.39
CA ARG E 110 -34.40 -23.97 -10.01
C ARG E 110 -32.92 -23.83 -10.31
N LEU E 111 -32.47 -22.59 -10.40
CA LEU E 111 -31.10 -22.26 -10.72
C LEU E 111 -30.68 -21.09 -9.87
N ASN E 112 -29.48 -21.15 -9.34
CA ASN E 112 -28.99 -20.14 -8.42
C ASN E 112 -27.57 -19.82 -8.82
N PHE E 113 -27.29 -18.56 -9.06
CA PHE E 113 -25.99 -18.16 -9.57
C PHE E 113 -25.40 -17.04 -8.72
N LYS E 114 -24.33 -17.36 -8.01
CA LYS E 114 -23.62 -16.39 -7.19
C LYS E 114 -22.25 -16.15 -7.78
N LEU E 115 -21.87 -14.88 -7.85
CA LEU E 115 -20.60 -14.48 -8.44
C LEU E 115 -19.91 -13.52 -7.48
N PHE E 116 -18.77 -13.91 -6.95
CA PHE E 116 -18.23 -13.20 -5.81
C PHE E 116 -16.72 -13.19 -5.88
N ASN E 117 -16.12 -12.50 -4.92
CA ASN E 117 -14.68 -12.35 -4.81
C ASN E 117 -14.05 -11.78 -6.06
N ILE E 118 -14.59 -10.66 -6.53
CA ILE E 118 -13.95 -9.97 -7.64
C ILE E 118 -12.56 -9.51 -7.22
N GLN E 119 -11.61 -9.63 -8.13
CA GLN E 119 -10.28 -9.07 -7.96
C GLN E 119 -9.90 -8.52 -9.32
N VAL E 120 -9.43 -7.29 -9.36
CA VAL E 120 -9.01 -6.69 -10.62
C VAL E 120 -7.51 -6.49 -10.54
N LYS E 121 -6.82 -6.81 -11.62
CA LYS E 121 -5.38 -6.74 -11.68
C LYS E 121 -4.98 -5.77 -12.77
N GLU E 122 -3.74 -5.29 -12.72
CA GLU E 122 -3.27 -4.25 -13.62
C GLU E 122 -1.93 -4.62 -14.21
N VAL E 123 -1.89 -4.80 -15.53
CA VAL E 123 -0.69 -5.20 -16.22
C VAL E 123 0.22 -4.03 -16.61
N THR E 124 1.49 -4.13 -16.24
CA THR E 124 2.45 -3.11 -16.59
C THR E 124 3.43 -3.72 -17.57
N ASP E 125 3.63 -3.06 -18.70
CA ASP E 125 4.51 -3.58 -19.71
C ASP E 125 5.76 -2.71 -19.87
N ASN E 126 6.92 -3.36 -19.83
CA ASN E 126 8.20 -2.68 -19.97
C ASN E 126 9.03 -3.42 -21.01
N ASN E 127 9.99 -2.70 -21.61
CA ASN E 127 10.88 -3.23 -22.65
C ASN E 127 11.36 -4.66 -22.40
N GLY E 128 11.32 -5.06 -21.13
CA GLY E 128 11.70 -6.41 -20.77
C GLY E 128 10.75 -7.04 -19.77
N VAL E 129 10.51 -6.32 -18.68
CA VAL E 129 9.66 -6.76 -17.57
C VAL E 129 8.14 -6.69 -17.81
N LYS E 130 7.39 -7.42 -16.98
CA LYS E 130 5.94 -7.40 -16.97
C LYS E 130 5.60 -7.36 -15.50
N THR E 131 4.60 -6.58 -15.10
CA THR E 131 4.30 -6.52 -13.68
C THR E 131 2.79 -6.50 -13.46
N ILE E 132 2.32 -7.40 -12.62
CA ILE E 132 0.89 -7.50 -12.36
C ILE E 132 0.62 -6.98 -10.96
N ALA E 133 0.16 -5.74 -10.86
CA ALA E 133 -0.13 -5.17 -9.56
C ALA E 133 -1.62 -5.06 -9.37
N ASN E 134 -2.02 -4.66 -8.17
CA ASN E 134 -3.43 -4.52 -7.82
C ASN E 134 -3.94 -3.18 -8.27
N ASN E 135 -5.11 -3.18 -8.85
CA ASN E 135 -5.90 -1.97 -8.94
C ASN E 135 -7.12 -2.21 -8.08
N LEU E 136 -7.16 -1.61 -6.91
CA LEU E 136 -8.27 -1.89 -6.01
C LEU E 136 -9.54 -1.19 -6.44
N THR E 137 -9.44 0.01 -6.98
CA THR E 137 -10.60 0.84 -7.26
C THR E 137 -11.28 0.57 -8.59
N SER E 138 -10.84 -0.40 -9.38
CA SER E 138 -11.50 -0.69 -10.65
C SER E 138 -12.83 -1.41 -10.45
N THR E 139 -13.63 -1.44 -11.51
CA THR E 139 -14.95 -2.06 -11.50
C THR E 139 -15.06 -3.12 -12.59
N VAL E 140 -16.00 -4.03 -12.42
CA VAL E 140 -16.29 -5.08 -13.40
C VAL E 140 -17.79 -5.26 -13.52
N GLN E 141 -18.33 -5.02 -14.71
CA GLN E 141 -19.77 -4.95 -14.93
C GLN E 141 -20.31 -6.32 -15.23
N VAL E 142 -21.50 -6.61 -14.75
CA VAL E 142 -22.16 -7.87 -15.04
C VAL E 142 -23.66 -7.63 -15.12
N PHE E 143 -24.32 -8.25 -16.07
CA PHE E 143 -25.78 -8.19 -16.07
C PHE E 143 -26.33 -9.48 -16.62
N THR E 144 -27.38 -9.96 -15.99
CA THR E 144 -28.21 -11.03 -16.53
C THR E 144 -29.10 -10.42 -17.57
N ASP E 145 -29.44 -11.19 -18.58
CA ASP E 145 -30.41 -10.76 -19.59
C ASP E 145 -31.67 -11.57 -19.36
N SER E 146 -32.62 -11.00 -18.63
CA SER E 146 -33.83 -11.73 -18.27
C SER E 146 -34.92 -11.88 -19.32
N ASP E 147 -35.06 -10.91 -20.21
CA ASP E 147 -36.11 -10.96 -21.22
C ASP E 147 -35.68 -11.56 -22.55
N TYR E 148 -34.45 -12.07 -22.61
CA TYR E 148 -33.90 -12.65 -23.83
C TYR E 148 -33.97 -11.68 -24.99
N GLN E 149 -33.57 -10.44 -24.74
CA GLN E 149 -33.60 -9.41 -25.77
C GLN E 149 -32.37 -9.53 -26.65
N LEU E 150 -31.35 -10.23 -26.17
CA LEU E 150 -30.14 -10.45 -26.95
C LEU E 150 -30.18 -11.76 -27.71
N PRO E 151 -29.25 -11.98 -28.63
CA PRO E 151 -29.07 -13.33 -29.17
C PRO E 151 -28.81 -14.29 -28.03
N TYR E 152 -29.19 -15.55 -28.21
CA TYR E 152 -28.95 -16.55 -27.19
C TYR E 152 -28.02 -17.61 -27.75
N VAL E 153 -26.76 -17.58 -27.33
CA VAL E 153 -25.74 -18.40 -27.94
C VAL E 153 -25.40 -19.64 -27.12
N LEU E 154 -26.01 -19.83 -25.96
CA LEU E 154 -25.71 -21.04 -25.22
C LEU E 154 -26.20 -22.30 -25.90
N GLY E 155 -26.97 -22.17 -26.98
CA GLY E 155 -27.63 -23.30 -27.58
C GLY E 155 -26.72 -24.28 -28.29
N SER E 156 -25.58 -23.81 -28.78
CA SER E 156 -24.82 -24.60 -29.76
C SER E 156 -23.71 -25.45 -29.13
N ALA E 157 -23.62 -25.50 -27.81
CA ALA E 157 -22.52 -26.22 -27.17
C ALA E 157 -21.18 -25.70 -27.67
N HIS E 158 -20.96 -24.41 -27.53
CA HIS E 158 -19.64 -23.87 -27.71
C HIS E 158 -18.77 -24.23 -26.53
N GLU E 159 -17.46 -24.16 -26.74
CA GLU E 159 -16.53 -24.49 -25.68
C GLU E 159 -16.53 -23.36 -24.65
N GLY E 160 -15.77 -23.53 -23.58
CA GLY E 160 -15.72 -22.55 -22.53
C GLY E 160 -16.53 -22.89 -21.29
N CYS E 161 -17.11 -24.07 -21.25
CA CYS E 161 -17.87 -24.49 -20.08
C CYS E 161 -17.01 -24.38 -18.84
N LEU E 162 -17.67 -24.13 -17.72
CA LEU E 162 -16.96 -24.24 -16.46
C LEU E 162 -16.24 -25.57 -16.47
N PRO E 163 -15.00 -25.64 -16.04
CA PRO E 163 -14.20 -26.80 -16.35
C PRO E 163 -14.82 -28.06 -15.74
N PRO E 164 -14.46 -29.23 -16.23
CA PRO E 164 -15.04 -30.44 -15.65
C PRO E 164 -14.71 -30.62 -14.21
N PHE E 165 -13.50 -30.47 -13.86
CA PHE E 165 -12.81 -30.71 -12.61
C PHE E 165 -12.57 -29.40 -11.90
N PRO E 166 -12.99 -29.27 -10.65
CA PRO E 166 -13.04 -27.94 -10.03
C PRO E 166 -11.71 -27.23 -9.92
N ALA E 167 -10.64 -27.93 -9.54
CA ALA E 167 -9.39 -27.23 -9.24
C ALA E 167 -8.81 -26.54 -10.46
N ASP E 168 -9.41 -26.74 -11.62
CA ASP E 168 -9.04 -25.98 -12.79
C ASP E 168 -9.37 -24.50 -12.58
N VAL E 169 -8.74 -23.65 -13.38
CA VAL E 169 -9.01 -22.22 -13.39
C VAL E 169 -9.29 -21.83 -14.83
N PHE E 170 -10.52 -21.47 -15.13
CA PHE E 170 -10.93 -21.39 -16.53
C PHE E 170 -11.08 -19.95 -16.97
N MET E 171 -10.85 -19.75 -18.26
CA MET E 171 -10.92 -18.45 -18.90
C MET E 171 -12.27 -18.27 -19.55
N ILE E 172 -12.83 -17.06 -19.46
CA ILE E 172 -14.23 -16.87 -19.85
C ILE E 172 -14.31 -16.50 -21.32
N PRO E 173 -15.19 -17.12 -22.10
CA PRO E 173 -15.18 -16.90 -23.55
C PRO E 173 -15.80 -15.56 -23.93
N GLN E 174 -15.40 -15.07 -25.09
CA GLN E 174 -15.88 -13.80 -25.62
C GLN E 174 -17.30 -13.96 -26.10
N TYR E 175 -18.02 -12.85 -26.24
CA TYR E 175 -19.40 -12.91 -26.70
C TYR E 175 -19.52 -12.33 -28.10
N GLY E 176 -20.05 -13.12 -29.02
CA GLY E 176 -20.30 -12.58 -30.35
C GLY E 176 -21.56 -13.20 -30.89
N TYR E 177 -22.11 -12.59 -31.93
CA TYR E 177 -23.39 -13.08 -32.42
C TYR E 177 -23.49 -12.87 -33.92
N LEU E 178 -24.15 -13.80 -34.58
CA LEU E 178 -24.33 -13.77 -36.01
C LEU E 178 -25.75 -13.33 -36.34
N THR E 179 -25.90 -12.66 -37.47
CA THR E 179 -27.20 -12.12 -37.83
C THR E 179 -27.45 -12.32 -39.33
N LEU E 180 -28.52 -11.73 -39.87
CA LEU E 180 -28.80 -11.92 -41.28
C LEU E 180 -27.66 -11.42 -42.14
N ASN E 181 -27.56 -11.98 -43.34
CA ASN E 181 -26.53 -11.59 -44.28
C ASN E 181 -26.96 -11.97 -45.68
N ASP E 182 -26.33 -11.32 -46.65
CA ASP E 182 -26.29 -11.80 -48.02
C ASP E 182 -24.83 -11.80 -48.45
N GLY E 183 -24.27 -12.98 -48.64
CA GLY E 183 -22.83 -13.05 -48.75
C GLY E 183 -22.24 -12.37 -47.53
N SER E 184 -21.10 -11.73 -47.70
CA SER E 184 -20.53 -10.94 -46.62
C SER E 184 -21.42 -9.77 -46.22
N GLN E 185 -22.15 -9.19 -47.15
CA GLN E 185 -22.88 -7.96 -46.91
C GLN E 185 -24.10 -8.22 -46.05
N ALA E 186 -24.61 -7.15 -45.45
CA ALA E 186 -25.76 -7.25 -44.57
C ALA E 186 -27.04 -7.02 -45.35
N VAL E 187 -28.13 -6.89 -44.63
CA VAL E 187 -29.40 -6.47 -45.18
C VAL E 187 -30.03 -5.51 -44.18
N GLY E 188 -30.85 -4.61 -44.69
CA GLY E 188 -31.43 -3.62 -43.82
C GLY E 188 -32.24 -4.20 -42.69
N ARG E 189 -32.56 -5.48 -42.76
CA ARG E 189 -33.31 -6.13 -41.70
C ARG E 189 -32.43 -6.62 -40.58
N SER E 190 -31.10 -6.63 -40.76
CA SER E 190 -30.22 -7.00 -39.67
C SER E 190 -30.34 -6.00 -38.54
N SER E 191 -29.99 -6.43 -37.33
CA SER E 191 -30.01 -5.54 -36.19
C SER E 191 -28.75 -5.69 -35.36
N PHE E 192 -28.22 -4.55 -34.93
CA PHE E 192 -26.99 -4.44 -34.19
C PHE E 192 -27.30 -4.19 -32.72
N TYR E 193 -27.11 -5.20 -31.88
CA TYR E 193 -27.43 -5.07 -30.47
C TYR E 193 -26.19 -4.54 -29.78
N CYS E 194 -26.34 -3.44 -29.06
CA CYS E 194 -25.24 -2.91 -28.27
C CYS E 194 -25.50 -3.25 -26.82
N LEU E 195 -24.65 -4.11 -26.24
CA LEU E 195 -24.89 -4.58 -24.89
C LEU E 195 -24.73 -3.48 -23.86
N GLU E 196 -24.04 -2.40 -24.19
CA GLU E 196 -23.91 -1.35 -23.19
C GLU E 196 -25.24 -0.69 -22.92
N TYR E 197 -26.25 -0.97 -23.73
CA TYR E 197 -27.54 -0.34 -23.64
C TYR E 197 -28.43 -1.00 -22.61
N PHE E 198 -27.98 -2.02 -22.00
CA PHE E 198 -28.71 -2.76 -21.00
C PHE E 198 -28.31 -2.34 -19.60
N PRO E 199 -29.27 -2.07 -18.73
CA PRO E 199 -28.93 -1.70 -17.36
C PRO E 199 -28.24 -2.85 -16.67
N SER E 200 -27.08 -2.58 -16.11
CA SER E 200 -26.22 -3.62 -15.58
C SER E 200 -25.82 -3.24 -14.18
N GLN E 201 -25.20 -4.19 -13.50
CA GLN E 201 -24.67 -3.94 -12.17
C GLN E 201 -23.16 -3.83 -12.25
N MET E 202 -22.58 -3.00 -11.40
CA MET E 202 -21.14 -2.82 -11.36
C MET E 202 -20.60 -3.35 -10.05
N LEU E 203 -19.37 -3.83 -10.07
CA LEU E 203 -18.81 -4.58 -8.98
C LEU E 203 -17.38 -4.11 -8.76
N ARG E 204 -17.08 -3.69 -7.56
CA ARG E 204 -15.68 -3.46 -7.19
C ARG E 204 -15.16 -4.63 -6.38
N THR E 205 -13.96 -4.47 -5.84
CA THR E 205 -13.29 -5.60 -5.20
C THR E 205 -14.03 -6.13 -3.98
N GLY E 206 -15.09 -5.48 -3.56
CA GLY E 206 -15.87 -6.02 -2.46
C GLY E 206 -17.19 -6.64 -2.83
N ASN E 207 -17.67 -6.45 -4.04
CA ASN E 207 -19.08 -6.64 -4.28
C ASN E 207 -19.40 -7.94 -4.99
N ASN E 208 -20.55 -8.50 -4.64
CA ASN E 208 -20.97 -9.80 -5.11
C ASN E 208 -22.28 -9.66 -5.83
N PHE E 209 -22.67 -10.72 -6.53
CA PHE E 209 -23.81 -10.71 -7.43
C PHE E 209 -24.54 -12.04 -7.30
N GLN E 210 -25.86 -12.01 -7.32
CA GLN E 210 -26.63 -13.24 -7.15
C GLN E 210 -27.99 -13.09 -7.78
N PHE E 211 -28.54 -14.18 -8.31
CA PHE E 211 -29.91 -14.15 -8.77
C PHE E 211 -30.45 -15.56 -8.86
N SER E 212 -31.78 -15.68 -8.93
CA SER E 212 -32.42 -16.97 -8.99
C SER E 212 -33.34 -17.12 -10.19
N TYR E 213 -33.37 -18.32 -10.78
CA TYR E 213 -34.21 -18.57 -11.95
C TYR E 213 -35.02 -19.86 -11.83
N GLU E 214 -36.29 -19.80 -12.19
CA GLU E 214 -37.18 -20.96 -12.15
C GLU E 214 -37.40 -21.56 -13.53
N PHE E 215 -36.86 -22.76 -13.78
CA PHE E 215 -37.03 -23.43 -15.06
C PHE E 215 -38.50 -23.56 -15.38
N GLU E 216 -38.89 -23.10 -16.57
CA GLU E 216 -40.27 -23.35 -16.93
C GLU E 216 -40.49 -24.85 -16.97
N ASN E 217 -41.72 -25.26 -16.70
CA ASN E 217 -41.98 -26.68 -16.64
C ASN E 217 -41.63 -27.32 -17.97
N VAL E 218 -40.76 -28.33 -17.93
CA VAL E 218 -40.36 -29.09 -19.11
C VAL E 218 -40.30 -30.56 -18.73
N PRO E 219 -40.73 -31.45 -19.61
CA PRO E 219 -41.02 -32.81 -19.19
C PRO E 219 -39.79 -33.59 -18.78
N PHE E 220 -40.01 -34.56 -17.89
CA PHE E 220 -38.93 -35.43 -17.43
C PHE E 220 -38.15 -35.98 -18.61
N HIS E 221 -36.84 -35.85 -18.55
CA HIS E 221 -36.02 -36.54 -19.52
C HIS E 221 -36.22 -38.03 -19.35
N SER E 222 -36.37 -38.76 -20.44
CA SER E 222 -36.60 -40.19 -20.33
C SER E 222 -35.26 -40.88 -20.35
N SER E 223 -34.81 -41.43 -19.22
CA SER E 223 -33.51 -42.13 -19.18
C SER E 223 -33.63 -43.60 -18.78
N TYR E 224 -33.97 -44.43 -19.76
CA TYR E 224 -34.23 -45.85 -19.61
C TYR E 224 -34.30 -46.43 -21.01
N ALA E 225 -34.16 -47.73 -21.13
CA ALA E 225 -34.28 -48.37 -22.42
C ALA E 225 -35.58 -49.16 -22.45
N HIS E 226 -36.16 -49.26 -23.62
CA HIS E 226 -37.32 -50.12 -23.74
C HIS E 226 -36.88 -51.56 -23.72
N SER E 227 -37.46 -52.34 -22.80
CA SER E 227 -37.22 -53.77 -22.74
C SER E 227 -37.99 -54.53 -23.81
N GLN E 228 -38.89 -53.88 -24.51
CA GLN E 228 -39.83 -54.56 -25.36
C GLN E 228 -39.93 -53.81 -26.67
N SER E 229 -39.71 -54.51 -27.77
CA SER E 229 -39.60 -53.88 -29.07
C SER E 229 -40.98 -53.46 -29.58
N LEU E 230 -40.97 -52.46 -30.47
CA LEU E 230 -42.23 -51.92 -30.98
C LEU E 230 -43.00 -52.98 -31.75
N ASP E 231 -42.28 -53.86 -32.42
CA ASP E 231 -42.91 -54.86 -33.26
C ASP E 231 -43.42 -56.05 -32.47
N ARG E 232 -43.31 -56.01 -31.15
CA ARG E 232 -43.88 -57.06 -30.32
C ARG E 232 -44.83 -56.48 -29.28
N TYR E 276 -49.51 -49.71 -33.51
CA TYR E 276 -48.78 -48.50 -33.82
C TYR E 276 -47.70 -48.70 -34.85
N ILE E 277 -46.83 -47.72 -35.00
CA ILE E 277 -45.80 -47.73 -36.03
C ILE E 277 -44.58 -46.99 -35.50
N PRO E 278 -43.40 -47.26 -36.05
CA PRO E 278 -42.20 -46.57 -35.59
C PRO E 278 -42.22 -45.11 -35.98
N GLY E 279 -41.33 -44.35 -35.33
CA GLY E 279 -41.27 -42.92 -35.50
C GLY E 279 -40.62 -42.48 -36.79
N PRO E 280 -40.35 -41.18 -36.91
CA PRO E 280 -39.83 -40.65 -38.17
C PRO E 280 -38.35 -40.94 -38.36
N SER E 281 -37.94 -40.90 -39.62
CA SER E 281 -36.59 -41.28 -39.99
C SER E 281 -36.12 -40.50 -41.21
N TYR E 282 -34.86 -40.10 -41.14
CA TYR E 282 -34.17 -39.36 -42.18
C TYR E 282 -32.95 -40.21 -42.42
N ARG E 283 -32.92 -40.95 -43.52
CA ARG E 283 -31.79 -41.84 -43.75
C ARG E 283 -30.48 -41.09 -43.91
N GLN E 284 -29.43 -41.65 -43.32
CA GLN E 284 -28.11 -41.06 -43.38
C GLN E 284 -27.17 -42.05 -44.03
N GLN E 285 -26.02 -41.58 -44.50
CA GLN E 285 -25.03 -42.46 -45.09
C GLN E 285 -24.35 -43.26 -43.99
N ARG E 286 -23.83 -44.43 -44.34
CA ARG E 286 -23.38 -45.40 -43.35
C ARG E 286 -21.88 -45.61 -43.42
N VAL E 287 -21.16 -45.15 -42.42
CA VAL E 287 -19.72 -45.25 -42.38
C VAL E 287 -19.33 -46.21 -41.28
N SER E 288 -18.29 -47.01 -41.54
CA SER E 288 -17.89 -48.09 -40.66
C SER E 288 -16.50 -47.80 -40.10
N THR E 289 -16.31 -48.11 -38.81
CA THR E 289 -15.08 -47.71 -38.15
C THR E 289 -13.87 -48.41 -38.74
N THR E 290 -14.02 -49.69 -39.08
CA THR E 290 -12.99 -50.36 -39.86
C THR E 290 -12.76 -49.49 -41.08
N VAL E 291 -11.50 -49.20 -41.39
CA VAL E 291 -11.23 -48.15 -42.36
C VAL E 291 -11.42 -48.69 -43.77
N THR E 292 -11.36 -50.01 -43.93
CA THR E 292 -11.44 -50.62 -45.25
C THR E 292 -12.84 -50.92 -45.73
N GLN E 293 -13.79 -51.00 -44.81
CA GLN E 293 -15.16 -51.25 -45.20
C GLN E 293 -15.70 -50.09 -46.04
N ASN E 294 -15.35 -48.87 -45.66
CA ASN E 294 -15.76 -47.68 -46.39
C ASN E 294 -15.14 -47.66 -47.78
N ASN E 295 -15.91 -47.21 -48.76
CA ASN E 295 -15.46 -47.13 -50.14
C ASN E 295 -14.29 -46.16 -50.29
N ASN E 296 -13.37 -46.46 -51.20
CA ASN E 296 -12.21 -45.59 -51.40
C ASN E 296 -12.48 -44.42 -52.32
N SER E 297 -13.23 -43.45 -51.80
CA SER E 297 -13.57 -42.24 -52.54
C SER E 297 -13.79 -41.14 -51.52
N GLU E 298 -13.70 -39.89 -51.95
CA GLU E 298 -13.92 -38.80 -51.01
C GLU E 298 -15.40 -38.49 -50.94
N PHE E 299 -16.07 -39.12 -49.97
CA PHE E 299 -17.50 -38.95 -49.78
C PHE E 299 -17.82 -38.24 -48.47
N ALA E 300 -16.84 -37.55 -47.90
CA ALA E 300 -17.06 -36.88 -46.62
C ALA E 300 -18.16 -35.83 -46.68
N TRP E 301 -18.19 -35.03 -47.74
CA TRP E 301 -19.21 -34.02 -47.87
C TRP E 301 -20.36 -34.40 -48.81
N PRO E 302 -20.02 -34.95 -49.98
CA PRO E 302 -21.05 -35.33 -50.96
C PRO E 302 -22.01 -36.39 -50.44
N GLY E 303 -21.48 -37.39 -49.74
CA GLY E 303 -22.31 -38.45 -49.23
C GLY E 303 -23.34 -38.05 -48.18
N ALA E 304 -22.94 -37.18 -47.26
CA ALA E 304 -23.80 -36.76 -46.18
C ALA E 304 -25.04 -35.98 -46.60
N SER E 305 -26.14 -36.22 -45.91
CA SER E 305 -27.40 -35.52 -46.18
C SER E 305 -27.30 -34.14 -45.57
N SER E 306 -28.07 -33.19 -46.08
CA SER E 306 -28.00 -31.83 -45.58
C SER E 306 -29.26 -31.09 -45.98
N TRP E 307 -29.84 -30.39 -45.01
CA TRP E 307 -31.00 -29.55 -45.28
C TRP E 307 -30.53 -28.17 -45.68
N ALA E 308 -31.12 -27.65 -46.75
CA ALA E 308 -30.72 -26.38 -47.33
C ALA E 308 -31.72 -25.30 -46.94
N LEU E 309 -31.21 -24.12 -46.59
CA LEU E 309 -32.04 -23.01 -46.12
C LEU E 309 -31.55 -21.72 -46.77
N ASN E 310 -32.43 -21.06 -47.51
CA ASN E 310 -32.10 -19.84 -48.23
C ASN E 310 -30.92 -20.06 -49.16
N GLY E 311 -30.86 -21.24 -49.75
CA GLY E 311 -29.80 -21.53 -50.69
C GLY E 311 -28.42 -21.65 -50.10
N ARG E 312 -28.30 -22.18 -48.90
CA ARG E 312 -27.01 -22.57 -48.36
C ARG E 312 -27.16 -23.95 -47.74
N ASN E 313 -26.50 -24.94 -48.33
CA ASN E 313 -26.62 -26.30 -47.85
C ASN E 313 -25.92 -26.42 -46.51
N SER E 314 -26.64 -26.82 -45.47
CA SER E 314 -26.09 -26.98 -44.14
C SER E 314 -26.26 -28.41 -43.70
N LEU E 315 -25.28 -28.95 -43.02
CA LEU E 315 -25.29 -30.38 -42.74
C LEU E 315 -26.49 -30.73 -41.87
N MET E 316 -26.91 -31.98 -41.89
CA MET E 316 -27.93 -32.46 -40.97
C MET E 316 -27.20 -33.08 -39.77
N ASN E 317 -27.21 -32.35 -38.67
CA ASN E 317 -26.48 -32.82 -37.52
C ASN E 317 -27.15 -32.41 -36.24
N PRO E 318 -27.24 -33.31 -35.26
CA PRO E 318 -27.17 -34.76 -35.36
C PRO E 318 -28.34 -35.31 -36.14
N GLY E 319 -29.34 -34.46 -36.36
CA GLY E 319 -30.54 -34.87 -37.05
C GLY E 319 -31.51 -35.40 -36.02
N PRO E 320 -32.64 -35.94 -36.46
CA PRO E 320 -33.62 -36.43 -35.51
C PRO E 320 -33.06 -37.62 -34.75
N ALA E 321 -33.70 -37.96 -33.64
CA ALA E 321 -33.27 -39.14 -32.93
C ALA E 321 -33.46 -40.36 -33.81
N MET E 322 -32.37 -41.07 -34.09
CA MET E 322 -32.44 -42.28 -34.88
C MET E 322 -31.39 -43.25 -34.39
N ALA E 323 -31.78 -44.50 -34.21
CA ALA E 323 -30.85 -45.52 -33.74
C ALA E 323 -29.71 -45.67 -34.73
N SER E 324 -28.51 -45.85 -34.21
CA SER E 324 -27.34 -45.67 -35.05
C SER E 324 -27.06 -46.88 -35.91
N HIS E 325 -27.28 -48.08 -35.40
CA HIS E 325 -26.84 -49.24 -36.14
C HIS E 325 -27.76 -50.41 -35.86
N LYS E 326 -27.89 -51.27 -36.87
CA LYS E 326 -28.60 -52.52 -36.67
C LYS E 326 -27.97 -53.32 -35.54
N GLU E 327 -28.83 -53.94 -34.76
CA GLU E 327 -28.38 -54.70 -33.61
C GLU E 327 -27.38 -55.76 -34.00
N GLY E 328 -26.24 -55.76 -33.31
CA GLY E 328 -25.20 -56.72 -33.56
C GLY E 328 -23.98 -56.15 -34.24
N GLU E 329 -24.10 -55.00 -34.89
CA GLU E 329 -22.98 -54.35 -35.56
C GLU E 329 -22.79 -52.96 -34.99
N ASP E 330 -21.73 -52.77 -34.21
CA ASP E 330 -21.49 -51.47 -33.61
C ASP E 330 -20.49 -50.65 -34.39
N ARG E 331 -19.90 -51.22 -35.45
CA ARG E 331 -18.86 -50.51 -36.17
C ARG E 331 -19.44 -49.49 -37.14
N PHE E 332 -20.48 -49.85 -37.88
CA PHE E 332 -21.17 -48.90 -38.76
C PHE E 332 -21.79 -47.82 -37.90
N PHE E 333 -21.50 -46.56 -38.19
CA PHE E 333 -22.06 -45.46 -37.43
C PHE E 333 -22.56 -44.42 -38.41
N PRO E 334 -23.58 -43.65 -38.05
CA PRO E 334 -24.11 -42.66 -38.99
C PRO E 334 -23.11 -41.55 -39.23
N LEU E 335 -23.09 -41.06 -40.47
CA LEU E 335 -22.09 -40.08 -40.85
C LEU E 335 -22.13 -38.88 -39.94
N SER E 336 -23.19 -38.08 -40.02
CA SER E 336 -23.34 -36.96 -39.09
C SER E 336 -24.11 -37.34 -37.84
N GLY E 337 -24.77 -38.49 -37.85
CA GLY E 337 -25.90 -38.70 -36.98
C GLY E 337 -25.64 -38.90 -35.52
N SER E 338 -24.41 -38.76 -35.06
CA SER E 338 -24.14 -39.00 -33.65
C SER E 338 -23.09 -38.04 -33.14
N LEU E 339 -23.26 -37.62 -31.90
CA LEU E 339 -22.36 -36.65 -31.28
C LEU E 339 -21.03 -37.31 -31.01
N ILE E 340 -19.94 -36.61 -31.36
CA ILE E 340 -18.60 -37.14 -31.23
C ILE E 340 -17.78 -36.17 -30.40
N PHE E 341 -17.35 -36.60 -29.22
CA PHE E 341 -16.67 -35.70 -28.30
C PHE E 341 -15.17 -35.88 -28.37
N GLY E 342 -14.44 -34.78 -28.18
CA GLY E 342 -12.99 -34.84 -28.15
C GLY E 342 -12.42 -35.43 -26.89
N LYS E 343 -11.49 -36.36 -27.05
CA LYS E 343 -10.70 -36.81 -25.92
C LYS E 343 -9.84 -35.68 -25.41
N GLN E 344 -9.37 -35.81 -24.17
CA GLN E 344 -8.50 -34.80 -23.62
C GLN E 344 -7.20 -34.74 -24.41
N GLY E 345 -6.59 -33.56 -24.48
CA GLY E 345 -5.36 -33.41 -25.22
C GLY E 345 -5.50 -33.55 -26.71
N THR E 346 -6.70 -33.77 -27.20
CA THR E 346 -6.96 -33.85 -28.63
C THR E 346 -6.50 -32.58 -29.31
N GLY E 347 -6.03 -32.70 -30.54
CA GLY E 347 -5.72 -31.52 -31.32
C GLY E 347 -6.99 -30.80 -31.74
N ARG E 348 -6.81 -29.77 -32.56
CA ARG E 348 -7.98 -29.08 -33.07
C ARG E 348 -8.54 -29.78 -34.31
N ASP E 349 -7.68 -30.24 -35.22
CA ASP E 349 -8.10 -30.63 -36.57
C ASP E 349 -7.53 -31.97 -36.99
N ASN E 350 -8.28 -32.68 -37.84
CA ASN E 350 -7.80 -33.85 -38.54
C ASN E 350 -7.28 -34.94 -37.61
N VAL E 351 -7.81 -34.98 -36.40
CA VAL E 351 -7.43 -36.04 -35.49
C VAL E 351 -7.98 -37.37 -35.99
N ASP E 352 -7.26 -38.44 -35.70
CA ASP E 352 -7.61 -39.75 -36.23
C ASP E 352 -8.82 -40.32 -35.51
N ALA E 353 -9.16 -41.55 -35.85
CA ALA E 353 -10.40 -42.14 -35.34
C ALA E 353 -10.34 -42.40 -33.84
N ASP E 354 -9.14 -42.52 -33.28
CA ASP E 354 -9.03 -42.84 -31.87
C ASP E 354 -8.85 -41.60 -31.01
N LYS E 355 -8.92 -40.42 -31.61
CA LYS E 355 -8.85 -39.20 -30.81
C LYS E 355 -10.23 -38.65 -30.49
N VAL E 356 -11.28 -39.37 -30.88
CA VAL E 356 -12.63 -38.91 -30.68
C VAL E 356 -13.46 -40.06 -30.12
N MET E 357 -14.49 -39.73 -29.36
CA MET E 357 -15.27 -40.72 -28.64
C MET E 357 -16.68 -40.72 -29.19
N ILE E 358 -17.06 -41.80 -29.88
CA ILE E 358 -18.22 -41.81 -30.75
C ILE E 358 -19.41 -42.37 -29.98
N THR E 359 -20.50 -41.61 -29.94
CA THR E 359 -21.70 -42.05 -29.25
C THR E 359 -22.57 -42.91 -30.15
N ASN E 360 -23.26 -43.87 -29.54
CA ASN E 360 -24.18 -44.75 -30.26
C ASN E 360 -25.51 -44.79 -29.54
N GLU E 361 -26.57 -44.96 -30.33
CA GLU E 361 -27.94 -44.81 -29.87
C GLU E 361 -28.65 -46.11 -29.54
N GLU E 362 -27.94 -47.24 -29.58
CA GLU E 362 -28.60 -48.54 -29.65
C GLU E 362 -29.74 -48.69 -28.65
N GLU E 363 -29.73 -47.96 -27.54
CA GLU E 363 -30.76 -48.14 -26.54
C GLU E 363 -32.15 -47.82 -27.07
N ILE E 364 -32.27 -46.87 -28.01
CA ILE E 364 -33.59 -46.51 -28.50
C ILE E 364 -34.00 -47.25 -29.77
N LYS E 365 -33.22 -48.23 -30.20
CA LYS E 365 -33.56 -48.92 -31.44
C LYS E 365 -34.89 -49.63 -31.35
N THR E 366 -35.41 -49.85 -30.14
CA THR E 366 -36.69 -50.55 -30.03
C THR E 366 -37.77 -49.80 -30.79
N THR E 367 -38.02 -48.55 -30.40
CA THR E 367 -38.99 -47.70 -31.08
C THR E 367 -38.47 -47.04 -32.34
N ASN E 368 -37.29 -46.41 -32.30
CA ASN E 368 -36.95 -45.51 -33.39
C ASN E 368 -36.10 -46.22 -34.41
N PRO E 369 -36.40 -46.07 -35.69
CA PRO E 369 -35.78 -46.92 -36.71
C PRO E 369 -34.30 -46.61 -36.87
N VAL E 370 -33.55 -47.63 -37.27
CA VAL E 370 -32.14 -47.46 -37.56
C VAL E 370 -31.95 -46.35 -38.58
N ALA E 371 -30.87 -45.59 -38.41
CA ALA E 371 -30.70 -44.39 -39.23
C ALA E 371 -29.99 -44.71 -40.52
N THR E 372 -29.44 -45.91 -40.65
CA THR E 372 -28.79 -46.27 -41.89
C THR E 372 -29.68 -47.09 -42.82
N GLU E 373 -30.94 -47.35 -42.45
CA GLU E 373 -31.83 -48.21 -43.22
C GLU E 373 -33.05 -47.45 -43.69
N SER E 374 -33.69 -47.98 -44.74
CA SER E 374 -34.92 -47.41 -45.25
C SER E 374 -36.04 -47.56 -44.24
N TYR E 375 -37.09 -46.75 -44.39
CA TYR E 375 -38.16 -46.78 -43.41
C TYR E 375 -39.16 -47.87 -43.73
N GLY E 376 -39.21 -48.34 -44.97
CA GLY E 376 -40.24 -49.27 -45.38
C GLY E 376 -40.48 -49.17 -46.87
N GLN E 377 -41.63 -49.70 -47.30
CA GLN E 377 -41.97 -49.75 -48.71
C GLN E 377 -43.44 -49.44 -48.92
N VAL E 378 -43.79 -49.24 -50.18
CA VAL E 378 -45.11 -48.76 -50.57
C VAL E 378 -45.73 -49.66 -51.64
N GLY E 392 -41.09 -50.13 -53.77
CA GLY E 392 -40.69 -48.73 -53.64
C GLY E 392 -40.15 -48.33 -52.28
N TRP E 393 -38.85 -48.09 -52.23
CA TRP E 393 -38.16 -47.83 -50.96
C TRP E 393 -38.34 -46.39 -50.51
N VAL E 394 -38.78 -46.23 -49.26
CA VAL E 394 -39.01 -44.92 -48.67
C VAL E 394 -37.74 -44.49 -47.96
N GLN E 395 -37.14 -43.39 -48.39
CA GLN E 395 -35.92 -42.94 -47.73
C GLN E 395 -36.21 -42.13 -46.48
N ASN E 396 -37.10 -41.14 -46.56
CA ASN E 396 -37.51 -40.38 -45.39
C ASN E 396 -39.02 -40.48 -45.25
N GLN E 397 -39.49 -40.60 -44.01
CA GLN E 397 -40.92 -40.65 -43.74
C GLN E 397 -41.23 -39.72 -42.58
N GLY E 398 -42.02 -38.71 -42.85
CA GLY E 398 -42.37 -37.78 -41.82
C GLY E 398 -43.37 -38.37 -40.86
N ILE E 399 -44.07 -37.50 -40.14
CA ILE E 399 -45.00 -37.96 -39.13
C ILE E 399 -46.35 -38.31 -39.70
N LEU E 400 -46.73 -39.54 -39.53
CA LEU E 400 -48.08 -40.07 -39.66
C LEU E 400 -48.75 -40.12 -38.29
N PRO E 401 -50.08 -40.14 -38.25
CA PRO E 401 -50.78 -40.36 -36.99
C PRO E 401 -50.31 -41.61 -36.29
N GLY E 402 -50.44 -41.64 -34.98
CA GLY E 402 -50.19 -42.85 -34.24
C GLY E 402 -48.77 -43.36 -34.26
N MET E 403 -47.79 -42.49 -34.53
CA MET E 403 -46.39 -42.83 -34.34
C MET E 403 -46.02 -42.79 -32.87
N VAL E 404 -44.89 -43.39 -32.54
CA VAL E 404 -44.23 -43.24 -31.25
C VAL E 404 -42.74 -43.16 -31.51
N TRP E 405 -42.04 -42.41 -30.67
CA TRP E 405 -40.59 -42.31 -30.80
C TRP E 405 -40.02 -41.81 -29.48
N GLN E 406 -38.70 -41.95 -29.34
CA GLN E 406 -37.95 -41.37 -28.24
C GLN E 406 -37.00 -40.30 -28.76
N ASP E 407 -36.81 -39.25 -27.97
CA ASP E 407 -35.84 -38.21 -28.29
C ASP E 407 -34.43 -38.74 -28.11
N ARG E 408 -33.45 -37.88 -28.41
CA ARG E 408 -32.07 -38.28 -28.28
C ARG E 408 -31.60 -38.18 -26.85
N ASP E 409 -30.68 -39.07 -26.49
CA ASP E 409 -30.17 -39.18 -25.14
C ASP E 409 -29.25 -38.02 -24.80
N VAL E 410 -29.03 -37.83 -23.50
CA VAL E 410 -28.12 -36.83 -22.98
C VAL E 410 -26.90 -37.53 -22.40
N TYR E 411 -25.78 -36.82 -22.39
CA TYR E 411 -24.50 -37.38 -21.98
C TYR E 411 -23.85 -36.51 -20.92
N LEU E 412 -22.83 -37.06 -20.27
CA LEU E 412 -22.19 -36.33 -19.17
C LEU E 412 -21.59 -35.02 -19.65
N GLN E 413 -21.11 -34.98 -20.88
CA GLN E 413 -20.57 -33.77 -21.46
C GLN E 413 -21.59 -33.00 -22.28
N GLY E 414 -22.76 -33.58 -22.52
CA GLY E 414 -23.69 -33.04 -23.46
C GLY E 414 -24.40 -31.83 -22.93
N PRO E 415 -24.75 -30.93 -23.83
CA PRO E 415 -25.38 -29.69 -23.41
C PRO E 415 -26.77 -29.95 -22.89
N ILE E 416 -27.17 -29.19 -21.87
CA ILE E 416 -28.46 -29.39 -21.25
C ILE E 416 -29.57 -28.65 -21.98
N TRP E 417 -29.60 -27.34 -21.90
CA TRP E 417 -30.77 -26.62 -22.34
C TRP E 417 -30.45 -25.75 -23.53
N ALA E 418 -31.49 -25.46 -24.31
CA ALA E 418 -31.40 -24.51 -25.41
C ALA E 418 -32.75 -23.85 -25.61
N LYS E 419 -32.71 -22.65 -26.15
CA LYS E 419 -33.89 -21.85 -26.35
C LYS E 419 -34.75 -22.50 -27.43
N ILE E 420 -36.05 -22.24 -27.41
CA ILE E 420 -36.87 -22.60 -28.59
C ILE E 420 -37.03 -21.36 -29.46
N PRO E 421 -36.45 -21.33 -30.63
CA PRO E 421 -36.55 -20.15 -31.49
C PRO E 421 -38.00 -19.76 -31.70
N HIS E 422 -38.25 -18.45 -31.67
CA HIS E 422 -39.60 -17.95 -31.60
C HIS E 422 -40.24 -18.06 -32.98
N THR E 423 -41.29 -18.87 -33.08
CA THR E 423 -41.94 -19.16 -34.34
C THR E 423 -43.44 -19.25 -34.13
N ASP E 424 -44.17 -19.34 -35.24
CA ASP E 424 -45.56 -19.73 -35.15
C ASP E 424 -45.70 -21.15 -34.62
N GLY E 425 -44.85 -22.06 -35.08
CA GLY E 425 -45.06 -23.45 -34.74
C GLY E 425 -43.79 -24.28 -34.71
N ASN E 426 -43.87 -25.35 -33.92
CA ASN E 426 -42.77 -26.28 -33.75
C ASN E 426 -43.37 -27.60 -33.31
N PHE E 427 -42.66 -28.67 -33.59
CA PHE E 427 -43.18 -30.00 -33.30
C PHE E 427 -42.22 -30.74 -32.40
N HIS E 428 -42.66 -31.04 -31.19
CA HIS E 428 -41.88 -31.75 -30.20
C HIS E 428 -40.53 -31.04 -30.11
N PRO E 429 -40.54 -29.78 -29.73
CA PRO E 429 -39.37 -28.92 -29.91
C PRO E 429 -38.12 -29.40 -29.20
N SER E 430 -38.22 -30.39 -28.34
CA SER E 430 -37.05 -30.85 -27.61
C SER E 430 -35.90 -31.11 -28.57
N PRO E 431 -34.76 -30.47 -28.39
CA PRO E 431 -33.81 -30.29 -29.48
C PRO E 431 -33.05 -31.55 -29.83
N LEU E 432 -32.48 -31.52 -31.02
CA LEU E 432 -31.83 -32.69 -31.59
C LEU E 432 -30.55 -33.06 -30.86
N MET E 433 -29.82 -32.09 -30.31
CA MET E 433 -28.58 -32.36 -29.62
C MET E 433 -28.77 -32.92 -28.22
N GLY E 434 -30.00 -33.03 -27.76
CA GLY E 434 -30.25 -33.62 -26.47
C GLY E 434 -30.59 -32.57 -25.43
N GLY E 435 -31.30 -33.00 -24.41
CA GLY E 435 -31.56 -32.15 -23.29
C GLY E 435 -32.69 -31.18 -23.55
N PHE E 436 -33.04 -30.47 -22.48
CA PHE E 436 -34.36 -29.90 -22.32
C PHE E 436 -34.50 -28.65 -23.18
N GLY E 437 -35.42 -28.69 -24.14
CA GLY E 437 -35.74 -27.50 -24.91
C GLY E 437 -36.76 -26.65 -24.20
N MET E 438 -36.59 -25.33 -24.32
CA MET E 438 -37.33 -24.40 -23.48
C MET E 438 -37.63 -23.12 -24.25
N LYS E 439 -38.74 -22.46 -23.91
CA LYS E 439 -39.04 -21.17 -24.51
C LYS E 439 -38.50 -20.03 -23.67
N HIS E 440 -38.10 -20.33 -22.44
CA HIS E 440 -37.53 -19.35 -21.53
C HIS E 440 -36.44 -20.05 -20.72
N PRO E 441 -35.34 -20.42 -21.37
CA PRO E 441 -34.27 -21.12 -20.66
C PRO E 441 -33.64 -20.21 -19.63
N PRO E 442 -32.65 -20.68 -18.88
CA PRO E 442 -31.92 -19.80 -18.02
C PRO E 442 -31.28 -18.68 -18.84
N PRO E 443 -31.24 -17.48 -18.29
CA PRO E 443 -30.75 -16.35 -19.06
C PRO E 443 -29.25 -16.36 -19.11
N GLN E 444 -28.72 -15.67 -20.12
CA GLN E 444 -27.29 -15.47 -20.24
C GLN E 444 -26.79 -14.61 -19.11
N ILE E 445 -25.50 -14.62 -18.89
CA ILE E 445 -24.85 -13.73 -17.94
C ILE E 445 -23.64 -13.14 -18.64
N LEU E 446 -23.43 -11.85 -18.49
CA LEU E 446 -22.46 -11.14 -19.30
C LEU E 446 -21.57 -10.31 -18.40
N ILE E 447 -20.24 -10.40 -18.59
CA ILE E 447 -19.34 -9.73 -17.67
C ILE E 447 -18.16 -9.15 -18.45
N LYS E 448 -17.93 -7.83 -18.32
CA LYS E 448 -16.76 -7.20 -18.93
C LYS E 448 -16.08 -6.29 -17.93
N ASN E 449 -14.86 -5.88 -18.26
CA ASN E 449 -14.12 -4.93 -17.44
C ASN E 449 -14.45 -3.52 -17.86
N THR E 450 -14.90 -2.70 -16.94
CA THR E 450 -15.02 -1.30 -17.24
C THR E 450 -13.64 -0.76 -17.58
N PRO E 451 -13.44 -0.23 -18.77
CA PRO E 451 -12.09 0.17 -19.19
C PRO E 451 -11.65 1.41 -18.45
N VAL E 452 -10.40 1.42 -18.02
CA VAL E 452 -9.81 2.53 -17.27
C VAL E 452 -8.82 3.24 -18.17
N PRO E 453 -9.12 4.43 -18.66
CA PRO E 453 -8.25 5.08 -19.62
C PRO E 453 -6.95 5.57 -19.03
N ALA E 454 -5.87 5.29 -19.73
CA ALA E 454 -4.56 5.85 -19.42
C ALA E 454 -4.57 7.34 -19.70
N ASP E 455 -3.56 8.02 -19.19
CA ASP E 455 -3.61 9.47 -19.06
C ASP E 455 -4.03 10.13 -20.37
N PRO E 456 -5.09 10.92 -20.36
CA PRO E 456 -5.46 11.67 -21.54
C PRO E 456 -4.57 12.89 -21.66
N PRO E 457 -4.43 13.43 -22.87
CA PRO E 457 -3.56 14.59 -23.04
C PRO E 457 -4.16 15.82 -22.38
N THR E 458 -3.35 16.86 -22.25
CA THR E 458 -3.82 18.05 -21.56
C THR E 458 -4.58 18.99 -22.49
N ALA E 459 -4.51 18.78 -23.79
CA ALA E 459 -5.31 19.59 -24.69
C ALA E 459 -6.53 18.81 -25.13
N PHE E 460 -7.70 19.45 -25.08
CA PHE E 460 -8.92 18.77 -25.46
C PHE E 460 -8.80 18.20 -26.86
N ASN E 461 -9.35 17.01 -27.06
CA ASN E 461 -9.49 16.46 -28.40
C ASN E 461 -10.81 15.72 -28.50
N LYS E 462 -11.52 15.95 -29.60
CA LYS E 462 -12.91 15.52 -29.71
C LYS E 462 -13.01 14.02 -29.91
N ASP E 463 -11.89 13.32 -30.06
CA ASP E 463 -11.92 11.89 -30.35
C ASP E 463 -12.12 11.08 -29.08
N LYS E 464 -12.66 9.89 -29.22
CA LYS E 464 -12.78 9.01 -28.07
C LYS E 464 -11.41 8.49 -27.71
N LEU E 465 -11.28 8.00 -26.48
CA LEU E 465 -9.95 7.62 -26.00
C LEU E 465 -9.56 6.26 -26.55
N ASN E 466 -8.46 6.25 -27.28
CA ASN E 466 -7.95 5.08 -27.97
C ASN E 466 -6.90 4.36 -27.15
N SER E 467 -6.69 4.78 -25.91
CA SER E 467 -5.74 4.15 -25.01
C SER E 467 -6.49 3.61 -23.81
N PHE E 468 -5.93 2.61 -23.15
CA PHE E 468 -6.51 2.05 -21.93
C PHE E 468 -5.43 1.33 -21.14
N ILE E 469 -5.70 1.05 -19.87
CA ILE E 469 -4.70 0.42 -19.03
C ILE E 469 -4.93 -1.07 -18.99
N THR E 470 -4.05 -1.83 -19.63
CA THR E 470 -4.32 -3.23 -19.85
C THR E 470 -4.60 -3.92 -18.52
N GLN E 471 -5.78 -4.54 -18.41
CA GLN E 471 -6.22 -5.15 -17.19
C GLN E 471 -6.76 -6.53 -17.47
N TYR E 472 -7.03 -7.25 -16.39
CA TYR E 472 -7.78 -8.48 -16.40
C TYR E 472 -8.31 -8.62 -14.99
N SER E 473 -9.25 -9.53 -14.79
CA SER E 473 -9.77 -9.73 -13.45
C SER E 473 -10.04 -11.19 -13.19
N THR E 474 -10.01 -11.55 -11.91
CA THR E 474 -10.24 -12.93 -11.48
C THR E 474 -11.25 -12.93 -10.35
N GLY E 475 -11.71 -14.11 -9.97
CA GLY E 475 -12.85 -14.20 -9.08
C GLY E 475 -13.25 -15.60 -8.67
N GLN E 476 -14.51 -15.79 -8.31
CA GLN E 476 -15.03 -17.11 -8.01
C GLN E 476 -16.45 -17.12 -8.54
N VAL E 477 -16.96 -18.29 -8.93
CA VAL E 477 -18.30 -18.41 -9.49
C VAL E 477 -18.98 -19.64 -8.95
N SER E 478 -20.16 -19.49 -8.36
CA SER E 478 -20.85 -20.66 -7.84
C SER E 478 -22.24 -20.74 -8.44
N VAL E 479 -22.46 -21.77 -9.24
CA VAL E 479 -23.75 -21.99 -9.85
C VAL E 479 -24.39 -23.19 -9.17
N GLU E 480 -25.70 -23.11 -8.94
CA GLU E 480 -26.41 -24.10 -8.17
C GLU E 480 -27.74 -24.42 -8.83
N ILE E 481 -28.02 -25.71 -9.01
CA ILE E 481 -29.20 -26.16 -9.73
C ILE E 481 -29.91 -27.21 -8.90
N GLU E 482 -31.23 -27.15 -8.89
CA GLU E 482 -32.05 -28.09 -8.15
C GLU E 482 -32.82 -28.98 -9.11
N TRP E 483 -32.41 -30.24 -9.19
CA TRP E 483 -32.95 -31.17 -10.16
C TRP E 483 -34.05 -31.99 -9.50
N GLU E 484 -35.05 -32.38 -10.29
CA GLU E 484 -36.14 -33.20 -9.78
C GLU E 484 -36.15 -34.54 -10.48
N LEU E 485 -36.44 -35.61 -9.73
CA LEU E 485 -36.19 -36.97 -10.16
C LEU E 485 -37.46 -37.79 -10.17
N GLN E 486 -37.40 -38.95 -10.80
CA GLN E 486 -38.49 -39.91 -10.83
C GLN E 486 -37.91 -41.28 -10.52
N LYS E 487 -38.32 -41.88 -9.40
CA LYS E 487 -37.66 -43.07 -8.92
C LYS E 487 -38.08 -44.32 -9.71
N GLU E 488 -37.17 -45.29 -9.72
CA GLU E 488 -37.32 -46.50 -10.51
C GLU E 488 -38.34 -47.44 -9.91
N ASN E 489 -39.40 -47.71 -10.68
CA ASN E 489 -40.58 -48.44 -10.19
C ASN E 489 -40.66 -49.91 -10.61
N SER E 490 -39.68 -50.44 -11.33
CA SER E 490 -39.86 -51.69 -12.06
C SER E 490 -40.18 -52.87 -11.15
N LYS E 491 -40.94 -53.82 -11.70
CA LYS E 491 -41.20 -55.11 -11.09
C LYS E 491 -40.27 -56.20 -11.61
N ARG E 492 -39.28 -55.85 -12.42
CA ARG E 492 -38.40 -56.82 -13.04
C ARG E 492 -37.72 -57.72 -12.01
N TRP E 493 -37.66 -59.01 -12.32
CA TRP E 493 -37.09 -60.00 -11.42
C TRP E 493 -35.58 -60.13 -11.55
N ASN E 494 -35.07 -60.11 -12.77
CA ASN E 494 -33.64 -60.33 -12.97
C ASN E 494 -32.88 -59.02 -13.06
N PRO E 495 -31.69 -58.96 -12.46
CA PRO E 495 -31.05 -57.67 -12.20
C PRO E 495 -30.85 -56.85 -13.46
N GLU E 496 -30.88 -55.53 -13.27
CA GLU E 496 -30.83 -54.58 -14.37
C GLU E 496 -29.40 -54.52 -14.90
N ILE E 497 -29.15 -53.57 -15.79
CA ILE E 497 -27.80 -53.19 -16.17
C ILE E 497 -27.47 -51.90 -15.44
N GLN E 498 -26.25 -51.77 -15.00
CA GLN E 498 -25.82 -50.64 -14.19
C GLN E 498 -24.55 -50.09 -14.80
N TYR E 499 -24.21 -48.85 -14.48
CA TYR E 499 -22.92 -48.33 -14.91
C TYR E 499 -21.88 -48.60 -13.84
N THR E 500 -20.76 -49.18 -14.24
CA THR E 500 -19.77 -49.60 -13.28
C THR E 500 -18.38 -49.55 -13.90
N SER E 501 -17.42 -49.11 -13.11
CA SER E 501 -16.02 -49.12 -13.51
C SER E 501 -15.41 -50.49 -13.32
N ASN E 502 -14.36 -50.76 -14.10
CA ASN E 502 -13.73 -52.06 -14.13
C ASN E 502 -12.67 -52.15 -13.05
N TYR E 503 -12.80 -53.14 -12.17
CA TYR E 503 -11.79 -53.33 -11.13
C TYR E 503 -10.41 -53.60 -11.70
N TYR E 504 -10.34 -53.94 -12.99
CA TYR E 504 -9.07 -54.28 -13.60
C TYR E 504 -8.11 -53.10 -13.51
N LYS E 505 -6.83 -53.41 -13.34
CA LYS E 505 -5.83 -52.40 -13.05
C LYS E 505 -5.38 -51.69 -14.31
N SER E 506 -4.93 -50.44 -14.15
CA SER E 506 -4.44 -49.66 -15.28
C SER E 506 -3.55 -48.56 -14.76
N ASN E 507 -2.79 -47.94 -15.66
CA ASN E 507 -1.83 -46.93 -15.23
C ASN E 507 -2.52 -45.70 -14.65
N ASN E 508 -3.73 -45.40 -15.11
CA ASN E 508 -4.40 -44.19 -14.67
C ASN E 508 -5.84 -44.50 -14.27
N VAL E 509 -6.24 -43.94 -13.13
CA VAL E 509 -7.63 -44.09 -12.69
C VAL E 509 -8.53 -43.25 -13.59
N GLU E 510 -9.51 -43.89 -14.20
CA GLU E 510 -10.42 -43.19 -15.08
C GLU E 510 -11.11 -42.08 -14.32
N PHE E 511 -11.46 -41.01 -15.02
CA PHE E 511 -12.13 -39.89 -14.39
C PHE E 511 -11.27 -39.32 -13.27
N ALA E 512 -9.96 -39.29 -13.46
CA ALA E 512 -9.08 -38.65 -12.48
C ALA E 512 -7.76 -38.28 -13.12
N VAL E 513 -7.01 -37.47 -12.40
CA VAL E 513 -5.86 -36.79 -12.97
C VAL E 513 -4.63 -37.68 -12.96
N ASN E 514 -3.94 -37.68 -14.10
CA ASN E 514 -2.72 -38.44 -14.32
C ASN E 514 -1.51 -37.67 -13.81
N THR E 515 -0.32 -38.10 -14.23
CA THR E 515 0.89 -37.67 -13.57
C THR E 515 1.19 -36.21 -13.80
N GLU E 516 1.20 -35.75 -15.05
CA GLU E 516 1.48 -34.34 -15.25
C GLU E 516 0.40 -33.46 -14.68
N GLY E 517 -0.73 -34.02 -14.27
CA GLY E 517 -1.76 -33.21 -13.69
C GLY E 517 -3.00 -33.05 -14.52
N VAL E 518 -2.95 -33.51 -15.77
CA VAL E 518 -4.06 -33.39 -16.70
C VAL E 518 -5.27 -34.05 -16.09
N TYR E 519 -6.45 -33.48 -16.29
CA TYR E 519 -7.69 -34.18 -16.02
C TYR E 519 -8.27 -34.62 -17.36
N SER E 520 -8.90 -35.78 -17.36
CA SER E 520 -9.29 -36.39 -18.61
C SER E 520 -10.52 -37.25 -18.39
N GLU E 521 -11.34 -37.34 -19.42
CA GLU E 521 -12.52 -38.19 -19.38
C GLU E 521 -12.38 -39.33 -20.39
N PRO E 522 -12.40 -40.59 -19.95
CA PRO E 522 -12.17 -41.68 -20.89
C PRO E 522 -13.28 -41.89 -21.91
N ARG E 523 -14.53 -41.86 -21.49
CA ARG E 523 -15.64 -42.24 -22.36
C ARG E 523 -16.87 -41.43 -22.03
N PRO E 524 -17.68 -41.09 -23.04
CA PRO E 524 -18.94 -40.42 -22.76
C PRO E 524 -19.87 -41.40 -22.09
N ILE E 525 -20.69 -40.89 -21.17
CA ILE E 525 -21.56 -41.74 -20.38
C ILE E 525 -23.01 -41.39 -20.69
N GLY E 526 -23.71 -42.31 -21.34
CA GLY E 526 -25.12 -42.13 -21.62
C GLY E 526 -25.97 -42.36 -20.41
N THR E 527 -27.22 -41.90 -20.48
CA THR E 527 -28.10 -41.98 -19.33
C THR E 527 -29.09 -43.15 -19.35
N ARG E 528 -29.12 -43.98 -20.38
CA ARG E 528 -30.16 -45.00 -20.45
C ARG E 528 -29.62 -46.35 -20.02
N TYR E 529 -30.10 -46.84 -18.89
CA TYR E 529 -29.75 -48.18 -18.43
C TYR E 529 -30.96 -48.99 -17.98
N LEU E 530 -31.68 -48.50 -16.99
CA LEU E 530 -32.88 -49.19 -16.51
C LEU E 530 -33.89 -49.34 -17.64
N THR E 531 -34.88 -50.20 -17.46
CA THR E 531 -35.85 -50.44 -18.51
C THR E 531 -37.32 -50.33 -18.07
N ARG E 532 -38.16 -49.93 -19.02
CA ARG E 532 -39.60 -49.78 -18.78
C ARG E 532 -40.39 -50.45 -19.91
N ASN E 533 -41.45 -51.16 -19.55
CA ASN E 533 -42.28 -51.84 -20.55
C ASN E 533 -42.79 -50.86 -21.61
N LEU E 534 -42.77 -51.28 -22.87
CA LEU E 534 -43.26 -50.40 -23.93
C LEU E 534 -44.78 -50.42 -23.98
N GLN F 228 9.91 38.16 27.01
CA GLN F 228 10.13 38.90 25.76
C GLN F 228 10.25 40.37 26.02
N SER F 229 10.45 41.15 24.97
CA SER F 229 10.55 42.60 25.08
C SER F 229 9.87 43.29 23.90
N LEU F 230 9.37 44.50 24.15
CA LEU F 230 8.37 45.10 23.29
C LEU F 230 8.87 45.31 21.88
N ASP F 231 10.16 45.46 21.70
CA ASP F 231 10.68 45.67 20.36
C ASP F 231 10.83 44.38 19.59
N ARG F 232 11.03 43.26 20.28
CA ARG F 232 11.36 41.99 19.67
C ARG F 232 10.19 41.04 19.51
N LEU F 233 8.95 41.50 19.65
CA LEU F 233 7.79 40.62 19.56
C LEU F 233 7.69 39.91 18.22
N MET F 234 8.51 40.27 17.26
CA MET F 234 8.49 39.75 15.90
C MET F 234 8.84 38.27 15.86
N ASN F 235 8.56 37.67 14.72
CA ASN F 235 8.94 36.28 14.43
C ASN F 235 10.26 36.27 13.66
N PRO F 236 11.30 35.62 14.16
CA PRO F 236 12.62 35.71 13.53
C PRO F 236 12.75 34.98 12.21
N LEU F 237 11.81 34.15 11.80
CA LEU F 237 12.03 33.35 10.60
C LEU F 237 11.44 33.93 9.31
N ILE F 238 10.56 34.92 9.38
CA ILE F 238 9.72 35.21 8.22
C ILE F 238 9.71 36.69 7.94
N ASP F 239 10.03 37.04 6.70
CA ASP F 239 10.02 38.42 6.25
C ASP F 239 8.63 39.02 6.42
N GLN F 240 8.59 40.31 6.71
CA GLN F 240 7.33 41.03 6.63
C GLN F 240 6.96 41.30 5.19
N TYR F 241 5.68 41.60 4.98
CA TYR F 241 5.24 42.08 3.68
C TYR F 241 5.28 43.59 3.59
N LEU F 242 5.76 44.27 4.62
CA LEU F 242 5.93 45.71 4.57
C LEU F 242 7.32 46.05 4.07
N TYR F 243 7.42 47.12 3.30
CA TYR F 243 8.70 47.58 2.78
C TYR F 243 9.13 48.86 3.49
N TYR F 244 10.41 48.96 3.81
CA TYR F 244 10.95 50.15 4.48
C TYR F 244 12.03 50.76 3.62
N LEU F 245 12.01 52.07 3.44
CA LEU F 245 13.00 52.73 2.60
C LEU F 245 14.37 52.48 3.19
N SER F 246 15.32 52.05 2.37
CA SER F 246 16.65 51.74 2.86
C SER F 246 17.80 52.58 2.31
N LYS F 247 17.57 53.29 1.22
CA LYS F 247 18.62 54.11 0.64
C LYS F 247 18.07 55.36 0.00
N THR F 248 18.72 56.48 0.22
CA THR F 248 18.24 57.72 -0.38
C THR F 248 19.17 58.18 -1.50
N ILE F 249 20.33 57.54 -1.59
CA ILE F 249 21.33 57.89 -2.62
C ILE F 249 21.87 56.63 -3.26
N ASN F 250 22.37 56.75 -4.49
CA ASN F 250 22.95 55.62 -5.18
C ASN F 250 24.35 55.34 -4.63
N GLY F 251 25.19 56.37 -4.65
CA GLY F 251 26.54 56.26 -4.16
C GLY F 251 27.16 57.63 -4.00
N SER F 252 28.43 57.64 -3.65
CA SER F 252 29.15 58.89 -3.48
C SER F 252 29.28 59.60 -4.82
N GLY F 253 28.87 60.86 -4.86
CA GLY F 253 28.89 61.63 -6.09
C GLY F 253 27.95 62.83 -5.98
N GLN F 254 27.53 63.31 -7.15
CA GLN F 254 26.68 64.49 -7.26
C GLN F 254 25.36 64.10 -7.94
N ASN F 255 24.27 64.73 -7.52
CA ASN F 255 22.95 64.44 -8.07
C ASN F 255 22.60 62.96 -7.94
N GLN F 256 22.99 62.36 -6.83
CA GLN F 256 22.81 60.94 -6.62
C GLN F 256 21.53 60.59 -5.89
N GLN F 257 20.65 61.56 -5.65
CA GLN F 257 19.40 61.25 -4.97
C GLN F 257 18.68 60.10 -5.64
N THR F 258 18.21 59.16 -4.84
CA THR F 258 17.43 58.02 -5.34
C THR F 258 16.63 57.44 -4.20
N LEU F 259 15.63 56.64 -4.54
CA LEU F 259 14.84 55.95 -3.54
C LEU F 259 14.96 54.45 -3.77
N LYS F 260 15.11 53.71 -2.68
CA LYS F 260 15.24 52.27 -2.73
C LYS F 260 14.48 51.70 -1.55
N PHE F 261 13.60 50.75 -1.81
CA PHE F 261 12.84 50.16 -0.73
C PHE F 261 13.24 48.71 -0.60
N SER F 262 12.97 48.12 0.55
CA SER F 262 13.44 46.80 0.87
C SER F 262 12.50 46.18 1.87
N VAL F 263 12.60 44.87 2.03
CA VAL F 263 11.72 44.20 2.97
C VAL F 263 12.32 44.28 4.36
N ALA F 264 11.52 44.69 5.33
CA ALA F 264 11.91 44.51 6.70
C ALA F 264 11.86 43.02 7.01
N GLY F 265 12.98 42.46 7.41
CA GLY F 265 13.08 41.03 7.57
C GLY F 265 14.05 40.66 8.66
N PRO F 266 14.00 39.41 9.09
CA PRO F 266 14.81 38.99 10.24
C PRO F 266 16.26 39.36 10.15
N SER F 267 16.73 39.56 8.92
CA SER F 267 18.09 40.01 8.68
C SER F 267 18.24 41.34 9.39
N ASN F 268 17.33 42.26 9.11
CA ASN F 268 17.31 43.56 9.78
C ASN F 268 16.04 43.57 10.59
N MET F 269 16.17 43.74 11.89
CA MET F 269 14.99 43.73 12.75
C MET F 269 14.74 45.08 13.39
N ALA F 270 15.66 46.01 13.21
CA ALA F 270 15.45 47.29 13.87
C ALA F 270 14.34 48.10 13.21
N VAL F 271 14.09 47.90 11.92
CA VAL F 271 13.20 48.80 11.20
C VAL F 271 11.81 48.23 10.99
N GLN F 272 11.52 47.01 11.43
CA GLN F 272 10.22 46.41 11.11
C GLN F 272 9.10 47.26 11.67
N GLY F 273 8.02 47.37 10.91
CA GLY F 273 6.85 48.07 11.42
C GLY F 273 6.22 47.29 12.56
N ARG F 274 6.14 47.92 13.73
CA ARG F 274 5.66 47.25 14.92
C ARG F 274 4.39 47.92 15.41
N ASN F 275 3.59 47.15 16.12
CA ASN F 275 2.33 47.65 16.64
C ASN F 275 2.49 48.67 17.74
N TYR F 276 3.25 48.38 18.78
CA TYR F 276 3.16 49.22 19.97
C TYR F 276 4.52 49.83 20.28
N ILE F 277 4.47 50.90 21.06
CA ILE F 277 5.68 51.66 21.41
C ILE F 277 5.64 51.96 22.90
N PRO F 278 6.79 52.00 23.56
CA PRO F 278 6.84 52.25 25.00
C PRO F 278 6.33 53.62 25.42
N GLN G 228 -8.92 -47.61 0.33
CA GLN G 228 -7.60 -47.63 0.94
C GLN G 228 -7.19 -48.99 1.44
N SER G 229 -6.04 -49.05 2.10
CA SER G 229 -5.48 -50.30 2.58
C SER G 229 -4.62 -50.05 3.81
N LEU G 230 -4.64 -51.01 4.73
CA LEU G 230 -4.24 -50.74 6.11
C LEU G 230 -2.82 -50.24 6.20
N ASP G 231 -1.88 -50.94 5.60
CA ASP G 231 -0.49 -50.54 5.71
C ASP G 231 -0.17 -49.24 4.99
N ARG G 232 -1.00 -48.79 4.06
CA ARG G 232 -0.73 -47.60 3.27
C ARG G 232 -1.44 -46.32 3.70
N LEU G 233 -2.14 -46.30 4.85
CA LEU G 233 -2.91 -45.09 5.18
C LEU G 233 -2.06 -43.83 5.22
N MET G 234 -0.74 -43.95 5.30
CA MET G 234 0.17 -42.85 5.55
C MET G 234 0.13 -41.83 4.42
N ASN G 235 0.65 -40.66 4.71
CA ASN G 235 0.80 -39.61 3.70
C ASN G 235 2.12 -39.84 2.97
N PRO G 236 2.10 -40.00 1.65
CA PRO G 236 3.33 -40.28 0.91
C PRO G 236 4.30 -39.14 0.84
N LEU G 237 3.93 -37.93 1.21
CA LEU G 237 4.78 -36.78 0.93
C LEU G 237 5.70 -36.36 2.07
N ILE G 238 5.65 -37.01 3.22
CA ILE G 238 6.27 -36.46 4.43
C ILE G 238 6.97 -37.56 5.21
N ASP G 239 8.04 -37.20 5.90
CA ASP G 239 8.72 -38.11 6.80
C ASP G 239 8.00 -38.25 8.13
N GLN G 240 8.20 -39.40 8.77
CA GLN G 240 7.89 -39.54 10.17
C GLN G 240 9.09 -39.15 11.01
N TYR G 241 8.84 -38.50 12.12
CA TYR G 241 9.92 -38.29 13.07
C TYR G 241 10.45 -39.57 13.65
N LEU G 242 9.67 -40.65 13.64
CA LEU G 242 10.19 -41.91 14.13
C LEU G 242 11.33 -42.37 13.23
N TYR G 243 12.10 -43.32 13.74
CA TYR G 243 13.28 -43.82 13.06
C TYR G 243 13.19 -45.32 12.87
N TYR G 244 14.28 -45.90 12.39
CA TYR G 244 14.46 -47.33 12.41
C TYR G 244 15.95 -47.58 12.36
N LEU G 245 16.34 -48.81 12.62
CA LEU G 245 17.74 -49.16 12.57
C LEU G 245 18.03 -49.63 11.16
N SER G 246 18.76 -48.82 10.39
CA SER G 246 18.98 -49.21 9.01
C SER G 246 20.16 -50.17 8.86
N LYS G 247 21.27 -49.91 9.55
CA LYS G 247 22.47 -50.71 9.36
C LYS G 247 22.93 -51.33 10.68
N THR G 248 23.20 -52.63 10.65
CA THR G 248 23.96 -53.26 11.71
C THR G 248 25.43 -53.46 11.37
N ILE G 249 25.88 -53.16 10.15
CA ILE G 249 27.28 -53.32 9.77
C ILE G 249 27.71 -52.19 8.86
N ASN G 250 29.01 -51.88 8.90
CA ASN G 250 29.59 -51.02 7.89
C ASN G 250 29.85 -51.79 6.60
N GLY G 251 30.49 -52.95 6.69
CA GLY G 251 30.83 -53.70 5.50
C GLY G 251 31.72 -54.88 5.86
N SER G 252 31.83 -55.80 4.91
CA SER G 252 32.46 -57.09 5.19
C SER G 252 33.85 -56.93 5.76
N GLY G 253 34.17 -57.75 6.76
CA GLY G 253 35.42 -57.71 7.49
C GLY G 253 35.21 -58.26 8.89
N GLN G 254 36.26 -58.19 9.70
CA GLN G 254 36.18 -58.62 11.09
C GLN G 254 35.93 -57.41 11.97
N ASN G 255 35.06 -57.59 12.97
CA ASN G 255 34.77 -56.54 13.95
C ASN G 255 34.20 -55.28 13.31
N GLN G 256 33.27 -55.46 12.39
CA GLN G 256 32.67 -54.37 11.65
C GLN G 256 31.31 -53.91 12.17
N GLN G 257 30.82 -54.47 13.28
CA GLN G 257 29.45 -54.19 13.70
C GLN G 257 29.30 -52.72 14.05
N THR G 258 28.17 -52.14 13.67
CA THR G 258 27.87 -50.77 14.09
C THR G 258 26.38 -50.51 13.94
N LEU G 259 25.91 -49.49 14.64
CA LEU G 259 24.48 -49.16 14.73
C LEU G 259 24.24 -47.80 14.12
N LYS G 260 23.49 -47.80 13.02
CA LYS G 260 23.24 -46.59 12.26
C LYS G 260 21.75 -46.40 12.08
N PHE G 261 21.21 -45.37 12.70
CA PHE G 261 19.78 -45.09 12.69
C PHE G 261 19.45 -44.12 11.58
N SER G 262 18.28 -44.31 10.98
CA SER G 262 17.85 -43.57 9.81
C SER G 262 16.38 -43.23 9.92
N VAL G 263 15.98 -42.17 9.24
CA VAL G 263 14.61 -41.71 9.32
C VAL G 263 13.74 -42.56 8.41
N ALA G 264 12.49 -42.72 8.79
CA ALA G 264 11.56 -43.55 8.03
C ALA G 264 10.58 -42.66 7.29
N GLY G 265 10.60 -42.76 5.97
CA GLY G 265 9.80 -41.88 5.16
C GLY G 265 9.41 -42.43 3.81
N PRO G 266 8.79 -41.58 3.01
CA PRO G 266 8.14 -42.02 1.77
C PRO G 266 8.92 -42.96 0.90
N SER G 267 10.25 -42.87 0.88
CA SER G 267 10.99 -43.80 0.04
C SER G 267 10.77 -45.22 0.51
N ASN G 268 11.12 -45.52 1.75
CA ASN G 268 11.00 -46.87 2.29
C ASN G 268 9.90 -46.85 3.34
N MET G 269 8.74 -47.39 2.99
CA MET G 269 7.58 -47.25 3.85
C MET G 269 7.30 -48.45 4.72
N ALA G 270 8.00 -49.56 4.52
CA ALA G 270 7.63 -50.75 5.28
C ALA G 270 8.31 -50.79 6.63
N VAL G 271 9.22 -49.85 6.87
CA VAL G 271 9.84 -49.73 8.18
C VAL G 271 9.16 -48.69 9.03
N GLN G 272 8.12 -48.03 8.54
CA GLN G 272 7.53 -46.95 9.31
C GLN G 272 6.65 -47.50 10.42
N GLY G 273 6.52 -46.69 11.47
CA GLY G 273 5.67 -47.07 12.58
C GLY G 273 4.20 -46.98 12.22
N ARG G 274 3.47 -48.02 12.53
CA ARG G 274 2.06 -48.13 12.18
C ARG G 274 1.23 -48.34 13.44
N ASN G 275 0.01 -47.81 13.41
CA ASN G 275 -0.86 -47.89 14.57
C ASN G 275 -1.77 -49.10 14.60
N TYR G 276 -1.89 -49.85 13.51
CA TYR G 276 -2.86 -50.92 13.53
C TYR G 276 -2.37 -52.10 12.73
N ILE G 277 -2.85 -53.28 13.12
CA ILE G 277 -2.35 -54.54 12.58
C ILE G 277 -3.55 -55.43 12.30
N PRO G 278 -3.52 -56.20 11.21
CA PRO G 278 -4.64 -56.96 10.70
C PRO G 278 -5.34 -57.84 11.73
N GLN H 1 37.42 19.74 13.14
CA GLN H 1 36.58 20.85 12.71
C GLN H 1 35.82 20.46 11.48
N VAL H 2 34.69 21.12 11.24
CA VAL H 2 33.79 20.70 10.17
C VAL H 2 34.58 20.56 8.89
N GLN H 3 34.44 19.39 8.27
CA GLN H 3 35.33 18.96 7.21
C GLN H 3 34.56 18.02 6.30
N LEU H 4 34.91 18.03 5.03
CA LEU H 4 34.26 17.20 4.02
C LEU H 4 35.32 16.66 3.11
N VAL H 5 35.34 15.36 2.90
CA VAL H 5 36.49 14.71 2.29
C VAL H 5 36.04 13.88 1.10
N GLU H 6 36.39 14.34 -0.09
CA GLU H 6 36.24 13.47 -1.24
C GLU H 6 37.35 12.43 -1.25
N SER H 7 37.09 11.34 -1.97
CA SER H 7 38.05 10.26 -2.07
C SER H 7 39.13 10.63 -3.07
N GLY H 8 39.97 9.66 -3.40
CA GLY H 8 40.96 9.87 -4.43
C GLY H 8 40.34 9.86 -5.81
N ALA H 9 41.18 10.16 -6.80
CA ALA H 9 40.73 10.22 -8.18
C ALA H 9 40.62 8.83 -8.80
N GLU H 10 39.78 8.72 -9.83
CA GLU H 10 39.76 7.55 -10.68
C GLU H 10 39.89 8.00 -12.13
N VAL H 11 40.18 7.04 -13.01
CA VAL H 11 40.24 7.26 -14.44
C VAL H 11 39.36 6.21 -15.10
N LYS H 12 38.27 6.66 -15.73
CA LYS H 12 37.29 5.72 -16.23
C LYS H 12 36.84 6.07 -17.64
N GLN H 13 36.81 5.06 -18.49
CA GLN H 13 36.64 5.26 -19.91
C GLN H 13 35.17 5.38 -20.27
N PRO H 14 34.85 6.14 -21.31
CA PRO H 14 33.45 6.53 -21.56
C PRO H 14 32.50 5.34 -21.54
N GLY H 15 31.33 5.55 -20.94
CA GLY H 15 30.40 4.49 -20.67
C GLY H 15 30.52 3.91 -19.29
N ALA H 16 31.65 4.07 -18.62
CA ALA H 16 31.84 3.63 -17.26
C ALA H 16 31.14 4.61 -16.33
N SER H 17 30.68 4.11 -15.18
CA SER H 17 30.11 4.93 -14.13
C SER H 17 31.11 5.02 -13.00
N VAL H 18 31.16 6.16 -12.33
CA VAL H 18 32.05 6.37 -11.20
C VAL H 18 31.28 7.03 -10.08
N LYS H 19 31.20 6.35 -8.94
CA LYS H 19 30.68 7.02 -7.76
C LYS H 19 31.80 7.80 -7.08
N VAL H 20 31.41 8.82 -6.32
CA VAL H 20 32.33 9.63 -5.54
C VAL H 20 31.82 9.64 -4.11
N SER H 21 32.73 9.78 -3.14
CA SER H 21 32.42 9.68 -1.72
C SER H 21 32.75 10.98 -1.01
N CYS H 22 31.93 11.37 -0.05
CA CYS H 22 32.13 12.59 0.72
C CYS H 22 31.93 12.29 2.20
N LYS H 23 33.00 12.42 2.99
CA LYS H 23 32.96 12.07 4.40
C LYS H 23 32.73 13.32 5.24
N ALA H 24 31.59 13.37 5.92
CA ALA H 24 31.28 14.50 6.76
C ALA H 24 31.75 14.21 8.16
N SER H 25 32.80 14.90 8.58
CA SER H 25 33.46 14.64 9.84
C SER H 25 33.36 15.87 10.71
N GLY H 26 32.80 15.72 11.91
CA GLY H 26 32.75 16.84 12.84
C GLY H 26 31.45 17.59 13.03
N TYR H 27 30.34 17.00 12.63
CA TYR H 27 29.04 17.61 12.79
C TYR H 27 27.91 16.58 12.82
N ILE H 28 26.69 17.02 13.06
CA ILE H 28 25.56 16.10 13.17
C ILE H 28 25.36 15.28 11.90
N PHE H 29 25.50 15.93 10.74
CA PHE H 29 25.46 15.32 9.39
C PHE H 29 24.07 14.95 8.86
N THR H 30 23.03 15.21 9.64
CA THR H 30 21.69 14.91 9.17
C THR H 30 20.88 16.18 9.09
N SER H 31 21.34 17.23 9.75
CA SER H 31 20.63 18.50 9.77
C SER H 31 20.98 19.42 8.61
N HIS H 32 22.04 19.09 7.88
CA HIS H 32 22.46 19.92 6.76
C HIS H 32 22.54 19.18 5.45
N ASN H 33 22.06 19.80 4.38
CA ASN H 33 22.09 19.22 3.04
C ASN H 33 23.50 19.24 2.46
N ILE H 34 23.72 18.45 1.42
CA ILE H 34 25.03 18.39 0.80
C ILE H 34 24.89 18.59 -0.69
N HIS H 35 25.48 19.66 -1.21
CA HIS H 35 25.42 20.02 -2.61
C HIS H 35 26.69 19.61 -3.34
N TRP H 36 26.53 19.14 -4.57
CA TRP H 36 27.65 18.69 -5.40
C TRP H 36 27.86 19.70 -6.52
N VAL H 37 28.93 20.49 -6.41
CA VAL H 37 29.25 21.43 -7.47
C VAL H 37 30.35 20.81 -8.33
N ARG H 38 30.24 20.98 -9.65
CA ARG H 38 31.22 20.42 -10.56
C ARG H 38 31.86 21.54 -11.34
N LYS H 39 33.13 21.41 -11.70
CA LYS H 39 33.75 22.35 -12.63
C LYS H 39 34.46 21.60 -13.74
N ALA H 40 33.91 21.68 -14.94
CA ALA H 40 34.59 21.18 -16.11
C ALA H 40 35.49 22.27 -16.68
N PRO H 41 36.67 21.89 -17.19
CA PRO H 41 37.63 22.91 -17.66
C PRO H 41 36.98 23.94 -18.56
N GLY H 42 37.39 25.18 -18.40
CA GLY H 42 36.83 26.28 -19.17
C GLY H 42 35.33 26.42 -19.08
N GLN H 43 34.75 25.99 -17.96
CA GLN H 43 33.33 26.15 -17.74
C GLN H 43 33.09 26.60 -16.30
N GLY H 44 31.97 27.25 -16.08
CA GLY H 44 31.64 27.71 -14.76
C GLY H 44 31.33 26.56 -13.83
N LEU H 45 31.17 26.89 -12.56
CA LEU H 45 30.71 25.89 -11.62
C LEU H 45 29.36 25.38 -12.08
N GLU H 46 29.04 24.16 -11.74
CA GLU H 46 27.81 23.53 -12.19
C GLU H 46 27.27 22.66 -11.08
N TRP H 47 25.98 22.75 -10.86
CA TRP H 47 25.35 22.16 -9.68
C TRP H 47 24.65 20.86 -10.07
N MET H 48 25.21 19.75 -9.61
CA MET H 48 24.69 18.43 -9.85
C MET H 48 23.49 18.10 -8.98
N GLY H 49 23.13 18.96 -8.05
CA GLY H 49 22.01 18.71 -7.16
C GLY H 49 22.45 18.38 -5.75
N LYS H 50 21.46 18.26 -4.88
CA LYS H 50 21.68 18.05 -3.46
C LYS H 50 21.00 16.78 -3.00
N ILE H 51 21.50 16.23 -1.90
CA ILE H 51 20.85 15.15 -1.18
C ILE H 51 20.41 15.72 0.16
N ASN H 52 19.29 15.26 0.68
CA ASN H 52 18.86 15.54 2.04
C ASN H 52 19.35 14.40 2.92
N PRO H 53 20.47 14.60 3.63
CA PRO H 53 21.15 13.65 4.51
C PRO H 53 20.23 12.67 5.23
N SER H 54 19.45 13.14 6.19
CA SER H 54 18.53 12.29 6.91
C SER H 54 17.45 11.73 5.99
N GLY H 55 16.96 12.57 5.09
CA GLY H 55 15.91 12.17 4.16
C GLY H 55 16.23 11.06 3.18
N GLY H 56 17.42 11.09 2.61
CA GLY H 56 17.81 10.07 1.66
C GLY H 56 17.33 10.37 0.24
N ASP H 57 16.41 11.32 0.12
CA ASP H 57 15.87 11.71 -1.17
C ASP H 57 16.62 12.92 -1.71
N ALA H 58 16.88 12.92 -3.01
CA ALA H 58 17.74 13.92 -3.62
C ALA H 58 16.94 14.79 -4.55
N ASN H 59 17.46 15.98 -4.79
CA ASN H 59 16.92 16.89 -5.79
C ASN H 59 18.00 17.13 -6.82
N TYR H 60 17.79 16.63 -8.03
CA TYR H 60 18.82 16.72 -9.05
C TYR H 60 18.64 18.01 -9.84
N ALA H 61 19.46 18.17 -10.86
CA ALA H 61 19.42 19.40 -11.64
C ALA H 61 18.83 19.11 -13.00
N GLN H 62 18.32 20.15 -13.67
CA GLN H 62 17.72 20.03 -15.00
C GLN H 62 18.58 19.26 -16.02
N LYS H 63 19.83 19.67 -16.18
CA LYS H 63 20.76 19.01 -17.08
C LYS H 63 21.11 17.58 -16.67
N PHE H 64 21.32 17.37 -15.38
CA PHE H 64 21.74 16.07 -14.84
C PHE H 64 20.61 15.20 -14.33
N GLN H 65 19.37 15.56 -14.64
CA GLN H 65 18.23 14.82 -14.12
C GLN H 65 18.24 13.35 -14.52
N GLY H 66 18.75 13.04 -15.70
CA GLY H 66 18.80 11.66 -16.11
C GLY H 66 19.95 10.83 -15.54
N ARG H 67 21.16 11.15 -15.96
CA ARG H 67 22.36 10.40 -15.58
C ARG H 67 22.82 10.30 -14.12
N VAL H 68 22.78 11.40 -13.37
CA VAL H 68 23.25 11.39 -11.97
C VAL H 68 22.37 10.68 -10.95
N VAL H 69 22.97 9.88 -10.09
CA VAL H 69 22.26 9.17 -9.02
C VAL H 69 22.96 9.43 -7.70
N MET H 70 22.20 9.80 -6.66
CA MET H 70 22.79 10.08 -5.36
C MET H 70 22.33 9.16 -4.23
N THR H 71 23.29 8.59 -3.51
CA THR H 71 23.02 7.68 -2.40
C THR H 71 23.88 8.06 -1.21
N ARG H 72 23.46 7.70 -0.01
CA ARG H 72 24.20 8.06 1.21
C ARG H 72 24.21 6.94 2.24
N ASP H 73 24.97 7.12 3.33
CA ASP H 73 24.95 6.16 4.41
C ASP H 73 25.27 6.87 5.71
N THR H 74 24.38 6.75 6.70
CA THR H 74 24.64 7.43 7.97
C THR H 74 25.71 6.72 8.77
N SER H 75 25.73 5.38 8.73
CA SER H 75 26.66 4.65 9.57
C SER H 75 28.10 5.04 9.27
N THR H 76 28.53 4.86 8.03
CA THR H 76 29.85 5.33 7.63
C THR H 76 29.91 6.84 7.51
N ASN H 77 28.77 7.51 7.65
CA ASN H 77 28.72 8.97 7.76
C ASN H 77 29.13 9.65 6.46
N THR H 78 28.96 8.94 5.34
CA THR H 78 29.38 9.46 4.05
C THR H 78 28.22 9.44 3.08
N VAL H 79 28.38 10.20 2.00
CA VAL H 79 27.34 10.36 0.99
C VAL H 79 27.99 10.12 -0.36
N TYR H 80 27.21 9.61 -1.31
CA TYR H 80 27.74 9.17 -2.59
C TYR H 80 26.95 9.78 -3.72
N VAL H 81 27.65 10.28 -4.73
CA VAL H 81 27.05 10.57 -6.03
C VAL H 81 27.58 9.54 -7.00
N GLN H 82 26.72 9.04 -7.87
CA GLN H 82 27.11 8.04 -8.86
C GLN H 82 26.78 8.57 -10.24
N LEU H 83 27.80 8.84 -11.04
CA LEU H 83 27.60 9.30 -12.41
C LEU H 83 27.71 8.07 -13.29
N ARG H 84 26.57 7.49 -13.67
CA ARG H 84 26.56 6.25 -14.45
C ARG H 84 27.18 6.26 -15.85
N SER H 85 26.95 7.29 -16.65
CA SER H 85 27.50 7.31 -18.00
C SER H 85 28.55 8.39 -18.24
N LEU H 86 29.80 8.05 -17.95
CA LEU H 86 30.90 8.98 -18.15
C LEU H 86 31.16 9.23 -19.63
N ARG H 87 31.54 10.47 -19.92
CA ARG H 87 31.84 10.90 -21.28
C ARG H 87 33.05 11.84 -21.24
N PHE H 88 33.56 12.18 -22.41
CA PHE H 88 34.68 13.11 -22.51
C PHE H 88 34.19 14.45 -22.02
N GLU H 89 32.93 14.74 -22.30
CA GLU H 89 32.29 15.97 -21.90
C GLU H 89 32.24 16.07 -20.38
N ASP H 90 31.96 14.95 -19.72
CA ASP H 90 31.90 14.92 -18.26
C ASP H 90 33.27 14.70 -17.62
N THR H 91 34.18 15.65 -17.81
CA THR H 91 35.49 15.57 -17.18
C THR H 91 35.52 16.78 -16.28
N ALA H 92 35.60 16.55 -14.97
CA ALA H 92 35.56 17.66 -14.02
C ALA H 92 36.12 17.33 -12.65
N VAL H 93 36.33 18.36 -11.85
CA VAL H 93 36.79 18.18 -10.49
C VAL H 93 35.51 18.27 -9.69
N TYR H 94 35.19 17.22 -8.94
CA TYR H 94 33.94 17.20 -8.19
C TYR H 94 34.08 17.65 -6.74
N TYR H 95 33.12 18.46 -6.31
CA TYR H 95 33.12 18.98 -4.96
C TYR H 95 31.85 18.56 -4.24
N CYS H 96 31.96 18.31 -2.95
CA CYS H 96 30.79 18.27 -2.09
C CYS H 96 30.88 19.40 -1.10
N ALA H 97 29.84 20.22 -1.07
CA ALA H 97 29.72 21.28 -0.08
C ALA H 97 28.44 21.06 0.70
N ARG H 98 28.38 21.65 1.89
CA ARG H 98 27.19 21.56 2.72
C ARG H 98 26.56 22.94 2.84
N VAL H 99 25.24 22.98 2.88
CA VAL H 99 24.56 24.19 3.32
C VAL H 99 24.93 24.42 4.78
N HIS H 100 25.25 25.67 5.13
CA HIS H 100 25.53 26.05 6.50
C HIS H 100 24.71 27.32 6.71
N ASP H 101 23.87 27.33 7.73
CA ASP H 101 22.99 28.48 7.99
C ASP H 101 23.51 29.58 8.92
N PHE H 102 24.74 29.45 9.41
CA PHE H 102 25.36 30.43 10.30
C PHE H 102 24.53 30.75 11.54
N TRP H 103 23.95 29.72 12.14
CA TRP H 103 23.11 29.83 13.34
C TRP H 103 21.92 30.77 13.21
N SER H 104 21.32 30.84 12.02
CA SER H 104 20.16 31.67 11.80
C SER H 104 19.24 30.94 10.82
N GLY H 105 17.94 30.98 11.08
CA GLY H 105 17.00 30.31 10.22
C GLY H 105 16.95 30.89 8.82
N TYR H 106 17.04 32.21 8.78
CA TYR H 106 16.97 33.00 7.56
C TYR H 106 18.05 32.81 6.48
N HIS H 107 19.31 32.65 6.87
CA HIS H 107 20.39 32.55 5.89
C HIS H 107 20.85 31.16 5.44
N ARG H 108 21.17 31.04 4.16
CA ARG H 108 21.64 29.77 3.58
C ARG H 108 22.85 29.95 2.66
N ALA H 109 23.94 29.27 2.98
CA ALA H 109 25.15 29.33 2.16
C ALA H 109 25.99 28.05 2.28
N LEU H 110 26.83 27.77 1.30
CA LEU H 110 27.69 26.58 1.36
C LEU H 110 29.02 26.85 2.04
N ASP H 111 29.03 26.87 3.38
CA ASP H 111 30.26 27.16 4.11
C ASP H 111 31.45 26.19 4.02
N ILE H 112 31.20 24.88 4.05
CA ILE H 112 32.32 23.94 4.02
C ILE H 112 32.42 23.08 2.76
N TRP H 113 33.57 23.17 2.10
CA TRP H 113 33.84 22.42 0.88
C TRP H 113 34.96 21.41 1.12
N GLY H 114 34.99 20.34 0.33
CA GLY H 114 36.01 19.31 0.46
C GLY H 114 37.27 19.73 -0.25
N GLN H 115 38.38 19.06 0.02
CA GLN H 115 39.64 19.42 -0.61
C GLN H 115 39.54 19.31 -2.13
N GLY H 116 38.91 18.26 -2.63
CA GLY H 116 38.71 18.15 -4.06
C GLY H 116 38.63 16.76 -4.62
N THR H 117 38.35 16.71 -5.91
CA THR H 117 38.22 15.49 -6.68
C THR H 117 38.26 15.87 -8.15
N MET H 118 38.96 15.05 -8.92
CA MET H 118 39.16 15.24 -10.34
C MET H 118 38.94 13.91 -11.03
N VAL H 119 38.13 13.93 -12.08
CA VAL H 119 37.86 12.72 -12.83
C VAL H 119 38.44 12.91 -14.20
N ILE H 120 39.35 12.02 -14.58
CA ILE H 120 39.95 12.11 -15.90
C ILE H 120 39.24 11.08 -16.72
N VAL H 121 38.44 11.55 -17.68
CA VAL H 121 37.71 10.63 -18.53
C VAL H 121 38.19 10.76 -19.94
N SER H 122 38.65 9.64 -20.49
CA SER H 122 39.17 9.56 -21.84
C SER H 122 39.30 8.09 -22.18
N SER H 123 38.90 7.73 -23.38
CA SER H 123 38.99 6.34 -23.81
C SER H 123 40.42 5.83 -23.81
N ALA H 124 41.40 6.70 -23.98
CA ALA H 124 42.78 6.26 -24.15
C ALA H 124 43.33 5.66 -22.86
N SER H 125 43.77 4.42 -22.96
CA SER H 125 44.28 3.67 -21.81
C SER H 125 45.50 4.34 -21.16
N VAL I 1 19.54 30.73 -15.12
CA VAL I 1 20.96 30.91 -14.81
C VAL I 1 21.35 32.35 -15.03
N LEU I 2 22.28 32.81 -14.19
CA LEU I 2 22.63 34.21 -14.11
C LEU I 2 23.67 34.60 -15.17
N THR I 3 23.65 35.87 -15.54
CA THR I 3 24.57 36.40 -16.54
C THR I 3 25.49 37.44 -15.93
N GLN I 4 26.79 37.16 -15.91
CA GLN I 4 27.77 38.08 -15.34
C GLN I 4 28.98 38.18 -16.25
N PRO I 5 29.73 39.29 -16.13
CA PRO I 5 30.92 39.49 -16.98
C PRO I 5 31.92 38.38 -16.73
N PRO I 6 32.54 37.86 -17.80
CA PRO I 6 33.50 36.77 -17.71
C PRO I 6 34.93 37.20 -17.43
N SER I 7 35.30 38.41 -17.84
CA SER I 7 36.66 38.85 -17.63
C SER I 7 36.65 40.24 -17.03
N ALA I 8 37.38 40.44 -15.95
CA ALA I 8 37.34 41.67 -15.18
C ALA I 8 38.75 42.13 -14.87
N SER I 9 39.04 43.39 -15.20
CA SER I 9 40.39 43.92 -15.06
C SER I 9 40.73 44.16 -13.60
N GLY I 10 42.03 44.33 -13.33
CA GLY I 10 42.49 44.77 -12.03
C GLY I 10 43.86 45.40 -12.09
N THR I 11 44.17 46.23 -11.10
CA THR I 11 45.50 46.80 -10.89
C THR I 11 45.73 46.94 -9.39
N PRO I 12 46.95 46.73 -8.91
CA PRO I 12 47.21 46.89 -7.48
C PRO I 12 46.65 48.18 -6.93
N GLY I 13 46.09 48.11 -5.73
CA GLY I 13 45.47 49.24 -5.07
C GLY I 13 44.23 49.79 -5.74
N GLN I 14 43.35 48.95 -6.28
CA GLN I 14 42.14 49.41 -6.96
C GLN I 14 40.98 48.48 -6.66
N THR I 15 39.81 49.06 -6.42
CA THR I 15 38.62 48.24 -6.23
C THR I 15 38.03 47.81 -7.56
N VAL I 16 37.32 46.70 -7.52
CA VAL I 16 36.74 46.04 -8.68
C VAL I 16 35.29 45.70 -8.37
N THR I 17 34.37 46.30 -9.09
CA THR I 17 32.95 46.04 -8.89
C THR I 17 32.50 44.94 -9.85
N ILE I 18 32.15 43.79 -9.31
CA ILE I 18 31.83 42.60 -10.07
C ILE I 18 30.31 42.47 -10.14
N SER I 19 29.77 42.60 -11.35
CA SER I 19 28.32 42.63 -11.53
C SER I 19 27.77 41.23 -11.73
N CYS I 20 26.54 41.03 -11.26
CA CYS I 20 25.76 39.82 -11.54
C CYS I 20 24.35 40.30 -11.81
N SER I 21 23.65 39.63 -12.73
CA SER I 21 22.28 40.01 -13.08
C SER I 21 21.41 38.78 -13.21
N GLY I 22 20.17 38.89 -12.78
CA GLY I 22 19.24 37.78 -12.84
C GLY I 22 17.79 38.20 -12.88
N SER I 23 16.93 37.24 -13.21
CA SER I 23 15.48 37.48 -13.27
C SER I 23 14.93 37.62 -11.85
N SER I 24 13.76 38.25 -11.73
CA SER I 24 13.20 38.48 -10.41
C SER I 24 12.95 37.19 -9.64
N SER I 25 12.47 36.16 -10.30
CA SER I 25 12.23 34.92 -9.58
C SER I 25 13.52 34.29 -9.05
N ASN I 26 14.55 34.20 -9.89
CA ASN I 26 15.82 33.62 -9.44
C ASN I 26 16.66 34.39 -8.42
N VAL I 27 16.79 35.71 -8.62
CA VAL I 27 17.62 36.50 -7.71
C VAL I 27 16.86 37.55 -6.91
N GLY I 28 15.73 38.02 -7.40
CA GLY I 28 15.00 39.02 -6.66
C GLY I 28 14.54 38.48 -5.33
N SER I 29 13.95 37.29 -5.36
CA SER I 29 13.43 36.67 -4.16
C SER I 29 14.53 35.97 -3.39
N HIS I 30 15.72 35.91 -3.96
CA HIS I 30 16.81 35.25 -3.26
C HIS I 30 18.11 36.05 -3.19
N SER I 31 18.66 36.04 -1.99
CA SER I 31 19.88 36.71 -1.61
C SER I 31 21.09 36.16 -2.36
N VAL I 32 21.86 36.95 -3.14
CA VAL I 32 22.99 36.29 -3.76
C VAL I 32 24.16 36.17 -2.81
N ASN I 33 25.01 35.18 -3.08
CA ASN I 33 26.21 34.96 -2.28
C ASN I 33 27.36 34.86 -3.26
N TRP I 34 28.55 35.28 -2.84
CA TRP I 34 29.71 35.21 -3.72
C TRP I 34 30.76 34.23 -3.24
N TYR I 35 31.22 33.38 -4.16
CA TYR I 35 32.23 32.39 -3.85
C TYR I 35 33.50 32.70 -4.62
N GLN I 36 34.64 32.66 -3.94
CA GLN I 36 35.91 32.91 -4.60
C GLN I 36 36.55 31.57 -4.85
N HIS I 37 36.92 31.30 -6.09
CA HIS I 37 37.53 30.03 -6.42
C HIS I 37 38.90 30.17 -7.07
N LEU I 38 39.85 29.38 -6.58
CA LEU I 38 41.20 29.39 -7.11
C LEU I 38 41.34 28.03 -7.79
N PRO I 39 41.82 28.01 -9.03
CA PRO I 39 41.94 26.73 -9.73
C PRO I 39 42.84 25.75 -8.99
N GLY I 40 42.41 24.50 -8.91
CA GLY I 40 43.16 23.47 -8.21
C GLY I 40 42.90 23.42 -6.72
N THR I 41 41.99 24.25 -6.24
CA THR I 41 41.65 24.27 -4.82
C THR I 41 40.15 24.52 -4.60
N ALA I 42 39.66 24.11 -3.43
CA ALA I 42 38.25 24.28 -3.10
C ALA I 42 37.86 25.75 -2.99
N PRO I 43 36.62 26.07 -3.39
CA PRO I 43 36.07 27.44 -3.38
C PRO I 43 35.88 27.95 -1.95
N LYS I 44 35.94 29.26 -1.79
CA LYS I 44 35.75 29.88 -0.48
C LYS I 44 34.51 30.76 -0.54
N LEU I 45 33.74 30.80 0.54
CA LEU I 45 32.53 31.61 0.58
C LEU I 45 32.84 33.00 1.11
N LEU I 46 33.14 33.92 0.20
CA LEU I 46 33.45 35.29 0.60
C LEU I 46 32.27 35.95 1.29
N ILE I 47 31.22 36.19 0.53
CA ILE I 47 30.04 36.88 1.04
C ILE I 47 28.80 35.97 1.09
N TYR I 48 28.22 35.81 2.26
CA TYR I 48 26.99 35.04 2.41
C TYR I 48 26.01 36.12 2.75
N SER I 49 24.94 36.18 1.95
CA SER I 49 23.85 37.18 1.94
C SER I 49 24.30 38.45 1.21
N ASN I 50 23.44 39.46 1.13
CA ASN I 50 23.80 40.65 0.39
C ASN I 50 24.98 41.46 0.90
N HIS I 51 25.02 41.70 2.21
CA HIS I 51 26.07 42.52 2.80
C HIS I 51 26.90 41.90 3.92
N ARG I 52 26.86 40.59 4.08
CA ARG I 52 27.59 39.98 5.19
C ARG I 52 28.84 39.18 4.83
N ARG I 53 29.86 39.30 5.67
CA ARG I 53 31.08 38.52 5.49
C ARG I 53 31.31 37.59 6.67
N PRO I 54 31.61 36.31 6.40
CA PRO I 54 31.87 35.27 7.41
C PRO I 54 33.14 35.55 8.20
N SER I 55 33.24 35.00 9.41
CA SER I 55 34.37 35.26 10.29
C SER I 55 35.74 35.07 9.62
N GLY I 56 35.86 34.05 8.78
CA GLY I 56 37.11 33.79 8.10
C GLY I 56 37.55 34.91 7.17
N VAL I 57 36.60 35.47 6.44
CA VAL I 57 36.86 36.52 5.46
C VAL I 57 37.37 37.85 6.05
N PRO I 58 38.25 38.53 5.30
CA PRO I 58 38.91 39.81 5.57
C PRO I 58 37.95 41.00 5.45
N ASP I 59 38.33 42.11 6.07
CA ASP I 59 37.52 43.33 6.07
C ASP I 59 37.26 43.99 4.72
N ARG I 60 38.25 43.96 3.83
CA ARG I 60 38.11 44.62 2.52
C ARG I 60 36.98 44.12 1.63
N PHE I 61 36.75 42.82 1.57
CA PHE I 61 35.67 42.31 0.72
C PHE I 61 34.31 42.80 1.21
N SER I 62 33.43 43.15 0.27
CA SER I 62 32.11 43.64 0.61
C SER I 62 31.06 43.14 -0.38
N GLY I 63 29.85 43.66 -0.28
CA GLY I 63 28.77 43.27 -1.17
C GLY I 63 27.63 44.26 -1.28
N SER I 64 27.18 44.50 -2.51
CA SER I 64 26.07 45.42 -2.77
C SER I 64 25.04 44.80 -3.72
N LYS I 65 23.87 44.44 -3.20
CA LYS I 65 22.82 43.79 -3.97
C LYS I 65 21.59 44.67 -4.16
N SER I 66 21.08 44.73 -5.39
CA SER I 66 19.89 45.54 -5.69
C SER I 66 18.90 44.92 -6.68
N ASP I 67 17.73 44.52 -6.17
CA ASP I 67 16.64 43.93 -6.96
C ASP I 67 17.23 42.78 -7.79
N THR I 68 17.24 42.90 -9.11
CA THR I 68 17.83 41.87 -9.95
C THR I 68 19.36 41.88 -9.87
N SER I 69 19.99 43.01 -10.15
CA SER I 69 21.44 43.07 -10.27
C SER I 69 22.06 43.06 -8.88
N ALA I 70 23.10 42.26 -8.70
CA ALA I 70 23.76 42.13 -7.41
C ALA I 70 25.27 42.15 -7.64
N SER I 71 25.95 43.13 -7.06
CA SER I 71 27.35 43.34 -7.36
C SER I 71 28.23 42.92 -6.19
N LEU I 72 29.54 43.03 -6.42
CA LEU I 72 30.59 42.78 -5.43
C LEU I 72 31.73 43.73 -5.74
N ALA I 73 32.33 44.33 -4.69
CA ALA I 73 33.45 45.23 -4.87
C ALA I 73 34.48 45.00 -3.78
N ILE I 74 35.73 44.76 -4.19
CA ILE I 74 36.78 44.35 -3.25
C ILE I 74 37.86 45.43 -3.23
N SER I 75 38.52 45.57 -2.09
CA SER I 75 39.38 46.72 -1.82
C SER I 75 40.83 46.29 -1.61
N GLY I 76 41.74 47.21 -1.91
CA GLY I 76 43.17 47.04 -1.67
C GLY I 76 43.73 45.79 -2.30
N ILE I 77 43.50 45.62 -3.59
CA ILE I 77 43.70 44.31 -4.22
C ILE I 77 45.19 43.94 -4.27
N GLN I 78 45.45 42.64 -4.37
CA GLN I 78 46.77 42.08 -4.61
C GLN I 78 46.67 41.06 -5.74
N SER I 79 47.80 40.71 -6.35
CA SER I 79 47.78 39.57 -7.26
C SER I 79 47.71 38.26 -6.48
N GLU I 80 48.08 38.30 -5.20
CA GLU I 80 47.82 37.20 -4.30
C GLU I 80 46.32 36.98 -4.10
N ASP I 81 45.52 38.01 -4.34
CA ASP I 81 44.06 37.94 -4.28
C ASP I 81 43.45 37.40 -5.57
N GLU I 82 44.18 37.45 -6.67
CA GLU I 82 43.57 37.30 -7.99
C GLU I 82 43.24 35.85 -8.28
N ALA I 83 41.96 35.60 -8.56
CA ALA I 83 41.41 34.26 -8.78
C ALA I 83 40.03 34.43 -9.41
N ASP I 84 39.31 33.33 -9.54
CA ASP I 84 38.02 33.29 -10.23
C ASP I 84 36.88 33.43 -9.24
N TYR I 85 35.82 34.15 -9.62
CA TYR I 85 34.72 34.44 -8.71
C TYR I 85 33.39 33.97 -9.28
N TYR I 86 32.40 33.79 -8.41
CA TYR I 86 31.13 33.22 -8.82
C TYR I 86 29.97 33.88 -8.09
N CYS I 87 28.81 33.84 -8.73
CA CYS I 87 27.59 34.45 -8.24
C CYS I 87 26.57 33.35 -7.95
N ALA I 88 26.30 33.09 -6.69
CA ALA I 88 25.45 31.96 -6.35
C ALA I 88 24.13 32.43 -5.79
N THR I 89 23.07 31.67 -6.05
CA THR I 89 21.71 32.12 -5.81
C THR I 89 20.83 30.89 -5.62
N TRP I 90 19.61 31.11 -5.15
CA TRP I 90 18.70 30.03 -4.79
C TRP I 90 17.34 30.30 -5.41
N ASP I 91 16.76 29.29 -6.08
CA ASP I 91 15.44 29.44 -6.67
C ASP I 91 14.36 28.97 -5.70
N GLY I 92 13.14 28.82 -6.21
CA GLY I 92 12.03 28.44 -5.35
C GLY I 92 12.16 27.05 -4.77
N ARG I 93 12.62 26.10 -5.57
CA ARG I 93 12.93 24.77 -5.08
C ARG I 93 14.30 24.71 -4.44
N LEU I 94 14.96 25.85 -4.33
CA LEU I 94 16.27 26.02 -3.73
C LEU I 94 17.38 25.32 -4.50
N ASN I 95 17.17 25.07 -5.79
CA ASN I 95 18.30 24.75 -6.66
C ASN I 95 19.32 25.87 -6.60
N VAL I 96 20.60 25.53 -6.57
CA VAL I 96 21.62 26.57 -6.52
C VAL I 96 22.05 26.92 -7.93
N LEU I 97 22.06 28.21 -8.24
CA LEU I 97 22.35 28.66 -9.60
C LEU I 97 23.57 29.55 -9.61
N PHE I 98 24.63 29.09 -10.27
CA PHE I 98 25.91 29.79 -10.33
C PHE I 98 25.96 30.61 -11.60
N GLY I 99 26.33 31.88 -11.46
CA GLY I 99 26.25 32.77 -12.60
C GLY I 99 27.23 32.43 -13.71
N GLY I 100 28.50 32.39 -13.39
CA GLY I 100 29.52 32.12 -14.38
C GLY I 100 30.87 32.54 -13.83
N GLY I 101 31.91 32.07 -14.52
CA GLY I 101 33.28 32.40 -14.15
C GLY I 101 33.58 33.86 -14.45
N THR I 102 33.98 34.57 -13.41
CA THR I 102 34.62 35.86 -13.57
C THR I 102 35.97 35.79 -12.86
N LYS I 103 37.04 35.92 -13.65
CA LYS I 103 38.38 35.87 -13.09
C LYS I 103 39.10 37.18 -13.37
N LEU I 104 39.91 37.60 -12.42
CA LEU I 104 40.56 38.89 -12.53
C LEU I 104 41.88 38.78 -13.28
N THR I 105 42.51 39.93 -13.48
CA THR I 105 43.89 40.03 -13.90
C THR I 105 44.54 41.18 -13.12
N VAL I 106 45.60 40.90 -12.39
CA VAL I 106 46.25 41.95 -11.63
C VAL I 106 47.63 42.22 -12.21
N LEU I 107 47.91 43.50 -12.47
CA LEU I 107 49.09 43.85 -13.24
C LEU I 107 49.60 45.26 -12.92
N GLN J 1 9.69 -36.37 -27.58
CA GLN J 1 10.14 -36.61 -26.21
C GLN J 1 10.27 -35.34 -25.39
N VAL J 2 10.36 -35.50 -24.08
CA VAL J 2 10.76 -34.40 -23.21
C VAL J 2 12.18 -34.00 -23.57
N GLN J 3 12.40 -32.72 -23.84
CA GLN J 3 13.68 -32.26 -24.35
C GLN J 3 13.87 -30.80 -24.00
N LEU J 4 15.09 -30.27 -23.95
CA LEU J 4 15.34 -28.85 -23.66
C LEU J 4 16.29 -28.24 -24.70
N VAL J 5 16.07 -26.99 -25.12
CA VAL J 5 16.93 -26.33 -26.12
C VAL J 5 17.25 -24.85 -25.86
N GLU J 6 18.42 -24.41 -26.35
CA GLU J 6 18.97 -23.03 -26.20
C GLU J 6 19.70 -22.48 -27.45
N SER J 7 20.08 -21.20 -27.38
CA SER J 7 20.76 -20.42 -28.45
C SER J 7 22.26 -20.65 -28.75
N GLY J 8 22.71 -20.08 -29.87
CA GLY J 8 24.10 -20.14 -30.36
C GLY J 8 25.17 -19.33 -29.63
N ALA J 9 26.42 -19.80 -29.69
CA ALA J 9 27.62 -19.21 -29.02
C ALA J 9 27.84 -17.70 -29.05
N GLU J 10 27.74 -16.95 -27.92
CA GLU J 10 28.05 -15.55 -28.15
C GLU J 10 29.52 -15.27 -27.86
N VAL J 11 30.13 -14.39 -28.64
CA VAL J 11 31.48 -13.92 -28.40
C VAL J 11 31.35 -12.44 -28.05
N LYS J 12 31.53 -12.11 -26.77
CA LYS J 12 31.21 -10.78 -26.28
C LYS J 12 32.35 -10.16 -25.49
N GLN J 13 32.45 -8.85 -25.61
CA GLN J 13 33.46 -8.08 -24.91
C GLN J 13 33.08 -7.90 -23.44
N PRO J 14 34.03 -7.51 -22.59
CA PRO J 14 33.75 -7.49 -21.14
C PRO J 14 32.61 -6.55 -20.77
N GLY J 15 32.09 -6.75 -19.56
CA GLY J 15 31.19 -5.82 -18.90
C GLY J 15 29.91 -5.52 -19.66
N ALA J 16 29.56 -6.31 -20.66
CA ALA J 16 28.40 -6.05 -21.50
C ALA J 16 27.39 -7.16 -21.28
N SER J 17 26.11 -6.87 -21.51
CA SER J 17 25.06 -7.80 -21.18
C SER J 17 24.94 -8.90 -22.22
N VAL J 18 25.09 -10.15 -21.77
CA VAL J 18 24.80 -11.32 -22.58
C VAL J 18 23.56 -11.95 -22.00
N LYS J 19 22.76 -12.60 -22.83
CA LYS J 19 21.59 -13.31 -22.34
C LYS J 19 21.41 -14.59 -23.13
N VAL J 20 20.92 -15.62 -22.44
CA VAL J 20 20.79 -16.96 -22.97
C VAL J 20 19.30 -17.25 -23.12
N SER J 21 18.96 -18.10 -24.07
CA SER J 21 17.59 -18.57 -24.22
C SER J 21 17.54 -20.06 -24.00
N CYS J 22 16.88 -20.49 -22.94
CA CYS J 22 16.63 -21.91 -22.68
C CYS J 22 15.17 -22.19 -22.99
N LYS J 23 14.91 -23.25 -23.74
CA LYS J 23 13.60 -23.54 -24.27
C LYS J 23 13.31 -25.02 -24.19
N ALA J 24 12.08 -25.37 -23.82
CA ALA J 24 11.71 -26.78 -23.71
C ALA J 24 10.39 -27.12 -24.39
N SER J 25 10.26 -28.39 -24.77
CA SER J 25 9.05 -28.86 -25.42
C SER J 25 8.63 -30.23 -24.89
N GLY J 26 7.45 -30.67 -25.31
CA GLY J 26 6.87 -31.94 -24.91
C GLY J 26 6.32 -32.03 -23.49
N TYR J 27 7.17 -31.85 -22.49
CA TYR J 27 6.70 -31.90 -21.10
C TYR J 27 5.95 -30.63 -20.78
N ILE J 28 4.97 -30.71 -19.88
CA ILE J 28 4.19 -29.53 -19.52
C ILE J 28 5.07 -28.48 -18.88
N PHE J 29 4.94 -27.24 -19.34
CA PHE J 29 5.69 -26.12 -18.80
C PHE J 29 4.99 -25.54 -17.57
N THR J 30 5.68 -24.69 -16.82
CA THR J 30 5.14 -24.02 -15.62
C THR J 30 4.62 -24.98 -14.56
N SER J 31 5.36 -26.06 -14.35
CA SER J 31 5.01 -27.05 -13.34
C SER J 31 6.34 -27.44 -12.74
N HIS J 32 7.36 -27.46 -13.59
CA HIS J 32 8.73 -27.77 -13.21
C HIS J 32 9.68 -26.58 -13.27
N ASN J 33 10.44 -26.38 -12.20
CA ASN J 33 11.42 -25.29 -12.11
C ASN J 33 12.63 -25.54 -12.98
N ILE J 34 13.40 -24.49 -13.27
CA ILE J 34 14.59 -24.64 -14.09
C ILE J 34 15.76 -23.89 -13.46
N HIS J 35 16.88 -24.58 -13.28
CA HIS J 35 18.07 -24.04 -12.65
C HIS J 35 19.13 -23.77 -13.70
N TRP J 36 19.94 -22.75 -13.44
CA TRP J 36 21.06 -22.37 -14.29
C TRP J 36 22.35 -22.74 -13.60
N VAL J 37 23.24 -23.41 -14.31
CA VAL J 37 24.48 -23.91 -13.76
C VAL J 37 25.63 -23.54 -14.66
N ARG J 38 26.55 -22.73 -14.15
CA ARG J 38 27.72 -22.28 -14.88
C ARG J 38 28.89 -23.19 -14.58
N LYS J 39 29.53 -23.71 -15.63
CA LYS J 39 30.82 -24.35 -15.47
C LYS J 39 31.89 -23.50 -16.11
N ALA J 40 32.98 -23.28 -15.38
CA ALA J 40 34.03 -22.41 -15.87
C ALA J 40 35.37 -23.15 -15.88
N PRO J 41 36.34 -22.65 -16.65
CA PRO J 41 37.65 -23.32 -16.64
C PRO J 41 38.29 -23.24 -15.27
N GLY J 42 39.06 -24.27 -14.94
CA GLY J 42 39.77 -24.35 -13.68
C GLY J 42 38.89 -24.31 -12.45
N GLN J 43 37.62 -24.71 -12.59
CA GLN J 43 36.65 -24.67 -11.51
C GLN J 43 35.61 -25.73 -11.78
N GLY J 44 34.83 -26.06 -10.76
CA GLY J 44 33.77 -27.03 -10.94
C GLY J 44 32.48 -26.37 -11.40
N LEU J 45 31.41 -27.17 -11.39
CA LEU J 45 30.10 -26.61 -11.66
C LEU J 45 29.76 -25.58 -10.61
N GLU J 46 28.98 -24.58 -11.02
CA GLU J 46 28.53 -23.52 -10.13
C GLU J 46 27.08 -23.24 -10.44
N TRP J 47 26.29 -23.01 -9.41
CA TRP J 47 24.85 -22.95 -9.54
C TRP J 47 24.35 -21.51 -9.50
N MET J 48 23.83 -21.02 -10.62
CA MET J 48 23.48 -19.61 -10.72
C MET J 48 22.16 -19.27 -10.04
N GLY J 49 21.15 -20.10 -10.15
CA GLY J 49 19.86 -19.77 -9.57
C GLY J 49 18.74 -20.44 -10.31
N LYS J 50 17.53 -20.26 -9.78
CA LYS J 50 16.37 -20.97 -10.29
C LYS J 50 15.27 -19.99 -10.59
N ILE J 51 14.36 -20.39 -11.47
CA ILE J 51 13.18 -19.59 -11.74
C ILE J 51 11.98 -20.50 -11.84
N ASN J 52 10.89 -20.10 -11.20
CA ASN J 52 9.64 -20.85 -11.25
C ASN J 52 8.87 -20.37 -12.48
N PRO J 53 8.71 -21.18 -13.51
CA PRO J 53 8.01 -20.70 -14.70
C PRO J 53 6.56 -20.39 -14.45
N SER J 54 5.99 -20.88 -13.36
CA SER J 54 4.59 -20.60 -13.09
C SER J 54 4.37 -19.13 -12.82
N GLY J 55 5.05 -18.60 -11.81
CA GLY J 55 4.91 -17.19 -11.47
C GLY J 55 6.08 -16.30 -11.76
N GLY J 56 7.17 -16.84 -12.28
CA GLY J 56 8.33 -16.01 -12.50
C GLY J 56 9.00 -15.52 -11.25
N ASP J 57 8.69 -16.09 -10.10
CA ASP J 57 9.49 -15.85 -8.90
C ASP J 57 10.78 -16.63 -9.04
N ALA J 58 11.91 -16.01 -8.75
CA ALA J 58 13.16 -16.73 -8.91
C ALA J 58 14.23 -16.49 -7.85
N ASN J 59 14.58 -17.56 -7.15
CA ASN J 59 15.64 -17.53 -6.17
C ASN J 59 16.92 -17.38 -6.96
N TYR J 60 17.85 -16.58 -6.46
CA TYR J 60 19.12 -16.43 -7.15
C TYR J 60 20.21 -16.96 -6.25
N ALA J 61 21.36 -17.26 -6.82
CA ALA J 61 22.47 -17.68 -5.98
C ALA J 61 23.08 -16.46 -5.32
N GLN J 62 23.80 -16.69 -4.22
CA GLN J 62 24.36 -15.58 -3.48
C GLN J 62 25.34 -14.78 -4.33
N LYS J 63 26.36 -15.45 -4.87
CA LYS J 63 27.42 -14.73 -5.57
C LYS J 63 26.85 -13.86 -6.67
N PHE J 64 25.77 -14.31 -7.29
CA PHE J 64 25.18 -13.66 -8.45
C PHE J 64 24.03 -12.73 -8.10
N GLN J 65 23.77 -12.49 -6.81
CA GLN J 65 22.51 -11.85 -6.44
C GLN J 65 22.39 -10.46 -7.02
N GLY J 66 23.51 -9.75 -7.16
CA GLY J 66 23.45 -8.43 -7.74
C GLY J 66 23.36 -8.42 -9.25
N ARG J 67 24.34 -9.07 -9.89
CA ARG J 67 24.50 -9.00 -11.35
C ARG J 67 23.80 -10.00 -12.26
N VAL J 68 22.77 -10.66 -11.77
CA VAL J 68 22.03 -11.59 -12.60
C VAL J 68 20.55 -11.24 -12.57
N VAL J 69 19.88 -11.43 -13.69
CA VAL J 69 18.43 -11.28 -13.81
C VAL J 69 17.90 -12.43 -14.66
N MET J 70 16.92 -13.14 -14.13
CA MET J 70 16.29 -14.25 -14.82
C MET J 70 14.88 -13.88 -15.20
N THR J 71 14.37 -14.48 -16.27
CA THR J 71 13.00 -14.26 -16.68
C THR J 71 12.49 -15.44 -17.46
N ARG J 72 11.16 -15.51 -17.61
CA ARG J 72 10.46 -16.58 -18.28
C ARG J 72 9.51 -15.97 -19.31
N ASP J 73 9.08 -16.80 -20.26
CA ASP J 73 7.98 -16.47 -21.14
C ASP J 73 7.18 -17.75 -21.39
N THR J 74 5.87 -17.70 -21.12
CA THR J 74 5.08 -18.91 -21.16
C THR J 74 4.64 -19.25 -22.57
N SER J 75 4.47 -18.24 -23.42
CA SER J 75 3.92 -18.48 -24.74
C SER J 75 4.80 -19.39 -25.57
N THR J 76 6.11 -19.17 -25.53
CA THR J 76 7.07 -20.03 -26.19
C THR J 76 7.75 -21.02 -25.24
N ASN J 77 7.43 -20.96 -23.95
CA ASN J 77 8.07 -21.78 -22.93
C ASN J 77 9.58 -21.55 -22.87
N THR J 78 10.04 -20.41 -23.35
CA THR J 78 11.46 -20.11 -23.23
C THR J 78 11.69 -19.46 -21.90
N VAL J 79 12.84 -19.73 -21.30
CA VAL J 79 13.28 -19.07 -20.09
C VAL J 79 14.62 -18.43 -20.40
N TYR J 80 14.84 -17.22 -19.91
CA TYR J 80 16.03 -16.46 -20.25
C TYR J 80 16.80 -16.15 -18.99
N VAL J 81 18.13 -16.10 -19.11
CA VAL J 81 18.96 -15.58 -18.04
C VAL J 81 19.83 -14.46 -18.57
N GLN J 82 19.62 -13.25 -18.06
CA GLN J 82 20.54 -12.18 -18.36
C GLN J 82 21.75 -12.27 -17.44
N LEU J 83 22.91 -11.92 -17.97
CA LEU J 83 24.13 -11.87 -17.20
C LEU J 83 24.80 -10.56 -17.55
N ARG J 84 24.96 -9.68 -16.58
CA ARG J 84 25.49 -8.35 -16.86
C ARG J 84 26.78 -8.14 -16.07
N SER J 85 27.56 -7.15 -16.53
CA SER J 85 28.89 -6.90 -15.99
C SER J 85 29.78 -8.11 -16.17
N LEU J 86 29.80 -8.65 -17.39
CA LEU J 86 30.66 -9.78 -17.68
C LEU J 86 32.11 -9.43 -17.35
N ARG J 87 32.83 -10.39 -16.78
CA ARG J 87 34.25 -10.25 -16.51
C ARG J 87 34.97 -11.44 -17.11
N PHE J 88 36.30 -11.36 -17.15
CA PHE J 88 37.09 -12.46 -17.70
C PHE J 88 36.75 -13.78 -17.03
N GLU J 89 36.09 -13.72 -15.86
CA GLU J 89 35.68 -14.92 -15.16
C GLU J 89 34.51 -15.62 -15.85
N ASP J 90 33.52 -14.86 -16.30
CA ASP J 90 32.26 -15.48 -16.71
C ASP J 90 32.36 -16.26 -18.00
N THR J 91 33.53 -16.26 -18.64
CA THR J 91 33.74 -17.21 -19.72
C THR J 91 33.44 -18.60 -19.22
N ALA J 92 32.59 -19.33 -19.92
CA ALA J 92 32.02 -20.53 -19.34
C ALA J 92 31.12 -21.24 -20.34
N VAL J 93 30.61 -22.39 -19.93
CA VAL J 93 29.54 -23.08 -20.61
C VAL J 93 28.34 -23.02 -19.70
N TYR J 94 27.24 -22.46 -20.17
CA TYR J 94 26.06 -22.29 -19.34
C TYR J 94 25.00 -23.32 -19.66
N TYR J 95 24.45 -23.91 -18.61
CA TYR J 95 23.49 -24.99 -18.72
C TYR J 95 22.19 -24.57 -18.05
N CYS J 96 21.10 -25.22 -18.44
CA CYS J 96 19.81 -25.01 -17.82
C CYS J 96 19.12 -26.35 -17.69
N ALA J 97 18.67 -26.66 -16.48
CA ALA J 97 18.07 -27.97 -16.26
C ALA J 97 16.80 -27.84 -15.46
N ARG J 98 15.82 -28.66 -15.82
CA ARG J 98 14.52 -28.71 -15.15
C ARG J 98 14.60 -29.68 -13.99
N VAL J 99 13.95 -29.31 -12.89
CA VAL J 99 13.91 -30.20 -11.75
C VAL J 99 12.71 -31.12 -11.85
N HIS J 100 12.99 -32.41 -11.90
CA HIS J 100 11.96 -33.41 -12.13
C HIS J 100 11.92 -34.39 -10.98
N ASP J 101 10.72 -34.68 -10.51
CA ASP J 101 10.49 -35.49 -9.33
C ASP J 101 10.22 -36.96 -9.65
N PHE J 102 10.30 -37.35 -10.91
CA PHE J 102 10.19 -38.76 -11.27
C PHE J 102 8.84 -39.35 -10.87
N TRP J 103 7.78 -38.60 -11.12
CA TRP J 103 6.40 -39.04 -10.95
C TRP J 103 6.19 -39.68 -9.58
N SER J 104 6.93 -39.20 -8.60
CA SER J 104 6.70 -39.60 -7.23
C SER J 104 6.85 -38.34 -6.39
N GLY J 105 6.44 -38.45 -5.15
CA GLY J 105 6.70 -37.36 -4.24
C GLY J 105 8.10 -37.44 -3.68
N TYR J 106 8.48 -36.38 -2.96
CA TYR J 106 9.58 -36.46 -2.01
C TYR J 106 10.94 -36.67 -2.67
N HIS J 107 10.98 -36.98 -3.96
CA HIS J 107 12.25 -37.07 -4.67
C HIS J 107 12.39 -35.92 -5.64
N ARG J 108 13.55 -35.25 -5.59
CA ARG J 108 13.74 -34.03 -6.36
C ARG J 108 15.17 -33.96 -6.87
N ALA J 109 15.36 -33.79 -8.17
CA ALA J 109 16.69 -33.70 -8.77
C ALA J 109 16.58 -33.11 -10.16
N LEU J 110 17.70 -32.70 -10.73
CA LEU J 110 17.67 -32.09 -12.06
C LEU J 110 17.85 -33.17 -13.12
N ASP J 111 16.75 -33.49 -13.80
CA ASP J 111 16.74 -34.63 -14.70
C ASP J 111 17.27 -34.28 -16.10
N ILE J 112 16.88 -33.13 -16.65
CA ILE J 112 17.00 -32.87 -18.07
C ILE J 112 17.89 -31.66 -18.28
N TRP J 113 18.94 -31.84 -19.06
CA TRP J 113 19.89 -30.77 -19.30
C TRP J 113 20.00 -30.37 -20.76
N GLY J 114 19.99 -29.06 -20.98
CA GLY J 114 20.13 -28.50 -22.31
C GLY J 114 21.58 -28.58 -22.74
N GLN J 115 21.83 -28.52 -24.04
CA GLN J 115 23.20 -28.60 -24.54
C GLN J 115 24.08 -27.51 -23.95
N GLY J 116 23.51 -26.32 -23.76
CA GLY J 116 24.22 -25.19 -23.21
C GLY J 116 24.92 -24.36 -24.28
N THR J 117 25.18 -23.10 -23.97
CA THR J 117 25.85 -22.25 -24.92
C THR J 117 27.17 -21.78 -24.33
N MET J 118 28.25 -22.00 -25.05
CA MET J 118 29.53 -21.53 -24.56
C MET J 118 29.48 -20.02 -24.65
N VAL J 119 29.76 -19.36 -23.54
CA VAL J 119 29.70 -17.91 -23.52
C VAL J 119 31.11 -17.39 -23.41
N ILE J 120 31.89 -17.61 -24.46
CA ILE J 120 33.26 -17.16 -24.45
C ILE J 120 33.25 -15.66 -24.31
N VAL J 121 34.08 -15.16 -23.41
CA VAL J 121 34.20 -13.73 -23.21
C VAL J 121 35.64 -13.40 -23.49
N SER J 122 35.84 -12.47 -24.42
CA SER J 122 37.19 -12.06 -24.77
C SER J 122 37.15 -10.60 -25.19
N SER J 123 38.29 -9.94 -25.13
CA SER J 123 38.35 -8.55 -25.52
C SER J 123 38.93 -8.44 -26.91
N ALA J 124 39.54 -9.52 -27.41
CA ALA J 124 40.13 -9.44 -28.74
C ALA J 124 39.16 -9.90 -29.82
N SER J 125 39.03 -9.06 -30.85
CA SER J 125 38.20 -9.35 -32.01
C SER J 125 38.91 -10.28 -32.99
N VAL K 1 29.67 -24.53 0.40
CA VAL K 1 30.14 -25.39 -0.68
C VAL K 1 30.59 -26.70 -0.08
N LEU K 2 30.09 -27.80 -0.66
CA LEU K 2 30.51 -29.11 -0.19
C LEU K 2 31.92 -29.41 -0.66
N THR K 3 32.54 -30.37 -0.01
CA THR K 3 33.92 -30.77 -0.32
C THR K 3 33.95 -32.22 -0.76
N GLN K 4 34.58 -32.46 -1.90
CA GLN K 4 34.89 -33.81 -2.33
C GLN K 4 36.26 -33.79 -2.99
N PRO K 5 37.02 -34.87 -2.87
CA PRO K 5 38.44 -34.81 -3.22
C PRO K 5 38.62 -34.67 -4.71
N PRO K 6 39.72 -34.06 -5.16
CA PRO K 6 39.83 -33.76 -6.60
C PRO K 6 39.99 -34.99 -7.48
N SER K 7 40.70 -36.01 -7.05
CA SER K 7 41.04 -37.11 -7.96
C SER K 7 40.56 -38.44 -7.41
N ALA K 8 40.34 -39.37 -8.33
CA ALA K 8 40.08 -40.76 -7.96
C ALA K 8 40.92 -41.63 -8.88
N SER K 9 41.89 -42.33 -8.30
CA SER K 9 42.71 -43.23 -9.10
C SER K 9 41.97 -44.53 -9.34
N GLY K 10 42.32 -45.20 -10.43
CA GLY K 10 41.64 -46.42 -10.78
C GLY K 10 42.49 -47.31 -11.66
N THR K 11 42.01 -48.53 -11.86
CA THR K 11 42.52 -49.53 -12.77
C THR K 11 41.36 -50.33 -13.33
N PRO K 12 41.39 -50.72 -14.60
CA PRO K 12 40.26 -51.47 -15.16
C PRO K 12 39.98 -52.73 -14.36
N GLY K 13 38.71 -52.95 -14.02
CA GLY K 13 38.38 -54.05 -13.12
C GLY K 13 38.50 -53.74 -11.64
N GLN K 14 38.28 -52.49 -11.24
CA GLN K 14 38.18 -52.13 -9.83
C GLN K 14 36.91 -51.36 -9.61
N THR K 15 36.55 -51.17 -8.35
CA THR K 15 35.57 -50.16 -8.00
C THR K 15 36.29 -49.00 -7.31
N VAL K 16 35.78 -47.80 -7.51
CA VAL K 16 36.37 -46.62 -6.90
C VAL K 16 35.37 -46.03 -5.93
N THR K 17 35.88 -45.58 -4.79
CA THR K 17 35.08 -44.85 -3.81
C THR K 17 35.22 -43.37 -4.11
N ILE K 18 34.12 -42.65 -4.02
CA ILE K 18 34.09 -41.20 -4.21
C ILE K 18 33.13 -40.63 -3.18
N SER K 19 33.59 -39.64 -2.42
CA SER K 19 32.96 -39.24 -1.17
C SER K 19 32.75 -37.73 -1.13
N CYS K 20 31.67 -37.31 -0.49
CA CYS K 20 31.28 -35.90 -0.39
C CYS K 20 30.86 -35.60 1.03
N SER K 21 31.56 -34.68 1.69
CA SER K 21 31.36 -34.47 3.13
C SER K 21 30.53 -33.21 3.36
N GLY K 22 29.29 -33.40 3.78
CA GLY K 22 28.37 -32.31 3.98
C GLY K 22 28.32 -31.81 5.40
N SER K 23 27.17 -31.28 5.80
CA SER K 23 26.98 -30.75 7.14
C SER K 23 25.55 -30.95 7.59
N SER K 24 25.27 -30.64 8.85
CA SER K 24 23.93 -30.81 9.38
C SER K 24 22.90 -29.92 8.69
N SER K 25 23.33 -28.87 8.00
CA SER K 25 22.40 -28.01 7.28
C SER K 25 22.32 -28.35 5.80
N ASN K 26 23.10 -29.32 5.33
CA ASN K 26 23.27 -29.51 3.90
C ASN K 26 22.84 -30.90 3.49
N VAL K 27 23.72 -31.86 3.73
CA VAL K 27 23.42 -33.25 3.51
C VAL K 27 22.66 -33.82 4.70
N GLY K 28 22.85 -33.23 5.88
CA GLY K 28 22.16 -33.73 7.04
C GLY K 28 20.66 -33.70 6.88
N SER K 29 20.13 -32.58 6.41
CA SER K 29 18.69 -32.48 6.25
C SER K 29 18.19 -33.23 5.02
N HIS K 30 18.84 -33.07 3.87
CA HIS K 30 18.32 -33.57 2.60
C HIS K 30 19.34 -34.52 1.97
N SER K 31 18.87 -35.27 0.99
CA SER K 31 19.70 -36.24 0.30
C SER K 31 20.69 -35.57 -0.65
N VAL K 32 21.70 -36.33 -1.04
CA VAL K 32 22.63 -35.94 -2.08
C VAL K 32 22.28 -36.69 -3.34
N ASN K 33 22.57 -36.08 -4.48
CA ASN K 33 22.51 -36.79 -5.74
C ASN K 33 23.78 -36.51 -6.53
N TRP K 34 24.27 -37.53 -7.21
CA TRP K 34 25.59 -37.50 -7.85
C TRP K 34 25.44 -37.37 -9.35
N TYR K 35 26.17 -36.44 -9.95
CA TYR K 35 26.14 -36.27 -11.39
C TYR K 35 27.44 -36.74 -12.01
N GLN K 36 27.33 -37.36 -13.17
CA GLN K 36 28.44 -37.49 -14.09
C GLN K 36 28.47 -36.24 -14.95
N HIS K 37 29.66 -35.70 -15.16
CA HIS K 37 29.87 -34.63 -16.12
C HIS K 37 31.01 -35.05 -17.02
N LEU K 38 30.79 -35.04 -18.32
CA LEU K 38 31.82 -35.50 -19.26
C LEU K 38 32.14 -34.32 -20.16
N PRO K 39 33.18 -33.55 -19.84
CA PRO K 39 33.29 -32.17 -20.33
C PRO K 39 33.02 -32.02 -21.82
N GLY K 40 32.20 -31.04 -22.15
CA GLY K 40 31.70 -30.82 -23.49
C GLY K 40 30.28 -31.26 -23.70
N THR K 41 29.74 -32.13 -22.85
CA THR K 41 28.39 -32.63 -22.97
C THR K 41 27.63 -32.29 -21.70
N ALA K 42 26.32 -32.42 -21.78
CA ALA K 42 25.49 -32.05 -20.66
C ALA K 42 25.78 -32.92 -19.43
N PRO K 43 25.74 -32.34 -18.25
CA PRO K 43 25.81 -33.14 -17.03
C PRO K 43 24.74 -34.21 -17.07
N LYS K 44 25.00 -35.32 -16.37
CA LYS K 44 24.14 -36.47 -16.41
C LYS K 44 23.84 -36.92 -14.99
N LEU K 45 22.62 -37.36 -14.77
CA LEU K 45 22.17 -37.71 -13.43
C LEU K 45 22.44 -39.18 -13.20
N LEU K 46 23.39 -39.45 -12.31
CA LEU K 46 23.79 -40.81 -12.00
C LEU K 46 23.02 -41.33 -10.80
N ILE K 47 23.18 -40.67 -9.67
CA ILE K 47 22.52 -41.07 -8.46
C ILE K 47 21.72 -39.90 -7.88
N TYR K 48 20.44 -40.14 -7.61
CA TYR K 48 19.57 -39.10 -7.07
C TYR K 48 18.86 -39.65 -5.85
N SER K 49 18.70 -38.84 -4.81
CA SER K 49 18.05 -39.28 -3.57
C SER K 49 18.68 -40.58 -3.07
N ASN K 50 20.00 -40.53 -2.90
CA ASN K 50 20.83 -41.64 -2.45
C ASN K 50 20.89 -42.85 -3.38
N HIS K 51 20.56 -44.03 -2.87
CA HIS K 51 20.68 -45.26 -3.65
C HIS K 51 19.90 -45.40 -4.97
N ARG K 52 18.69 -44.88 -5.04
CA ARG K 52 17.89 -45.01 -6.26
C ARG K 52 18.54 -44.34 -7.47
N ARG K 53 18.36 -44.91 -8.66
CA ARG K 53 18.94 -44.36 -9.87
C ARG K 53 17.95 -44.26 -11.03
N PRO K 54 18.22 -43.34 -11.97
CA PRO K 54 17.42 -43.10 -13.17
C PRO K 54 17.47 -44.32 -14.09
N SER K 55 16.39 -44.54 -14.82
CA SER K 55 16.28 -45.68 -15.73
C SER K 55 17.47 -45.96 -16.64
N GLY K 56 18.19 -44.94 -17.09
CA GLY K 56 19.30 -45.20 -18.01
C GLY K 56 20.57 -45.65 -17.33
N VAL K 57 20.80 -45.19 -16.10
CA VAL K 57 22.06 -45.40 -15.38
C VAL K 57 22.47 -46.86 -15.29
N PRO K 58 23.70 -47.19 -15.67
CA PRO K 58 24.18 -48.57 -15.54
C PRO K 58 24.06 -49.09 -14.13
N ASP K 59 23.96 -50.42 -14.03
CA ASP K 59 23.87 -51.08 -12.74
C ASP K 59 25.11 -50.81 -11.89
N ARG K 60 26.22 -50.49 -12.54
CA ARG K 60 27.51 -50.51 -11.85
C ARG K 60 27.66 -49.36 -10.86
N PHE K 61 26.70 -48.46 -10.81
CA PHE K 61 26.78 -47.37 -9.84
C PHE K 61 25.99 -47.71 -8.59
N SER K 62 26.59 -47.45 -7.44
CA SER K 62 25.84 -47.42 -6.18
C SER K 62 26.34 -46.26 -5.34
N GLY K 63 25.44 -45.34 -5.04
CA GLY K 63 25.76 -44.32 -4.08
C GLY K 63 25.22 -44.72 -2.73
N SER K 64 25.74 -44.09 -1.68
CA SER K 64 25.33 -44.37 -0.32
C SER K 64 25.55 -43.13 0.52
N LYS K 65 24.62 -42.83 1.41
CA LYS K 65 24.75 -41.63 2.23
C LYS K 65 24.86 -41.88 3.72
N SER K 66 25.89 -41.31 4.33
CA SER K 66 26.13 -41.38 5.76
C SER K 66 25.45 -40.19 6.42
N ASP K 67 25.63 -40.03 7.73
CA ASP K 67 24.98 -38.91 8.40
C ASP K 67 25.41 -37.55 7.84
N THR K 68 26.71 -37.38 7.60
CA THR K 68 27.21 -36.13 7.06
C THR K 68 28.01 -36.29 5.78
N SER K 69 28.12 -37.50 5.27
CA SER K 69 28.90 -37.73 4.06
C SER K 69 28.21 -38.61 3.04
N ALA K 70 28.54 -38.39 1.78
CA ALA K 70 27.96 -39.15 0.68
C ALA K 70 29.06 -39.92 -0.02
N SER K 71 28.83 -41.21 -0.24
CA SER K 71 29.83 -42.04 -0.90
C SER K 71 29.29 -42.62 -2.20
N LEU K 72 30.12 -42.59 -3.23
CA LEU K 72 29.75 -43.11 -4.54
C LEU K 72 30.61 -44.34 -4.85
N ALA K 73 29.94 -45.47 -5.08
CA ALA K 73 30.62 -46.70 -5.46
C ALA K 73 30.35 -46.97 -6.94
N ILE K 74 31.42 -46.95 -7.73
CA ILE K 74 31.32 -47.30 -9.13
C ILE K 74 31.84 -48.73 -9.30
N SER K 75 30.93 -49.65 -9.58
CA SER K 75 31.36 -50.98 -9.98
C SER K 75 31.94 -50.88 -11.38
N GLY K 76 32.82 -51.81 -11.71
CA GLY K 76 33.23 -51.97 -13.08
C GLY K 76 33.68 -50.70 -13.76
N ILE K 77 34.65 -50.01 -13.16
CA ILE K 77 35.22 -48.85 -13.80
C ILE K 77 35.68 -49.24 -15.19
N GLN K 78 35.50 -48.33 -16.15
CA GLN K 78 35.95 -48.57 -17.50
C GLN K 78 36.61 -47.32 -18.09
N SER K 79 37.42 -47.58 -19.11
CA SER K 79 38.09 -46.49 -19.82
C SER K 79 37.11 -45.41 -20.21
N GLU K 80 35.97 -45.82 -20.73
CA GLU K 80 34.97 -44.87 -21.21
C GLU K 80 34.12 -44.38 -20.06
N ASP K 81 34.31 -44.95 -18.87
CA ASP K 81 33.42 -44.64 -17.77
C ASP K 81 33.96 -43.49 -16.95
N GLU K 82 35.16 -43.04 -17.25
CA GLU K 82 35.72 -41.89 -16.55
C GLU K 82 34.98 -40.62 -16.90
N ALA K 83 34.62 -39.83 -15.90
CA ALA K 83 34.23 -38.45 -16.10
C ALA K 83 34.30 -37.71 -14.77
N ASP K 84 34.40 -36.39 -14.88
CA ASP K 84 34.28 -35.54 -13.70
C ASP K 84 32.94 -35.77 -13.02
N TYR K 85 32.97 -36.13 -11.74
CA TYR K 85 31.78 -36.53 -10.99
C TYR K 85 31.50 -35.53 -9.88
N TYR K 86 30.26 -35.05 -9.83
CA TYR K 86 29.90 -33.96 -8.93
C TYR K 86 28.92 -34.40 -7.86
N CYS K 87 29.04 -33.76 -6.71
CA CYS K 87 28.10 -33.90 -5.60
C CYS K 87 27.07 -32.79 -5.74
N ALA K 88 25.84 -33.06 -5.36
CA ALA K 88 24.80 -32.04 -5.39
C ALA K 88 23.80 -32.31 -4.29
N THR K 89 23.37 -31.26 -3.60
CA THR K 89 22.42 -31.41 -2.51
C THR K 89 21.48 -30.23 -2.48
N TRP K 90 20.41 -30.36 -1.71
CA TRP K 90 19.44 -29.30 -1.55
C TRP K 90 19.60 -28.74 -0.15
N ASP K 91 20.03 -27.48 -0.06
CA ASP K 91 20.24 -26.84 1.22
C ASP K 91 19.54 -25.49 1.22
N GLY K 92 19.28 -24.94 2.39
CA GLY K 92 18.60 -23.66 2.45
C GLY K 92 17.12 -23.88 2.20
N ARG K 93 16.39 -22.85 1.80
CA ARG K 93 14.98 -23.07 1.57
C ARG K 93 14.80 -24.09 0.44
N LEU K 94 15.50 -23.89 -0.68
CA LEU K 94 15.45 -24.83 -1.79
C LEU K 94 16.59 -24.77 -2.81
N ASN K 95 17.58 -23.91 -2.59
CA ASN K 95 18.66 -23.80 -3.57
C ASN K 95 19.50 -25.06 -3.69
N VAL K 96 19.88 -25.40 -4.91
CA VAL K 96 20.70 -26.58 -5.14
C VAL K 96 22.16 -26.25 -4.88
N LEU K 97 22.92 -27.22 -4.39
CA LEU K 97 24.31 -26.99 -4.12
C LEU K 97 25.14 -28.03 -4.79
N PHE K 98 26.40 -27.68 -4.99
CA PHE K 98 27.30 -28.59 -5.61
C PHE K 98 28.65 -28.62 -4.95
N GLY K 99 29.15 -29.83 -4.73
CA GLY K 99 30.50 -30.10 -4.34
C GLY K 99 31.45 -29.77 -5.46
N GLY K 100 32.69 -29.46 -5.09
CA GLY K 100 33.64 -28.94 -6.05
C GLY K 100 33.70 -29.77 -7.32
N GLY K 101 33.67 -31.08 -7.19
CA GLY K 101 33.79 -31.97 -8.32
C GLY K 101 35.13 -32.65 -8.38
N THR K 102 35.13 -33.85 -8.97
CA THR K 102 36.27 -34.74 -8.93
C THR K 102 36.44 -35.46 -10.25
N LYS K 103 37.66 -35.45 -10.78
CA LYS K 103 37.96 -36.06 -12.06
C LYS K 103 38.55 -37.44 -11.83
N LEU K 104 37.85 -38.47 -12.29
CA LEU K 104 38.35 -39.82 -12.18
C LEU K 104 39.61 -39.97 -13.02
N THR K 105 40.45 -40.94 -12.68
CA THR K 105 41.61 -41.26 -13.49
C THR K 105 41.58 -42.75 -13.81
N VAL K 106 41.34 -43.08 -15.08
CA VAL K 106 41.29 -44.46 -15.53
C VAL K 106 42.63 -44.85 -16.11
N LEU K 107 43.28 -45.83 -15.49
CA LEU K 107 44.55 -46.33 -15.96
C LEU K 107 44.76 -47.78 -15.55
#